data_6WJV
#
_entry.id   6WJV
#
loop_
_entity.id
_entity.type
_entity.pdbx_description
1 polymer 'DNA polymerase epsilon catalytic subunit A'
2 polymer 'DNA polymerase epsilon subunit B'
3 polymer 'DNA polymerase epsilon subunit C'
4 polymer 'DNA polymerase epsilon subunit D'
5 non-polymer 'ZINC ION'
#
loop_
_entity_poly.entity_id
_entity_poly.type
_entity_poly.pdbx_seq_one_letter_code
_entity_poly.pdbx_strand_id
1 'polypeptide(L)'
;MMFGKKKNNGGSSTARYSAGNKYNTLSNNYALSAQQLLNASKIDDIDSMMGFERYVPPQYNGRFDAKDIDQIPGRVGWLT
NMHATLVSQETLSSGSNGGGNSNDGERVTTNQGISGVDFYFLDEEGGSFKSTVVYDPYFFIACNDESRVNDVEELVKKYL
ESCLKSLQIIRKEDLTMDNHLLGLQKTLIKLSFVNSNQLFEARKLLRPILQDNANNNVQRNIYNVAANGSEKVDAKHLIE
DIREYDVPYHVRVSIDKDIRVGKWYKVTQQGFIEDTRKIAFADPVVMAFDIETTKPPLKFPDSAVDQIMMISYMIDGEGF
LITNREIISEDIEDFEYTPKPEYPGFFTIFNENDEVALLQRFFEHIRDVRPTVISTFNGDFFDWPFIHNRSKIHGLDMFD
EIGFAPDAEGEYKSSYCSHMDCFRWVKRDSYLPQGSQGLKAVTQSKLGYNPIELDPELMTPYAFEKPQHLSEYSVSDAVA
TYYLYMKYVHPFIFSLCTIIPLNPDETLRKGTGTLCEMLLMVQAYQHNILLPNKHTDPIERFYDGHLLESETYVGGHVES
LEAGVFRSDLKNEFKIDPSAIDELLQELPEALKFSVEVENKSSVDKVTNFEEIKNQITQKLLELKENNIRNELPLIYHVD
VASMYPNIMTTNRLQPDSIKAERDCASCDFNRPGKTCARKLKWAWRGEFFPSKMDEYNMIKRALQNETFPNKNKFSKKKV
LTFDELSYADQVIHIKKRLTEYSRKVYHRVKVSEIVEREAIVCQRENPFYVDTVKSFRDRRYEFKGLAKTWKGNLSKIDP
SDKHARDEAKKMIVLYDSLQLAHKVILNSFYGYVMRKGSRWYSMEMAGITCLTGATIIQMARALVERVGRPLELDTDGIW
CILPKSFPETYFFTLENGKKLYLSYPCSMLNYRVHQKFTNHQYQELKDPLNYIYETHSENTIFFEVDGPYKAMILPSSKE
EGKGIKKRYAVFNEDGSLAELKGFELKRRGELQLIKNFQSDIFKVFLEGDTLEGCYSAVASVCNRWLDVLDSHGLMLEDE
DLVSLICENRSMSKTLKEYEGQKSTSITTARRLGDFLGEDMVKDKGLQCKYIISSKPFNAPVTERAIPVAIFSADIPIKR
SFLRRWTLDPSLEDLDIRTIIDWGYYRERLGSAIQKIITIPAALQGVSNPVPRVEHPDWLKRKIATKEDKFKQTSLTKFF
SKTKNVPTMGKIKDIEDLFEPTVEEDNAKIKIARTTKKKAVSKRKRNQLTNEEDPLVLPSEIPSMDEDYVGWLNYQKIKW
KIQARDRKRRDQLFGNTNSSRERSALGSMIRKQAESYANSTWEVLQYKDSGEPGVLEVFVTINGKVQNITFHIPKTIYMK
FKSQTMPLQKIKNCLIEKSSASLPNNPKTSNPAGGQLFKITLPESVFLEEKENCTSIFNDENVLGVFEGTITPHQRAIMD
LGASVTFRSKAMGALGKGIQQGFEMKDLSMAENERYLSGFSMDIGYLLHFPTSIGYEFFSLFKSWGDTITILVLKPSNQA
QEINASSLGQIYKQMFEKKKGKIETYSYLVDIKEDINFEFVYFTDISKLYRRLSQETTKLKEERGLQFLLLLQSPFITKL
LGTIRLLNQMPIVKLSLNEVLLPQLNWQPTLLKKLVNHVLSSGSWISHLIKLSQYSNIPICNLRLDSMDYIIDVLYARKL
KKENIVLWWNEKAPLPDHGGIQNDFDLNTSWIMNDSEFPKINNSGVYDNVVLDVGVDNLTVNTILTSALINDAEGSDLVN
NNMGIDDKDAVINSPSEFVHDAFSNDALNVLRGMLKEWWDEALKENSTADLLVNSLASWVQNPNAKLFDGLLRYHVHNLT
KKALLQLVNEFSALGSTIVYADRNQILIKTNKYSPENCYAYSQYMMKAVRTNPMFSYLDLNIKRYWDLLIWMDKFNFSGL
ACIEIEEKENQDYTAVSQWQLKKFLSPIYQPEFEDWMMIILDSMLKTKQSYLKLNSGTQRPTQIVNVKKQDKEDSVENSL
NGFSHLFSKPLMKRVKKLFKNQQEFILDPQYEADYVIPVLPGSHLNVKNPLLELVKSLCHVMLLSKSTILEIRTLRKELL
KIFELREFAKVAEFKDPSLSLVVPDFLCEYCFFISDIDFCKAAPESIFSCVRCHKAFNQVLLQEHLIQKLRSDIESYLIQ
DLRCSRCHKVKRDYMSAHCPCAGAWEGTLPRESIVQKLNVFKQVAKYYGFDILLSCIADLTI
;
A
2 'polypeptide(L)'
;MFGSGNVLPVKIQPPLLRPLAYRVLSRKYGLSIKSDGLSALAEFVGTNIGANWRQGPATIKFLEQFAAVWKQQERGLFID
QSGVKEVIQEMKEREKVEWSHEHPIQHEENILGRTDDDENNSDDEMPIAADSSLQNVSLSSPMRQPTERDEYKQPFKPES
SKALDWRDYFKVINASQQQRFSYNPHKMQFIFVPNKKQNGLGGIAGFLPDIEDKVQMFLTRYYLTNDRVMRNENFQNSDM
FNPLSSMVSLQNELSNTNRQQQSSSMSITPIKNLLGRDAQNFLLLGLLNKNFKGNWSLEDPSGSVEIDISQTIPTQGHYY
VPGCMVLVEGIYYSVGNKFHVTSMTLPPGERREITLETIGNLDLLGIHGISNNNFIARLDKDLKIRLHLLEKELTDHKFV
ILGANLFLDDLKIMTALSKILQKLNDDPPTLLIWQGSFTSVPVFASMSSRNISSSTQFKNNFDALATLLSRFDNLTENTT
MIFIPGPNDLWGSMVSLGASGTLPQDPIPSAFTKKINKVCKNVVWSSNPTRIAYLSQEIVIFRDDLSGRFKRHRLEFPFN
ESEDVYTENDNMMSKDTDIVPIDELVKEPDQLPQKVQETRKLVKTILDQGHLSPFLDSLRPISWDLDHTLTLCPIPSTMV
LCDTTSAQFDLTYNGCKVINPGSFIHNRRARYMEYVPSSKKTIQEEIYI
;
2
3 'polypeptide(L)'
;MSNLVKEKAPVFPISKVKKIAKCDPEYVITSNVAISATAFAAELFVQNLVEESLVLAQLNSKGKTSLRLSLNSIEECVEK
RDNFRFLEDAIKQLKKNSALDKKRELNMQPGRSDQEVVIEEPELHEDDGVEEEEEEDEVSEEEEPVHNEELLDDSKDQQN
DKSTRSVASLLSRFQYKSALDVGEHSDSSDIEVDHTKSTDP
;
3
4 'polypeptide(L)'
;MPPKGWRKDAQGNYPTTSYIKEQENITIQDLLFPKSTIVNLAREVPQQSGKKLLINKDASLALQRGATVFVNHLLLFARE
IAKSQDKKSCSVDDVLSALDHIGHSALKGPVRDKLDEYQAAVEQRKKEKLDSGEVDADGDIDMGEDKENVPVEKVKEHDE
IEEQGDALQDVEESSEKKQKTESQDVETRVQNLEQT
;
4
#
loop_
_chem_comp.id
_chem_comp.type
_chem_comp.name
_chem_comp.formula
ZN non-polymer 'ZINC ION' 'Zn 2'
#
# COMPACT_ATOMS: atom_id res chain seq x y z
N ALA A 31 -11.96 -3.67 -59.38
CA ALA A 31 -12.44 -4.19 -58.11
C ALA A 31 -11.27 -4.47 -57.18
N LEU A 32 -10.72 -5.69 -57.27
CA LEU A 32 -9.60 -6.08 -56.43
C LEU A 32 -8.28 -5.67 -57.08
N SER A 33 -8.32 -5.22 -58.34
CA SER A 33 -7.10 -4.80 -59.03
C SER A 33 -6.61 -3.43 -58.57
N ALA A 34 -7.49 -2.43 -58.59
CA ALA A 34 -7.11 -1.08 -58.20
C ALA A 34 -7.00 -0.88 -56.70
N GLN A 35 -7.59 -1.79 -55.90
CA GLN A 35 -7.53 -1.69 -54.43
C GLN A 35 -6.12 -2.00 -53.95
N GLN A 36 -5.47 -2.98 -54.58
CA GLN A 36 -4.09 -3.33 -54.22
C GLN A 36 -3.11 -2.27 -54.71
N LEU A 37 -3.43 -1.58 -55.81
CA LEU A 37 -2.57 -0.52 -56.31
C LEU A 37 -2.71 0.72 -55.42
N LEU A 38 -3.90 0.93 -54.85
CA LEU A 38 -4.12 2.05 -53.93
C LEU A 38 -3.45 1.74 -52.59
N ASN A 39 -3.40 0.45 -52.21
CA ASN A 39 -2.76 0.02 -50.98
C ASN A 39 -1.24 0.11 -51.14
N ALA A 40 -0.72 -0.18 -52.34
CA ALA A 40 0.71 -0.05 -52.58
C ALA A 40 1.14 1.42 -52.72
N SER A 41 0.22 2.30 -53.12
CA SER A 41 0.54 3.72 -53.18
C SER A 41 0.51 4.28 -51.76
N LYS A 42 -0.33 3.69 -50.88
CA LYS A 42 -0.36 4.12 -49.48
C LYS A 42 0.89 3.66 -48.76
N ILE A 43 1.39 2.46 -49.12
CA ILE A 43 2.64 1.90 -48.59
C ILE A 43 3.83 2.75 -49.05
N ASP A 44 3.79 3.23 -50.31
CA ASP A 44 4.83 4.12 -50.85
C ASP A 44 4.79 5.50 -50.19
N ASP A 45 3.60 6.00 -49.85
CA ASP A 45 3.48 7.30 -49.18
C ASP A 45 3.88 7.20 -47.71
N ILE A 46 3.75 6.01 -47.12
CA ILE A 46 4.19 5.81 -45.74
C ILE A 46 5.71 5.73 -45.72
N ASP A 47 6.29 4.94 -46.63
CA ASP A 47 7.75 4.79 -46.67
C ASP A 47 8.49 5.92 -47.38
N SER A 48 7.78 6.91 -47.93
CA SER A 48 8.48 8.03 -48.57
C SER A 48 9.01 9.04 -47.56
N MET A 49 8.61 8.93 -46.29
CA MET A 49 9.02 9.82 -45.23
C MET A 49 9.97 9.07 -44.29
N MET A 50 10.25 7.79 -44.55
CA MET A 50 11.15 7.01 -43.71
C MET A 50 12.52 6.87 -44.34
N GLY A 51 12.77 7.60 -45.43
CA GLY A 51 14.04 7.52 -46.10
C GLY A 51 14.13 6.36 -47.06
N PHE A 52 12.99 5.98 -47.63
CA PHE A 52 12.93 4.89 -48.60
C PHE A 52 12.29 5.42 -49.87
N GLU A 53 13.10 5.93 -50.79
CA GLU A 53 12.57 6.44 -52.04
C GLU A 53 12.95 5.47 -53.14
N ARG A 54 12.14 5.46 -54.21
CA ARG A 54 12.34 4.55 -55.33
C ARG A 54 13.59 4.86 -56.14
N TYR A 55 14.63 4.06 -55.92
CA TYR A 55 15.87 4.27 -56.66
C TYR A 55 15.72 3.67 -58.05
N VAL A 56 15.89 4.52 -59.05
CA VAL A 56 15.79 4.11 -60.44
C VAL A 56 17.20 3.92 -61.01
N PRO A 57 17.49 2.75 -61.58
CA PRO A 57 18.82 2.53 -62.15
C PRO A 57 18.94 3.22 -63.51
N PRO A 58 20.13 3.65 -63.90
CA PRO A 58 20.29 4.31 -65.20
C PRO A 58 20.27 3.30 -66.33
N GLN A 59 20.09 3.81 -67.55
CA GLN A 59 20.05 2.99 -68.75
C GLN A 59 21.44 2.47 -69.07
N TYR A 60 21.70 1.22 -68.71
CA TYR A 60 22.99 0.58 -68.91
C TYR A 60 22.95 -0.35 -70.10
N ASN A 61 23.89 -0.18 -71.02
CA ASN A 61 24.00 -1.00 -72.22
C ASN A 61 25.13 -2.00 -72.04
N GLY A 62 25.68 -2.12 -70.84
CA GLY A 62 26.78 -3.03 -70.58
C GLY A 62 26.38 -4.50 -70.53
N ARG A 63 27.40 -5.32 -70.33
CA ARG A 63 27.26 -6.77 -70.28
C ARG A 63 26.83 -7.31 -68.91
N PHE A 64 26.91 -8.62 -68.74
CA PHE A 64 26.54 -9.31 -67.50
C PHE A 64 27.80 -9.84 -66.83
N ASP A 65 28.15 -9.26 -65.68
CA ASP A 65 29.34 -9.73 -64.99
C ASP A 65 29.14 -9.58 -63.48
N ALA A 66 29.92 -10.33 -62.71
CA ALA A 66 29.84 -10.33 -61.26
C ALA A 66 30.91 -9.47 -60.59
N LYS A 67 32.18 -9.73 -60.90
CA LYS A 67 33.28 -8.99 -60.30
C LYS A 67 33.42 -7.57 -60.84
N ASP A 68 32.86 -7.29 -62.01
CA ASP A 68 32.92 -5.97 -62.61
C ASP A 68 31.93 -5.09 -61.87
N ILE A 69 32.44 -4.15 -61.05
CA ILE A 69 31.55 -3.29 -60.29
C ILE A 69 31.93 -1.83 -60.52
N ASP A 70 33.09 -1.60 -61.15
CA ASP A 70 33.53 -0.24 -61.40
C ASP A 70 33.13 0.28 -62.77
N GLN A 71 32.45 -0.54 -63.56
CA GLN A 71 32.02 -0.14 -64.89
C GLN A 71 30.51 -0.26 -65.10
N ILE A 72 29.75 -0.40 -64.01
CA ILE A 72 28.29 -0.51 -64.07
C ILE A 72 27.59 0.58 -63.27
N PRO A 73 26.54 1.21 -63.82
CA PRO A 73 25.84 2.26 -63.04
C PRO A 73 24.83 1.66 -62.09
N GLY A 74 25.10 1.77 -60.79
CA GLY A 74 24.22 1.25 -59.77
C GLY A 74 24.63 1.74 -58.42
N ARG A 75 24.26 0.99 -57.38
CA ARG A 75 24.59 1.34 -56.01
C ARG A 75 24.64 0.08 -55.16
N VAL A 76 25.73 -0.06 -54.40
CA VAL A 76 25.89 -1.24 -53.54
C VAL A 76 25.08 -1.01 -52.28
N GLY A 77 24.04 -1.81 -52.10
CA GLY A 77 23.17 -1.69 -50.94
C GLY A 77 23.04 -3.01 -50.21
N TRP A 78 22.75 -2.90 -48.92
CA TRP A 78 22.56 -4.06 -48.05
C TRP A 78 21.06 -4.28 -47.91
N LEU A 79 20.57 -5.37 -48.48
CA LEU A 79 19.16 -5.69 -48.44
C LEU A 79 18.71 -6.16 -47.06
N THR A 80 17.78 -5.41 -46.45
CA THR A 80 17.28 -5.72 -45.12
C THR A 80 15.82 -6.19 -45.10
N ASN A 81 15.01 -5.77 -46.07
CA ASN A 81 13.61 -6.18 -46.08
C ASN A 81 13.10 -6.23 -47.51
N MET A 82 12.29 -7.24 -47.81
CA MET A 82 11.69 -7.41 -49.12
C MET A 82 10.20 -7.65 -48.95
N HIS A 83 9.39 -7.10 -49.85
CA HIS A 83 7.95 -7.28 -49.72
C HIS A 83 7.18 -7.38 -51.03
N ALA A 84 6.25 -8.33 -51.07
CA ALA A 84 5.41 -8.58 -52.25
C ALA A 84 4.38 -7.47 -52.40
N THR A 85 4.65 -6.55 -53.30
CA THR A 85 3.79 -5.42 -53.59
C THR A 85 3.25 -5.52 -55.01
N LEU A 86 2.46 -4.53 -55.42
CA LEU A 86 1.91 -4.46 -56.77
C LEU A 86 2.25 -3.10 -57.38
N VAL A 87 3.36 -3.04 -58.09
CA VAL A 87 3.81 -1.80 -58.72
C VAL A 87 3.00 -1.63 -60.00
N SER A 88 2.88 -0.39 -60.47
CA SER A 88 2.19 -0.03 -61.71
C SER A 88 2.98 -0.36 -62.97
N GLN A 89 2.50 0.14 -64.12
CA GLN A 89 3.18 -0.05 -65.40
C GLN A 89 4.51 0.69 -65.49
N GLU A 90 4.64 1.81 -64.78
CA GLU A 90 5.87 2.58 -64.78
C GLU A 90 6.18 3.10 -63.39
N VAL A 108 -1.64 -3.90 -74.62
CA VAL A 108 -2.33 -2.91 -73.82
C VAL A 108 -2.85 -3.57 -72.52
N THR A 109 -2.62 -2.92 -71.39
CA THR A 109 -3.05 -3.43 -70.10
C THR A 109 -4.26 -2.66 -69.58
N THR A 110 -4.97 -3.29 -68.64
CA THR A 110 -6.15 -2.70 -68.02
C THR A 110 -5.69 -2.02 -66.73
N ASN A 111 -6.63 -1.62 -65.87
CA ASN A 111 -6.30 -0.94 -64.62
C ASN A 111 -5.71 -1.88 -63.56
N GLN A 112 -4.46 -2.27 -63.77
CA GLN A 112 -3.71 -3.16 -62.90
C GLN A 112 -2.24 -2.85 -63.10
N GLY A 113 -1.37 -3.72 -62.58
CA GLY A 113 0.05 -3.51 -62.72
C GLY A 113 0.80 -4.82 -62.71
N ILE A 114 2.09 -4.74 -63.01
CA ILE A 114 2.96 -5.90 -63.04
C ILE A 114 3.37 -6.16 -61.60
N SER A 115 3.24 -7.41 -61.15
CA SER A 115 3.59 -7.74 -59.77
C SER A 115 5.10 -7.83 -59.59
N GLY A 116 5.61 -7.14 -58.58
CA GLY A 116 7.03 -7.15 -58.30
C GLY A 116 7.26 -7.27 -56.81
N VAL A 117 8.51 -7.15 -56.38
CA VAL A 117 8.83 -7.21 -54.96
C VAL A 117 9.58 -5.93 -54.61
N ASP A 118 9.02 -5.19 -53.64
CA ASP A 118 9.65 -3.96 -53.20
C ASP A 118 10.80 -4.38 -52.29
N PHE A 119 12.00 -3.90 -52.59
CA PHE A 119 13.19 -4.21 -51.82
C PHE A 119 13.55 -2.99 -50.99
N TYR A 120 14.04 -3.21 -49.78
CA TYR A 120 14.43 -2.11 -48.90
C TYR A 120 15.90 -2.25 -48.53
N PHE A 121 16.67 -1.19 -48.72
CA PHE A 121 18.11 -1.23 -48.48
C PHE A 121 18.70 -0.35 -47.39
N LEU A 122 20.03 -0.47 -47.26
CA LEU A 122 20.84 0.29 -46.33
C LEU A 122 22.16 0.66 -46.98
N ASP A 123 22.33 1.95 -47.31
CA ASP A 123 23.53 2.40 -47.98
C ASP A 123 24.70 2.50 -46.99
N GLU A 124 25.92 2.63 -47.54
CA GLU A 124 27.12 2.73 -46.72
C GLU A 124 27.34 4.14 -46.19
N GLU A 125 26.61 5.13 -46.71
CA GLU A 125 26.74 6.51 -46.28
C GLU A 125 25.75 6.88 -45.18
N GLY A 126 25.25 5.90 -44.43
CA GLY A 126 24.31 6.15 -43.36
C GLY A 126 22.92 6.48 -43.82
N GLY A 127 22.54 6.11 -45.05
CA GLY A 127 21.23 6.40 -45.57
C GLY A 127 20.60 5.16 -46.16
N SER A 128 19.41 5.35 -46.73
CA SER A 128 18.67 4.26 -47.32
C SER A 128 17.98 4.63 -48.63
N PHE A 129 17.55 3.61 -49.37
CA PHE A 129 16.88 3.71 -50.66
C PHE A 129 16.12 2.42 -50.90
N LYS A 130 15.10 2.49 -51.76
CA LYS A 130 14.30 1.31 -52.07
C LYS A 130 14.23 1.11 -53.58
N SER A 131 13.90 -0.12 -54.00
CA SER A 131 13.80 -0.47 -55.41
C SER A 131 12.90 -1.69 -55.65
N THR A 132 12.39 -1.80 -56.89
CA THR A 132 11.51 -2.88 -57.30
C THR A 132 12.05 -3.58 -58.56
N VAL A 133 11.44 -4.71 -58.91
CA VAL A 133 11.83 -5.50 -60.09
C VAL A 133 10.64 -5.95 -60.93
N VAL A 134 10.86 -6.07 -62.24
CA VAL A 134 9.83 -6.54 -63.16
C VAL A 134 9.87 -8.07 -63.19
N TYR A 135 8.73 -8.70 -62.89
CA TYR A 135 8.66 -10.16 -62.88
C TYR A 135 7.24 -10.65 -63.18
N ASP A 136 7.15 -11.85 -63.74
CA ASP A 136 5.91 -12.51 -64.09
C ASP A 136 5.74 -13.83 -63.34
N PRO A 137 4.62 -14.04 -62.64
CA PRO A 137 4.44 -15.28 -61.88
C PRO A 137 4.07 -16.44 -62.78
N TYR A 138 4.26 -17.65 -62.24
CA TYR A 138 3.97 -18.88 -62.98
C TYR A 138 3.67 -20.08 -62.10
N PHE A 139 3.20 -21.13 -62.75
CA PHE A 139 2.92 -22.44 -62.15
C PHE A 139 2.91 -23.42 -63.31
N PHE A 140 3.14 -24.70 -63.01
CA PHE A 140 3.20 -25.72 -64.03
C PHE A 140 1.98 -26.65 -64.03
N ILE A 141 1.76 -27.32 -65.17
CA ILE A 141 0.64 -28.23 -65.36
C ILE A 141 1.21 -29.56 -65.84
N ALA A 142 0.89 -30.65 -65.14
CA ALA A 142 1.36 -31.96 -65.54
C ALA A 142 0.52 -32.48 -66.70
N CYS A 143 1.05 -33.50 -67.39
CA CYS A 143 0.35 -34.07 -68.53
C CYS A 143 0.57 -35.57 -68.65
N ASN A 144 -0.41 -36.25 -69.24
CA ASN A 144 -0.35 -37.69 -69.45
C ASN A 144 0.44 -38.11 -70.68
N ASP A 145 0.45 -37.29 -71.73
CA ASP A 145 1.13 -37.62 -72.97
C ASP A 145 1.99 -36.47 -73.47
N GLU A 146 3.20 -36.78 -73.93
CA GLU A 146 4.10 -35.77 -74.45
C GLU A 146 3.78 -35.32 -75.86
N SER A 147 2.92 -36.04 -76.58
CA SER A 147 2.54 -35.68 -77.94
C SER A 147 1.16 -35.05 -77.97
N ARG A 148 0.43 -35.13 -76.86
CA ARG A 148 -0.90 -34.55 -76.75
C ARG A 148 -0.85 -33.24 -75.97
N VAL A 149 0.29 -32.55 -75.99
CA VAL A 149 0.43 -31.30 -75.27
C VAL A 149 -0.12 -30.14 -76.10
N ASN A 150 -0.33 -30.37 -77.41
CA ASN A 150 -0.85 -29.36 -78.31
C ASN A 150 -2.32 -29.08 -78.02
N ASP A 151 -3.06 -30.11 -77.59
CA ASP A 151 -4.47 -29.97 -77.22
C ASP A 151 -4.60 -29.18 -75.93
N VAL A 152 -3.67 -29.40 -74.99
CA VAL A 152 -3.70 -28.71 -73.70
C VAL A 152 -3.29 -27.24 -73.86
N GLU A 153 -2.30 -26.94 -74.72
CA GLU A 153 -1.94 -25.54 -74.98
C GLU A 153 -3.04 -24.78 -75.74
N GLU A 154 -3.75 -25.46 -76.67
CA GLU A 154 -4.85 -24.80 -77.38
C GLU A 154 -6.06 -24.61 -76.47
N LEU A 155 -6.24 -25.53 -75.50
CA LEU A 155 -7.34 -25.44 -74.54
C LEU A 155 -7.09 -24.29 -73.55
N VAL A 156 -5.84 -24.13 -73.10
CA VAL A 156 -5.56 -23.01 -72.19
C VAL A 156 -5.38 -21.70 -72.97
N LYS A 157 -5.20 -21.76 -74.30
CA LYS A 157 -5.06 -20.54 -75.07
C LYS A 157 -6.45 -20.02 -75.41
N LYS A 158 -7.45 -20.89 -75.46
CA LYS A 158 -8.81 -20.43 -75.74
C LYS A 158 -9.60 -20.21 -74.45
N TYR A 159 -9.44 -21.10 -73.47
CA TYR A 159 -10.15 -21.06 -72.20
C TYR A 159 -9.77 -19.91 -71.28
N LEU A 160 -8.52 -19.43 -71.36
CA LEU A 160 -8.00 -18.36 -70.51
C LEU A 160 -7.44 -17.19 -71.31
N GLU A 161 -8.20 -16.69 -72.30
CA GLU A 161 -7.78 -15.61 -73.18
C GLU A 161 -7.47 -14.23 -72.56
N SER A 162 -8.15 -13.85 -71.49
CA SER A 162 -7.90 -12.55 -70.89
C SER A 162 -7.02 -12.63 -69.65
N CYS A 163 -6.74 -13.84 -69.18
CA CYS A 163 -5.96 -14.09 -68.00
C CYS A 163 -4.46 -14.28 -68.25
N LEU A 164 -4.08 -14.71 -69.44
CA LEU A 164 -2.69 -15.01 -69.77
C LEU A 164 -1.86 -13.84 -70.29
N LYS A 165 -0.53 -13.97 -70.15
CA LYS A 165 0.43 -12.97 -70.60
C LYS A 165 1.31 -13.53 -71.71
N SER A 166 1.86 -14.73 -71.53
CA SER A 166 2.69 -15.41 -72.51
C SER A 166 2.68 -16.92 -72.28
N LEU A 167 3.50 -17.65 -73.03
CA LEU A 167 3.52 -19.11 -72.89
C LEU A 167 4.87 -19.69 -73.27
N GLN A 168 5.32 -20.69 -72.49
CA GLN A 168 6.58 -21.37 -72.74
C GLN A 168 6.51 -22.80 -72.23
N ILE A 169 7.25 -23.68 -72.89
CA ILE A 169 7.31 -25.10 -72.54
C ILE A 169 8.62 -25.39 -71.82
N ILE A 170 8.52 -25.84 -70.56
CA ILE A 170 9.67 -26.14 -69.72
C ILE A 170 9.71 -27.61 -69.32
N ARG A 171 10.83 -28.27 -69.61
CA ARG A 171 11.04 -29.68 -69.25
C ARG A 171 11.75 -29.75 -67.88
N LYS A 172 11.09 -30.37 -66.91
CA LYS A 172 11.66 -30.47 -65.57
C LYS A 172 11.70 -31.90 -65.06
N GLU A 173 12.60 -32.15 -64.13
CA GLU A 173 12.80 -33.46 -63.55
C GLU A 173 11.71 -33.89 -62.57
N ASP A 174 10.97 -34.93 -62.90
CA ASP A 174 9.93 -35.48 -62.05
C ASP A 174 10.44 -36.82 -61.51
N LEU A 175 10.56 -36.93 -60.19
CA LEU A 175 11.07 -38.12 -59.54
C LEU A 175 10.05 -39.24 -59.29
N THR A 176 8.90 -39.22 -59.95
CA THR A 176 7.88 -40.24 -59.78
C THR A 176 7.81 -40.95 -61.14
N MET A 177 8.80 -40.71 -62.00
CA MET A 177 8.86 -41.27 -63.33
C MET A 177 9.85 -42.43 -63.41
N ASP A 178 9.46 -43.51 -64.08
CA ASP A 178 10.35 -44.66 -64.24
C ASP A 178 11.39 -44.35 -65.30
N ASN A 179 12.65 -44.76 -65.03
CA ASN A 179 13.85 -44.60 -65.86
C ASN A 179 14.13 -43.13 -66.19
N HIS A 180 13.94 -42.25 -65.21
CA HIS A 180 14.18 -40.82 -65.41
C HIS A 180 15.66 -40.48 -65.40
N LEU A 181 16.47 -41.33 -64.79
CA LEU A 181 17.91 -41.13 -64.68
C LEU A 181 18.66 -41.39 -65.98
N LEU A 182 18.03 -42.04 -66.96
CA LEU A 182 18.66 -42.33 -68.24
C LEU A 182 18.45 -41.22 -69.25
N GLY A 183 17.82 -40.11 -68.89
CA GLY A 183 17.60 -39.04 -69.82
C GLY A 183 16.13 -38.76 -70.08
N LEU A 184 15.27 -39.16 -69.16
CA LEU A 184 13.83 -38.96 -69.31
C LEU A 184 13.34 -37.85 -68.39
N GLN A 185 12.74 -36.82 -68.99
CA GLN A 185 12.21 -35.68 -68.28
C GLN A 185 10.71 -35.54 -68.49
N LYS A 186 10.08 -34.72 -67.66
CA LYS A 186 8.66 -34.47 -67.74
C LYS A 186 8.44 -33.12 -68.43
N THR A 187 7.72 -33.13 -69.54
CA THR A 187 7.46 -31.93 -70.31
C THR A 187 6.23 -31.23 -69.72
N LEU A 188 6.42 -29.99 -69.27
CA LEU A 188 5.35 -29.21 -68.64
C LEU A 188 4.96 -27.95 -69.40
N ILE A 189 3.92 -27.29 -68.90
CA ILE A 189 3.37 -26.06 -69.48
C ILE A 189 3.49 -24.94 -68.46
N LYS A 190 4.23 -23.89 -68.83
CA LYS A 190 4.43 -22.74 -67.96
C LYS A 190 3.63 -21.52 -68.40
N LEU A 191 2.60 -21.18 -67.63
CA LEU A 191 1.75 -20.03 -67.92
C LEU A 191 2.29 -18.77 -67.28
N SER A 192 2.31 -17.67 -68.02
CA SER A 192 2.79 -16.42 -67.50
C SER A 192 1.64 -15.45 -67.20
N PHE A 193 1.80 -14.66 -66.13
CA PHE A 193 0.78 -13.73 -65.68
C PHE A 193 1.34 -12.34 -65.43
N VAL A 194 0.46 -11.38 -65.16
CA VAL A 194 0.93 -10.03 -64.90
C VAL A 194 0.71 -9.75 -63.40
N ASN A 195 -0.18 -10.50 -62.74
CA ASN A 195 -0.42 -10.30 -61.31
C ASN A 195 -0.52 -11.66 -60.63
N SER A 196 -0.60 -11.63 -59.30
CA SER A 196 -0.76 -12.85 -58.51
C SER A 196 -2.25 -13.06 -58.34
N ASN A 197 -3.04 -12.01 -58.59
CA ASN A 197 -4.49 -12.10 -58.53
C ASN A 197 -4.94 -12.85 -59.78
N GLN A 198 -4.19 -12.67 -60.88
CA GLN A 198 -4.48 -13.39 -62.11
C GLN A 198 -4.09 -14.85 -61.97
N LEU A 199 -3.09 -15.14 -61.13
CA LEU A 199 -2.67 -16.52 -60.87
C LEU A 199 -3.75 -17.21 -60.04
N PHE A 200 -4.36 -16.48 -59.09
CA PHE A 200 -5.45 -17.04 -58.29
C PHE A 200 -6.72 -17.19 -59.12
N GLU A 201 -6.92 -16.28 -60.09
CA GLU A 201 -8.06 -16.35 -61.00
C GLU A 201 -7.93 -17.52 -61.97
N ALA A 202 -6.70 -17.77 -62.44
CA ALA A 202 -6.43 -18.92 -63.32
C ALA A 202 -6.54 -20.22 -62.55
N ARG A 203 -6.16 -20.21 -61.26
CA ARG A 203 -6.31 -21.41 -60.42
C ARG A 203 -7.77 -21.71 -60.13
N LYS A 204 -8.58 -20.67 -59.89
CA LYS A 204 -10.01 -20.85 -59.64
C LYS A 204 -10.75 -21.27 -60.92
N LEU A 205 -10.26 -20.84 -62.09
CA LEU A 205 -10.88 -21.25 -63.35
C LEU A 205 -10.44 -22.67 -63.71
N LEU A 206 -9.27 -23.10 -63.25
CA LEU A 206 -8.80 -24.45 -63.52
C LEU A 206 -9.23 -25.44 -62.44
N ARG A 207 -9.87 -24.95 -61.37
CA ARG A 207 -10.40 -25.83 -60.31
C ARG A 207 -11.37 -26.99 -60.62
N PRO A 208 -12.36 -26.87 -61.54
CA PRO A 208 -13.21 -28.07 -61.77
C PRO A 208 -12.58 -29.11 -62.67
N ILE A 209 -11.58 -28.75 -63.49
CA ILE A 209 -10.97 -29.69 -64.43
C ILE A 209 -10.09 -30.76 -63.75
N LEU A 210 -9.29 -30.38 -62.76
CA LEU A 210 -8.46 -31.37 -62.08
C LEU A 210 -9.30 -32.16 -61.07
N GLN A 211 -10.41 -31.60 -60.60
CA GLN A 211 -11.22 -32.33 -59.65
C GLN A 211 -12.21 -33.25 -60.36
N ASP A 212 -12.57 -32.98 -61.62
CA ASP A 212 -13.49 -33.89 -62.30
C ASP A 212 -12.69 -34.92 -63.09
N ASN A 213 -11.40 -34.64 -63.34
CA ASN A 213 -10.56 -35.59 -64.08
C ASN A 213 -10.21 -36.82 -63.25
N ALA A 214 -10.18 -36.67 -61.92
CA ALA A 214 -9.87 -37.78 -61.03
C ALA A 214 -10.69 -37.66 -59.74
N ASP A 234 -10.32 -36.03 -75.97
CA ASP A 234 -10.74 -34.71 -75.50
C ASP A 234 -9.63 -34.04 -74.70
N ALA A 235 -9.50 -32.72 -74.87
CA ALA A 235 -8.47 -31.96 -74.17
C ALA A 235 -8.84 -31.67 -72.73
N LYS A 236 -10.11 -31.79 -72.37
CA LYS A 236 -10.54 -31.52 -70.99
C LYS A 236 -10.13 -32.64 -70.05
N HIS A 237 -9.99 -33.86 -70.57
CA HIS A 237 -9.60 -35.01 -69.77
C HIS A 237 -8.09 -35.28 -69.80
N LEU A 238 -7.28 -34.28 -70.13
CA LEU A 238 -5.84 -34.46 -70.19
C LEU A 238 -5.12 -33.86 -68.98
N ILE A 239 -5.66 -32.80 -68.39
CA ILE A 239 -5.04 -32.16 -67.22
C ILE A 239 -5.28 -33.00 -65.96
N GLU A 240 -4.20 -33.56 -65.41
CA GLU A 240 -4.30 -34.39 -64.22
C GLU A 240 -4.10 -33.62 -62.92
N ASP A 241 -3.01 -32.86 -62.80
CA ASP A 241 -2.72 -32.06 -61.62
C ASP A 241 -1.80 -30.92 -62.02
N ILE A 242 -1.77 -29.88 -61.20
CA ILE A 242 -0.94 -28.72 -61.48
C ILE A 242 0.22 -28.64 -60.49
N ARG A 243 1.32 -28.02 -60.91
CA ARG A 243 2.51 -27.89 -60.08
C ARG A 243 2.90 -26.44 -59.85
N GLU A 244 3.55 -26.21 -58.69
CA GLU A 244 4.07 -24.91 -58.20
C GLU A 244 3.02 -23.81 -58.13
N TYR A 245 1.80 -24.17 -57.72
CA TYR A 245 0.70 -23.22 -57.64
C TYR A 245 0.63 -22.55 -56.27
N ASP A 246 0.97 -23.28 -55.21
CA ASP A 246 0.91 -22.74 -53.85
C ASP A 246 2.23 -22.14 -53.37
N VAL A 247 3.15 -21.87 -54.28
CA VAL A 247 4.42 -21.25 -53.90
C VAL A 247 4.14 -19.75 -53.82
N PRO A 248 4.59 -19.04 -52.78
CA PRO A 248 4.33 -17.60 -52.69
C PRO A 248 5.12 -16.79 -53.69
N TYR A 249 4.66 -15.56 -53.92
CA TYR A 249 5.27 -14.68 -54.91
C TYR A 249 6.65 -14.15 -54.56
N HIS A 250 6.86 -13.73 -53.30
CA HIS A 250 8.15 -13.20 -52.85
C HIS A 250 9.20 -14.30 -52.80
N VAL A 251 8.75 -15.53 -52.54
CA VAL A 251 9.57 -16.74 -52.55
C VAL A 251 10.03 -16.99 -53.98
N ARG A 252 9.12 -16.86 -54.94
CA ARG A 252 9.41 -17.04 -56.37
C ARG A 252 10.40 -16.02 -56.93
N VAL A 253 10.29 -14.76 -56.49
CA VAL A 253 11.21 -13.72 -56.97
C VAL A 253 12.57 -13.89 -56.26
N SER A 254 12.59 -14.29 -54.99
CA SER A 254 13.85 -14.52 -54.29
C SER A 254 14.57 -15.79 -54.72
N ILE A 255 13.83 -16.77 -55.24
CA ILE A 255 14.47 -18.02 -55.68
C ILE A 255 14.96 -17.85 -57.12
N ASP A 256 14.11 -17.36 -58.02
CA ASP A 256 14.51 -17.26 -59.42
C ASP A 256 15.48 -16.15 -59.79
N LYS A 257 15.59 -15.11 -58.98
CA LYS A 257 16.54 -14.06 -59.31
C LYS A 257 17.77 -14.18 -58.44
N ASP A 258 17.75 -15.18 -57.53
CA ASP A 258 18.77 -15.52 -56.52
C ASP A 258 19.10 -14.31 -55.66
N ILE A 259 18.05 -13.78 -55.04
CA ILE A 259 18.13 -12.59 -54.21
C ILE A 259 17.85 -12.98 -52.77
N ARG A 260 18.87 -12.88 -51.93
CA ARG A 260 18.70 -13.19 -50.51
C ARG A 260 18.87 -11.90 -49.72
N VAL A 261 18.10 -11.79 -48.66
CA VAL A 261 18.14 -10.58 -47.84
C VAL A 261 19.15 -10.76 -46.70
N GLY A 262 20.05 -9.79 -46.60
CA GLY A 262 21.17 -9.75 -45.68
C GLY A 262 22.49 -9.68 -46.41
N LYS A 263 22.48 -9.87 -47.72
CA LYS A 263 23.67 -9.82 -48.56
C LYS A 263 23.79 -8.47 -49.27
N TRP A 264 25.02 -8.03 -49.49
CA TRP A 264 25.29 -6.77 -50.17
C TRP A 264 25.08 -6.92 -51.67
N TYR A 265 24.22 -6.08 -52.24
CA TYR A 265 23.90 -6.13 -53.67
C TYR A 265 24.04 -4.82 -54.40
N LYS A 266 24.60 -4.88 -55.61
CA LYS A 266 24.73 -3.71 -56.48
C LYS A 266 23.48 -3.66 -57.33
N VAL A 267 22.60 -2.70 -57.07
CA VAL A 267 21.32 -2.59 -57.79
C VAL A 267 21.48 -1.98 -59.16
N THR A 268 21.53 -2.82 -60.18
CA THR A 268 21.68 -2.35 -61.55
C THR A 268 20.37 -2.47 -62.34
N GLN A 269 20.43 -2.03 -63.60
CA GLN A 269 19.26 -2.13 -64.46
C GLN A 269 19.22 -3.54 -65.01
N GLN A 270 20.40 -4.16 -65.14
CA GLN A 270 20.56 -5.51 -65.67
C GLN A 270 20.45 -6.61 -64.62
N GLY A 271 19.82 -6.33 -63.48
CA GLY A 271 19.68 -7.35 -62.46
C GLY A 271 20.23 -6.99 -61.10
N PHE A 272 20.39 -7.99 -60.25
CA PHE A 272 20.91 -7.85 -58.89
C PHE A 272 22.16 -8.70 -58.68
N ILE A 273 23.34 -8.12 -58.95
CA ILE A 273 24.56 -8.90 -58.76
C ILE A 273 24.92 -8.87 -57.28
N GLU A 274 25.76 -9.83 -56.88
CA GLU A 274 26.15 -9.97 -55.48
C GLU A 274 27.56 -9.49 -55.13
N ASP A 275 27.63 -8.53 -54.21
CA ASP A 275 28.91 -8.02 -53.72
C ASP A 275 29.37 -9.04 -52.69
N THR A 276 30.27 -9.92 -53.11
CA THR A 276 30.78 -10.95 -52.22
C THR A 276 32.08 -10.54 -51.56
N ARG A 277 32.45 -9.26 -51.66
CA ARG A 277 33.66 -8.78 -50.99
C ARG A 277 33.34 -8.50 -49.54
N LYS A 278 32.28 -7.71 -49.30
CA LYS A 278 31.85 -7.37 -47.95
C LYS A 278 31.07 -8.51 -47.31
N ILE A 279 31.73 -9.25 -46.42
CA ILE A 279 31.05 -10.36 -45.75
C ILE A 279 30.31 -9.78 -44.54
N ALA A 280 30.69 -8.59 -44.08
CA ALA A 280 30.05 -7.97 -42.93
C ALA A 280 28.71 -7.34 -43.29
N PHE A 281 27.89 -7.13 -42.27
CA PHE A 281 26.58 -6.52 -42.44
C PHE A 281 26.68 -5.00 -42.39
N ALA A 282 25.54 -4.34 -42.52
CA ALA A 282 25.48 -2.89 -42.45
C ALA A 282 25.16 -2.48 -41.03
N ASP A 283 24.92 -1.18 -40.82
CA ASP A 283 24.59 -0.66 -39.51
C ASP A 283 23.13 -0.24 -39.45
N PRO A 284 22.23 -1.05 -38.90
CA PRO A 284 20.83 -0.65 -38.82
C PRO A 284 20.57 0.08 -37.51
N VAL A 285 19.32 0.50 -37.34
CA VAL A 285 18.90 1.18 -36.12
C VAL A 285 17.80 0.33 -35.48
N VAL A 286 18.09 -0.22 -34.32
CA VAL A 286 17.23 -1.13 -33.60
C VAL A 286 16.61 -0.51 -32.36
N MET A 287 15.28 -0.48 -32.28
CA MET A 287 14.60 0.01 -31.10
C MET A 287 13.71 -1.10 -30.53
N ALA A 288 14.09 -1.62 -29.37
CA ALA A 288 13.35 -2.71 -28.76
C ALA A 288 12.52 -2.21 -27.57
N PHE A 289 11.30 -1.81 -27.88
CA PHE A 289 10.37 -1.31 -26.87
C PHE A 289 9.76 -2.42 -26.03
N ASP A 290 9.11 -2.02 -24.94
CA ASP A 290 8.41 -2.85 -23.97
C ASP A 290 7.53 -1.91 -23.16
N ILE A 291 6.26 -2.27 -22.98
CA ILE A 291 5.34 -1.43 -22.24
C ILE A 291 4.90 -1.94 -20.88
N GLU A 292 4.27 -1.05 -20.13
CA GLU A 292 3.67 -1.30 -18.84
C GLU A 292 2.34 -0.57 -18.88
N THR A 293 1.29 -1.23 -18.41
CA THR A 293 -0.02 -0.59 -18.48
C THR A 293 -0.90 -0.81 -17.27
N THR A 294 -2.02 -0.07 -17.25
CA THR A 294 -2.99 -0.18 -16.17
C THR A 294 -3.75 -1.47 -16.42
N LYS A 295 -4.12 -2.14 -15.35
CA LYS A 295 -4.82 -3.41 -15.51
C LYS A 295 -5.84 -3.64 -14.42
N PRO A 296 -6.88 -4.44 -14.69
CA PRO A 296 -7.87 -4.76 -13.66
C PRO A 296 -7.29 -5.72 -12.62
N PRO A 297 -7.91 -5.82 -11.44
CA PRO A 297 -7.39 -6.73 -10.40
C PRO A 297 -7.59 -8.20 -10.74
N LEU A 298 -6.47 -8.94 -10.61
CA LEU A 298 -6.29 -10.37 -10.86
C LEU A 298 -6.69 -10.79 -12.27
N LYS A 299 -6.60 -9.90 -13.26
CA LYS A 299 -7.03 -10.21 -14.61
C LYS A 299 -6.02 -9.77 -15.65
N PHE A 300 -6.31 -10.12 -16.88
CA PHE A 300 -5.46 -9.75 -18.00
C PHE A 300 -5.90 -8.34 -18.34
N PRO A 301 -4.99 -7.48 -18.83
CA PRO A 301 -5.39 -6.10 -19.15
C PRO A 301 -6.22 -5.96 -20.41
N ASP A 302 -7.37 -5.30 -20.30
CA ASP A 302 -8.20 -5.08 -21.46
C ASP A 302 -7.63 -3.86 -22.18
N SER A 303 -7.90 -3.73 -23.46
CA SER A 303 -7.30 -2.65 -24.22
C SER A 303 -8.21 -1.46 -24.46
N ALA A 304 -9.43 -1.49 -23.95
CA ALA A 304 -10.34 -0.37 -24.11
C ALA A 304 -10.71 0.30 -22.81
N VAL A 305 -10.70 -0.43 -21.69
CA VAL A 305 -11.04 0.13 -20.39
C VAL A 305 -9.74 0.67 -19.78
N ASP A 306 -8.58 0.28 -20.31
CA ASP A 306 -7.30 0.70 -19.75
C ASP A 306 -6.48 1.61 -20.65
N GLN A 307 -5.36 2.09 -20.11
CA GLN A 307 -4.46 2.97 -20.83
C GLN A 307 -3.02 2.61 -20.48
N ILE A 308 -2.11 2.89 -21.41
CA ILE A 308 -0.70 2.57 -21.25
C ILE A 308 -0.05 3.60 -20.33
N MET A 309 0.77 3.13 -19.39
CA MET A 309 1.45 4.01 -18.45
C MET A 309 2.87 4.34 -18.90
N MET A 310 3.59 3.36 -19.44
CA MET A 310 4.96 3.60 -19.87
C MET A 310 5.33 2.95 -21.18
N ILE A 311 6.22 3.60 -21.91
CA ILE A 311 6.78 3.09 -23.17
C ILE A 311 8.28 3.19 -22.99
N SER A 312 8.93 2.06 -22.69
CA SER A 312 10.37 2.05 -22.51
C SER A 312 11.04 1.43 -23.73
N TYR A 313 11.66 2.28 -24.55
CA TYR A 313 12.31 1.81 -25.78
C TYR A 313 13.79 2.15 -25.81
N MET A 314 14.56 1.29 -26.47
CA MET A 314 15.99 1.44 -26.57
C MET A 314 16.49 1.51 -28.01
N ILE A 315 16.52 2.73 -28.56
CA ILE A 315 16.98 2.95 -29.92
C ILE A 315 18.50 2.90 -29.90
N ASP A 316 19.06 1.80 -30.44
CA ASP A 316 20.50 1.44 -30.61
C ASP A 316 21.50 1.78 -29.49
N GLY A 317 21.19 1.39 -28.27
CA GLY A 317 22.03 1.63 -27.12
C GLY A 317 21.56 2.80 -26.28
N GLU A 318 21.03 3.82 -26.94
CA GLU A 318 20.50 4.98 -26.24
C GLU A 318 19.05 4.76 -25.88
N GLY A 319 18.78 4.38 -24.65
CA GLY A 319 17.40 4.12 -24.25
C GLY A 319 16.61 5.40 -24.02
N PHE A 320 15.29 5.23 -24.11
CA PHE A 320 14.35 6.33 -23.90
C PHE A 320 13.18 5.79 -23.09
N LEU A 321 12.36 6.70 -22.58
CA LEU A 321 11.18 6.34 -21.82
C LEU A 321 10.19 7.48 -21.91
N ILE A 322 8.95 7.15 -22.23
CA ILE A 322 7.87 8.12 -22.33
C ILE A 322 6.82 7.64 -21.35
N THR A 323 6.49 8.46 -20.36
CA THR A 323 5.51 8.09 -19.35
C THR A 323 4.27 8.96 -19.42
N ASN A 324 3.15 8.40 -18.96
CA ASN A 324 1.87 9.09 -18.96
C ASN A 324 1.77 9.75 -17.59
N ARG A 325 1.67 11.08 -17.57
CA ARG A 325 1.60 11.80 -16.30
C ARG A 325 0.25 11.74 -15.60
N GLU A 326 -0.78 11.15 -16.21
CA GLU A 326 -2.07 11.08 -15.54
C GLU A 326 -2.09 9.98 -14.48
N ILE A 327 -1.56 8.81 -14.81
CA ILE A 327 -1.55 7.71 -13.86
C ILE A 327 -0.33 7.85 -12.95
N ILE A 328 0.82 8.17 -13.52
CA ILE A 328 2.05 8.33 -12.75
C ILE A 328 2.02 9.65 -11.99
N SER A 329 2.13 9.57 -10.67
CA SER A 329 2.08 10.77 -9.84
C SER A 329 3.35 11.61 -9.87
N GLU A 330 4.47 11.04 -9.46
CA GLU A 330 5.74 11.77 -9.46
C GLU A 330 6.45 11.61 -10.80
N ASP A 331 6.73 12.73 -11.45
CA ASP A 331 7.39 12.72 -12.75
C ASP A 331 8.85 12.32 -12.64
N ILE A 332 9.17 11.19 -13.28
CA ILE A 332 10.48 10.58 -13.24
C ILE A 332 11.56 11.38 -13.96
N GLU A 333 12.68 11.62 -13.28
CA GLU A 333 13.83 12.29 -13.84
C GLU A 333 14.78 11.24 -14.42
N ASP A 334 15.80 11.71 -15.14
CA ASP A 334 16.84 10.87 -15.77
C ASP A 334 17.62 9.99 -14.80
N PHE A 335 17.63 8.68 -15.08
CA PHE A 335 18.34 7.74 -14.22
C PHE A 335 19.10 6.69 -15.05
N GLU A 336 19.74 5.75 -14.34
CA GLU A 336 20.54 4.70 -14.95
C GLU A 336 20.17 3.30 -14.50
N TYR A 337 20.37 2.33 -15.39
CA TYR A 337 20.16 0.91 -15.12
C TYR A 337 21.25 0.12 -15.83
N THR A 338 22.30 -0.21 -15.10
CA THR A 338 23.43 -0.95 -15.65
C THR A 338 23.61 -2.22 -14.82
N PRO A 339 22.95 -3.34 -15.16
CA PRO A 339 23.09 -4.55 -14.36
C PRO A 339 24.36 -5.35 -14.65
N LYS A 340 25.09 -5.00 -15.69
CA LYS A 340 26.32 -5.61 -16.13
C LYS A 340 27.04 -4.59 -16.99
N PRO A 341 28.39 -4.54 -16.98
CA PRO A 341 29.11 -3.55 -17.81
C PRO A 341 29.03 -3.74 -19.33
N GLU A 342 28.53 -4.86 -19.83
CA GLU A 342 28.39 -5.05 -21.26
C GLU A 342 27.03 -4.53 -21.72
N TYR A 343 26.13 -4.22 -20.78
CA TYR A 343 24.80 -3.69 -21.07
C TYR A 343 24.55 -2.33 -20.44
N PRO A 344 25.01 -1.24 -21.05
CA PRO A 344 24.81 0.10 -20.44
C PRO A 344 23.42 0.66 -20.73
N GLY A 345 22.74 1.09 -19.67
CA GLY A 345 21.41 1.67 -19.78
C GLY A 345 21.31 3.14 -19.41
N PHE A 346 21.05 3.99 -20.39
CA PHE A 346 20.93 5.43 -20.22
C PHE A 346 19.53 5.81 -20.66
N PHE A 347 18.71 6.32 -19.74
CA PHE A 347 17.32 6.66 -20.07
C PHE A 347 16.75 8.05 -19.81
N THR A 348 16.77 8.90 -20.84
CA THR A 348 16.19 10.24 -20.75
C THR A 348 14.66 10.21 -20.82
N ILE A 349 14.02 10.38 -19.67
CA ILE A 349 12.58 10.30 -19.51
C ILE A 349 11.85 11.47 -20.17
N PHE A 350 10.79 11.17 -20.94
CA PHE A 350 9.94 12.17 -21.58
C PHE A 350 8.57 12.16 -20.90
N ASN A 351 8.40 13.01 -19.90
CA ASN A 351 7.14 13.06 -19.15
C ASN A 351 6.01 13.75 -19.90
N GLU A 352 5.30 13.01 -20.75
CA GLU A 352 4.19 13.58 -21.47
C GLU A 352 2.96 13.59 -20.58
N ASN A 353 2.17 14.66 -20.66
CA ASN A 353 0.98 14.79 -19.83
C ASN A 353 -0.17 13.87 -20.21
N ASP A 354 -0.60 13.87 -21.46
CA ASP A 354 -1.72 13.04 -21.86
C ASP A 354 -1.23 11.80 -22.60
N GLU A 355 -2.14 10.82 -22.78
CA GLU A 355 -1.82 9.58 -23.48
C GLU A 355 -1.71 9.82 -24.97
N VAL A 356 -2.38 10.88 -25.46
CA VAL A 356 -2.35 11.24 -26.88
C VAL A 356 -0.98 11.85 -27.12
N ALA A 357 -0.46 12.60 -26.13
CA ALA A 357 0.88 13.17 -26.21
C ALA A 357 1.95 12.09 -26.12
N LEU A 358 1.70 11.05 -25.31
CA LEU A 358 2.58 9.89 -25.15
C LEU A 358 2.72 9.12 -26.46
N LEU A 359 1.58 8.80 -27.07
CA LEU A 359 1.54 8.07 -28.34
C LEU A 359 2.05 8.92 -29.50
N GLN A 360 1.81 10.24 -29.51
CA GLN A 360 2.32 11.05 -30.60
C GLN A 360 3.81 11.31 -30.46
N ARG A 361 4.37 11.35 -29.23
CA ARG A 361 5.81 11.54 -29.07
C ARG A 361 6.54 10.25 -29.40
N PHE A 362 5.91 9.10 -29.11
CA PHE A 362 6.49 7.80 -29.44
C PHE A 362 6.47 7.58 -30.95
N PHE A 363 5.38 7.94 -31.62
CA PHE A 363 5.31 7.79 -33.07
C PHE A 363 6.11 8.89 -33.76
N GLU A 364 6.37 10.02 -33.09
CA GLU A 364 7.17 11.09 -33.67
C GLU A 364 8.63 10.69 -33.60
N HIS A 365 9.06 10.05 -32.50
CA HIS A 365 10.44 9.61 -32.32
C HIS A 365 10.73 8.43 -33.24
N ILE A 366 9.70 7.63 -33.58
CA ILE A 366 9.86 6.54 -34.53
C ILE A 366 9.99 7.15 -35.93
N ARG A 367 9.09 8.08 -36.30
CA ARG A 367 9.09 8.78 -37.60
C ARG A 367 10.33 9.64 -37.85
N ASP A 368 11.00 10.10 -36.79
CA ASP A 368 12.22 10.88 -37.00
C ASP A 368 13.47 10.01 -36.98
N VAL A 369 13.50 8.94 -36.17
CA VAL A 369 14.72 8.13 -36.08
C VAL A 369 14.92 7.20 -37.28
N ARG A 370 13.82 6.94 -38.02
CA ARG A 370 13.75 6.06 -39.19
C ARG A 370 14.28 4.64 -38.92
N PRO A 371 13.57 3.83 -38.13
CA PRO A 371 14.06 2.50 -37.79
C PRO A 371 14.00 1.48 -38.92
N THR A 372 14.86 0.49 -38.82
CA THR A 372 14.93 -0.52 -39.85
C THR A 372 14.63 -1.87 -39.21
N VAL A 373 14.50 -1.92 -37.87
CA VAL A 373 14.19 -3.11 -37.06
C VAL A 373 13.34 -2.62 -35.88
N ILE A 374 12.18 -3.26 -35.65
CA ILE A 374 11.32 -2.96 -34.51
C ILE A 374 11.22 -4.23 -33.67
N SER A 375 11.81 -4.23 -32.48
CA SER A 375 11.70 -5.43 -31.68
C SER A 375 10.90 -5.23 -30.41
N THR A 376 10.53 -6.34 -29.77
CA THR A 376 9.80 -6.52 -28.51
C THR A 376 9.69 -7.99 -28.14
N PHE A 377 9.21 -8.24 -26.93
CA PHE A 377 8.98 -9.58 -26.38
C PHE A 377 7.48 -9.72 -26.24
N ASN A 378 6.93 -10.79 -26.88
CA ASN A 378 5.50 -11.15 -26.94
C ASN A 378 4.67 -10.01 -27.53
N GLY A 379 5.08 -9.54 -28.70
CA GLY A 379 4.46 -8.41 -29.37
C GLY A 379 3.04 -8.50 -29.87
N ASP A 380 2.79 -9.32 -30.89
CA ASP A 380 1.48 -9.46 -31.52
C ASP A 380 0.37 -10.07 -30.67
N PHE A 381 0.71 -10.68 -29.53
CA PHE A 381 -0.29 -11.26 -28.65
C PHE A 381 -0.75 -10.26 -27.59
N PHE A 382 0.18 -9.54 -26.97
CA PHE A 382 -0.17 -8.60 -25.92
C PHE A 382 0.33 -7.17 -26.10
N ASP A 383 1.53 -6.99 -26.61
CA ASP A 383 2.12 -5.67 -26.68
C ASP A 383 1.60 -4.83 -27.84
N TRP A 384 1.73 -5.32 -29.05
CA TRP A 384 1.25 -4.56 -30.21
C TRP A 384 -0.24 -4.31 -30.48
N PRO A 385 -1.22 -5.20 -30.13
CA PRO A 385 -2.62 -4.81 -30.38
C PRO A 385 -3.15 -3.83 -29.36
N PHE A 386 -2.48 -3.70 -28.21
CA PHE A 386 -2.82 -2.78 -27.14
C PHE A 386 -2.52 -1.36 -27.59
N ILE A 387 -1.46 -1.18 -28.37
CA ILE A 387 -1.10 0.14 -28.85
C ILE A 387 -1.96 0.47 -30.06
N HIS A 388 -2.41 -0.55 -30.83
CA HIS A 388 -3.30 -0.29 -31.97
C HIS A 388 -4.69 0.06 -31.48
N ASN A 389 -5.12 -0.54 -30.37
CA ASN A 389 -6.41 -0.20 -29.79
C ASN A 389 -6.35 1.16 -29.10
N ARG A 390 -5.19 1.53 -28.54
CA ARG A 390 -5.09 2.86 -27.95
C ARG A 390 -4.86 3.93 -29.02
N SER A 391 -4.44 3.55 -30.22
CA SER A 391 -4.28 4.52 -31.28
C SER A 391 -5.57 4.55 -32.09
N LYS A 392 -6.45 3.57 -31.87
CA LYS A 392 -7.75 3.58 -32.53
C LYS A 392 -8.71 4.38 -31.65
N ILE A 393 -8.45 4.37 -30.33
CA ILE A 393 -9.27 5.10 -29.37
C ILE A 393 -9.01 6.60 -29.55
N HIS A 394 -7.74 6.99 -29.64
CA HIS A 394 -7.41 8.39 -29.85
C HIS A 394 -7.52 8.68 -31.34
N GLY A 395 -7.74 9.91 -31.73
CA GLY A 395 -7.91 10.36 -33.12
C GLY A 395 -6.88 10.05 -34.21
N LEU A 396 -5.65 9.75 -33.84
CA LEU A 396 -4.59 9.44 -34.79
C LEU A 396 -4.37 7.93 -34.91
N ASP A 397 -4.84 7.33 -36.01
CA ASP A 397 -4.67 5.90 -36.22
C ASP A 397 -3.24 5.58 -36.63
N MET A 398 -2.74 4.45 -36.11
CA MET A 398 -1.38 3.93 -36.28
C MET A 398 -0.90 3.69 -37.70
N PHE A 399 -1.77 3.17 -38.57
CA PHE A 399 -1.43 2.88 -39.96
C PHE A 399 -1.20 4.13 -40.80
N ASP A 400 -1.77 5.28 -40.41
CA ASP A 400 -1.61 6.52 -41.18
C ASP A 400 -0.24 7.16 -40.96
N GLU A 401 0.52 6.74 -39.94
CA GLU A 401 1.83 7.34 -39.73
C GLU A 401 3.01 6.39 -39.75
N ILE A 402 2.90 5.17 -39.19
CA ILE A 402 4.05 4.27 -39.17
C ILE A 402 3.90 2.95 -39.91
N GLY A 403 2.79 2.75 -40.62
CA GLY A 403 2.55 1.56 -41.43
C GLY A 403 2.38 0.23 -40.72
N PHE A 404 2.07 0.21 -39.42
CA PHE A 404 1.91 -1.06 -38.71
C PHE A 404 0.53 -1.73 -38.73
N ALA A 405 0.14 -2.22 -39.88
CA ALA A 405 -1.14 -2.92 -39.98
C ALA A 405 -0.95 -4.40 -39.70
N PRO A 406 -1.92 -5.06 -39.04
CA PRO A 406 -1.76 -6.49 -38.77
C PRO A 406 -2.07 -7.32 -40.00
N ASP A 407 -1.69 -8.60 -39.93
CA ASP A 407 -1.92 -9.52 -41.03
C ASP A 407 -3.24 -10.25 -40.75
N ALA A 408 -3.57 -11.30 -41.52
CA ALA A 408 -4.82 -12.03 -41.32
C ALA A 408 -4.77 -12.93 -40.09
N GLU A 409 -3.59 -13.38 -39.69
CA GLU A 409 -3.45 -14.25 -38.53
C GLU A 409 -3.22 -13.48 -37.23
N GLY A 410 -3.23 -12.16 -37.28
CA GLY A 410 -3.02 -11.36 -36.10
C GLY A 410 -1.56 -11.14 -35.76
N GLU A 411 -0.77 -10.77 -36.76
CA GLU A 411 0.65 -10.52 -36.58
C GLU A 411 0.98 -9.15 -37.17
N TYR A 412 1.47 -8.25 -36.33
CA TYR A 412 1.75 -6.87 -36.73
C TYR A 412 3.03 -6.70 -37.54
N LYS A 413 2.95 -7.07 -38.82
CA LYS A 413 4.05 -6.94 -39.76
C LYS A 413 3.99 -5.52 -40.29
N SER A 414 5.04 -5.12 -41.00
CA SER A 414 5.07 -3.81 -41.63
C SER A 414 5.92 -3.89 -42.88
N SER A 415 5.80 -2.87 -43.73
CA SER A 415 6.54 -2.85 -44.98
C SER A 415 8.02 -2.55 -44.80
N TYR A 416 8.33 -1.35 -44.31
CA TYR A 416 9.71 -0.90 -44.18
C TYR A 416 10.55 -1.43 -43.01
N CYS A 417 9.94 -1.68 -41.85
CA CYS A 417 10.75 -2.08 -40.70
C CYS A 417 10.87 -3.55 -40.31
N SER A 418 9.91 -4.42 -40.71
CA SER A 418 9.92 -5.88 -40.48
C SER A 418 10.04 -6.34 -39.03
N HIS A 419 9.03 -6.03 -38.23
CA HIS A 419 8.91 -6.24 -36.77
C HIS A 419 9.39 -7.56 -36.16
N MET A 420 10.34 -7.47 -35.22
CA MET A 420 10.99 -8.63 -34.59
C MET A 420 10.45 -9.08 -33.24
N ASP A 421 9.46 -9.96 -33.25
CA ASP A 421 8.91 -10.46 -32.00
C ASP A 421 9.85 -11.54 -31.48
N CYS A 422 10.65 -11.22 -30.45
CA CYS A 422 11.59 -12.22 -29.93
C CYS A 422 10.96 -13.34 -29.03
N PHE A 423 9.63 -13.52 -28.96
CA PHE A 423 9.04 -14.60 -28.19
C PHE A 423 8.80 -15.74 -29.19
N ARG A 424 9.03 -15.48 -30.47
CA ARG A 424 8.88 -16.48 -31.52
C ARG A 424 10.22 -17.14 -31.82
N TRP A 425 11.16 -17.06 -30.89
CA TRP A 425 12.49 -17.66 -30.94
C TRP A 425 12.62 -18.50 -29.68
N VAL A 426 12.02 -18.00 -28.59
CA VAL A 426 12.02 -18.69 -27.31
C VAL A 426 11.10 -19.90 -27.44
N LYS A 427 9.98 -19.72 -28.11
CA LYS A 427 9.05 -20.81 -28.33
C LYS A 427 9.54 -21.70 -29.47
N ARG A 428 10.38 -21.17 -30.37
CA ARG A 428 10.81 -21.95 -31.51
C ARG A 428 12.06 -22.79 -31.28
N ASP A 429 13.21 -22.16 -30.97
CA ASP A 429 14.45 -22.93 -30.82
C ASP A 429 15.46 -22.58 -29.72
N SER A 430 14.99 -21.92 -28.65
CA SER A 430 15.88 -21.57 -27.54
C SER A 430 16.36 -22.73 -26.69
N TYR A 431 15.68 -23.90 -26.76
CA TYR A 431 15.90 -25.15 -25.99
C TYR A 431 15.79 -24.92 -24.49
N LEU A 432 14.89 -24.06 -24.10
CA LEU A 432 14.54 -23.63 -22.77
C LEU A 432 13.36 -24.49 -22.35
N PRO A 433 13.23 -24.84 -21.06
CA PRO A 433 12.09 -25.67 -20.64
C PRO A 433 10.79 -24.88 -20.57
N GLN A 434 9.72 -25.50 -21.04
CA GLN A 434 8.40 -24.89 -21.05
C GLN A 434 7.82 -24.88 -19.64
N GLY A 435 7.61 -23.69 -19.10
CA GLY A 435 7.11 -23.49 -17.76
C GLY A 435 7.95 -22.39 -17.15
N SER A 436 9.07 -22.15 -17.80
CA SER A 436 10.03 -21.10 -17.47
C SER A 436 10.47 -20.41 -18.75
N GLN A 437 9.52 -20.04 -19.59
CA GLN A 437 9.83 -19.38 -20.86
C GLN A 437 9.48 -17.90 -20.91
N GLY A 438 9.35 -17.24 -19.76
CA GLY A 438 9.06 -15.82 -19.72
C GLY A 438 10.32 -14.99 -19.96
N LEU A 439 10.17 -13.67 -19.85
CA LEU A 439 11.31 -12.77 -20.07
C LEU A 439 12.34 -12.81 -18.95
N LYS A 440 11.85 -12.96 -17.72
CA LYS A 440 12.71 -13.02 -16.53
C LYS A 440 13.54 -14.30 -16.52
N ALA A 441 12.92 -15.43 -16.84
CA ALA A 441 13.65 -16.68 -16.88
C ALA A 441 14.57 -16.81 -18.10
N VAL A 442 14.25 -16.17 -19.22
CA VAL A 442 15.13 -16.26 -20.38
C VAL A 442 16.30 -15.29 -20.19
N THR A 443 16.17 -14.26 -19.34
CA THR A 443 17.31 -13.40 -19.12
C THR A 443 18.11 -13.90 -17.91
N GLN A 444 17.51 -14.77 -17.10
CA GLN A 444 18.27 -15.35 -15.99
C GLN A 444 19.04 -16.54 -16.53
N SER A 445 18.51 -17.21 -17.55
CA SER A 445 19.17 -18.38 -18.13
C SER A 445 20.12 -18.09 -19.29
N LYS A 446 19.64 -17.40 -20.33
CA LYS A 446 20.52 -17.11 -21.47
C LYS A 446 21.48 -15.96 -21.18
N LEU A 447 20.98 -14.88 -20.61
CA LEU A 447 21.87 -13.78 -20.24
C LEU A 447 22.36 -14.11 -18.83
N GLY A 448 23.39 -13.40 -18.37
CA GLY A 448 23.92 -13.71 -17.06
C GLY A 448 23.53 -12.85 -15.88
N TYR A 449 22.28 -12.41 -15.79
CA TYR A 449 21.88 -11.60 -14.66
C TYR A 449 20.42 -11.81 -14.26
N ASN A 450 20.16 -11.65 -12.97
CA ASN A 450 18.83 -11.78 -12.43
C ASN A 450 18.18 -10.40 -12.50
N PRO A 451 17.10 -10.24 -13.30
CA PRO A 451 16.46 -8.92 -13.40
C PRO A 451 15.48 -8.65 -12.26
N ILE A 452 14.77 -7.54 -12.36
CA ILE A 452 13.80 -7.13 -11.34
C ILE A 452 12.57 -8.03 -11.38
N GLU A 453 12.39 -8.83 -10.33
CA GLU A 453 11.28 -9.77 -10.23
C GLU A 453 10.17 -9.23 -9.33
N LEU A 454 9.13 -8.67 -9.93
CA LEU A 454 7.96 -8.17 -9.22
C LEU A 454 6.74 -8.75 -9.91
N ASP A 455 5.71 -9.02 -9.12
CA ASP A 455 4.49 -9.59 -9.67
C ASP A 455 3.72 -8.50 -10.42
N PRO A 456 3.04 -8.84 -11.53
CA PRO A 456 2.30 -7.82 -12.28
C PRO A 456 0.98 -7.39 -11.67
N GLU A 457 0.48 -8.04 -10.61
CA GLU A 457 -0.80 -7.63 -10.05
C GLU A 457 -0.72 -6.36 -9.21
N LEU A 458 0.47 -5.98 -8.75
CA LEU A 458 0.66 -4.78 -7.96
C LEU A 458 1.36 -3.70 -8.80
N MET A 459 1.23 -3.80 -10.12
CA MET A 459 1.82 -2.83 -11.04
C MET A 459 1.00 -1.55 -11.03
N THR A 460 -0.32 -1.66 -10.98
CA THR A 460 -1.18 -0.47 -10.95
C THR A 460 -1.15 0.33 -9.62
N PRO A 461 -1.04 -0.27 -8.37
CA PRO A 461 -0.89 0.61 -7.19
C PRO A 461 0.49 1.25 -7.08
N TYR A 462 1.48 0.66 -7.76
CA TYR A 462 2.84 1.16 -7.82
C TYR A 462 2.96 2.31 -8.81
N ALA A 463 1.94 2.57 -9.62
CA ALA A 463 1.98 3.70 -10.54
C ALA A 463 1.71 4.98 -9.77
N PHE A 464 0.78 4.92 -8.82
CA PHE A 464 0.47 6.09 -8.01
C PHE A 464 1.35 6.19 -6.78
N GLU A 465 1.85 5.06 -6.26
CA GLU A 465 2.67 5.12 -5.05
C GLU A 465 4.17 5.30 -5.26
N LYS A 466 4.81 4.34 -5.93
CA LYS A 466 6.26 4.36 -6.14
C LYS A 466 6.59 4.17 -7.61
N PRO A 467 6.55 5.25 -8.41
CA PRO A 467 6.81 5.08 -9.85
C PRO A 467 8.28 4.95 -10.23
N GLN A 468 9.22 5.21 -9.30
CA GLN A 468 10.65 5.11 -9.60
C GLN A 468 11.05 3.65 -9.75
N HIS A 469 10.48 2.77 -8.91
CA HIS A 469 10.75 1.34 -9.00
C HIS A 469 10.10 0.73 -10.23
N LEU A 470 8.98 1.30 -10.68
CA LEU A 470 8.33 0.77 -11.87
C LEU A 470 9.03 1.30 -13.11
N SER A 471 9.70 2.46 -13.00
CA SER A 471 10.45 2.97 -14.14
C SER A 471 11.75 2.18 -14.24
N GLU A 472 12.26 1.71 -13.08
CA GLU A 472 13.43 0.84 -13.05
C GLU A 472 13.10 -0.53 -13.66
N TYR A 473 11.89 -1.04 -13.37
CA TYR A 473 11.44 -2.32 -13.92
C TYR A 473 11.17 -2.23 -15.44
N SER A 474 10.65 -1.09 -15.91
CA SER A 474 10.40 -0.97 -17.34
C SER A 474 11.70 -0.71 -18.08
N VAL A 475 12.68 -0.09 -17.42
CA VAL A 475 13.98 0.08 -18.03
C VAL A 475 14.77 -1.22 -18.02
N SER A 476 14.50 -2.09 -17.03
CA SER A 476 15.08 -3.42 -16.92
C SER A 476 14.61 -4.28 -18.07
N ASP A 477 13.30 -4.27 -18.37
CA ASP A 477 12.80 -5.10 -19.45
C ASP A 477 13.07 -4.47 -20.81
N ALA A 478 13.41 -3.18 -20.87
CA ALA A 478 13.81 -2.59 -22.14
C ALA A 478 15.27 -2.89 -22.46
N VAL A 479 16.15 -2.90 -21.45
CA VAL A 479 17.54 -3.25 -21.73
C VAL A 479 17.67 -4.76 -21.89
N ALA A 480 16.76 -5.55 -21.31
CA ALA A 480 16.81 -6.99 -21.48
C ALA A 480 16.26 -7.41 -22.82
N THR A 481 15.35 -6.63 -23.40
CA THR A 481 14.81 -6.98 -24.69
C THR A 481 15.78 -6.55 -25.76
N TYR A 482 16.41 -5.37 -25.61
CA TYR A 482 17.40 -4.90 -26.60
C TYR A 482 18.68 -5.71 -26.64
N TYR A 483 19.23 -6.07 -25.48
CA TYR A 483 20.46 -6.85 -25.51
C TYR A 483 20.23 -8.31 -25.81
N LEU A 484 19.03 -8.87 -25.44
CA LEU A 484 18.69 -10.24 -25.76
C LEU A 484 18.47 -10.37 -27.26
N TYR A 485 17.86 -9.33 -27.89
CA TYR A 485 17.64 -9.30 -29.33
C TYR A 485 18.95 -9.24 -30.07
N MET A 486 19.80 -8.25 -29.75
CA MET A 486 21.10 -8.06 -30.42
C MET A 486 22.07 -9.24 -30.32
N LYS A 487 22.47 -9.60 -29.09
CA LYS A 487 23.42 -10.68 -28.86
C LYS A 487 22.89 -12.09 -29.11
N TYR A 488 21.57 -12.29 -29.23
CA TYR A 488 21.12 -13.64 -29.52
C TYR A 488 20.49 -13.79 -30.89
N VAL A 489 19.54 -12.92 -31.28
CA VAL A 489 18.90 -13.11 -32.56
C VAL A 489 19.13 -12.08 -33.65
N HIS A 490 19.96 -11.03 -33.48
CA HIS A 490 20.12 -10.13 -34.63
C HIS A 490 20.99 -10.75 -35.73
N PRO A 491 22.29 -11.25 -35.47
CA PRO A 491 22.99 -11.88 -36.59
C PRO A 491 22.49 -13.28 -36.86
N PHE A 492 21.77 -13.91 -35.92
CA PHE A 492 21.24 -15.26 -36.12
C PHE A 492 20.10 -15.30 -37.14
N ILE A 493 19.16 -14.35 -37.03
CA ILE A 493 18.03 -14.27 -37.96
C ILE A 493 18.56 -13.79 -39.31
N PHE A 494 19.54 -12.85 -39.31
CA PHE A 494 20.07 -12.48 -40.62
C PHE A 494 21.05 -13.50 -41.22
N SER A 495 21.64 -14.38 -40.39
CA SER A 495 22.52 -15.45 -40.81
C SER A 495 21.67 -16.54 -41.44
N LEU A 496 20.48 -16.76 -40.86
CA LEU A 496 19.51 -17.70 -41.43
C LEU A 496 19.01 -17.14 -42.73
N CYS A 497 18.71 -15.85 -42.75
CA CYS A 497 18.18 -15.15 -43.89
C CYS A 497 19.12 -14.97 -45.07
N THR A 498 20.43 -15.22 -44.92
CA THR A 498 21.35 -15.12 -46.05
C THR A 498 21.25 -16.27 -47.05
N ILE A 499 20.55 -17.36 -46.71
CA ILE A 499 20.37 -18.50 -47.60
C ILE A 499 18.90 -18.81 -47.78
N ILE A 500 18.06 -18.37 -46.85
CA ILE A 500 16.62 -18.61 -46.89
C ILE A 500 15.94 -17.55 -47.75
N PRO A 501 15.12 -17.94 -48.74
CA PRO A 501 14.42 -16.96 -49.60
C PRO A 501 13.12 -16.42 -48.99
N LEU A 502 13.24 -15.83 -47.81
CA LEU A 502 12.12 -15.23 -47.07
C LEU A 502 12.56 -13.95 -46.40
N ASN A 503 11.59 -13.16 -45.95
CA ASN A 503 11.90 -11.93 -45.24
C ASN A 503 12.21 -12.37 -43.80
N PRO A 504 12.94 -11.56 -43.01
CA PRO A 504 13.25 -11.94 -41.61
C PRO A 504 12.05 -12.01 -40.66
N ASP A 505 10.94 -11.35 -41.02
CA ASP A 505 9.74 -11.38 -40.18
C ASP A 505 9.08 -12.74 -40.30
N GLU A 506 9.08 -13.34 -41.49
CA GLU A 506 8.53 -14.69 -41.58
C GLU A 506 9.61 -15.73 -41.38
N THR A 507 10.87 -15.31 -41.20
CA THR A 507 11.91 -16.28 -40.93
C THR A 507 11.80 -16.52 -39.43
N LEU A 508 11.41 -15.48 -38.68
CA LEU A 508 11.24 -15.66 -37.25
C LEU A 508 9.83 -16.12 -36.87
N ARG A 509 8.80 -15.61 -37.54
CA ARG A 509 7.43 -15.93 -37.20
C ARG A 509 6.98 -17.34 -37.62
N LYS A 510 7.32 -17.77 -38.84
CA LYS A 510 6.89 -19.08 -39.29
C LYS A 510 7.62 -20.26 -38.68
N GLY A 511 7.18 -21.46 -39.03
CA GLY A 511 7.79 -22.68 -38.55
C GLY A 511 9.14 -22.91 -39.18
N THR A 512 9.93 -23.73 -38.50
CA THR A 512 11.29 -24.01 -38.97
C THR A 512 11.25 -25.01 -40.13
N GLY A 513 10.19 -25.83 -40.20
CA GLY A 513 10.05 -26.78 -41.30
C GLY A 513 9.70 -26.09 -42.60
N THR A 514 9.05 -24.92 -42.51
CA THR A 514 8.71 -24.10 -43.67
C THR A 514 10.00 -23.50 -44.23
N LEU A 515 10.95 -23.18 -43.34
CA LEU A 515 12.26 -22.63 -43.73
C LEU A 515 13.07 -23.70 -44.46
N CYS A 516 12.93 -24.96 -43.98
CA CYS A 516 13.61 -26.07 -44.66
C CYS A 516 12.98 -26.38 -46.01
N GLU A 517 11.66 -26.18 -46.13
CA GLU A 517 10.98 -26.35 -47.41
C GLU A 517 11.36 -25.26 -48.41
N MET A 518 11.57 -24.02 -47.94
CA MET A 518 12.02 -22.93 -48.83
C MET A 518 13.44 -23.13 -49.33
N LEU A 519 14.34 -23.63 -48.47
CA LEU A 519 15.71 -23.88 -48.90
C LEU A 519 15.75 -25.11 -49.80
N LEU A 520 14.83 -26.08 -49.58
CA LEU A 520 14.77 -27.26 -50.46
C LEU A 520 14.21 -26.87 -51.82
N MET A 521 13.32 -25.86 -51.85
CA MET A 521 12.78 -25.34 -53.09
C MET A 521 13.84 -24.59 -53.90
N VAL A 522 14.74 -23.85 -53.24
CA VAL A 522 15.80 -23.15 -53.98
C VAL A 522 16.87 -24.16 -54.43
N GLN A 523 17.04 -25.26 -53.70
CA GLN A 523 18.00 -26.27 -54.13
C GLN A 523 17.42 -27.12 -55.25
N ALA A 524 16.09 -27.27 -55.29
CA ALA A 524 15.45 -28.00 -56.38
C ALA A 524 15.38 -27.15 -57.63
N TYR A 525 15.33 -25.82 -57.48
CA TYR A 525 15.31 -24.94 -58.64
C TYR A 525 16.73 -24.83 -59.19
N GLN A 526 17.73 -24.94 -58.31
CA GLN A 526 19.13 -24.84 -58.75
C GLN A 526 19.61 -26.02 -59.59
N HIS A 527 19.15 -27.23 -59.30
CA HIS A 527 19.56 -28.39 -60.08
C HIS A 527 18.42 -28.90 -60.98
N ASN A 528 17.47 -28.00 -61.32
CA ASN A 528 16.31 -28.25 -62.21
C ASN A 528 15.38 -29.44 -61.93
N ILE A 529 14.94 -29.56 -60.69
CA ILE A 529 14.02 -30.63 -60.30
C ILE A 529 12.67 -29.94 -60.08
N LEU A 530 11.60 -30.53 -60.64
CA LEU A 530 10.26 -29.99 -60.46
C LEU A 530 9.82 -30.24 -59.03
N LEU A 531 9.44 -29.15 -58.35
CA LEU A 531 8.99 -29.25 -56.99
C LEU A 531 7.56 -29.80 -57.02
N PRO A 532 7.24 -30.78 -56.17
CA PRO A 532 5.89 -31.34 -56.20
C PRO A 532 4.88 -30.48 -55.46
N ASN A 533 3.65 -30.95 -55.38
CA ASN A 533 2.62 -30.23 -54.67
C ASN A 533 2.74 -30.49 -53.17
N LYS A 534 1.93 -29.78 -52.40
CA LYS A 534 1.91 -29.98 -50.95
C LYS A 534 1.17 -31.29 -50.69
N HIS A 535 1.48 -31.92 -49.57
CA HIS A 535 0.87 -33.22 -49.31
C HIS A 535 -0.58 -33.17 -48.89
N THR A 536 -1.45 -33.20 -49.90
CA THR A 536 -2.88 -33.27 -49.72
C THR A 536 -3.15 -34.69 -49.22
N ASP A 537 -3.35 -34.79 -47.91
CA ASP A 537 -3.58 -36.06 -47.23
C ASP A 537 -4.90 -36.72 -47.66
N PRO A 538 -4.96 -38.06 -47.66
CA PRO A 538 -6.21 -38.73 -48.04
C PRO A 538 -7.25 -38.60 -46.94
N ILE A 539 -8.52 -38.68 -47.35
CA ILE A 539 -9.62 -38.54 -46.41
C ILE A 539 -9.76 -39.79 -45.52
N GLU A 540 -9.33 -40.94 -46.01
CA GLU A 540 -9.37 -42.19 -45.26
C GLU A 540 -8.35 -43.17 -45.80
N ARG A 541 -7.63 -43.81 -44.88
CA ARG A 541 -6.61 -44.81 -45.21
C ARG A 541 -7.15 -46.13 -44.69
N PHE A 542 -6.84 -47.22 -45.39
CA PHE A 542 -7.35 -48.53 -45.01
C PHE A 542 -6.27 -49.53 -44.63
N TYR A 543 -6.54 -50.28 -43.57
CA TYR A 543 -5.65 -51.31 -43.04
C TYR A 543 -6.45 -52.29 -42.20
N ASP A 544 -6.44 -53.57 -42.62
CA ASP A 544 -7.09 -54.74 -41.98
C ASP A 544 -8.63 -54.59 -41.88
N GLY A 545 -9.23 -53.79 -42.76
CA GLY A 545 -10.65 -53.54 -42.68
C GLY A 545 -11.04 -52.51 -41.66
N HIS A 546 -10.07 -51.77 -41.13
CA HIS A 546 -10.29 -50.73 -40.13
C HIS A 546 -9.80 -49.42 -40.72
N LEU A 547 -10.39 -48.31 -40.28
CA LEU A 547 -9.96 -47.00 -40.76
C LEU A 547 -8.87 -46.46 -39.83
N LEU A 548 -7.83 -45.87 -40.42
CA LEU A 548 -6.73 -45.32 -39.65
C LEU A 548 -7.10 -43.93 -39.16
N GLU A 549 -7.13 -43.75 -37.83
CA GLU A 549 -7.46 -42.47 -37.23
C GLU A 549 -6.26 -41.55 -37.40
N SER A 550 -5.06 -42.11 -37.34
CA SER A 550 -3.81 -41.41 -37.54
C SER A 550 -2.77 -42.43 -37.95
N GLU A 551 -1.81 -42.00 -38.77
CA GLU A 551 -0.76 -42.89 -39.27
C GLU A 551 0.60 -42.26 -39.00
N THR A 552 1.42 -42.97 -38.25
CA THR A 552 2.76 -42.51 -37.89
C THR A 552 3.69 -43.72 -37.88
N TYR A 553 4.87 -43.56 -37.30
CA TYR A 553 5.85 -44.63 -37.21
C TYR A 553 6.23 -44.78 -35.75
N VAL A 554 7.09 -45.75 -35.46
CA VAL A 554 7.54 -45.95 -34.09
C VAL A 554 8.59 -44.87 -33.85
N GLY A 555 8.33 -44.00 -32.89
CA GLY A 555 9.25 -42.92 -32.62
C GLY A 555 10.46 -43.27 -31.78
N GLY A 556 10.87 -42.34 -30.92
CA GLY A 556 12.02 -42.56 -30.08
C GLY A 556 11.72 -43.48 -28.92
N HIS A 557 12.79 -43.93 -28.29
CA HIS A 557 12.70 -44.83 -27.15
C HIS A 557 13.25 -44.10 -25.93
N VAL A 558 12.51 -44.16 -24.83
CA VAL A 558 12.90 -43.51 -23.59
C VAL A 558 12.91 -44.54 -22.47
N GLU A 559 14.03 -44.63 -21.76
CA GLU A 559 14.18 -45.61 -20.70
C GLU A 559 15.06 -45.15 -19.55
N SER A 560 14.60 -45.39 -18.34
CA SER A 560 15.35 -45.11 -17.12
C SER A 560 15.66 -46.50 -16.58
N LEU A 561 16.84 -47.01 -16.95
CA LEU A 561 17.22 -48.35 -16.55
C LEU A 561 17.62 -48.40 -15.09
N GLU A 562 18.30 -47.37 -14.60
CA GLU A 562 18.72 -47.31 -13.21
C GLU A 562 18.78 -45.87 -12.74
N ALA A 563 18.17 -45.61 -11.60
CA ALA A 563 18.12 -44.30 -10.98
C ALA A 563 18.95 -44.32 -9.70
N GLY A 564 19.27 -43.14 -9.19
CA GLY A 564 20.05 -43.04 -7.98
C GLY A 564 21.18 -42.04 -8.11
N VAL A 565 21.95 -41.95 -7.03
CA VAL A 565 23.09 -41.05 -6.98
C VAL A 565 24.32 -41.83 -7.41
N PHE A 566 24.84 -41.48 -8.57
CA PHE A 566 26.03 -42.12 -9.14
C PHE A 566 27.01 -40.97 -9.22
N ARG A 567 28.12 -41.09 -8.48
CA ARG A 567 29.09 -40.02 -8.42
C ARG A 567 30.52 -40.51 -8.56
N SER A 568 31.42 -39.54 -8.62
CA SER A 568 32.86 -39.79 -8.74
C SER A 568 33.53 -39.65 -7.38
N ASP A 569 32.75 -39.68 -6.30
CA ASP A 569 33.30 -39.68 -4.94
C ASP A 569 32.51 -40.68 -4.11
N LEU A 570 31.72 -41.52 -4.78
CA LEU A 570 30.90 -42.57 -4.18
C LEU A 570 31.19 -43.84 -4.96
N LYS A 571 31.29 -44.97 -4.26
CA LYS A 571 31.59 -46.23 -4.92
C LYS A 571 30.36 -47.03 -5.33
N ASN A 572 30.51 -47.85 -6.38
CA ASN A 572 29.46 -48.71 -6.92
C ASN A 572 29.98 -50.05 -7.41
N GLU A 573 29.11 -51.05 -7.42
CA GLU A 573 29.44 -52.41 -7.84
C GLU A 573 29.20 -52.61 -9.34
N PHE A 574 30.19 -53.20 -10.02
CA PHE A 574 30.11 -53.48 -11.44
C PHE A 574 29.99 -54.97 -11.76
N LYS A 575 29.25 -55.27 -12.83
CA LYS A 575 28.98 -56.63 -13.29
C LYS A 575 29.43 -56.81 -14.73
N ILE A 576 30.68 -56.40 -15.01
CA ILE A 576 31.29 -56.46 -16.34
C ILE A 576 31.38 -57.85 -16.96
N ASP A 577 30.83 -57.99 -18.16
CA ASP A 577 30.82 -59.26 -18.88
C ASP A 577 32.10 -59.44 -19.69
N PRO A 578 32.79 -60.58 -19.59
CA PRO A 578 34.06 -60.76 -20.33
C PRO A 578 33.93 -61.05 -21.81
N SER A 579 32.73 -61.39 -22.32
CA SER A 579 32.48 -61.66 -23.74
C SER A 579 32.76 -60.46 -24.63
N ALA A 580 32.35 -59.26 -24.20
CA ALA A 580 32.60 -58.07 -24.99
C ALA A 580 34.07 -57.65 -24.86
N ILE A 581 34.73 -58.02 -23.75
CA ILE A 581 36.13 -57.67 -23.55
C ILE A 581 37.05 -58.53 -24.41
N ASP A 582 36.85 -59.86 -24.44
CA ASP A 582 37.70 -60.67 -25.33
C ASP A 582 37.30 -60.54 -26.80
N GLU A 583 36.05 -60.13 -27.09
CA GLU A 583 35.68 -59.94 -28.48
C GLU A 583 36.12 -58.54 -28.94
N LEU A 584 36.34 -57.64 -27.99
CA LEU A 584 36.74 -56.27 -28.30
C LEU A 584 38.26 -56.11 -28.38
N LEU A 585 39.01 -57.01 -27.73
CA LEU A 585 40.47 -56.90 -27.75
C LEU A 585 41.10 -57.47 -29.02
N GLN A 586 40.31 -58.16 -29.84
CA GLN A 586 40.80 -58.70 -31.10
C GLN A 586 40.87 -57.56 -32.11
N GLU A 587 39.87 -56.69 -32.10
CA GLU A 587 39.74 -55.57 -33.01
C GLU A 587 40.44 -54.28 -32.59
N LEU A 588 41.25 -54.30 -31.54
CA LEU A 588 41.94 -53.11 -31.03
C LEU A 588 42.96 -52.33 -31.90
N PRO A 589 43.97 -52.96 -32.58
CA PRO A 589 44.90 -52.14 -33.39
C PRO A 589 44.29 -51.61 -34.67
N GLU A 590 43.27 -52.29 -35.18
CA GLU A 590 42.54 -51.84 -36.36
C GLU A 590 41.65 -50.68 -35.92
N ALA A 591 41.20 -50.66 -34.65
CA ALA A 591 40.42 -49.55 -34.12
C ALA A 591 41.29 -48.32 -33.93
N LEU A 592 42.57 -48.52 -33.57
CA LEU A 592 43.49 -47.39 -33.42
C LEU A 592 43.89 -46.87 -34.80
N LYS A 593 43.94 -47.77 -35.80
CA LYS A 593 44.24 -47.40 -37.19
C LYS A 593 43.05 -46.63 -37.76
N PHE A 594 41.82 -47.03 -37.37
CA PHE A 594 40.59 -46.37 -37.77
C PHE A 594 40.50 -44.97 -37.18
N SER A 595 40.93 -44.84 -35.91
CA SER A 595 40.94 -43.55 -35.21
C SER A 595 41.92 -42.57 -35.83
N VAL A 596 43.16 -43.01 -36.06
CA VAL A 596 44.17 -42.15 -36.72
C VAL A 596 43.89 -41.89 -38.19
N GLU A 597 43.05 -42.70 -38.86
CA GLU A 597 42.77 -42.44 -40.26
C GLU A 597 41.52 -41.60 -40.50
N VAL A 598 40.45 -41.71 -39.72
CA VAL A 598 39.27 -40.86 -39.98
C VAL A 598 38.89 -39.90 -38.84
N GLU A 599 39.27 -40.16 -37.58
CA GLU A 599 38.92 -39.23 -36.52
C GLU A 599 39.94 -38.13 -36.48
N ASN A 600 41.16 -38.43 -36.90
CA ASN A 600 42.24 -37.47 -36.95
C ASN A 600 42.58 -37.02 -38.36
N LYS A 601 42.09 -37.76 -39.38
CA LYS A 601 42.31 -37.55 -40.83
C LYS A 601 43.78 -37.50 -41.20
N SER A 602 44.53 -38.51 -40.78
CA SER A 602 45.95 -38.61 -41.03
C SER A 602 46.37 -40.05 -41.30
N SER A 603 47.68 -40.30 -41.27
CA SER A 603 48.22 -41.62 -41.55
C SER A 603 48.75 -42.36 -40.32
N VAL A 604 49.02 -43.66 -40.51
CA VAL A 604 49.50 -44.53 -39.43
C VAL A 604 51.02 -44.39 -39.24
N ASP A 605 51.78 -44.14 -40.33
CA ASP A 605 53.23 -44.04 -40.23
C ASP A 605 53.78 -42.81 -39.49
N LYS A 606 52.99 -41.74 -39.41
CA LYS A 606 53.43 -40.56 -38.69
C LYS A 606 53.23 -40.77 -37.20
N VAL A 607 52.34 -41.70 -36.83
CA VAL A 607 52.08 -42.02 -35.43
C VAL A 607 53.23 -42.88 -34.91
N THR A 608 53.91 -42.39 -33.88
CA THR A 608 55.04 -43.11 -33.29
C THR A 608 54.69 -43.85 -32.01
N ASN A 609 53.70 -43.38 -31.26
CA ASN A 609 53.30 -43.99 -29.99
C ASN A 609 52.12 -44.93 -30.12
N PHE A 610 52.01 -45.63 -31.25
CA PHE A 610 50.93 -46.58 -31.52
C PHE A 610 50.99 -47.82 -30.64
N GLU A 611 52.19 -48.39 -30.50
CA GLU A 611 52.39 -49.64 -29.78
C GLU A 611 52.32 -49.55 -28.26
N GLU A 612 52.95 -48.54 -27.65
CA GLU A 612 52.88 -48.39 -26.18
C GLU A 612 51.49 -48.03 -25.64
N ILE A 613 50.73 -47.19 -26.38
CA ILE A 613 49.38 -46.78 -26.02
C ILE A 613 48.48 -47.99 -26.19
N LYS A 614 48.72 -48.80 -27.25
CA LYS A 614 47.98 -50.04 -27.48
C LYS A 614 48.26 -51.08 -26.39
N ASN A 615 49.52 -51.17 -25.94
CA ASN A 615 49.91 -52.09 -24.88
C ASN A 615 49.38 -51.73 -23.50
N GLN A 616 49.30 -50.42 -23.17
CA GLN A 616 48.74 -50.05 -21.85
C GLN A 616 47.22 -50.20 -21.83
N ILE A 617 46.58 -50.01 -23.00
CA ILE A 617 45.12 -50.20 -23.12
C ILE A 617 44.85 -51.70 -23.02
N THR A 618 45.72 -52.53 -23.62
CA THR A 618 45.63 -53.99 -23.56
C THR A 618 45.83 -54.53 -22.14
N GLN A 619 46.82 -53.98 -21.41
CA GLN A 619 47.08 -54.40 -20.02
C GLN A 619 45.97 -53.96 -19.06
N LYS A 620 45.36 -52.79 -19.32
CA LYS A 620 44.28 -52.30 -18.48
C LYS A 620 43.02 -53.13 -18.71
N LEU A 621 42.70 -53.47 -19.97
CA LEU A 621 41.52 -54.30 -20.17
C LEU A 621 41.78 -55.77 -19.88
N LEU A 622 43.05 -56.20 -19.82
CA LEU A 622 43.35 -57.58 -19.42
C LEU A 622 43.19 -57.71 -17.91
N GLU A 623 43.53 -56.64 -17.16
CA GLU A 623 43.34 -56.65 -15.72
C GLU A 623 41.85 -56.52 -15.43
N LEU A 624 41.11 -55.82 -16.30
CA LEU A 624 39.66 -55.72 -16.10
C LEU A 624 38.93 -56.97 -16.59
N LYS A 625 39.57 -57.77 -17.46
CA LYS A 625 38.96 -59.01 -17.91
C LYS A 625 39.19 -60.05 -16.81
N GLU A 626 40.32 -59.94 -16.11
CA GLU A 626 40.61 -60.87 -15.01
C GLU A 626 39.72 -60.56 -13.81
N ASN A 627 39.82 -59.34 -13.29
CA ASN A 627 38.99 -58.92 -12.15
C ASN A 627 37.82 -58.10 -12.67
N ASN A 628 36.82 -58.80 -13.23
CA ASN A 628 35.65 -58.12 -13.77
C ASN A 628 34.71 -57.65 -12.67
N ILE A 629 34.75 -58.27 -11.50
CA ILE A 629 33.92 -57.90 -10.37
C ILE A 629 34.76 -56.93 -9.55
N ARG A 630 34.44 -55.63 -9.63
CA ARG A 630 35.24 -54.66 -8.91
C ARG A 630 34.29 -53.58 -8.34
N ASN A 631 34.77 -52.85 -7.34
CA ASN A 631 33.94 -51.82 -6.70
C ASN A 631 34.74 -50.54 -6.44
N GLU A 632 34.61 -49.58 -7.35
CA GLU A 632 35.31 -48.30 -7.20
C GLU A 632 34.33 -47.19 -7.57
N LEU A 633 34.82 -45.97 -7.66
CA LEU A 633 33.96 -44.85 -8.02
C LEU A 633 33.74 -44.82 -9.53
N PRO A 634 32.49 -44.79 -10.00
CA PRO A 634 32.28 -44.73 -11.46
C PRO A 634 32.22 -43.30 -11.95
N LEU A 635 32.82 -43.06 -13.11
CA LEU A 635 32.81 -41.75 -13.72
C LEU A 635 31.75 -41.71 -14.82
N ILE A 636 30.90 -40.69 -14.76
CA ILE A 636 29.75 -40.50 -15.65
C ILE A 636 30.17 -40.09 -17.06
N TYR A 637 29.74 -40.87 -18.06
CA TYR A 637 30.01 -40.60 -19.46
C TYR A 637 28.74 -40.44 -20.27
N HIS A 638 28.71 -39.42 -21.10
CA HIS A 638 27.58 -39.17 -21.97
C HIS A 638 28.08 -39.17 -23.40
N VAL A 639 27.46 -39.99 -24.23
CA VAL A 639 27.87 -40.05 -25.63
C VAL A 639 26.88 -39.17 -26.38
N ASP A 640 27.29 -38.73 -27.56
CA ASP A 640 26.47 -37.85 -28.38
C ASP A 640 26.86 -38.00 -29.83
N VAL A 641 25.88 -38.18 -30.70
CA VAL A 641 26.17 -38.28 -32.12
C VAL A 641 26.02 -36.85 -32.65
N ALA A 642 27.10 -36.32 -33.22
CA ALA A 642 27.13 -34.96 -33.74
C ALA A 642 26.31 -34.93 -35.02
N SER A 643 25.09 -34.38 -34.90
CA SER A 643 24.06 -34.20 -35.94
C SER A 643 23.65 -35.55 -36.51
N MET A 644 23.18 -36.41 -35.61
CA MET A 644 22.78 -37.80 -35.78
C MET A 644 21.90 -38.13 -36.98
N TYR A 645 20.69 -37.57 -37.01
CA TYR A 645 19.76 -37.76 -38.10
C TYR A 645 20.16 -37.17 -39.47
N PRO A 646 20.84 -35.98 -39.58
CA PRO A 646 21.31 -35.60 -40.93
C PRO A 646 22.53 -36.39 -41.37
N ASN A 647 23.28 -36.97 -40.43
CA ASN A 647 24.41 -37.83 -40.79
C ASN A 647 23.86 -39.16 -41.27
N ILE A 648 22.71 -39.57 -40.72
CA ILE A 648 21.99 -40.78 -41.11
C ILE A 648 21.45 -40.55 -42.53
N MET A 649 20.98 -39.33 -42.80
CA MET A 649 20.49 -38.96 -44.13
C MET A 649 21.63 -38.83 -45.16
N THR A 650 22.86 -38.55 -44.71
CA THR A 650 23.94 -38.47 -45.70
C THR A 650 24.57 -39.83 -45.89
N THR A 651 24.35 -40.77 -44.97
CA THR A 651 24.89 -42.11 -45.19
C THR A 651 23.96 -42.95 -46.04
N ASN A 652 22.70 -43.06 -45.65
CA ASN A 652 21.76 -43.90 -46.37
C ASN A 652 21.07 -43.28 -47.57
N ARG A 653 21.32 -41.97 -47.81
CA ARG A 653 20.75 -41.14 -48.90
C ARG A 653 19.23 -41.14 -48.90
N LEU A 654 18.66 -40.88 -47.73
CA LEU A 654 17.21 -40.87 -47.54
C LEU A 654 16.50 -39.61 -48.02
N GLN A 655 15.77 -39.72 -49.12
CA GLN A 655 14.97 -38.69 -49.73
C GLN A 655 13.50 -39.04 -49.65
N PRO A 656 12.61 -38.05 -49.61
CA PRO A 656 11.18 -38.38 -49.63
C PRO A 656 10.67 -38.78 -51.00
N ASP A 657 11.35 -38.38 -52.09
CA ASP A 657 10.93 -38.71 -53.44
C ASP A 657 11.82 -39.76 -54.11
N SER A 658 12.53 -40.58 -53.34
CA SER A 658 13.41 -41.60 -53.92
C SER A 658 12.98 -43.01 -53.56
N ILE A 659 12.07 -43.15 -52.60
CA ILE A 659 11.63 -44.47 -52.14
C ILE A 659 10.68 -45.14 -53.13
N LYS A 660 11.18 -46.11 -53.87
CA LYS A 660 10.39 -46.84 -54.85
C LYS A 660 9.75 -48.05 -54.19
N ALA A 661 8.56 -48.40 -54.65
CA ALA A 661 7.82 -49.55 -54.11
C ALA A 661 7.67 -50.54 -55.26
N GLU A 662 8.68 -51.42 -55.39
CA GLU A 662 8.81 -52.49 -56.41
C GLU A 662 8.75 -51.94 -57.84
N ARG A 663 9.39 -50.78 -58.04
CA ARG A 663 9.41 -50.16 -59.37
C ARG A 663 10.74 -49.47 -59.62
N ALA A 678 19.86 -49.77 -55.81
CA ALA A 678 18.72 -50.04 -54.96
C ALA A 678 19.16 -50.58 -53.59
N ARG A 679 18.85 -49.86 -52.52
CA ARG A 679 19.21 -50.23 -51.17
C ARG A 679 17.98 -50.51 -50.30
N LYS A 680 17.93 -51.71 -49.73
CA LYS A 680 16.82 -52.12 -48.90
C LYS A 680 17.14 -51.98 -47.42
N LEU A 681 16.25 -51.31 -46.68
CA LEU A 681 16.43 -51.11 -45.26
C LEU A 681 15.07 -51.36 -44.60
N LYS A 682 15.04 -51.45 -43.27
CA LYS A 682 13.83 -51.78 -42.52
C LYS A 682 13.35 -50.71 -41.55
N TRP A 683 12.07 -50.39 -41.63
CA TRP A 683 11.39 -49.39 -40.81
C TRP A 683 10.23 -50.01 -40.03
N ALA A 684 9.74 -49.29 -39.02
CA ALA A 684 8.65 -49.78 -38.18
C ALA A 684 7.43 -48.86 -38.25
N TRP A 685 6.32 -49.41 -38.72
CA TRP A 685 5.06 -48.69 -38.83
C TRP A 685 4.33 -48.75 -37.48
N ARG A 686 3.53 -47.74 -37.19
CA ARG A 686 2.76 -47.68 -35.94
C ARG A 686 1.44 -46.95 -36.11
N GLY A 687 0.33 -47.67 -35.91
CA GLY A 687 -0.96 -47.03 -36.06
C GLY A 687 -1.99 -47.37 -35.01
N GLU A 688 -2.53 -46.32 -34.36
CA GLU A 688 -3.54 -46.46 -33.33
C GLU A 688 -4.91 -46.35 -33.98
N PHE A 689 -5.29 -47.35 -34.77
CA PHE A 689 -6.55 -47.34 -35.47
C PHE A 689 -7.71 -47.85 -34.61
N PHE A 690 -8.90 -47.82 -35.18
CA PHE A 690 -10.14 -48.24 -34.55
C PHE A 690 -10.34 -49.75 -34.53
N PRO A 691 -10.93 -50.32 -33.47
CA PRO A 691 -11.17 -51.77 -33.45
C PRO A 691 -12.37 -52.21 -34.26
N SER A 692 -13.27 -51.28 -34.61
CA SER A 692 -14.45 -51.54 -35.42
C SER A 692 -14.11 -51.95 -36.86
N LYS A 693 -15.05 -52.58 -37.54
CA LYS A 693 -14.85 -53.03 -38.91
C LYS A 693 -15.55 -52.11 -39.92
N MET A 694 -15.50 -52.53 -41.19
CA MET A 694 -16.07 -51.78 -42.32
C MET A 694 -17.59 -51.76 -42.36
N ASP A 695 -18.24 -52.86 -41.95
CA ASP A 695 -19.71 -52.97 -41.99
C ASP A 695 -20.40 -52.08 -40.96
N GLU A 696 -19.81 -51.95 -39.76
CA GLU A 696 -20.35 -51.10 -38.71
C GLU A 696 -20.21 -49.63 -39.07
N TYR A 697 -19.09 -49.29 -39.74
CA TYR A 697 -18.79 -47.94 -40.21
C TYR A 697 -19.77 -47.58 -41.32
N ASN A 698 -20.10 -48.54 -42.21
CA ASN A 698 -21.07 -48.30 -43.27
C ASN A 698 -22.52 -48.19 -42.78
N MET A 699 -22.89 -48.96 -41.74
CA MET A 699 -24.25 -48.93 -41.17
C MET A 699 -24.49 -47.64 -40.40
N ILE A 700 -23.55 -47.21 -39.56
CA ILE A 700 -23.80 -45.95 -38.85
C ILE A 700 -23.47 -44.75 -39.77
N LYS A 701 -22.77 -44.96 -40.91
CA LYS A 701 -22.59 -43.89 -41.92
C LYS A 701 -23.94 -43.67 -42.63
N ARG A 702 -24.70 -44.75 -42.83
CA ARG A 702 -26.04 -44.67 -43.42
C ARG A 702 -26.99 -44.06 -42.39
N ALA A 703 -26.71 -44.29 -41.10
CA ALA A 703 -27.52 -43.68 -40.04
C ALA A 703 -27.19 -42.19 -39.90
N LEU A 704 -25.97 -41.79 -40.29
CA LEU A 704 -25.57 -40.39 -40.27
C LEU A 704 -26.10 -39.69 -41.52
N GLN A 705 -26.48 -40.46 -42.55
CA GLN A 705 -27.05 -39.90 -43.77
C GLN A 705 -28.50 -39.44 -43.56
N ASN A 706 -29.16 -39.93 -42.52
CA ASN A 706 -30.55 -39.58 -42.20
C ASN A 706 -30.72 -38.54 -41.11
N GLU A 707 -29.82 -37.55 -41.04
CA GLU A 707 -29.89 -36.49 -40.03
C GLU A 707 -29.74 -35.13 -40.70
N THR A 708 -29.61 -34.07 -39.91
CA THR A 708 -29.42 -32.73 -40.46
C THR A 708 -28.19 -32.11 -39.79
N PHE A 709 -27.58 -31.15 -40.48
CA PHE A 709 -26.35 -30.51 -40.04
C PHE A 709 -26.35 -29.02 -40.34
N PRO A 710 -25.67 -28.20 -39.52
CA PRO A 710 -25.62 -26.75 -39.78
C PRO A 710 -24.68 -26.42 -40.93
N ASN A 711 -24.72 -25.15 -41.32
CA ASN A 711 -23.93 -24.62 -42.42
C ASN A 711 -22.72 -23.84 -41.92
N LYS A 712 -21.59 -23.97 -42.63
CA LYS A 712 -20.35 -23.31 -42.24
C LYS A 712 -20.30 -21.82 -42.53
N ASN A 713 -20.58 -21.40 -43.77
CA ASN A 713 -20.53 -19.97 -44.15
C ASN A 713 -21.67 -19.15 -43.57
N LYS A 714 -21.32 -18.19 -42.69
CA LYS A 714 -22.28 -17.32 -42.02
C LYS A 714 -22.59 -16.05 -42.80
N PHE A 715 -22.37 -16.01 -44.12
CA PHE A 715 -22.66 -14.84 -44.93
C PHE A 715 -23.70 -15.10 -46.00
N SER A 716 -23.93 -16.35 -46.37
CA SER A 716 -24.91 -16.71 -47.38
C SER A 716 -26.34 -16.81 -46.83
N LYS A 717 -27.27 -17.31 -47.64
CA LYS A 717 -28.66 -17.46 -47.22
C LYS A 717 -29.05 -18.89 -46.89
N LYS A 718 -28.11 -19.83 -46.96
CA LYS A 718 -28.40 -21.23 -46.66
C LYS A 718 -28.02 -21.59 -45.22
N LYS A 719 -29.01 -22.01 -44.44
CA LYS A 719 -28.80 -22.38 -43.04
C LYS A 719 -28.99 -23.87 -42.77
N VAL A 720 -29.96 -24.51 -43.44
CA VAL A 720 -30.23 -25.93 -43.27
C VAL A 720 -29.65 -26.71 -44.45
N LEU A 721 -28.77 -27.66 -44.16
CA LEU A 721 -28.14 -28.49 -45.18
C LEU A 721 -28.35 -29.97 -44.88
N THR A 722 -28.21 -30.79 -45.93
CA THR A 722 -28.40 -32.23 -45.84
C THR A 722 -27.00 -32.84 -45.85
N PHE A 723 -26.91 -34.15 -45.55
CA PHE A 723 -25.64 -34.87 -45.47
C PHE A 723 -24.91 -35.01 -46.80
N ASP A 724 -25.65 -35.17 -47.89
CA ASP A 724 -25.03 -35.36 -49.21
C ASP A 724 -24.40 -34.11 -49.80
N GLU A 725 -24.82 -32.93 -49.37
CA GLU A 725 -24.25 -31.69 -49.88
C GLU A 725 -23.07 -31.22 -49.02
N LEU A 726 -22.80 -31.93 -47.94
CA LEU A 726 -21.72 -31.57 -47.04
C LEU A 726 -20.33 -31.90 -47.60
N SER A 727 -19.31 -31.40 -46.90
CA SER A 727 -17.92 -31.67 -47.26
C SER A 727 -17.45 -33.00 -46.66
N TYR A 728 -16.14 -33.27 -46.74
CA TYR A 728 -15.64 -34.52 -46.20
C TYR A 728 -15.03 -34.41 -44.81
N ALA A 729 -14.54 -33.22 -44.42
CA ALA A 729 -13.90 -33.04 -43.10
C ALA A 729 -14.88 -33.10 -41.93
N ASP A 730 -16.07 -32.48 -42.08
CA ASP A 730 -17.11 -32.51 -41.05
C ASP A 730 -17.67 -33.93 -40.94
N GLN A 731 -17.72 -34.64 -42.08
CA GLN A 731 -18.17 -36.01 -42.17
C GLN A 731 -17.25 -36.94 -41.40
N VAL A 732 -15.93 -36.85 -41.63
CA VAL A 732 -15.01 -37.73 -40.91
C VAL A 732 -14.82 -37.36 -39.43
N ILE A 733 -15.08 -36.10 -39.04
CA ILE A 733 -14.99 -35.71 -37.62
C ILE A 733 -16.22 -36.29 -36.89
N HIS A 734 -17.38 -36.28 -37.57
CA HIS A 734 -18.58 -36.89 -37.01
C HIS A 734 -18.47 -38.41 -37.03
N ILE A 735 -17.71 -38.95 -38.00
CA ILE A 735 -17.45 -40.39 -38.11
C ILE A 735 -16.60 -40.87 -36.93
N LYS A 736 -15.52 -40.12 -36.61
CA LYS A 736 -14.63 -40.34 -35.47
C LYS A 736 -15.36 -40.33 -34.13
N LYS A 737 -16.24 -39.35 -33.91
CA LYS A 737 -16.95 -39.29 -32.62
C LYS A 737 -18.04 -40.36 -32.43
N ARG A 738 -18.80 -40.74 -33.51
CA ARG A 738 -19.80 -41.79 -33.24
C ARG A 738 -19.15 -43.17 -33.21
N LEU A 739 -17.99 -43.37 -33.88
CA LEU A 739 -17.35 -44.69 -33.77
C LEU A 739 -16.61 -44.78 -32.44
N THR A 740 -16.26 -43.62 -31.84
CA THR A 740 -15.67 -43.61 -30.50
C THR A 740 -16.69 -44.03 -29.46
N GLU A 741 -17.95 -43.55 -29.59
CA GLU A 741 -18.99 -44.01 -28.66
C GLU A 741 -19.45 -45.43 -29.01
N TYR A 742 -19.26 -45.86 -30.27
CA TYR A 742 -19.60 -47.23 -30.68
C TYR A 742 -18.57 -48.21 -30.12
N SER A 743 -17.30 -47.81 -30.07
CA SER A 743 -16.26 -48.70 -29.53
C SER A 743 -16.22 -48.58 -28.02
N ARG A 744 -16.87 -47.55 -27.45
CA ARG A 744 -16.99 -47.48 -26.01
C ARG A 744 -18.14 -48.40 -25.59
N LYS A 745 -19.10 -48.61 -26.50
CA LYS A 745 -20.24 -49.48 -26.20
C LYS A 745 -20.05 -50.93 -26.62
N VAL A 746 -19.47 -51.20 -27.79
CA VAL A 746 -19.28 -52.60 -28.23
C VAL A 746 -17.95 -53.15 -27.74
N TYR A 747 -16.86 -52.41 -27.92
CA TYR A 747 -15.54 -52.87 -27.50
C TYR A 747 -15.14 -52.37 -26.12
N HIS A 748 -13.93 -52.69 -25.67
CA HIS A 748 -13.43 -52.28 -24.36
C HIS A 748 -12.17 -51.43 -24.45
N ARG A 749 -11.90 -50.84 -25.62
CA ARG A 749 -10.74 -49.99 -25.83
C ARG A 749 -11.03 -49.04 -26.97
N VAL A 750 -10.20 -48.01 -27.09
CA VAL A 750 -10.35 -47.03 -28.14
C VAL A 750 -9.33 -47.21 -29.26
N LYS A 751 -8.07 -47.51 -28.93
CA LYS A 751 -7.01 -47.67 -29.91
C LYS A 751 -6.26 -48.97 -29.76
N VAL A 752 -6.07 -49.67 -30.88
CA VAL A 752 -5.35 -50.94 -30.91
C VAL A 752 -3.93 -50.71 -31.46
N SER A 753 -2.93 -50.97 -30.63
CA SER A 753 -1.54 -50.77 -31.02
C SER A 753 -1.00 -51.98 -31.76
N GLU A 754 -0.58 -51.77 -33.01
CA GLU A 754 -0.05 -52.83 -33.86
C GLU A 754 1.16 -52.31 -34.63
N ILE A 755 2.31 -52.95 -34.43
CA ILE A 755 3.55 -52.57 -35.08
C ILE A 755 3.98 -53.60 -36.10
N VAL A 756 4.04 -53.20 -37.37
CA VAL A 756 4.44 -54.08 -38.47
C VAL A 756 5.69 -53.57 -39.18
N GLU A 757 6.74 -54.37 -39.15
CA GLU A 757 7.99 -54.00 -39.81
C GLU A 757 7.84 -54.23 -41.30
N ARG A 758 8.09 -53.17 -42.09
CA ARG A 758 7.98 -53.26 -43.54
C ARG A 758 9.33 -52.94 -44.17
N GLU A 759 9.39 -52.82 -45.49
CA GLU A 759 10.66 -52.58 -46.18
C GLU A 759 10.56 -51.46 -47.22
N ALA A 760 11.68 -50.78 -47.46
CA ALA A 760 11.76 -49.67 -48.41
C ALA A 760 12.92 -49.85 -49.36
N ILE A 761 12.72 -49.49 -50.63
CA ILE A 761 13.76 -49.60 -51.66
C ILE A 761 14.25 -48.20 -51.99
N VAL A 762 15.53 -47.94 -51.72
CA VAL A 762 16.16 -46.65 -51.98
C VAL A 762 17.08 -46.74 -53.18
N CYS A 763 16.64 -46.20 -54.33
CA CYS A 763 17.46 -46.26 -55.53
C CYS A 763 18.47 -45.12 -55.47
N GLN A 764 19.74 -45.49 -55.32
CA GLN A 764 20.87 -44.56 -55.18
C GLN A 764 21.29 -43.84 -56.45
N ARG A 765 20.73 -44.21 -57.61
CA ARG A 765 21.06 -43.58 -58.88
C ARG A 765 20.16 -42.38 -59.20
N GLU A 766 19.42 -41.85 -58.23
CA GLU A 766 18.54 -40.71 -58.45
C GLU A 766 19.31 -39.38 -58.43
N ASN A 767 18.54 -38.29 -58.48
CA ASN A 767 19.11 -36.93 -58.47
C ASN A 767 19.64 -36.64 -57.07
N PRO A 768 20.95 -36.41 -56.91
CA PRO A 768 21.52 -36.21 -55.58
C PRO A 768 21.37 -34.84 -54.92
N PHE A 769 20.44 -33.97 -55.38
CA PHE A 769 20.26 -32.63 -54.82
C PHE A 769 19.93 -32.55 -53.32
N TYR A 770 19.27 -33.57 -52.78
CA TYR A 770 18.88 -33.59 -51.38
C TYR A 770 20.08 -33.91 -50.50
N VAL A 771 20.97 -34.80 -50.98
CA VAL A 771 22.12 -35.12 -50.15
C VAL A 771 23.21 -34.11 -50.33
N ASP A 772 23.25 -33.36 -51.45
CA ASP A 772 24.27 -32.32 -51.53
C ASP A 772 23.76 -31.10 -50.80
N THR A 773 22.42 -30.98 -50.63
CA THR A 773 21.81 -29.90 -49.85
C THR A 773 22.14 -30.06 -48.36
N VAL A 774 21.93 -31.28 -47.84
CA VAL A 774 22.21 -31.52 -46.43
C VAL A 774 23.74 -31.64 -46.20
N LYS A 775 24.52 -32.05 -47.21
CA LYS A 775 25.96 -32.09 -47.03
C LYS A 775 26.60 -30.73 -47.23
N SER A 776 25.95 -29.81 -47.98
CA SER A 776 26.48 -28.47 -48.15
C SER A 776 26.21 -27.69 -46.89
N PHE A 777 25.05 -27.94 -46.24
CA PHE A 777 24.78 -27.28 -44.98
C PHE A 777 25.62 -27.84 -43.83
N ARG A 778 26.00 -29.13 -43.89
CA ARG A 778 26.86 -29.69 -42.84
C ARG A 778 28.31 -29.27 -43.07
N ASP A 779 28.77 -29.21 -44.33
CA ASP A 779 30.12 -28.76 -44.66
C ASP A 779 30.24 -27.27 -44.45
N ARG A 780 29.15 -26.50 -44.64
CA ARG A 780 29.18 -25.08 -44.36
C ARG A 780 29.17 -24.80 -42.87
N ARG A 781 28.53 -25.67 -42.07
CA ARG A 781 28.56 -25.51 -40.61
C ARG A 781 29.97 -25.80 -40.12
N TYR A 782 30.62 -26.83 -40.69
CA TYR A 782 31.98 -27.17 -40.30
C TYR A 782 32.99 -26.13 -40.81
N GLU A 783 32.72 -25.54 -41.99
CA GLU A 783 33.57 -24.49 -42.54
C GLU A 783 33.44 -23.20 -41.73
N PHE A 784 32.22 -22.87 -41.30
CA PHE A 784 32.00 -21.68 -40.49
C PHE A 784 32.51 -21.90 -39.07
N LYS A 785 32.52 -23.15 -38.58
CA LYS A 785 33.06 -23.49 -37.26
C LYS A 785 34.57 -23.36 -37.29
N GLY A 786 35.20 -23.77 -38.40
CA GLY A 786 36.62 -23.65 -38.59
C GLY A 786 37.01 -22.19 -38.79
N LEU A 787 36.18 -21.42 -39.50
CA LEU A 787 36.42 -20.00 -39.72
C LEU A 787 36.27 -19.22 -38.44
N ALA A 788 35.28 -19.58 -37.60
CA ALA A 788 35.10 -18.91 -36.32
C ALA A 788 36.13 -19.35 -35.31
N LYS A 789 36.73 -20.53 -35.44
CA LYS A 789 37.78 -20.92 -34.51
C LYS A 789 39.11 -20.28 -34.87
N THR A 790 39.38 -20.12 -36.18
CA THR A 790 40.58 -19.43 -36.64
C THR A 790 40.46 -17.96 -36.31
N TRP A 791 39.24 -17.37 -36.49
CA TRP A 791 39.00 -15.97 -36.17
C TRP A 791 39.08 -15.70 -34.68
N LYS A 792 38.64 -16.66 -33.84
CA LYS A 792 38.71 -16.58 -32.38
C LYS A 792 40.15 -16.56 -31.91
N GLY A 793 40.91 -17.62 -32.23
CA GLY A 793 42.31 -17.72 -31.85
C GLY A 793 43.24 -16.71 -32.49
N ASN A 794 43.40 -16.71 -33.83
CA ASN A 794 44.25 -15.76 -34.50
C ASN A 794 43.85 -14.29 -34.41
N LEU A 795 42.57 -13.94 -34.67
CA LEU A 795 42.20 -12.54 -34.62
C LEU A 795 42.04 -12.01 -33.19
N SER A 796 41.95 -12.88 -32.15
CA SER A 796 41.87 -12.32 -30.82
C SER A 796 43.26 -12.32 -30.20
N LYS A 797 44.21 -13.08 -30.77
CA LYS A 797 45.58 -13.02 -30.28
C LYS A 797 46.46 -12.08 -31.08
N ILE A 798 46.07 -11.75 -32.32
CA ILE A 798 46.84 -10.84 -33.14
C ILE A 798 46.64 -9.40 -32.69
N ASP A 799 45.46 -9.08 -32.15
CA ASP A 799 45.16 -7.75 -31.63
C ASP A 799 44.71 -7.88 -30.18
N PRO A 800 45.63 -8.11 -29.24
CA PRO A 800 45.24 -8.27 -27.84
C PRO A 800 45.13 -6.97 -27.04
N SER A 801 45.19 -5.82 -27.69
CA SER A 801 45.09 -4.53 -27.03
C SER A 801 43.66 -4.02 -27.15
N ASP A 802 43.18 -3.37 -26.09
CA ASP A 802 41.82 -2.83 -26.13
C ASP A 802 41.85 -1.40 -26.63
N LYS A 803 43.04 -0.85 -26.87
CA LYS A 803 43.17 0.49 -27.42
C LYS A 803 43.03 0.49 -28.94
N HIS A 804 43.16 -0.68 -29.56
CA HIS A 804 43.04 -0.84 -31.00
C HIS A 804 41.58 -1.12 -31.36
N ALA A 805 41.25 -0.93 -32.64
CA ALA A 805 39.90 -1.17 -33.14
C ALA A 805 39.70 -2.67 -33.32
N ARG A 806 39.32 -3.33 -32.23
CA ARG A 806 39.06 -4.76 -32.24
C ARG A 806 37.57 -4.97 -32.36
N ASP A 807 36.78 -3.91 -32.28
CA ASP A 807 35.32 -3.97 -32.37
C ASP A 807 34.81 -3.92 -33.81
N GLU A 808 35.69 -3.96 -34.80
CA GLU A 808 35.31 -4.00 -36.20
C GLU A 808 35.34 -5.48 -36.53
N ALA A 809 36.01 -6.28 -35.69
CA ALA A 809 36.10 -7.72 -35.83
C ALA A 809 35.14 -8.45 -34.93
N LYS A 810 34.46 -7.75 -34.02
CA LYS A 810 33.48 -8.39 -33.14
C LYS A 810 32.21 -8.74 -33.88
N LYS A 811 31.88 -7.98 -34.92
CA LYS A 811 30.71 -8.25 -35.73
C LYS A 811 30.94 -9.45 -36.63
N MET A 812 32.18 -9.71 -37.05
CA MET A 812 32.44 -10.87 -37.87
C MET A 812 32.61 -12.13 -37.04
N ILE A 813 33.01 -11.99 -35.76
CA ILE A 813 33.15 -13.16 -34.90
C ILE A 813 31.74 -13.59 -34.49
N VAL A 814 30.80 -12.62 -34.29
CA VAL A 814 29.46 -13.03 -33.91
C VAL A 814 28.68 -13.40 -35.17
N LEU A 815 29.15 -12.95 -36.35
CA LEU A 815 28.54 -13.34 -37.62
C LEU A 815 28.86 -14.79 -37.97
N TYR A 816 30.08 -15.24 -37.66
CA TYR A 816 30.44 -16.61 -37.97
C TYR A 816 29.86 -17.55 -36.91
N ASP A 817 29.71 -17.08 -35.65
CA ASP A 817 29.07 -17.88 -34.61
C ASP A 817 27.56 -18.02 -34.88
N SER A 818 26.95 -16.97 -35.44
CA SER A 818 25.54 -17.04 -35.77
C SER A 818 25.27 -17.83 -37.03
N LEU A 819 26.22 -17.82 -38.00
CA LEU A 819 26.07 -18.61 -39.22
C LEU A 819 26.18 -20.11 -38.94
N GLN A 820 27.10 -20.49 -38.04
CA GLN A 820 27.21 -21.92 -37.70
C GLN A 820 26.04 -22.35 -36.81
N LEU A 821 25.48 -21.42 -36.00
CA LEU A 821 24.30 -21.73 -35.18
C LEU A 821 23.05 -21.91 -36.06
N ALA A 822 22.96 -21.09 -37.13
CA ALA A 822 21.87 -21.17 -38.09
C ALA A 822 21.92 -22.47 -38.89
N HIS A 823 23.12 -22.90 -39.28
CA HIS A 823 23.25 -24.16 -40.02
C HIS A 823 23.00 -25.39 -39.14
N LYS A 824 23.31 -25.31 -37.83
CA LYS A 824 23.04 -26.42 -36.92
C LYS A 824 21.54 -26.53 -36.63
N VAL A 825 20.83 -25.40 -36.56
CA VAL A 825 19.39 -25.49 -36.31
C VAL A 825 18.66 -25.84 -37.62
N ILE A 826 19.30 -25.61 -38.79
CA ILE A 826 18.72 -26.01 -40.07
C ILE A 826 18.82 -27.55 -40.22
N LEU A 827 19.91 -28.15 -39.72
CA LEU A 827 20.07 -29.63 -39.73
C LEU A 827 19.06 -30.33 -38.79
N ASN A 828 18.85 -29.74 -37.59
CA ASN A 828 17.84 -30.27 -36.66
C ASN A 828 16.43 -30.03 -37.20
N SER A 829 16.25 -28.97 -37.99
CA SER A 829 14.95 -28.71 -38.57
C SER A 829 14.72 -29.50 -39.84
N PHE A 830 15.79 -30.05 -40.47
CA PHE A 830 15.68 -30.94 -41.64
C PHE A 830 15.03 -32.22 -41.17
N TYR A 831 15.49 -32.68 -39.99
CA TYR A 831 14.88 -33.88 -39.39
C TYR A 831 13.44 -33.58 -38.94
N GLY A 832 13.19 -32.37 -38.42
CA GLY A 832 11.82 -32.02 -38.04
C GLY A 832 10.88 -31.76 -39.21
N TYR A 833 11.41 -31.33 -40.36
CA TYR A 833 10.65 -31.04 -41.56
C TYR A 833 10.34 -32.26 -42.41
N VAL A 834 11.07 -33.36 -42.22
CA VAL A 834 10.80 -34.55 -43.04
C VAL A 834 9.49 -35.27 -42.67
N MET A 835 8.90 -34.99 -41.51
CA MET A 835 7.64 -35.61 -41.08
C MET A 835 6.58 -34.57 -40.70
N ARG A 836 6.43 -33.51 -41.49
CA ARG A 836 5.45 -32.47 -41.21
C ARG A 836 4.37 -32.47 -42.29
N LYS A 837 3.12 -32.26 -41.86
CA LYS A 837 1.98 -32.27 -42.78
C LYS A 837 1.96 -31.10 -43.75
N GLY A 838 1.61 -31.38 -45.01
CA GLY A 838 1.57 -30.35 -46.03
C GLY A 838 2.96 -29.99 -46.50
N SER A 839 3.78 -31.00 -46.76
CA SER A 839 5.15 -30.81 -47.22
C SER A 839 5.26 -31.28 -48.67
N ARG A 840 6.08 -30.55 -49.44
CA ARG A 840 6.29 -30.87 -50.85
C ARG A 840 7.11 -32.15 -50.98
N TRP A 841 8.11 -32.30 -50.14
CA TRP A 841 8.90 -33.51 -50.09
C TRP A 841 8.44 -34.17 -48.80
N TYR A 842 7.33 -34.87 -48.87
CA TYR A 842 6.79 -35.54 -47.71
C TYR A 842 6.83 -37.05 -47.87
N SER A 843 7.27 -37.70 -46.81
CA SER A 843 7.28 -39.16 -46.73
C SER A 843 7.35 -39.54 -45.27
N MET A 844 6.53 -40.52 -44.90
CA MET A 844 6.53 -41.05 -43.55
C MET A 844 7.64 -42.07 -43.54
N GLU A 845 7.94 -42.61 -44.72
CA GLU A 845 8.99 -43.60 -44.92
C GLU A 845 10.39 -43.06 -44.67
N MET A 846 10.69 -41.85 -45.16
CA MET A 846 12.00 -41.25 -44.98
C MET A 846 12.29 -40.86 -43.53
N ALA A 847 11.24 -40.56 -42.76
CA ALA A 847 11.43 -40.22 -41.36
C ALA A 847 11.33 -41.45 -40.47
N GLY A 848 10.65 -42.50 -40.92
CA GLY A 848 10.53 -43.70 -40.13
C GLY A 848 11.73 -44.62 -40.23
N ILE A 849 12.55 -44.43 -41.26
CA ILE A 849 13.74 -45.25 -41.44
C ILE A 849 14.76 -44.71 -40.44
N THR A 850 14.93 -43.36 -40.42
CA THR A 850 15.87 -42.64 -39.57
C THR A 850 15.80 -42.89 -38.07
N CYS A 851 14.59 -42.89 -37.52
CA CYS A 851 14.44 -43.11 -36.09
C CYS A 851 14.61 -44.58 -35.73
N LEU A 852 14.40 -45.51 -36.66
CA LEU A 852 14.56 -46.91 -36.30
C LEU A 852 16.00 -47.32 -36.53
N THR A 853 16.68 -46.71 -37.52
CA THR A 853 18.10 -47.01 -37.73
C THR A 853 18.89 -46.31 -36.62
N GLY A 854 18.39 -45.18 -36.09
CA GLY A 854 19.05 -44.54 -34.97
C GLY A 854 18.74 -45.27 -33.68
N ALA A 855 17.57 -45.93 -33.60
CA ALA A 855 17.24 -46.73 -32.43
C ALA A 855 18.08 -48.00 -32.39
N THR A 856 18.40 -48.57 -33.58
CA THR A 856 19.28 -49.74 -33.63
C THR A 856 20.72 -49.35 -33.29
N ILE A 857 21.13 -48.12 -33.67
CA ILE A 857 22.46 -47.58 -33.37
C ILE A 857 22.58 -47.38 -31.85
N ILE A 858 21.56 -46.77 -31.25
CA ILE A 858 21.58 -46.56 -29.81
C ILE A 858 21.32 -47.86 -29.03
N GLN A 859 20.66 -48.87 -29.62
CA GLN A 859 20.46 -50.12 -28.91
C GLN A 859 21.73 -50.97 -28.94
N MET A 860 22.53 -50.84 -30.02
CA MET A 860 23.82 -51.55 -30.12
C MET A 860 24.79 -50.88 -29.14
N ALA A 861 24.68 -49.54 -29.02
CA ALA A 861 25.49 -48.78 -28.07
C ALA A 861 25.10 -49.10 -26.62
N ARG A 862 23.79 -49.29 -26.39
CA ARG A 862 23.24 -49.66 -25.09
C ARG A 862 23.67 -51.06 -24.68
N ALA A 863 23.67 -52.01 -25.63
CA ALA A 863 24.11 -53.38 -25.35
C ALA A 863 25.62 -53.47 -25.12
N LEU A 864 26.41 -52.63 -25.81
CA LEU A 864 27.86 -52.63 -25.62
C LEU A 864 28.17 -51.96 -24.29
N VAL A 865 27.35 -50.99 -23.89
CA VAL A 865 27.48 -50.30 -22.61
C VAL A 865 27.06 -51.28 -21.50
N GLU A 866 26.00 -52.07 -21.76
CA GLU A 866 25.47 -53.08 -20.84
C GLU A 866 26.43 -54.22 -20.56
N ARG A 867 27.34 -54.50 -21.49
CA ARG A 867 28.29 -55.57 -21.26
C ARG A 867 29.61 -55.04 -20.68
N VAL A 868 29.73 -53.72 -20.47
CA VAL A 868 30.97 -53.17 -19.91
C VAL A 868 30.64 -52.21 -18.76
N GLY A 869 29.36 -52.00 -18.48
CA GLY A 869 29.01 -51.13 -17.37
C GLY A 869 27.53 -51.04 -17.05
N ARG A 870 27.07 -49.89 -16.59
CA ARG A 870 25.66 -49.69 -16.23
C ARG A 870 24.99 -48.51 -16.90
N PRO A 871 24.03 -48.74 -17.81
CA PRO A 871 23.33 -47.60 -18.43
C PRO A 871 22.25 -47.10 -17.48
N LEU A 872 22.10 -45.79 -17.40
CA LEU A 872 21.12 -45.20 -16.50
C LEU A 872 19.96 -44.56 -17.25
N GLU A 873 20.23 -43.88 -18.35
CA GLU A 873 19.18 -43.22 -19.10
C GLU A 873 19.48 -43.29 -20.59
N LEU A 874 18.43 -43.55 -21.38
CA LEU A 874 18.55 -43.64 -22.83
C LEU A 874 17.60 -42.66 -23.47
N ASP A 875 18.13 -41.83 -24.37
CA ASP A 875 17.34 -40.85 -25.08
C ASP A 875 17.71 -40.87 -26.56
N THR A 876 17.17 -39.91 -27.31
CA THR A 876 17.36 -39.77 -28.76
C THR A 876 18.78 -39.60 -29.28
N ASP A 877 19.64 -38.88 -28.56
CA ASP A 877 21.00 -38.66 -29.06
C ASP A 877 22.11 -39.52 -28.45
N GLY A 878 21.96 -39.96 -27.22
CA GLY A 878 23.00 -40.77 -26.60
C GLY A 878 22.53 -41.70 -25.50
N ILE A 879 23.45 -42.05 -24.62
CA ILE A 879 23.18 -42.95 -23.48
C ILE A 879 23.89 -42.38 -22.24
N TRP A 880 23.17 -42.32 -21.13
CA TRP A 880 23.75 -41.84 -19.88
C TRP A 880 24.26 -43.06 -19.13
N CYS A 881 25.57 -43.20 -19.06
CA CYS A 881 26.21 -44.37 -18.47
C CYS A 881 27.33 -44.10 -17.47
N ILE A 882 27.62 -45.10 -16.65
CA ILE A 882 28.69 -45.06 -15.67
C ILE A 882 29.68 -46.20 -15.98
N LEU A 883 30.93 -45.83 -16.16
CA LEU A 883 32.00 -46.77 -16.47
C LEU A 883 32.99 -46.70 -15.31
N PRO A 884 33.79 -47.76 -15.07
CA PRO A 884 34.74 -47.75 -13.96
C PRO A 884 35.91 -46.78 -14.15
N LYS A 885 36.54 -46.45 -13.03
CA LYS A 885 37.66 -45.51 -13.00
C LYS A 885 38.93 -46.13 -13.57
N SER A 886 39.03 -47.46 -13.59
CA SER A 886 40.22 -48.09 -14.14
C SER A 886 40.07 -48.36 -15.64
N PHE A 887 38.99 -47.90 -16.25
CA PHE A 887 38.80 -48.03 -17.68
C PHE A 887 39.61 -46.93 -18.35
N PRO A 888 40.22 -47.19 -19.52
CA PRO A 888 41.02 -46.16 -20.19
C PRO A 888 40.17 -45.06 -20.81
N GLU A 889 40.56 -43.80 -20.55
CA GLU A 889 39.78 -42.67 -21.06
C GLU A 889 40.34 -41.75 -22.14
N THR A 890 41.52 -41.16 -21.96
CA THR A 890 42.06 -40.22 -22.95
C THR A 890 43.57 -40.34 -23.10
N TYR A 891 44.02 -40.57 -24.33
CA TYR A 891 45.44 -40.67 -24.65
C TYR A 891 45.74 -39.74 -25.81
N PHE A 892 47.02 -39.45 -26.01
CA PHE A 892 47.41 -38.53 -27.08
C PHE A 892 48.47 -39.06 -28.03
N PHE A 893 48.08 -39.21 -29.30
CA PHE A 893 48.99 -39.70 -30.32
C PHE A 893 49.91 -38.59 -30.82
N THR A 894 51.20 -38.82 -30.66
CA THR A 894 52.24 -37.89 -31.07
C THR A 894 52.68 -38.15 -32.50
N LEU A 895 52.71 -37.10 -33.30
CA LEU A 895 53.12 -37.17 -34.69
C LEU A 895 54.57 -36.74 -34.84
N GLU A 896 55.07 -36.80 -36.08
CA GLU A 896 56.44 -36.37 -36.35
C GLU A 896 56.53 -34.85 -36.34
N ASN A 897 55.43 -34.16 -36.63
CA ASN A 897 55.40 -32.69 -36.64
C ASN A 897 55.25 -32.10 -35.24
N GLY A 898 54.93 -32.92 -34.23
CA GLY A 898 54.77 -32.44 -32.88
C GLY A 898 53.36 -32.20 -32.41
N LYS A 899 52.36 -32.82 -33.04
CA LYS A 899 50.98 -32.62 -32.64
C LYS A 899 50.40 -33.81 -31.87
N LYS A 900 49.91 -33.53 -30.66
CA LYS A 900 49.31 -34.56 -29.82
C LYS A 900 47.83 -34.67 -30.21
N LEU A 901 47.48 -35.72 -30.96
CA LEU A 901 46.11 -35.90 -31.43
C LEU A 901 45.18 -36.43 -30.35
N TYR A 902 43.98 -35.84 -30.29
CA TYR A 902 42.98 -36.20 -29.30
C TYR A 902 42.33 -37.55 -29.57
N LEU A 903 42.40 -38.44 -28.57
CA LEU A 903 41.84 -39.78 -28.65
C LEU A 903 41.06 -40.12 -27.40
N SER A 904 39.80 -40.52 -27.57
CA SER A 904 38.95 -40.97 -26.49
C SER A 904 38.61 -42.41 -26.82
N TYR A 905 38.88 -43.30 -25.88
CA TYR A 905 38.64 -44.73 -26.13
C TYR A 905 37.19 -45.24 -26.31
N PRO A 906 36.17 -44.84 -25.51
CA PRO A 906 34.82 -45.36 -25.82
C PRO A 906 34.16 -44.64 -26.99
N CYS A 907 34.65 -43.45 -27.34
CA CYS A 907 34.11 -42.72 -28.47
C CYS A 907 34.67 -43.34 -29.74
N SER A 908 35.94 -43.77 -29.71
CA SER A 908 36.51 -44.39 -30.89
C SER A 908 36.05 -45.83 -31.03
N MET A 909 35.72 -46.50 -29.91
CA MET A 909 35.21 -47.87 -30.03
C MET A 909 33.75 -47.85 -30.47
N LEU A 910 33.01 -46.76 -30.20
CA LEU A 910 31.64 -46.74 -30.69
C LEU A 910 31.62 -46.26 -32.13
N ASN A 911 32.61 -45.46 -32.55
CA ASN A 911 32.72 -45.06 -33.95
C ASN A 911 33.15 -46.24 -34.80
N TYR A 912 33.96 -47.13 -34.21
CA TYR A 912 34.42 -48.34 -34.89
C TYR A 912 33.26 -49.33 -35.05
N ARG A 913 32.43 -49.48 -34.01
CA ARG A 913 31.28 -50.38 -34.12
C ARG A 913 30.16 -49.86 -35.04
N VAL A 914 29.96 -48.53 -35.12
CA VAL A 914 28.95 -48.03 -36.05
C VAL A 914 29.48 -48.10 -37.49
N HIS A 915 30.82 -48.03 -37.68
CA HIS A 915 31.34 -48.15 -39.04
C HIS A 915 31.32 -49.62 -39.48
N GLN A 916 31.39 -50.56 -38.53
CA GLN A 916 31.25 -51.95 -38.94
C GLN A 916 29.81 -52.37 -39.21
N LYS A 917 28.85 -51.74 -38.55
CA LYS A 917 27.48 -52.18 -38.76
C LYS A 917 26.57 -51.29 -39.58
N PHE A 918 26.93 -50.02 -39.81
CA PHE A 918 26.04 -49.11 -40.54
C PHE A 918 26.72 -48.34 -41.66
N THR A 919 27.62 -48.96 -42.41
CA THR A 919 28.30 -48.29 -43.50
C THR A 919 27.63 -48.63 -44.83
N ASN A 920 27.22 -47.60 -45.57
CA ASN A 920 26.58 -47.80 -46.87
C ASN A 920 27.62 -47.94 -47.98
N HIS A 921 27.87 -49.17 -48.40
CA HIS A 921 28.83 -49.45 -49.45
C HIS A 921 28.22 -49.27 -50.84
N GLN A 922 26.89 -49.11 -50.92
CA GLN A 922 26.18 -48.93 -52.18
C GLN A 922 25.93 -47.45 -52.44
N TYR A 923 26.79 -46.56 -51.92
CA TYR A 923 26.61 -45.12 -52.11
C TYR A 923 27.02 -44.69 -53.51
N GLN A 924 26.10 -44.78 -54.45
CA GLN A 924 26.36 -44.39 -55.83
C GLN A 924 26.16 -42.90 -56.04
N GLU A 925 26.96 -42.33 -56.93
CA GLU A 925 26.86 -40.92 -57.28
C GLU A 925 27.25 -40.66 -58.72
N LEU A 926 26.98 -39.45 -59.19
CA LEU A 926 27.27 -39.07 -60.58
C LEU A 926 28.75 -38.91 -60.91
N LYS A 927 29.33 -39.94 -61.52
CA LYS A 927 30.72 -39.86 -61.93
C LYS A 927 30.84 -39.28 -63.33
N ASP A 928 29.81 -39.48 -64.16
CA ASP A 928 29.74 -38.99 -65.52
C ASP A 928 28.30 -38.60 -65.84
N PRO A 929 28.02 -37.31 -66.10
CA PRO A 929 26.63 -36.92 -66.40
C PRO A 929 26.20 -37.22 -67.83
N LEU A 930 27.15 -37.23 -68.76
CA LEU A 930 26.81 -37.47 -70.16
C LEU A 930 26.69 -38.95 -70.50
N ASN A 931 27.54 -39.80 -69.93
CA ASN A 931 27.54 -41.22 -70.23
C ASN A 931 26.87 -42.08 -69.17
N TYR A 932 26.23 -41.43 -68.18
CA TYR A 932 25.51 -42.05 -67.04
C TYR A 932 26.29 -43.07 -66.20
N ILE A 933 27.60 -42.89 -66.10
CA ILE A 933 28.44 -43.80 -65.32
C ILE A 933 28.31 -43.41 -63.86
N TYR A 934 27.87 -44.36 -63.03
CA TYR A 934 27.70 -44.14 -61.61
C TYR A 934 28.82 -44.83 -60.85
N GLU A 935 29.34 -44.15 -59.83
CA GLU A 935 30.42 -44.69 -59.02
C GLU A 935 30.00 -44.91 -57.58
N THR A 936 30.14 -46.13 -57.11
CA THR A 936 29.79 -46.50 -55.73
C THR A 936 31.06 -46.63 -54.91
N HIS A 937 30.94 -46.35 -53.62
CA HIS A 937 32.04 -46.41 -52.68
C HIS A 937 31.52 -46.57 -51.26
N SER A 938 32.43 -46.50 -50.30
CA SER A 938 32.07 -46.60 -48.90
C SER A 938 31.91 -45.21 -48.33
N GLU A 939 30.86 -45.03 -47.52
CA GLU A 939 30.58 -43.71 -46.96
C GLU A 939 29.89 -43.81 -45.61
N ASN A 940 30.51 -43.24 -44.58
CA ASN A 940 29.94 -43.24 -43.24
C ASN A 940 30.40 -42.01 -42.47
N THR A 941 29.48 -41.09 -42.24
CA THR A 941 29.77 -39.85 -41.53
C THR A 941 29.13 -39.80 -40.15
N ILE A 942 28.64 -40.93 -39.65
CA ILE A 942 28.02 -41.01 -38.34
C ILE A 942 29.12 -41.09 -37.29
N PHE A 943 29.32 -40.01 -36.54
CA PHE A 943 30.37 -39.95 -35.52
C PHE A 943 29.88 -39.60 -34.12
N PHE A 944 30.35 -40.37 -33.14
CA PHE A 944 30.04 -40.20 -31.74
C PHE A 944 31.08 -39.29 -31.07
N GLU A 945 30.70 -38.71 -29.92
CA GLU A 945 31.61 -37.86 -29.13
C GLU A 945 31.27 -37.82 -27.63
N VAL A 946 32.20 -38.31 -26.80
CA VAL A 946 31.96 -38.28 -25.35
C VAL A 946 32.70 -37.05 -24.84
N ASP A 947 31.99 -36.22 -24.06
CA ASP A 947 32.67 -35.02 -23.57
C ASP A 947 33.10 -34.95 -22.11
N GLY A 948 34.06 -35.78 -21.73
CA GLY A 948 34.69 -35.71 -20.44
C GLY A 948 33.99 -36.38 -19.26
N PRO A 949 34.66 -36.38 -18.08
CA PRO A 949 34.18 -37.05 -16.86
C PRO A 949 33.19 -36.14 -16.12
N TYR A 950 32.09 -36.63 -15.56
CA TYR A 950 31.22 -35.72 -14.83
C TYR A 950 31.34 -36.03 -13.35
N LYS A 951 30.97 -35.07 -12.49
CA LYS A 951 31.08 -35.27 -11.05
C LYS A 951 30.04 -36.22 -10.45
N ALA A 952 28.76 -35.86 -10.55
CA ALA A 952 27.68 -36.68 -10.02
C ALA A 952 26.45 -36.59 -10.90
N MET A 953 25.62 -37.62 -10.80
CA MET A 953 24.37 -37.69 -11.54
C MET A 953 23.29 -38.29 -10.65
N ILE A 954 22.15 -37.62 -10.57
CA ILE A 954 21.03 -38.05 -9.73
C ILE A 954 19.79 -38.15 -10.62
N LEU A 955 19.17 -39.32 -10.65
CA LEU A 955 17.96 -39.55 -11.43
C LEU A 955 16.81 -39.97 -10.52
N PRO A 956 15.59 -39.44 -10.74
CA PRO A 956 14.45 -39.88 -9.94
C PRO A 956 13.66 -40.97 -10.63
N SER A 957 12.77 -41.66 -9.92
CA SER A 957 11.92 -42.67 -10.54
C SER A 957 10.50 -42.63 -10.00
N SER A 958 9.63 -43.44 -10.59
CA SER A 958 8.19 -43.46 -10.31
C SER A 958 7.64 -43.94 -8.98
N LYS A 959 6.32 -43.79 -8.83
CA LYS A 959 5.53 -44.24 -7.71
C LYS A 959 4.68 -45.44 -8.08
N GLU A 960 4.92 -46.03 -9.26
CA GLU A 960 4.24 -47.20 -9.74
C GLU A 960 5.28 -48.28 -10.03
N GLU A 961 4.99 -49.51 -9.61
CA GLU A 961 5.93 -50.62 -9.79
C GLU A 961 6.01 -51.07 -11.23
N GLY A 962 7.23 -51.24 -11.72
CA GLY A 962 7.49 -51.68 -13.08
C GLY A 962 8.40 -50.76 -13.88
N LYS A 963 8.37 -49.45 -13.65
CA LYS A 963 9.19 -48.51 -14.39
C LYS A 963 9.50 -47.29 -13.53
N GLY A 964 10.08 -46.28 -14.17
CA GLY A 964 10.44 -45.03 -13.52
C GLY A 964 9.85 -43.81 -14.22
N ILE A 965 10.35 -42.61 -13.88
CA ILE A 965 9.88 -41.37 -14.50
C ILE A 965 10.79 -41.14 -15.71
N LYS A 966 10.18 -40.96 -16.88
CA LYS A 966 10.90 -40.77 -18.13
C LYS A 966 11.44 -39.35 -18.33
N LYS A 967 12.61 -39.28 -18.97
CA LYS A 967 13.35 -38.05 -19.33
C LYS A 967 13.68 -37.04 -18.23
N ARG A 968 13.92 -37.53 -17.01
CA ARG A 968 14.27 -36.65 -15.90
C ARG A 968 15.59 -37.04 -15.27
N TYR A 969 16.53 -36.09 -15.23
CA TYR A 969 17.86 -36.28 -14.66
C TYR A 969 18.49 -34.95 -14.26
N ALA A 970 19.66 -35.03 -13.63
CA ALA A 970 20.40 -33.86 -13.17
C ALA A 970 21.89 -34.13 -13.28
N VAL A 971 22.58 -33.39 -14.15
CA VAL A 971 24.01 -33.54 -14.34
C VAL A 971 24.68 -32.16 -14.25
N PHE A 972 25.89 -32.12 -13.71
CA PHE A 972 26.64 -30.88 -13.56
C PHE A 972 28.12 -31.07 -13.85
N ASN A 973 28.81 -29.95 -14.12
CA ASN A 973 30.24 -29.96 -14.41
C ASN A 973 31.08 -30.28 -13.17
N GLU A 974 32.36 -30.62 -13.41
CA GLU A 974 33.28 -30.98 -12.34
C GLU A 974 33.73 -29.82 -11.44
N ASP A 975 33.50 -28.57 -11.84
CA ASP A 975 33.88 -27.42 -11.04
C ASP A 975 32.72 -26.93 -10.18
N GLY A 976 31.66 -27.72 -10.04
CA GLY A 976 30.53 -27.35 -9.22
C GLY A 976 29.42 -26.60 -9.90
N SER A 977 29.58 -26.19 -11.15
CA SER A 977 28.50 -25.45 -11.80
C SER A 977 27.61 -26.42 -12.59
N LEU A 978 26.35 -26.02 -12.79
CA LEU A 978 25.36 -26.83 -13.46
C LEU A 978 25.56 -26.91 -14.97
N ALA A 979 25.71 -28.14 -15.49
CA ALA A 979 25.92 -28.32 -16.92
C ALA A 979 24.60 -28.43 -17.67
N GLU A 980 23.77 -29.41 -17.31
CA GLU A 980 22.51 -29.62 -18.00
C GLU A 980 21.44 -30.16 -17.07
N LEU A 981 20.23 -29.61 -17.16
CA LEU A 981 19.10 -30.05 -16.36
C LEU A 981 17.89 -30.27 -17.26
N LYS A 982 17.53 -31.54 -17.46
CA LYS A 982 16.42 -31.92 -18.31
C LYS A 982 15.41 -32.68 -17.48
N GLY A 983 14.13 -32.32 -17.64
CA GLY A 983 13.04 -32.91 -16.92
C GLY A 983 12.69 -32.18 -15.65
N PHE A 984 13.68 -31.90 -14.79
CA PHE A 984 13.43 -31.13 -13.59
C PHE A 984 13.46 -29.66 -13.97
N GLU A 985 12.42 -28.94 -13.57
CA GLU A 985 12.32 -27.53 -13.93
C GLU A 985 13.27 -26.66 -13.09
N LEU A 986 13.08 -26.68 -11.76
CA LEU A 986 13.73 -25.99 -10.62
C LEU A 986 13.46 -24.48 -10.55
N LYS A 987 12.77 -23.93 -11.55
CA LYS A 987 12.31 -22.55 -11.59
C LYS A 987 10.90 -22.58 -12.17
N ARG A 988 10.10 -23.54 -11.71
CA ARG A 988 8.74 -23.71 -12.21
C ARG A 988 7.81 -22.60 -11.72
N ARG A 989 7.16 -21.94 -12.68
CA ARG A 989 6.24 -20.85 -12.42
C ARG A 989 4.83 -21.35 -12.74
N GLY A 990 4.11 -21.75 -11.71
CA GLY A 990 2.76 -22.25 -11.89
C GLY A 990 2.49 -23.54 -11.15
N GLU A 991 3.52 -24.38 -10.97
CA GLU A 991 3.35 -25.63 -10.23
C GLU A 991 3.24 -25.34 -8.74
N LEU A 992 4.33 -24.82 -8.16
CA LEU A 992 4.49 -24.42 -6.77
C LEU A 992 5.81 -23.67 -6.61
N GLN A 993 5.83 -22.63 -5.77
CA GLN A 993 7.05 -21.87 -5.53
C GLN A 993 7.95 -22.68 -4.60
N LEU A 994 7.31 -23.39 -3.65
CA LEU A 994 7.98 -24.23 -2.66
C LEU A 994 8.74 -25.39 -3.29
N ILE A 995 8.16 -26.01 -4.32
CA ILE A 995 8.74 -27.14 -5.06
C ILE A 995 10.00 -26.71 -5.82
N LYS A 996 9.98 -25.50 -6.41
CA LYS A 996 11.12 -24.96 -7.14
C LYS A 996 12.29 -24.62 -6.22
N ASN A 997 12.01 -23.96 -5.06
CA ASN A 997 13.12 -23.65 -4.14
C ASN A 997 13.59 -24.90 -3.39
N PHE A 998 12.70 -25.91 -3.29
CA PHE A 998 13.03 -27.16 -2.63
C PHE A 998 13.94 -28.00 -3.51
N GLN A 999 13.72 -27.95 -4.83
CA GLN A 999 14.57 -28.65 -5.79
C GLN A 999 15.95 -27.99 -5.85
N SER A 1000 15.98 -26.64 -5.73
CA SER A 1000 17.25 -25.91 -5.70
C SER A 1000 18.12 -26.20 -4.47
N ASP A 1001 17.53 -26.20 -3.26
CA ASP A 1001 18.42 -26.52 -2.12
C ASP A 1001 18.62 -28.03 -1.93
N ILE A 1002 17.85 -28.90 -2.62
CA ILE A 1002 18.12 -30.33 -2.57
C ILE A 1002 19.31 -30.62 -3.51
N PHE A 1003 19.45 -29.86 -4.60
CA PHE A 1003 20.62 -29.99 -5.48
C PHE A 1003 21.87 -29.44 -4.77
N LYS A 1004 21.65 -28.39 -3.95
CA LYS A 1004 22.72 -27.81 -3.13
C LYS A 1004 23.21 -28.77 -2.06
N VAL A 1005 22.32 -29.52 -1.38
CA VAL A 1005 22.78 -30.53 -0.42
C VAL A 1005 23.31 -31.76 -1.14
N PHE A 1006 22.89 -32.00 -2.41
CA PHE A 1006 23.36 -33.13 -3.20
C PHE A 1006 24.83 -32.99 -3.54
N LEU A 1007 25.34 -31.76 -3.66
CA LEU A 1007 26.77 -31.56 -3.88
C LEU A 1007 27.63 -31.70 -2.59
N GLU A 1008 27.54 -32.84 -1.87
CA GLU A 1008 28.23 -33.12 -0.61
C GLU A 1008 28.28 -34.59 -0.21
N GLY A 1009 29.34 -34.99 0.49
CA GLY A 1009 29.48 -36.34 1.03
C GLY A 1009 30.39 -37.25 0.23
N ASP A 1010 31.03 -38.17 0.96
CA ASP A 1010 31.92 -39.17 0.36
C ASP A 1010 31.35 -40.57 0.59
N THR A 1011 30.18 -40.67 1.22
CA THR A 1011 29.47 -41.92 1.44
C THR A 1011 28.06 -41.75 0.88
N LEU A 1012 27.46 -42.86 0.43
CA LEU A 1012 26.11 -42.81 -0.14
C LEU A 1012 25.06 -42.56 0.93
N GLU A 1013 25.27 -43.13 2.13
CA GLU A 1013 24.37 -42.96 3.25
C GLU A 1013 24.45 -41.53 3.80
N GLY A 1014 25.63 -40.90 3.73
CA GLY A 1014 25.78 -39.53 4.20
C GLY A 1014 25.14 -38.50 3.30
N CYS A 1015 25.23 -38.67 1.96
CA CYS A 1015 24.56 -37.75 1.03
C CYS A 1015 23.05 -37.93 1.11
N TYR A 1016 22.60 -39.19 1.32
CA TYR A 1016 21.17 -39.44 1.47
C TYR A 1016 20.66 -38.91 2.82
N SER A 1017 21.51 -38.92 3.87
CA SER A 1017 21.07 -38.38 5.14
C SER A 1017 21.14 -36.86 5.13
N ALA A 1018 21.98 -36.27 4.25
CA ALA A 1018 22.01 -34.82 4.09
C ALA A 1018 20.76 -34.34 3.36
N VAL A 1019 20.30 -35.13 2.38
CA VAL A 1019 19.06 -34.83 1.68
C VAL A 1019 17.87 -35.05 2.62
N ALA A 1020 17.96 -36.05 3.51
CA ALA A 1020 16.92 -36.28 4.50
C ALA A 1020 16.90 -35.21 5.59
N SER A 1021 18.04 -34.59 5.90
CA SER A 1021 18.05 -33.54 6.91
C SER A 1021 17.50 -32.24 6.33
N VAL A 1022 17.69 -32.01 5.02
CA VAL A 1022 17.08 -30.80 4.46
C VAL A 1022 15.58 -31.05 4.21
N CYS A 1023 15.16 -32.33 4.03
CA CYS A 1023 13.74 -32.58 3.87
C CYS A 1023 13.10 -32.60 5.25
N ASN A 1024 13.88 -32.87 6.30
CA ASN A 1024 13.39 -32.83 7.67
C ASN A 1024 13.22 -31.39 8.11
N ARG A 1025 14.08 -30.48 7.62
CA ARG A 1025 13.96 -29.04 7.90
C ARG A 1025 12.72 -28.47 7.21
N TRP A 1026 12.44 -28.90 5.98
CA TRP A 1026 11.24 -28.44 5.28
C TRP A 1026 10.01 -29.16 5.83
N LEU A 1027 10.15 -30.38 6.36
CA LEU A 1027 9.01 -31.06 6.94
C LEU A 1027 8.75 -30.53 8.34
N ASP A 1028 9.75 -29.95 8.99
CA ASP A 1028 9.56 -29.35 10.30
C ASP A 1028 8.88 -28.00 10.10
N VAL A 1029 9.11 -27.35 8.96
CA VAL A 1029 8.45 -26.06 8.74
C VAL A 1029 7.03 -26.30 8.23
N LEU A 1030 6.75 -27.50 7.69
CA LEU A 1030 5.40 -27.82 7.24
C LEU A 1030 4.67 -28.69 8.29
N ASP A 1031 5.38 -29.18 9.30
CA ASP A 1031 4.80 -30.04 10.32
C ASP A 1031 4.28 -29.24 11.50
N SER A 1032 4.93 -28.11 11.81
CA SER A 1032 4.51 -27.25 12.91
C SER A 1032 3.66 -26.09 12.40
N HIS A 1033 3.06 -26.28 11.21
CA HIS A 1033 2.15 -25.35 10.51
C HIS A 1033 2.67 -23.95 10.25
N GLY A 1034 3.99 -23.78 10.16
CA GLY A 1034 4.59 -22.48 9.92
C GLY A 1034 4.49 -21.55 11.12
N LEU A 1035 4.71 -22.08 12.32
CA LEU A 1035 4.62 -21.27 13.54
C LEU A 1035 5.80 -20.32 13.70
N MET A 1036 6.97 -20.66 13.17
CA MET A 1036 8.13 -19.77 13.27
C MET A 1036 8.07 -18.81 12.09
N LEU A 1037 7.42 -19.21 11.00
CA LEU A 1037 7.28 -18.38 9.83
C LEU A 1037 6.15 -17.38 10.08
N GLU A 1038 6.15 -16.29 9.31
CA GLU A 1038 5.13 -15.26 9.41
C GLU A 1038 3.89 -15.65 8.58
N ASP A 1039 2.97 -14.70 8.39
CA ASP A 1039 1.79 -15.03 7.62
C ASP A 1039 1.90 -14.67 6.13
N GLU A 1040 2.68 -13.63 5.81
CA GLU A 1040 2.86 -13.23 4.42
C GLU A 1040 3.75 -14.21 3.66
N ASP A 1041 4.77 -14.75 4.34
CA ASP A 1041 5.68 -15.70 3.70
C ASP A 1041 4.98 -17.06 3.62
N LEU A 1042 4.03 -17.31 4.52
CA LEU A 1042 3.25 -18.54 4.46
C LEU A 1042 2.24 -18.48 3.33
N VAL A 1043 1.63 -17.31 3.08
CA VAL A 1043 0.66 -17.27 1.98
C VAL A 1043 1.34 -17.13 0.63
N SER A 1044 2.61 -16.72 0.61
CA SER A 1044 3.30 -16.67 -0.67
C SER A 1044 3.94 -18.02 -0.94
N LEU A 1045 4.24 -18.78 0.13
CA LEU A 1045 4.86 -20.09 0.02
C LEU A 1045 3.88 -21.22 -0.32
N ILE A 1046 2.76 -21.31 0.39
CA ILE A 1046 1.78 -22.37 0.25
C ILE A 1046 0.94 -22.28 -1.04
N CYS A 1047 0.52 -21.06 -1.43
CA CYS A 1047 -0.38 -20.85 -2.57
C CYS A 1047 0.11 -21.23 -3.97
N GLU A 1048 -0.87 -21.46 -4.85
CA GLU A 1048 -0.64 -21.94 -6.21
C GLU A 1048 -1.17 -20.99 -7.27
N ASN A 1049 -0.27 -20.41 -8.05
CA ASN A 1049 -0.65 -19.48 -9.10
C ASN A 1049 -1.13 -20.27 -10.31
N ARG A 1050 -2.38 -20.04 -10.71
CA ARG A 1050 -2.97 -20.73 -11.86
C ARG A 1050 -4.01 -19.87 -12.55
N SER A 1051 -3.63 -19.24 -13.65
CA SER A 1051 -4.57 -18.40 -14.38
C SER A 1051 -5.47 -19.21 -15.31
N MET A 1052 -6.47 -18.55 -15.86
CA MET A 1052 -7.43 -19.15 -16.79
C MET A 1052 -7.28 -18.56 -18.18
N SER A 1053 -7.89 -19.24 -19.16
CA SER A 1053 -7.83 -18.75 -20.53
C SER A 1053 -9.16 -18.14 -20.98
N LYS A 1054 -10.25 -18.85 -20.75
CA LYS A 1054 -11.57 -18.37 -21.11
C LYS A 1054 -12.37 -17.90 -19.89
N THR A 1055 -13.63 -17.54 -20.13
CA THR A 1055 -14.49 -17.03 -19.06
C THR A 1055 -15.05 -18.13 -18.15
N LEU A 1056 -15.79 -17.70 -17.13
CA LEU A 1056 -16.39 -18.64 -16.18
C LEU A 1056 -17.65 -19.25 -16.81
N LYS A 1057 -18.36 -18.47 -17.62
CA LYS A 1057 -19.59 -18.94 -18.26
C LYS A 1057 -19.33 -19.96 -19.36
N GLU A 1058 -18.14 -19.94 -19.96
CA GLU A 1058 -17.80 -20.86 -21.02
C GLU A 1058 -17.16 -22.14 -20.49
N TYR A 1059 -17.12 -22.33 -19.18
CA TYR A 1059 -16.56 -23.53 -18.57
C TYR A 1059 -17.65 -24.30 -17.83
N GLU A 1060 -18.85 -24.31 -18.41
CA GLU A 1060 -19.97 -25.02 -17.79
C GLU A 1060 -19.84 -26.52 -18.04
N GLY A 1061 -19.99 -27.31 -16.98
CA GLY A 1061 -19.90 -28.75 -17.07
C GLY A 1061 -18.55 -29.30 -16.67
N GLN A 1062 -17.54 -28.46 -16.50
CA GLN A 1062 -16.21 -28.88 -16.10
C GLN A 1062 -15.99 -28.53 -14.65
N LYS A 1063 -15.26 -29.37 -13.92
CA LYS A 1063 -14.96 -29.13 -12.52
C LYS A 1063 -13.46 -29.24 -12.32
N SER A 1064 -12.87 -28.16 -11.82
CA SER A 1064 -11.44 -28.04 -11.60
C SER A 1064 -11.20 -27.07 -10.46
N THR A 1065 -9.94 -26.89 -10.08
CA THR A 1065 -9.64 -25.94 -9.02
C THR A 1065 -9.64 -24.49 -9.51
N SER A 1066 -9.40 -24.28 -10.81
CA SER A 1066 -9.38 -22.93 -11.35
C SER A 1066 -10.78 -22.43 -11.69
N ILE A 1067 -11.77 -23.32 -11.65
CA ILE A 1067 -13.15 -22.95 -11.94
C ILE A 1067 -13.84 -22.74 -10.59
N THR A 1068 -13.34 -23.40 -9.54
CA THR A 1068 -13.93 -23.25 -8.21
C THR A 1068 -13.54 -21.92 -7.58
N THR A 1069 -12.28 -21.51 -7.78
CA THR A 1069 -11.77 -20.25 -7.24
C THR A 1069 -12.39 -19.09 -8.02
N ALA A 1070 -12.67 -19.31 -9.32
CA ALA A 1070 -13.32 -18.31 -10.15
C ALA A 1070 -14.78 -18.11 -9.75
N ARG A 1071 -15.46 -19.20 -9.37
CA ARG A 1071 -16.85 -19.13 -8.92
C ARG A 1071 -16.90 -18.50 -7.52
N ARG A 1072 -15.86 -18.74 -6.71
CA ARG A 1072 -15.82 -18.14 -5.39
C ARG A 1072 -15.50 -16.65 -5.46
N LEU A 1073 -14.70 -16.23 -6.45
CA LEU A 1073 -14.42 -14.81 -6.65
C LEU A 1073 -15.63 -14.14 -7.30
N GLY A 1074 -16.41 -14.89 -8.08
CA GLY A 1074 -17.60 -14.34 -8.69
C GLY A 1074 -18.75 -14.16 -7.73
N ASP A 1075 -18.86 -15.00 -6.69
CA ASP A 1075 -19.97 -14.75 -5.77
C ASP A 1075 -19.48 -14.08 -4.48
N PHE A 1076 -18.17 -13.82 -4.37
CA PHE A 1076 -17.63 -13.13 -3.20
C PHE A 1076 -17.27 -11.69 -3.57
N LEU A 1077 -16.62 -11.46 -4.70
CA LEU A 1077 -16.26 -10.10 -5.12
C LEU A 1077 -17.14 -9.58 -6.25
N GLY A 1078 -18.35 -10.10 -6.39
CA GLY A 1078 -19.25 -9.63 -7.43
C GLY A 1078 -18.96 -10.25 -8.79
N GLU A 1079 -19.85 -9.99 -9.73
CA GLU A 1079 -19.74 -10.53 -11.08
C GLU A 1079 -18.94 -9.72 -12.09
N ASP A 1080 -18.27 -8.65 -11.65
CA ASP A 1080 -17.53 -7.82 -12.61
C ASP A 1080 -16.20 -8.37 -13.11
N MET A 1081 -15.55 -9.29 -12.37
CA MET A 1081 -14.29 -9.83 -12.86
C MET A 1081 -14.47 -11.17 -13.56
N VAL A 1082 -15.67 -11.73 -13.54
CA VAL A 1082 -15.88 -13.00 -14.20
C VAL A 1082 -16.59 -12.77 -15.52
N LYS A 1083 -16.57 -11.52 -15.98
CA LYS A 1083 -17.15 -11.15 -17.26
C LYS A 1083 -16.14 -11.38 -18.38
N ASP A 1084 -14.98 -10.74 -18.25
CA ASP A 1084 -13.93 -10.86 -19.23
C ASP A 1084 -13.08 -12.11 -18.95
N LYS A 1085 -12.34 -12.54 -19.95
CA LYS A 1085 -11.50 -13.71 -19.80
C LYS A 1085 -10.09 -13.32 -19.38
N GLY A 1086 -9.35 -14.28 -18.83
CA GLY A 1086 -8.00 -14.05 -18.38
C GLY A 1086 -7.86 -13.77 -16.90
N LEU A 1087 -8.71 -14.39 -16.08
CA LEU A 1087 -8.67 -14.21 -14.65
C LEU A 1087 -7.52 -15.01 -14.04
N GLN A 1088 -6.81 -14.40 -13.10
CA GLN A 1088 -5.72 -15.05 -12.40
C GLN A 1088 -6.26 -15.47 -11.04
N CYS A 1089 -6.74 -16.70 -10.95
CA CYS A 1089 -7.30 -17.22 -9.70
C CYS A 1089 -6.29 -17.94 -8.80
N LYS A 1090 -5.60 -17.16 -7.96
CA LYS A 1090 -4.65 -17.74 -7.04
C LYS A 1090 -5.42 -18.38 -5.89
N TYR A 1091 -5.05 -19.61 -5.53
CA TYR A 1091 -5.79 -20.33 -4.51
C TYR A 1091 -4.97 -21.02 -3.44
N ILE A 1092 -5.68 -21.52 -2.44
CA ILE A 1092 -5.14 -22.28 -1.33
C ILE A 1092 -6.14 -23.43 -1.19
N ILE A 1093 -5.79 -24.47 -0.43
CA ILE A 1093 -6.64 -25.65 -0.25
C ILE A 1093 -6.94 -25.89 1.22
N SER A 1094 -8.23 -25.93 1.57
CA SER A 1094 -8.67 -26.16 2.94
C SER A 1094 -8.87 -27.64 3.28
N SER A 1095 -8.95 -27.94 4.58
CA SER A 1095 -9.13 -29.30 5.10
C SER A 1095 -10.53 -29.64 5.58
N LYS A 1096 -11.23 -28.65 6.12
CA LYS A 1096 -12.58 -28.77 6.69
C LYS A 1096 -13.73 -29.22 5.76
N PRO A 1097 -13.59 -29.23 4.38
CA PRO A 1097 -14.60 -30.03 3.66
C PRO A 1097 -14.15 -31.49 3.71
N PHE A 1098 -14.92 -32.26 4.47
CA PHE A 1098 -14.62 -33.67 4.71
C PHE A 1098 -15.13 -34.51 3.57
N ASN A 1099 -14.26 -35.42 3.08
CA ASN A 1099 -14.38 -36.39 1.98
C ASN A 1099 -14.87 -35.77 0.65
N ALA A 1100 -14.47 -34.53 0.40
CA ALA A 1100 -14.82 -33.79 -0.79
C ALA A 1100 -13.60 -33.80 -1.70
N PRO A 1101 -13.75 -33.53 -3.01
CA PRO A 1101 -12.57 -33.49 -3.88
C PRO A 1101 -11.71 -32.24 -3.65
N VAL A 1102 -10.52 -32.27 -4.25
CA VAL A 1102 -9.59 -31.15 -4.11
C VAL A 1102 -9.99 -30.08 -5.12
N THR A 1103 -10.74 -30.47 -6.16
CA THR A 1103 -11.26 -29.56 -7.17
C THR A 1103 -12.40 -28.68 -6.65
N GLU A 1104 -12.99 -29.01 -5.49
CA GLU A 1104 -14.05 -28.22 -4.89
C GLU A 1104 -13.66 -27.74 -3.49
N ARG A 1105 -12.40 -27.93 -3.10
CA ARG A 1105 -11.91 -27.49 -1.80
C ARG A 1105 -11.01 -26.27 -1.94
N ALA A 1106 -11.07 -25.59 -3.08
CA ALA A 1106 -10.24 -24.43 -3.33
C ALA A 1106 -10.82 -23.20 -2.65
N ILE A 1107 -9.94 -22.35 -2.14
CA ILE A 1107 -10.27 -21.10 -1.44
C ILE A 1107 -9.31 -20.03 -1.95
N PRO A 1108 -9.80 -18.85 -2.35
CA PRO A 1108 -8.92 -17.79 -2.83
C PRO A 1108 -8.13 -17.14 -1.71
N VAL A 1109 -7.05 -16.46 -2.10
CA VAL A 1109 -6.15 -15.78 -1.17
C VAL A 1109 -6.80 -14.50 -0.64
N ALA A 1110 -7.77 -13.93 -1.37
CA ALA A 1110 -8.43 -12.68 -1.01
C ALA A 1110 -9.38 -12.77 0.20
N ILE A 1111 -9.65 -13.95 0.76
CA ILE A 1111 -10.53 -14.05 1.93
C ILE A 1111 -9.71 -13.71 3.18
N PHE A 1112 -8.39 -13.79 3.13
CA PHE A 1112 -7.58 -13.49 4.31
C PHE A 1112 -7.10 -12.04 4.33
N SER A 1113 -7.36 -11.31 3.26
CA SER A 1113 -6.98 -9.91 3.15
C SER A 1113 -8.22 -9.03 3.35
N ALA A 1114 -9.41 -9.64 3.40
CA ALA A 1114 -10.66 -8.93 3.60
C ALA A 1114 -10.89 -8.70 5.09
N ASP A 1115 -11.96 -7.97 5.40
CA ASP A 1115 -12.32 -7.65 6.79
C ASP A 1115 -12.85 -8.89 7.52
N ILE A 1116 -12.93 -8.76 8.85
CA ILE A 1116 -13.40 -9.89 9.70
C ILE A 1116 -14.85 -10.38 9.52
N PRO A 1117 -15.91 -9.55 9.50
CA PRO A 1117 -17.24 -10.15 9.26
C PRO A 1117 -17.55 -10.46 7.80
N ILE A 1118 -16.69 -10.03 6.87
CA ILE A 1118 -16.89 -10.30 5.46
C ILE A 1118 -16.30 -11.68 5.25
N LYS A 1119 -15.10 -11.92 5.80
CA LYS A 1119 -14.45 -13.22 5.70
C LYS A 1119 -15.16 -14.26 6.55
N ARG A 1120 -15.73 -13.84 7.68
CA ARG A 1120 -16.47 -14.78 8.52
C ARG A 1120 -17.83 -15.08 7.93
N SER A 1121 -18.41 -14.12 7.19
CA SER A 1121 -19.69 -14.35 6.54
C SER A 1121 -19.55 -15.22 5.30
N PHE A 1122 -18.48 -15.01 4.50
CA PHE A 1122 -18.29 -15.79 3.28
C PHE A 1122 -17.34 -16.97 3.42
N LEU A 1123 -16.74 -17.16 4.60
CA LEU A 1123 -15.88 -18.32 4.79
C LEU A 1123 -16.72 -19.53 5.13
N ARG A 1124 -17.65 -19.36 6.09
CA ARG A 1124 -18.55 -20.43 6.56
C ARG A 1124 -19.50 -21.00 5.50
N ARG A 1125 -19.77 -20.26 4.43
CA ARG A 1125 -20.61 -20.77 3.36
C ARG A 1125 -19.83 -21.70 2.44
N TRP A 1126 -18.49 -21.65 2.48
CA TRP A 1126 -17.60 -22.49 1.70
C TRP A 1126 -16.99 -23.57 2.57
N THR A 1127 -16.71 -23.25 3.84
CA THR A 1127 -16.09 -24.18 4.78
C THR A 1127 -17.14 -25.15 5.32
N LEU A 1128 -18.43 -24.79 5.22
CA LEU A 1128 -19.62 -25.50 5.69
C LEU A 1128 -19.57 -25.84 7.18
N ASP A 1129 -19.09 -24.87 7.98
CA ASP A 1129 -18.97 -25.02 9.42
C ASP A 1129 -19.23 -23.68 10.08
N PRO A 1130 -20.39 -23.50 10.71
CA PRO A 1130 -20.66 -22.22 11.39
C PRO A 1130 -20.22 -22.24 12.85
N SER A 1131 -19.63 -23.37 13.27
CA SER A 1131 -19.15 -23.57 14.62
C SER A 1131 -17.79 -22.96 14.87
N LEU A 1132 -17.07 -22.57 13.81
CA LEU A 1132 -15.72 -22.03 13.95
C LEU A 1132 -15.69 -20.64 14.56
N GLU A 1133 -14.68 -20.39 15.41
CA GLU A 1133 -14.50 -19.11 16.05
C GLU A 1133 -13.16 -18.47 15.73
N ASP A 1134 -12.22 -19.23 15.15
CA ASP A 1134 -10.91 -18.69 14.82
C ASP A 1134 -10.72 -18.53 13.31
N LEU A 1135 -10.00 -17.48 12.93
CA LEU A 1135 -9.72 -17.19 11.54
C LEU A 1135 -8.23 -17.33 11.30
N ASP A 1136 -7.56 -18.14 12.13
CA ASP A 1136 -6.13 -18.38 12.00
C ASP A 1136 -5.96 -19.31 10.82
N ILE A 1137 -5.10 -18.93 9.87
CA ILE A 1137 -4.89 -19.67 8.63
C ILE A 1137 -4.25 -21.06 8.76
N ARG A 1138 -3.67 -21.39 9.92
CA ARG A 1138 -3.08 -22.70 10.11
C ARG A 1138 -4.16 -23.74 10.40
N THR A 1139 -5.34 -23.29 10.85
CA THR A 1139 -6.46 -24.17 11.14
C THR A 1139 -7.34 -24.46 9.93
N ILE A 1140 -7.48 -23.53 9.01
CA ILE A 1140 -8.37 -23.73 7.86
C ILE A 1140 -7.72 -24.57 6.75
N ILE A 1141 -6.54 -24.16 6.27
CA ILE A 1141 -5.85 -24.82 5.17
C ILE A 1141 -5.41 -26.27 5.39
N ASP A 1142 -5.48 -27.06 4.31
CA ASP A 1142 -5.11 -28.47 4.36
C ASP A 1142 -3.61 -28.63 4.43
N TRP A 1143 -3.14 -29.15 5.56
CA TRP A 1143 -1.71 -29.40 5.67
C TRP A 1143 -1.49 -30.76 5.06
N GLY A 1144 -2.52 -31.62 5.04
CA GLY A 1144 -2.35 -32.91 4.45
C GLY A 1144 -2.40 -32.96 2.94
N TYR A 1145 -2.91 -31.95 2.24
CA TYR A 1145 -2.91 -32.01 0.77
C TYR A 1145 -1.57 -31.52 0.28
N TYR A 1146 -1.03 -30.48 0.94
CA TYR A 1146 0.27 -29.95 0.61
C TYR A 1146 1.33 -30.93 1.07
N ARG A 1147 1.03 -31.67 2.16
CA ARG A 1147 1.92 -32.71 2.67
C ARG A 1147 1.94 -33.90 1.71
N GLU A 1148 0.79 -34.28 1.11
CA GLU A 1148 0.82 -35.39 0.16
C GLU A 1148 1.39 -35.01 -1.21
N ARG A 1149 1.32 -33.73 -1.59
CA ARG A 1149 1.92 -33.30 -2.87
C ARG A 1149 3.42 -33.19 -2.69
N LEU A 1150 3.87 -32.76 -1.49
CA LEU A 1150 5.29 -32.72 -1.19
C LEU A 1150 5.75 -34.14 -0.90
N GLY A 1151 4.85 -35.00 -0.38
CA GLY A 1151 5.20 -36.37 -0.12
C GLY A 1151 5.39 -37.18 -1.37
N SER A 1152 4.62 -36.89 -2.43
CA SER A 1152 4.80 -37.62 -3.68
C SER A 1152 6.02 -37.09 -4.40
N ALA A 1153 6.41 -35.82 -4.15
CA ALA A 1153 7.64 -35.33 -4.75
C ALA A 1153 8.87 -35.78 -3.98
N ILE A 1154 8.79 -35.94 -2.65
CA ILE A 1154 9.94 -36.42 -1.90
C ILE A 1154 9.96 -37.93 -2.02
N GLN A 1155 8.80 -38.59 -2.29
CA GLN A 1155 8.71 -40.03 -2.43
C GLN A 1155 9.43 -40.46 -3.67
N LYS A 1156 9.21 -39.67 -4.76
CA LYS A 1156 9.88 -39.93 -6.02
C LYS A 1156 11.37 -39.67 -5.94
N ILE A 1157 11.77 -38.45 -5.57
CA ILE A 1157 13.17 -38.06 -5.60
C ILE A 1157 14.01 -38.52 -4.40
N ILE A 1158 13.43 -39.07 -3.33
CA ILE A 1158 14.25 -39.52 -2.22
C ILE A 1158 14.05 -41.01 -2.01
N THR A 1159 12.81 -41.45 -1.77
CA THR A 1159 12.64 -42.86 -1.46
C THR A 1159 12.57 -43.76 -2.69
N ILE A 1160 12.24 -43.21 -3.89
CA ILE A 1160 12.19 -44.06 -5.08
C ILE A 1160 13.54 -44.60 -5.54
N PRO A 1161 14.64 -43.83 -5.69
CA PRO A 1161 15.89 -44.47 -6.09
C PRO A 1161 16.80 -44.90 -4.94
N ALA A 1162 16.33 -44.95 -3.70
CA ALA A 1162 17.19 -45.32 -2.57
C ALA A 1162 17.08 -46.78 -2.16
N ALA A 1163 15.89 -47.38 -2.25
CA ALA A 1163 15.71 -48.78 -1.87
C ALA A 1163 16.36 -49.73 -2.87
N LEU A 1164 16.50 -49.30 -4.13
CA LEU A 1164 17.14 -50.14 -5.13
C LEU A 1164 18.65 -50.01 -5.01
N GLN A 1165 19.14 -48.91 -4.44
CA GLN A 1165 20.57 -48.71 -4.29
C GLN A 1165 21.15 -49.42 -3.07
N GLY A 1166 20.31 -49.92 -2.18
CA GLY A 1166 20.77 -50.63 -1.00
C GLY A 1166 20.73 -49.86 0.30
N VAL A 1167 20.34 -48.60 0.29
CA VAL A 1167 20.29 -47.87 1.56
C VAL A 1167 18.84 -47.85 2.05
N SER A 1168 18.67 -47.53 3.33
CA SER A 1168 17.36 -47.49 3.98
C SER A 1168 16.50 -46.29 3.59
N ASN A 1169 15.33 -46.17 4.25
CA ASN A 1169 14.41 -45.06 4.07
C ASN A 1169 15.08 -43.89 4.79
N PRO A 1170 15.47 -42.84 4.07
CA PRO A 1170 16.17 -41.72 4.71
C PRO A 1170 15.29 -40.81 5.55
N VAL A 1171 14.06 -40.54 5.13
CA VAL A 1171 13.16 -39.68 5.90
C VAL A 1171 12.20 -40.58 6.66
N PRO A 1172 12.28 -40.62 8.00
CA PRO A 1172 11.36 -41.47 8.78
C PRO A 1172 9.95 -40.92 8.92
N ARG A 1173 9.68 -39.67 8.51
CA ARG A 1173 8.33 -39.13 8.61
C ARG A 1173 7.45 -39.71 7.51
N VAL A 1174 7.96 -39.74 6.28
CA VAL A 1174 7.20 -40.31 5.17
C VAL A 1174 7.57 -41.80 5.18
N GLU A 1175 6.74 -42.61 4.53
CA GLU A 1175 6.98 -44.05 4.46
C GLU A 1175 6.77 -44.57 3.05
N HIS A 1176 7.27 -45.78 2.79
CA HIS A 1176 7.11 -46.37 1.47
C HIS A 1176 6.26 -47.64 1.54
N PRO A 1177 5.33 -47.83 0.60
CA PRO A 1177 4.48 -49.02 0.64
C PRO A 1177 5.09 -50.32 0.14
N ASP A 1178 4.18 -51.31 0.06
CA ASP A 1178 4.43 -52.70 -0.33
C ASP A 1178 5.32 -53.10 -1.50
N TRP A 1179 5.27 -52.35 -2.62
CA TRP A 1179 6.03 -52.73 -3.82
C TRP A 1179 7.56 -52.60 -3.72
N LEU A 1180 8.05 -51.73 -2.83
CA LEU A 1180 9.49 -51.59 -2.65
C LEU A 1180 9.95 -51.99 -1.26
N LYS A 1181 9.02 -52.35 -0.37
CA LYS A 1181 9.37 -52.74 1.00
C LYS A 1181 9.51 -54.26 1.13
N ARG A 1182 8.78 -55.01 0.30
CA ARG A 1182 8.78 -56.47 0.34
C ARG A 1182 10.06 -57.11 -0.18
N LYS A 1183 10.86 -56.37 -0.94
CA LYS A 1183 12.10 -56.92 -1.49
C LYS A 1183 13.24 -56.99 -0.47
N ILE A 1184 13.10 -56.30 0.67
CA ILE A 1184 14.14 -56.32 1.70
C ILE A 1184 14.00 -57.61 2.51
N ALA A 1185 14.78 -58.63 2.14
CA ALA A 1185 14.76 -59.91 2.83
C ALA A 1185 16.14 -60.52 2.71
N THR A 1186 16.83 -60.70 3.84
CA THR A 1186 18.16 -61.28 3.82
C THR A 1186 18.13 -62.78 4.06
N VAL A 1270 -44.15 -0.37 -9.18
CA VAL A 1270 -43.84 -0.86 -10.52
C VAL A 1270 -43.00 -2.16 -10.39
N GLY A 1271 -43.33 -3.15 -11.22
CA GLY A 1271 -42.61 -4.40 -11.18
C GLY A 1271 -41.23 -4.27 -11.80
N TRP A 1272 -40.35 -5.22 -11.39
CA TRP A 1272 -38.94 -5.50 -11.72
C TRP A 1272 -37.95 -4.50 -11.11
N LEU A 1273 -38.43 -3.42 -10.50
CA LEU A 1273 -37.51 -2.45 -9.91
C LEU A 1273 -37.15 -2.90 -8.50
N ASN A 1274 -37.89 -3.83 -7.91
CA ASN A 1274 -37.60 -4.39 -6.60
C ASN A 1274 -36.38 -5.30 -6.74
N TYR A 1275 -36.37 -6.12 -7.80
CA TYR A 1275 -35.28 -7.03 -8.11
C TYR A 1275 -34.06 -6.23 -8.58
N GLN A 1276 -34.30 -5.16 -9.35
CA GLN A 1276 -33.21 -4.30 -9.83
C GLN A 1276 -32.57 -3.52 -8.69
N LYS A 1277 -33.39 -3.05 -7.73
CA LYS A 1277 -32.86 -2.30 -6.60
C LYS A 1277 -32.12 -3.22 -5.61
N ILE A 1278 -32.56 -4.49 -5.47
CA ILE A 1278 -31.84 -5.39 -4.57
C ILE A 1278 -30.57 -5.88 -5.27
N LYS A 1279 -30.58 -5.97 -6.62
CA LYS A 1279 -29.40 -6.36 -7.38
C LYS A 1279 -28.34 -5.27 -7.37
N TRP A 1280 -28.78 -4.01 -7.47
CA TRP A 1280 -27.84 -2.89 -7.43
C TRP A 1280 -27.31 -2.65 -6.02
N LYS A 1281 -28.12 -2.96 -4.99
CA LYS A 1281 -27.63 -2.78 -3.63
C LYS A 1281 -26.66 -3.90 -3.25
N ILE A 1282 -26.80 -5.14 -3.77
CA ILE A 1282 -25.84 -6.18 -3.48
C ILE A 1282 -24.63 -6.01 -4.42
N GLN A 1283 -24.81 -5.39 -5.59
CA GLN A 1283 -23.72 -5.17 -6.54
C GLN A 1283 -22.80 -4.07 -6.01
N ALA A 1284 -23.37 -3.05 -5.39
CA ALA A 1284 -22.56 -1.98 -4.81
C ALA A 1284 -22.02 -2.33 -3.43
N ARG A 1285 -22.44 -3.47 -2.87
CA ARG A 1285 -21.97 -3.95 -1.58
C ARG A 1285 -20.70 -4.73 -1.89
N ASP A 1286 -20.59 -5.25 -3.11
CA ASP A 1286 -19.42 -5.98 -3.54
C ASP A 1286 -18.44 -5.02 -4.16
N ARG A 1287 -18.89 -3.85 -4.61
CA ARG A 1287 -17.96 -2.89 -5.20
C ARG A 1287 -17.27 -2.15 -4.06
N LYS A 1288 -17.97 -1.93 -2.94
CA LYS A 1288 -17.36 -1.26 -1.79
C LYS A 1288 -16.47 -2.25 -1.04
N ARG A 1289 -16.68 -3.56 -1.24
CA ARG A 1289 -15.80 -4.55 -0.64
C ARG A 1289 -14.57 -4.69 -1.51
N ARG A 1290 -14.72 -4.39 -2.80
CA ARG A 1290 -13.60 -4.39 -3.75
C ARG A 1290 -12.74 -3.16 -3.47
N ASP A 1291 -13.36 -2.07 -3.01
CA ASP A 1291 -12.57 -0.89 -2.67
C ASP A 1291 -12.04 -1.02 -1.24
N GLN A 1292 -12.63 -1.92 -0.45
CA GLN A 1292 -12.12 -2.19 0.89
C GLN A 1292 -10.90 -3.08 0.80
N LEU A 1293 -10.81 -3.87 -0.26
CA LEU A 1293 -9.65 -4.74 -0.47
C LEU A 1293 -8.41 -3.99 -0.94
N PHE A 1294 -8.59 -2.95 -1.76
CA PHE A 1294 -7.51 -2.15 -2.32
C PHE A 1294 -8.14 -0.82 -2.71
N GLY A 1295 -7.47 0.28 -2.39
CA GLY A 1295 -8.06 1.58 -2.69
C GLY A 1295 -7.59 2.38 -3.88
N ASN A 1296 -6.88 1.77 -4.84
CA ASN A 1296 -6.42 2.58 -5.97
C ASN A 1296 -6.68 2.04 -7.36
N THR A 1297 -6.75 0.72 -7.53
CA THR A 1297 -6.91 0.12 -8.86
C THR A 1297 -8.32 0.26 -9.42
N ASN A 1298 -9.33 0.28 -8.57
CA ASN A 1298 -10.69 0.46 -9.07
C ASN A 1298 -10.98 1.94 -9.29
N SER A 1299 -10.27 2.81 -8.56
CA SER A 1299 -10.41 4.26 -8.67
C SER A 1299 -10.00 4.84 -10.01
N SER A 1300 -9.05 4.20 -10.69
CA SER A 1300 -8.57 4.69 -11.97
C SER A 1300 -9.23 3.93 -13.13
N ARG A 1301 -10.40 3.35 -12.89
CA ARG A 1301 -11.16 2.65 -13.92
C ARG A 1301 -12.24 3.53 -14.50
N GLU A 1302 -12.46 4.70 -13.88
CA GLU A 1302 -13.44 5.67 -14.34
C GLU A 1302 -12.67 6.85 -14.90
N ARG A 1303 -11.43 7.03 -14.46
CA ARG A 1303 -10.59 8.13 -14.90
C ARG A 1303 -9.61 7.72 -15.97
N SER A 1304 -9.79 6.55 -16.58
CA SER A 1304 -8.91 6.07 -17.63
C SER A 1304 -9.21 6.83 -18.91
N ALA A 1305 -10.45 7.29 -19.09
CA ALA A 1305 -10.85 8.08 -20.24
C ALA A 1305 -11.06 9.51 -19.76
N LEU A 1306 -10.27 10.44 -20.30
CA LEU A 1306 -10.38 11.85 -19.92
C LEU A 1306 -11.54 12.49 -20.67
N GLY A 1307 -12.71 12.48 -20.05
CA GLY A 1307 -13.89 13.06 -20.66
C GLY A 1307 -13.89 14.58 -20.62
N SER A 1308 -14.93 15.17 -21.20
CA SER A 1308 -15.05 16.63 -21.24
C SER A 1308 -15.94 17.14 -20.12
N MET A 1309 -15.92 16.48 -18.96
CA MET A 1309 -16.65 16.87 -17.77
C MET A 1309 -15.63 16.84 -16.64
N ILE A 1310 -14.41 16.42 -16.93
CA ILE A 1310 -13.29 16.35 -16.00
C ILE A 1310 -12.34 17.42 -16.54
N ARG A 1311 -12.25 17.51 -17.87
CA ARG A 1311 -11.40 18.49 -18.54
C ARG A 1311 -11.87 19.93 -18.35
N LYS A 1312 -13.18 20.14 -18.17
CA LYS A 1312 -13.72 21.48 -17.93
C LYS A 1312 -13.36 21.92 -16.52
N GLN A 1313 -13.33 20.95 -15.60
CA GLN A 1313 -12.95 21.23 -14.22
C GLN A 1313 -11.44 21.43 -14.15
N ALA A 1314 -10.71 20.75 -15.03
CA ALA A 1314 -9.27 20.94 -15.05
C ALA A 1314 -8.85 22.22 -15.75
N GLU A 1315 -9.69 22.79 -16.63
CA GLU A 1315 -9.32 24.05 -17.26
C GLU A 1315 -9.88 25.18 -16.42
N SER A 1316 -10.70 24.89 -15.41
CA SER A 1316 -11.25 25.95 -14.58
C SER A 1316 -10.76 25.86 -13.13
N TYR A 1317 -9.47 25.56 -12.96
CA TYR A 1317 -8.88 25.44 -11.63
C TYR A 1317 -7.47 26.03 -11.63
N ALA A 1318 -7.32 27.18 -10.97
CA ALA A 1318 -6.06 27.92 -10.84
C ALA A 1318 -6.21 28.86 -9.65
N ASN A 1319 -5.12 28.97 -8.86
CA ASN A 1319 -4.95 29.75 -7.63
C ASN A 1319 -6.01 29.40 -6.58
N SER A 1320 -5.96 28.17 -6.08
CA SER A 1320 -6.95 27.64 -5.14
C SER A 1320 -6.83 28.19 -3.72
N THR A 1321 -7.62 29.22 -3.43
CA THR A 1321 -7.65 29.84 -2.11
C THR A 1321 -8.49 28.95 -1.20
N TRP A 1322 -7.83 28.16 -0.37
CA TRP A 1322 -8.49 27.22 0.52
C TRP A 1322 -9.21 27.96 1.65
N GLU A 1323 -10.40 27.49 2.01
CA GLU A 1323 -11.22 28.15 3.02
C GLU A 1323 -11.49 27.37 4.30
N VAL A 1324 -11.71 26.06 4.24
CA VAL A 1324 -11.98 25.31 5.47
C VAL A 1324 -11.25 23.95 5.46
N LEU A 1325 -10.75 23.56 6.61
CA LEU A 1325 -10.05 22.31 6.83
C LEU A 1325 -11.13 21.36 7.33
N GLN A 1326 -11.08 20.10 6.91
CA GLN A 1326 -12.09 19.15 7.38
C GLN A 1326 -11.55 17.77 7.73
N TYR A 1327 -12.46 16.81 7.90
CA TYR A 1327 -12.14 15.45 8.31
C TYR A 1327 -12.89 14.37 7.56
N LYS A 1328 -12.36 13.15 7.63
CA LYS A 1328 -12.98 11.97 7.02
C LYS A 1328 -12.63 10.82 7.97
N ASP A 1329 -13.55 10.49 8.86
CA ASP A 1329 -13.30 9.47 9.87
C ASP A 1329 -14.02 8.15 9.64
N SER A 1330 -15.07 8.13 8.81
CA SER A 1330 -15.81 6.89 8.60
C SER A 1330 -15.19 5.98 7.53
N GLY A 1331 -14.14 6.42 6.87
CA GLY A 1331 -13.47 5.60 5.87
C GLY A 1331 -11.96 5.62 6.06
N GLU A 1332 -11.26 5.94 4.98
CA GLU A 1332 -9.81 6.03 5.01
C GLU A 1332 -9.40 7.32 5.71
N PRO A 1333 -8.56 7.27 6.75
CA PRO A 1333 -8.14 8.50 7.41
C PRO A 1333 -6.97 9.12 6.66
N GLY A 1334 -6.60 10.34 7.00
CA GLY A 1334 -5.51 10.99 6.31
C GLY A 1334 -5.90 11.72 5.05
N VAL A 1335 -7.18 11.74 4.69
CA VAL A 1335 -7.65 12.43 3.50
C VAL A 1335 -8.56 13.57 3.99
N LEU A 1336 -8.33 14.77 3.45
CA LEU A 1336 -9.06 15.95 3.89
C LEU A 1336 -9.97 16.62 2.87
N GLU A 1337 -11.20 16.95 3.29
CA GLU A 1337 -12.13 17.65 2.43
C GLU A 1337 -11.74 19.12 2.40
N VAL A 1338 -11.47 19.64 1.22
CA VAL A 1338 -11.02 21.02 1.05
C VAL A 1338 -12.02 21.81 0.22
N PHE A 1339 -12.51 22.90 0.79
CA PHE A 1339 -13.43 23.79 0.08
C PHE A 1339 -12.60 24.95 -0.44
N VAL A 1340 -11.79 24.68 -1.46
CA VAL A 1340 -10.92 25.70 -2.04
C VAL A 1340 -11.73 26.60 -2.95
N THR A 1341 -11.30 27.84 -3.10
CA THR A 1341 -12.01 28.83 -3.92
C THR A 1341 -11.30 29.22 -5.19
N ILE A 1342 -11.95 28.93 -6.32
CA ILE A 1342 -11.49 29.29 -7.66
C ILE A 1342 -11.84 30.75 -7.91
N ASN A 1343 -11.34 31.30 -9.03
CA ASN A 1343 -11.52 32.70 -9.49
C ASN A 1343 -12.96 33.23 -9.52
N GLY A 1344 -13.95 32.41 -9.81
CA GLY A 1344 -15.33 32.86 -9.77
C GLY A 1344 -16.26 32.05 -8.89
N LYS A 1345 -15.91 30.79 -8.61
CA LYS A 1345 -16.73 29.91 -7.79
C LYS A 1345 -15.92 29.21 -6.70
N VAL A 1346 -16.56 28.29 -6.00
CA VAL A 1346 -15.91 27.51 -4.96
C VAL A 1346 -16.06 26.02 -5.32
N GLN A 1347 -14.94 25.30 -5.31
CA GLN A 1347 -14.93 23.90 -5.65
C GLN A 1347 -14.65 23.06 -4.41
N ASN A 1348 -15.45 22.02 -4.20
CA ASN A 1348 -15.27 21.11 -3.09
C ASN A 1348 -14.36 19.99 -3.57
N ILE A 1349 -13.09 20.05 -3.21
CA ILE A 1349 -12.11 19.07 -3.62
C ILE A 1349 -11.62 18.28 -2.42
N THR A 1350 -10.77 17.28 -2.67
CA THR A 1350 -10.27 16.46 -1.58
C THR A 1350 -8.75 16.45 -1.66
N PHE A 1351 -8.09 16.40 -0.50
CA PHE A 1351 -6.64 16.43 -0.40
C PHE A 1351 -6.08 15.20 0.32
N HIS A 1352 -5.08 14.56 -0.27
CA HIS A 1352 -4.43 13.40 0.32
C HIS A 1352 -3.20 13.90 1.06
N ILE A 1353 -3.20 13.75 2.38
CA ILE A 1353 -2.13 14.24 3.24
C ILE A 1353 -1.43 13.10 3.98
N PRO A 1354 -0.08 12.99 3.88
CA PRO A 1354 0.63 11.92 4.58
C PRO A 1354 0.94 12.26 6.03
N LYS A 1355 1.69 11.40 6.72
CA LYS A 1355 2.07 11.62 8.11
C LYS A 1355 3.60 11.57 8.21
N THR A 1356 4.23 12.75 8.16
CA THR A 1356 5.69 12.87 8.22
C THR A 1356 6.29 12.89 9.63
N ILE A 1357 6.53 11.70 10.18
CA ILE A 1357 7.11 11.45 11.50
C ILE A 1357 8.63 11.60 11.36
N TYR A 1358 9.35 11.88 12.45
CA TYR A 1358 10.80 11.98 12.47
C TYR A 1358 11.24 10.78 13.30
N MET A 1359 11.86 9.78 12.65
CA MET A 1359 12.23 8.58 13.39
C MET A 1359 13.65 8.04 13.27
N LYS A 1360 14.35 8.24 12.12
CA LYS A 1360 15.72 7.82 11.74
C LYS A 1360 15.92 6.28 11.67
N PHE A 1361 14.87 5.47 11.85
CA PHE A 1361 15.00 4.02 11.79
C PHE A 1361 14.40 3.48 10.50
N LYS A 1362 15.22 3.44 9.45
CA LYS A 1362 14.83 2.91 8.16
C LYS A 1362 16.00 2.12 7.57
N SER A 1363 17.04 1.90 8.36
CA SER A 1363 18.23 1.16 7.91
C SER A 1363 18.01 -0.33 7.66
N GLN A 1364 17.70 -1.08 8.72
CA GLN A 1364 17.49 -2.52 8.61
C GLN A 1364 16.03 -2.88 8.84
N THR A 1365 15.10 -2.03 8.43
CA THR A 1365 13.69 -2.28 8.59
C THR A 1365 13.15 -2.50 7.16
N MET A 1366 14.06 -2.81 6.21
CA MET A 1366 13.63 -3.09 4.84
C MET A 1366 12.89 -4.43 4.65
N PRO A 1367 13.34 -5.59 5.21
CA PRO A 1367 12.49 -6.78 5.04
C PRO A 1367 11.45 -6.92 6.15
N LEU A 1368 11.55 -6.12 7.22
CA LEU A 1368 10.61 -6.17 8.34
C LEU A 1368 9.28 -5.57 7.95
N GLN A 1369 9.27 -4.28 7.61
CA GLN A 1369 8.08 -3.58 7.19
C GLN A 1369 8.17 -3.40 5.69
N LYS A 1370 7.22 -2.72 5.06
CA LYS A 1370 7.28 -2.50 3.62
C LYS A 1370 7.75 -1.07 3.35
N ILE A 1371 9.07 -0.89 3.36
CA ILE A 1371 9.65 0.42 3.12
C ILE A 1371 9.62 0.66 1.62
N LYS A 1372 8.83 1.64 1.20
CA LYS A 1372 8.71 2.00 -0.20
C LYS A 1372 9.62 3.19 -0.47
N ASN A 1373 9.41 4.28 0.25
CA ASN A 1373 10.23 5.47 0.06
C ASN A 1373 11.57 5.30 0.77
N CYS A 1374 12.65 5.52 0.03
CA CYS A 1374 14.00 5.42 0.56
C CYS A 1374 14.64 6.80 0.67
N LEU A 1375 14.53 7.41 1.83
CA LEU A 1375 15.08 8.75 2.05
C LEU A 1375 15.73 8.87 3.42
N ILE A 1376 17.01 9.20 3.43
CA ILE A 1376 17.79 9.35 4.65
C ILE A 1376 18.24 10.80 4.73
N GLU A 1377 17.77 11.51 5.76
CA GLU A 1377 18.09 12.92 5.95
C GLU A 1377 18.29 13.23 7.43
N LYS A 1378 18.37 14.52 7.77
CA LYS A 1378 18.52 14.94 9.16
C LYS A 1378 17.16 14.84 9.85
N SER A 1379 16.82 13.64 10.30
CA SER A 1379 15.56 13.34 10.97
C SER A 1379 15.69 13.34 12.49
N SER A 1380 16.59 14.15 13.01
CA SER A 1380 16.82 14.24 14.45
C SER A 1380 16.14 15.46 15.06
N ALA A 1381 15.19 15.20 15.98
CA ALA A 1381 14.46 16.24 16.68
C ALA A 1381 15.07 16.40 18.06
N SER A 1382 15.32 17.65 18.45
CA SER A 1382 15.97 17.96 19.72
C SER A 1382 15.04 18.43 20.84
N LEU A 1383 14.55 17.48 21.62
CA LEU A 1383 13.70 17.73 22.77
C LEU A 1383 14.42 17.17 24.00
N PRO A 1384 14.19 17.74 25.20
CA PRO A 1384 14.88 17.24 26.40
C PRO A 1384 14.40 15.86 26.86
N ASN A 1385 15.36 14.94 26.92
CA ASN A 1385 15.11 13.55 27.26
C ASN A 1385 16.08 12.95 28.28
N ASN A 1386 15.83 11.69 28.63
CA ASN A 1386 16.63 10.89 29.56
C ASN A 1386 18.01 10.27 29.23
N PRO A 1387 18.34 9.78 28.00
CA PRO A 1387 19.67 9.16 27.83
C PRO A 1387 20.80 10.19 27.68
N LYS A 1388 21.97 9.81 28.20
CA LYS A 1388 23.15 10.65 28.14
C LYS A 1388 23.77 10.52 26.75
N THR A 1389 24.63 11.53 26.41
CA THR A 1389 25.36 11.70 25.13
C THR A 1389 24.46 11.83 23.90
N SER A 1390 23.22 12.27 24.12
CA SER A 1390 22.19 12.48 23.10
C SER A 1390 21.53 13.80 23.46
N ASN A 1391 22.33 14.75 23.91
CA ASN A 1391 21.88 16.08 24.35
C ASN A 1391 21.26 16.92 23.25
N PRO A 1392 20.15 17.63 23.51
CA PRO A 1392 19.50 18.47 22.48
C PRO A 1392 20.27 19.73 22.12
N GLU A 1404 11.51 11.80 8.17
CA GLU A 1404 10.96 10.62 7.52
C GLU A 1404 9.50 10.81 7.16
N SER A 1405 8.86 9.74 6.68
CA SER A 1405 7.47 9.75 6.27
C SER A 1405 6.88 8.36 6.49
N VAL A 1406 5.71 8.10 5.90
CA VAL A 1406 5.08 6.79 6.02
C VAL A 1406 4.46 6.38 4.68
N PHE A 1407 4.44 5.07 4.42
CA PHE A 1407 3.87 4.48 3.22
C PHE A 1407 2.47 3.93 3.48
N LEU A 1408 2.02 3.99 4.73
CA LEU A 1408 0.69 3.58 5.15
C LEU A 1408 0.13 4.71 6.01
N GLU A 1409 -0.73 5.51 5.41
CA GLU A 1409 -1.33 6.67 6.02
C GLU A 1409 -2.62 6.35 6.77
N GLU A 1410 -2.99 5.06 6.85
CA GLU A 1410 -4.18 4.64 7.54
C GLU A 1410 -3.91 3.90 8.84
N LYS A 1411 -2.73 3.34 9.03
CA LYS A 1411 -2.39 2.61 10.25
C LYS A 1411 -0.91 2.80 10.56
N GLU A 1412 -0.61 3.09 11.82
CA GLU A 1412 0.76 3.27 12.25
C GLU A 1412 1.40 1.97 12.74
N ASN A 1413 1.81 1.14 11.78
CA ASN A 1413 2.50 -0.11 12.07
C ASN A 1413 3.98 0.22 12.19
N CYS A 1414 4.38 0.67 13.39
CA CYS A 1414 5.77 1.04 13.60
C CYS A 1414 6.55 -0.12 14.23
N THR A 1415 7.87 0.02 14.23
CA THR A 1415 8.73 -1.02 14.74
C THR A 1415 8.75 -0.95 16.27
N SER A 1416 8.90 -2.12 16.91
CA SER A 1416 8.95 -2.21 18.36
C SER A 1416 10.39 -2.21 18.87
N ILE A 1417 11.21 -3.14 18.39
CA ILE A 1417 12.60 -3.24 18.82
C ILE A 1417 13.39 -2.15 18.10
N PHE A 1418 14.07 -1.30 18.87
CA PHE A 1418 14.83 -0.19 18.32
C PHE A 1418 16.34 -0.38 18.41
N ASN A 1419 16.96 -0.65 17.26
CA ASN A 1419 18.42 -0.78 17.19
C ASN A 1419 18.76 -0.28 15.78
N ASP A 1420 19.12 0.99 15.68
CA ASP A 1420 19.40 1.62 14.39
C ASP A 1420 20.85 1.66 13.95
N GLU A 1421 21.80 1.57 14.91
CA GLU A 1421 23.26 1.62 14.76
C GLU A 1421 23.77 2.90 14.08
N ASN A 1422 23.06 4.02 14.23
CA ASN A 1422 23.42 5.31 13.66
C ASN A 1422 23.61 6.31 14.77
N VAL A 1423 22.74 6.26 15.77
CA VAL A 1423 22.78 7.15 16.94
C VAL A 1423 22.10 6.36 18.07
N LEU A 1424 22.52 6.60 19.32
CA LEU A 1424 21.94 5.90 20.45
C LEU A 1424 20.73 6.68 20.95
N GLY A 1425 19.68 5.96 21.35
CA GLY A 1425 18.48 6.60 21.83
C GLY A 1425 17.24 6.15 21.08
N VAL A 1426 16.22 5.73 21.82
CA VAL A 1426 14.98 5.27 21.20
C VAL A 1426 14.19 6.49 20.74
N PHE A 1427 13.81 6.49 19.48
CA PHE A 1427 13.02 7.59 18.93
C PHE A 1427 11.58 7.29 19.29
N GLU A 1428 10.93 8.25 19.93
CA GLU A 1428 9.55 8.11 20.38
C GLU A 1428 8.55 8.17 19.24
N GLY A 1429 8.94 8.69 18.08
CA GLY A 1429 7.97 8.81 17.01
C GLY A 1429 7.34 10.17 17.15
N THR A 1430 8.18 11.20 17.20
CA THR A 1430 7.77 12.60 17.30
C THR A 1430 7.13 12.94 15.96
N ILE A 1431 5.88 13.37 16.00
CA ILE A 1431 5.10 13.60 14.79
C ILE A 1431 4.87 15.05 14.40
N THR A 1432 4.30 15.23 13.23
CA THR A 1432 3.82 16.42 12.54
C THR A 1432 2.36 16.41 12.97
N PRO A 1433 1.66 17.55 13.02
CA PRO A 1433 0.26 17.52 13.47
C PRO A 1433 -0.68 16.97 12.39
N HIS A 1434 -1.14 15.73 12.64
CA HIS A 1434 -1.98 14.93 11.74
C HIS A 1434 -3.24 15.53 11.12
N GLN A 1435 -3.89 16.45 11.82
CA GLN A 1435 -5.09 17.04 11.27
C GLN A 1435 -4.78 18.41 10.67
N ARG A 1436 -3.61 18.98 10.97
CA ARG A 1436 -3.27 20.28 10.43
C ARG A 1436 -1.85 20.43 9.89
N ALA A 1437 -1.31 19.39 9.20
CA ALA A 1437 0.06 19.48 8.62
C ALA A 1437 0.08 20.06 7.22
N ILE A 1438 -0.98 20.74 6.81
CA ILE A 1438 -1.08 21.31 5.47
C ILE A 1438 -1.30 22.81 5.62
N MET A 1439 -1.90 23.28 6.71
CA MET A 1439 -2.13 24.72 6.89
C MET A 1439 -0.87 25.46 7.31
N ASP A 1440 0.18 24.75 7.74
CA ASP A 1440 1.43 25.36 8.14
C ASP A 1440 2.57 24.97 7.20
N LEU A 1441 2.65 23.69 6.82
CA LEU A 1441 3.72 23.25 5.91
C LEU A 1441 3.44 23.70 4.49
N GLY A 1442 2.17 23.77 4.12
CA GLY A 1442 1.78 24.24 2.81
C GLY A 1442 1.47 25.71 2.96
N ALA A 1443 0.23 26.11 2.65
CA ALA A 1443 -0.18 27.50 2.76
C ALA A 1443 -1.68 27.55 2.97
N SER A 1444 -2.24 28.76 2.92
CA SER A 1444 -3.67 28.98 3.03
C SER A 1444 -4.16 29.13 1.59
N VAL A 1445 -3.29 29.58 0.69
CA VAL A 1445 -3.61 29.69 -0.72
C VAL A 1445 -2.78 28.58 -1.40
N THR A 1446 -3.46 27.49 -1.72
CA THR A 1446 -2.84 26.31 -2.29
C THR A 1446 -2.73 26.46 -3.82
N PHE A 1447 -1.65 25.95 -4.38
CA PHE A 1447 -1.44 26.00 -5.82
C PHE A 1447 -0.70 24.78 -6.34
N ARG A 1448 -1.35 24.04 -7.23
CA ARG A 1448 -0.77 22.85 -7.84
C ARG A 1448 0.01 23.30 -9.07
N SER A 1449 1.33 23.39 -8.92
CA SER A 1449 2.19 23.81 -10.02
C SER A 1449 2.55 22.60 -10.88
N LYS A 1450 1.87 22.47 -12.02
CA LYS A 1450 2.03 21.38 -12.97
C LYS A 1450 1.46 21.80 -14.32
N ALA A 1451 1.28 20.85 -15.22
CA ALA A 1451 0.72 21.11 -16.55
C ALA A 1451 -0.81 21.14 -16.53
N MET A 1452 -1.40 21.13 -17.71
CA MET A 1452 -2.84 21.18 -17.92
C MET A 1452 -3.43 19.83 -18.32
N GLY A 1453 -3.68 18.94 -17.37
CA GLY A 1453 -4.22 17.63 -17.72
C GLY A 1453 -3.96 16.52 -16.72
N ALA A 1454 -3.26 16.85 -15.64
CA ALA A 1454 -2.97 15.92 -14.55
C ALA A 1454 -3.78 16.28 -13.32
N LEU A 1455 -4.21 17.54 -13.26
CA LEU A 1455 -5.01 18.04 -12.15
C LEU A 1455 -6.44 17.53 -12.26
N GLY A 1456 -6.88 17.08 -13.46
CA GLY A 1456 -8.18 16.45 -13.62
C GLY A 1456 -8.22 15.09 -12.95
N LYS A 1457 -7.10 14.36 -13.03
CA LYS A 1457 -6.92 13.10 -12.33
C LYS A 1457 -6.81 13.36 -10.85
N GLY A 1458 -6.23 14.50 -10.46
CA GLY A 1458 -6.17 14.88 -9.06
C GLY A 1458 -7.53 15.26 -8.49
N ILE A 1459 -8.40 15.83 -9.33
CA ILE A 1459 -9.76 16.22 -8.93
C ILE A 1459 -10.57 14.94 -8.77
N GLN A 1460 -10.42 13.99 -9.70
CA GLN A 1460 -11.14 12.71 -9.64
C GLN A 1460 -10.72 11.79 -8.50
N GLN A 1461 -9.42 11.54 -8.34
CA GLN A 1461 -8.97 10.66 -7.27
C GLN A 1461 -8.96 11.33 -5.90
N GLY A 1462 -8.19 12.40 -5.77
CA GLY A 1462 -7.99 13.15 -4.55
C GLY A 1462 -6.58 13.69 -4.70
N PHE A 1463 -6.37 14.97 -4.40
CA PHE A 1463 -5.06 15.57 -4.58
C PHE A 1463 -3.94 15.11 -3.66
N GLU A 1464 -2.94 14.47 -4.27
CA GLU A 1464 -1.77 13.99 -3.54
C GLU A 1464 -0.89 15.21 -3.32
N MET A 1465 -1.07 15.84 -2.15
CA MET A 1465 -0.33 17.03 -1.79
C MET A 1465 1.07 16.77 -1.26
N LYS A 1466 1.53 15.51 -1.22
CA LYS A 1466 2.88 15.23 -0.77
C LYS A 1466 3.87 15.46 -1.90
N ASP A 1467 3.41 15.36 -3.15
CA ASP A 1467 4.24 15.55 -4.32
C ASP A 1467 3.83 16.81 -5.05
N LEU A 1468 2.84 17.52 -4.54
CA LEU A 1468 2.28 18.72 -5.15
C LEU A 1468 1.92 19.73 -4.06
N SER A 1469 1.09 20.70 -4.44
CA SER A 1469 0.49 21.73 -3.59
C SER A 1469 1.46 22.70 -2.92
N MET A 1470 2.26 23.37 -3.74
CA MET A 1470 3.23 24.32 -3.21
C MET A 1470 2.54 25.64 -2.87
N ALA A 1471 3.25 26.47 -2.12
CA ALA A 1471 2.75 27.77 -1.67
C ALA A 1471 2.85 28.82 -2.77
N GLU A 1472 2.38 30.02 -2.44
CA GLU A 1472 2.37 31.19 -3.32
C GLU A 1472 2.60 32.43 -2.48
N ASN A 1473 2.27 33.61 -3.02
CA ASN A 1473 2.40 34.83 -2.24
C ASN A 1473 1.19 34.77 -1.31
N GLU A 1474 1.38 35.09 -0.04
CA GLU A 1474 0.28 34.96 0.91
C GLU A 1474 -0.50 36.23 1.20
N ARG A 1475 -0.16 37.33 0.55
CA ARG A 1475 -0.90 38.56 0.78
C ARG A 1475 -2.00 38.61 -0.27
N TYR A 1476 -3.05 39.38 0.06
CA TYR A 1476 -4.30 39.58 -0.69
C TYR A 1476 -4.97 38.21 -0.90
N LEU A 1477 -5.32 37.59 0.21
CA LEU A 1477 -5.93 36.27 0.18
C LEU A 1477 -7.37 36.31 -0.28
N SER A 1478 -8.18 37.20 0.28
CA SER A 1478 -9.59 37.24 -0.09
C SER A 1478 -10.17 38.53 -0.65
N GLY A 1479 -10.10 38.67 -1.97
CA GLY A 1479 -10.72 39.76 -2.68
C GLY A 1479 -11.89 39.06 -3.34
N PHE A 1480 -13.11 39.27 -2.86
CA PHE A 1480 -14.23 38.51 -3.41
C PHE A 1480 -15.55 39.26 -3.32
N SER A 1481 -16.57 38.60 -3.86
CA SER A 1481 -17.94 39.08 -3.86
C SER A 1481 -18.90 37.89 -3.94
N MET A 1482 -19.43 37.46 -2.79
CA MET A 1482 -20.38 36.35 -2.72
C MET A 1482 -21.27 36.41 -1.49
N ASP A 1483 -22.29 35.55 -1.49
CA ASP A 1483 -23.32 35.46 -0.46
C ASP A 1483 -22.82 34.98 0.90
N ILE A 1484 -23.58 35.30 1.96
CA ILE A 1484 -23.25 34.97 3.34
C ILE A 1484 -24.46 34.42 4.08
N GLY A 1485 -24.31 33.23 4.66
CA GLY A 1485 -25.35 32.65 5.50
C GLY A 1485 -24.95 32.99 6.93
N TYR A 1486 -25.92 33.18 7.79
CA TYR A 1486 -25.60 33.57 9.17
C TYR A 1486 -26.49 32.92 10.23
N LEU A 1487 -26.01 31.84 10.82
CA LEU A 1487 -26.76 31.16 11.85
C LEU A 1487 -26.15 31.50 13.20
N LEU A 1488 -26.99 31.95 14.13
CA LEU A 1488 -26.56 32.26 15.48
C LEU A 1488 -27.68 31.88 16.43
N HIS A 1489 -27.31 31.27 17.53
CA HIS A 1489 -28.22 30.75 18.54
C HIS A 1489 -28.03 31.56 19.82
N PHE A 1490 -29.09 31.74 20.60
CA PHE A 1490 -29.03 32.49 21.84
C PHE A 1490 -29.69 31.82 23.04
N PRO A 1491 -29.03 30.85 23.68
CA PRO A 1491 -29.64 30.21 24.84
C PRO A 1491 -29.41 31.02 26.11
N THR A 1492 -30.33 30.88 27.06
CA THR A 1492 -30.25 31.62 28.32
C THR A 1492 -30.88 30.78 29.42
N SER A 1493 -31.04 31.40 30.59
CA SER A 1493 -31.67 30.70 31.72
C SER A 1493 -33.17 30.88 31.56
N ILE A 1494 -33.58 31.90 30.82
CA ILE A 1494 -34.96 32.13 30.45
C ILE A 1494 -35.00 31.44 29.09
N GLY A 1495 -36.19 31.06 28.63
CA GLY A 1495 -36.20 30.41 27.35
C GLY A 1495 -36.25 31.43 26.24
N TYR A 1496 -35.08 31.74 25.69
CA TYR A 1496 -34.98 32.68 24.57
C TYR A 1496 -34.82 31.92 23.26
N GLU A 1497 -33.72 31.13 23.16
CA GLU A 1497 -33.33 30.29 22.01
C GLU A 1497 -33.39 30.96 20.64
N PHE A 1498 -32.88 32.18 20.53
CA PHE A 1498 -33.01 32.94 19.28
C PHE A 1498 -32.10 32.41 18.17
N PHE A 1499 -32.60 31.39 17.49
CA PHE A 1499 -31.96 30.68 16.38
C PHE A 1499 -32.12 31.40 15.03
N SER A 1500 -31.63 32.64 14.96
CA SER A 1500 -31.76 33.41 13.72
C SER A 1500 -30.92 32.89 12.55
N LEU A 1501 -31.49 32.95 11.33
CA LEU A 1501 -30.80 32.53 10.11
C LEU A 1501 -30.82 33.61 9.04
N PHE A 1502 -29.80 34.46 9.04
CA PHE A 1502 -29.72 35.54 8.08
C PHE A 1502 -29.01 35.09 6.81
N LYS A 1503 -29.55 35.46 5.67
CA LYS A 1503 -28.93 35.14 4.40
C LYS A 1503 -28.90 36.38 3.52
N SER A 1504 -27.77 36.62 2.87
CA SER A 1504 -27.50 37.78 2.01
C SER A 1504 -28.28 37.88 0.72
N TRP A 1505 -29.07 36.88 0.35
CA TRP A 1505 -29.81 36.92 -0.90
C TRP A 1505 -31.31 36.78 -0.66
N GLY A 1506 -31.70 36.11 0.41
CA GLY A 1506 -33.09 35.88 0.71
C GLY A 1506 -33.77 36.92 1.58
N ASP A 1507 -32.96 37.58 2.44
CA ASP A 1507 -33.16 38.63 3.45
C ASP A 1507 -34.17 38.27 4.54
N THR A 1508 -34.51 36.99 4.70
CA THR A 1508 -35.47 36.58 5.71
C THR A 1508 -34.83 35.80 6.85
N ILE A 1509 -34.90 36.34 8.07
CA ILE A 1509 -34.33 35.64 9.22
C ILE A 1509 -35.48 34.86 9.85
N THR A 1510 -35.17 33.68 10.44
CA THR A 1510 -36.18 32.77 11.05
C THR A 1510 -35.86 32.38 12.48
N ILE A 1511 -36.34 33.15 13.45
CA ILE A 1511 -36.08 32.89 14.86
C ILE A 1511 -36.99 31.78 15.37
N LEU A 1512 -36.43 30.79 16.08
CA LEU A 1512 -37.18 29.67 16.68
C LEU A 1512 -37.26 29.93 18.19
N VAL A 1513 -38.21 30.73 18.61
CA VAL A 1513 -38.34 31.16 20.00
C VAL A 1513 -39.67 30.78 20.64
N LEU A 1514 -39.90 31.30 21.86
CA LEU A 1514 -41.09 31.14 22.70
C LEU A 1514 -41.42 29.71 23.07
N LYS A 1515 -40.54 29.08 23.87
CA LYS A 1515 -40.74 27.69 24.32
C LYS A 1515 -42.00 27.49 25.17
N PRO A 1516 -42.37 28.34 26.23
CA PRO A 1516 -43.69 28.09 26.83
C PRO A 1516 -44.72 28.81 25.99
N SER A 1517 -45.64 28.06 25.37
CA SER A 1517 -46.60 28.64 24.45
C SER A 1517 -47.91 29.12 25.06
N ASN A 1518 -48.00 29.19 26.39
CA ASN A 1518 -49.24 29.69 26.99
C ASN A 1518 -49.25 31.22 26.95
N GLN A 1519 -48.20 31.85 27.45
CA GLN A 1519 -48.10 33.30 27.44
C GLN A 1519 -47.48 33.80 26.15
N ALA A 1520 -47.58 35.11 25.92
CA ALA A 1520 -47.08 35.80 24.72
C ALA A 1520 -46.14 36.92 25.17
N GLN A 1521 -44.84 36.69 25.05
CA GLN A 1521 -43.84 37.66 25.50
C GLN A 1521 -42.88 38.12 24.40
N GLU A 1522 -43.03 37.62 23.19
CA GLU A 1522 -42.13 37.95 22.08
C GLU A 1522 -42.82 38.91 21.12
N ILE A 1523 -42.09 39.95 20.72
CA ILE A 1523 -42.62 41.02 19.86
C ILE A 1523 -42.93 40.58 18.43
N ASN A 1524 -43.82 41.36 17.78
CA ASN A 1524 -44.30 41.20 16.40
C ASN A 1524 -43.43 41.87 15.34
N ALA A 1525 -42.15 42.11 15.67
CA ALA A 1525 -41.10 42.78 14.89
C ALA A 1525 -41.43 44.25 14.57
N SER A 1526 -42.24 44.90 15.41
CA SER A 1526 -42.55 46.31 15.22
C SER A 1526 -41.42 47.09 15.88
N SER A 1527 -41.17 46.76 17.16
CA SER A 1527 -40.10 47.32 17.98
C SER A 1527 -38.74 47.00 17.38
N LEU A 1528 -38.60 45.78 16.83
CA LEU A 1528 -37.38 45.32 16.18
C LEU A 1528 -37.12 46.12 14.91
N GLY A 1529 -38.19 46.46 14.18
CA GLY A 1529 -38.04 47.27 12.99
C GLY A 1529 -37.69 48.72 13.29
N GLN A 1530 -38.23 49.27 14.39
CA GLN A 1530 -37.91 50.65 14.80
C GLN A 1530 -36.46 50.77 15.33
N ILE A 1531 -35.99 49.74 16.06
CA ILE A 1531 -34.62 49.81 16.56
C ILE A 1531 -33.67 49.44 15.43
N TYR A 1532 -34.15 48.71 14.39
CA TYR A 1532 -33.34 48.39 13.23
C TYR A 1532 -33.17 49.64 12.41
N LYS A 1533 -34.21 50.49 12.35
CA LYS A 1533 -34.13 51.76 11.61
C LYS A 1533 -33.15 52.78 12.23
N GLN A 1534 -33.17 52.90 13.57
CA GLN A 1534 -32.23 53.83 14.23
C GLN A 1534 -30.79 53.29 14.20
N MET A 1535 -30.64 51.96 14.42
CA MET A 1535 -29.35 51.30 14.35
C MET A 1535 -28.86 51.24 12.91
N PHE A 1536 -29.79 51.19 11.94
CA PHE A 1536 -29.45 51.13 10.55
C PHE A 1536 -28.97 52.47 10.03
N GLU A 1537 -29.50 53.60 10.53
CA GLU A 1537 -29.01 54.93 10.13
C GLU A 1537 -27.54 55.16 10.55
N LYS A 1538 -27.27 54.83 11.83
CA LYS A 1538 -25.89 54.93 12.35
C LYS A 1538 -24.97 53.87 11.71
N LYS A 1539 -25.42 52.62 11.64
CA LYS A 1539 -24.60 51.65 10.96
C LYS A 1539 -24.84 51.65 9.46
N LYS A 1540 -25.65 52.56 8.87
CA LYS A 1540 -25.74 52.68 7.44
C LYS A 1540 -24.57 53.41 6.97
N GLY A 1541 -24.10 54.35 7.81
CA GLY A 1541 -22.84 55.00 7.50
C GLY A 1541 -21.69 54.01 7.68
N LYS A 1542 -21.79 53.18 8.73
CA LYS A 1542 -20.78 52.12 8.94
C LYS A 1542 -20.87 50.95 7.93
N ILE A 1543 -22.06 50.70 7.37
CA ILE A 1543 -22.33 49.66 6.38
C ILE A 1543 -21.92 50.19 5.01
N GLU A 1544 -22.06 51.52 4.76
CA GLU A 1544 -21.60 52.13 3.52
C GLU A 1544 -20.07 52.15 3.42
N THR A 1545 -19.36 51.98 4.54
CA THR A 1545 -17.91 51.81 4.48
C THR A 1545 -17.63 50.40 3.93
N TYR A 1546 -18.17 49.35 4.56
CA TYR A 1546 -18.01 47.94 4.10
C TYR A 1546 -19.21 47.40 3.30
N SER A 1547 -19.49 47.89 2.11
CA SER A 1547 -20.66 47.42 1.37
C SER A 1547 -20.43 46.56 0.14
N TYR A 1548 -19.17 46.38 -0.29
CA TYR A 1548 -18.95 45.53 -1.44
C TYR A 1548 -18.89 44.07 -1.01
N LEU A 1549 -18.71 43.80 0.28
CA LEU A 1549 -18.68 42.44 0.79
C LEU A 1549 -20.05 41.94 1.20
N VAL A 1550 -20.70 42.62 2.16
CA VAL A 1550 -22.02 42.23 2.65
C VAL A 1550 -23.02 43.34 2.38
N ASP A 1551 -24.16 43.00 1.76
CA ASP A 1551 -25.20 43.98 1.49
C ASP A 1551 -26.38 43.81 2.44
N ILE A 1552 -26.36 44.57 3.53
CA ILE A 1552 -27.41 44.53 4.55
C ILE A 1552 -28.13 45.86 4.36
N LYS A 1553 -27.73 46.65 3.35
CA LYS A 1553 -28.25 47.97 2.96
C LYS A 1553 -29.74 47.99 2.62
N GLU A 1554 -30.34 46.86 2.25
CA GLU A 1554 -31.76 46.85 1.98
C GLU A 1554 -32.54 46.80 3.29
N ASP A 1555 -33.79 47.28 3.25
CA ASP A 1555 -34.65 47.28 4.44
C ASP A 1555 -35.10 45.86 4.75
N ILE A 1556 -34.81 45.40 5.97
CA ILE A 1556 -35.12 44.03 6.36
C ILE A 1556 -36.63 43.85 6.61
N ASN A 1557 -37.08 42.61 6.48
CA ASN A 1557 -38.46 42.19 6.70
C ASN A 1557 -38.38 40.71 7.01
N PHE A 1558 -38.94 40.30 8.15
CA PHE A 1558 -38.85 38.90 8.54
C PHE A 1558 -40.02 38.36 9.34
N GLU A 1559 -40.02 37.04 9.52
CA GLU A 1559 -41.08 36.36 10.26
C GLU A 1559 -40.56 35.36 11.30
N PHE A 1560 -41.18 35.40 12.47
CA PHE A 1560 -40.85 34.52 13.58
C PHE A 1560 -41.43 33.13 13.39
N VAL A 1561 -41.00 32.19 14.24
CA VAL A 1561 -41.51 30.82 14.31
C VAL A 1561 -41.57 30.61 15.82
N TYR A 1562 -42.77 30.58 16.39
CA TYR A 1562 -42.89 30.39 17.84
C TYR A 1562 -43.05 28.91 18.11
N PHE A 1563 -41.97 28.26 18.55
CA PHE A 1563 -42.00 26.83 18.78
C PHE A 1563 -41.80 26.39 20.23
N THR A 1564 -42.43 25.28 20.59
CA THR A 1564 -42.47 24.72 21.94
C THR A 1564 -41.49 23.56 22.15
N ASP A 1565 -41.32 22.68 21.17
CA ASP A 1565 -40.44 21.52 21.33
C ASP A 1565 -39.00 21.86 20.99
N ILE A 1566 -38.08 20.92 21.27
CA ILE A 1566 -36.67 21.16 21.00
C ILE A 1566 -36.21 20.24 19.86
N SER A 1567 -36.67 18.98 19.88
CA SER A 1567 -36.36 17.97 18.86
C SER A 1567 -36.91 18.38 17.49
N LYS A 1568 -38.16 18.83 17.44
CA LYS A 1568 -38.69 19.27 16.16
C LYS A 1568 -38.23 20.68 15.83
N LEU A 1569 -37.67 21.41 16.81
CA LEU A 1569 -37.06 22.72 16.52
C LEU A 1569 -35.74 22.49 15.81
N TYR A 1570 -35.03 21.42 16.16
CA TYR A 1570 -33.78 21.05 15.49
C TYR A 1570 -34.11 20.48 14.12
N ARG A 1571 -35.28 19.84 13.98
CA ARG A 1571 -35.74 19.33 12.69
C ARG A 1571 -36.11 20.50 11.76
N ARG A 1572 -36.72 21.55 12.32
CA ARG A 1572 -37.04 22.77 11.58
C ARG A 1572 -35.77 23.52 11.21
N LEU A 1573 -34.75 23.47 12.09
CA LEU A 1573 -33.45 24.08 11.85
C LEU A 1573 -32.72 23.35 10.73
N SER A 1574 -32.88 22.03 10.67
CA SER A 1574 -32.23 21.24 9.62
C SER A 1574 -32.94 21.44 8.29
N GLN A 1575 -34.26 21.69 8.33
CA GLN A 1575 -35.03 21.98 7.12
C GLN A 1575 -34.69 23.36 6.59
N GLU A 1576 -34.43 24.32 7.48
CA GLU A 1576 -34.06 25.66 7.02
C GLU A 1576 -32.61 25.75 6.58
N THR A 1577 -31.70 24.91 7.12
CA THR A 1577 -30.32 24.97 6.65
C THR A 1577 -30.24 24.21 5.32
N THR A 1578 -31.16 23.25 5.06
CA THR A 1578 -31.13 22.58 3.76
C THR A 1578 -31.79 23.51 2.75
N LYS A 1579 -32.70 24.38 3.23
CA LYS A 1579 -33.34 25.39 2.38
C LYS A 1579 -32.32 26.42 1.91
N LEU A 1580 -31.39 26.83 2.78
CA LEU A 1580 -30.38 27.78 2.31
C LEU A 1580 -29.25 27.06 1.58
N LYS A 1581 -29.11 25.74 1.75
CA LYS A 1581 -28.06 25.02 1.02
C LYS A 1581 -28.61 24.56 -0.33
N GLU A 1582 -29.92 24.69 -0.54
CA GLU A 1582 -30.52 24.35 -1.81
C GLU A 1582 -30.87 25.62 -2.57
N GLU A 1583 -30.91 26.77 -1.87
CA GLU A 1583 -31.21 28.03 -2.54
C GLU A 1583 -30.01 28.58 -3.29
N ARG A 1584 -28.80 28.19 -2.90
CA ARG A 1584 -27.59 28.67 -3.53
C ARG A 1584 -26.70 27.53 -4.00
N GLY A 1585 -26.76 26.38 -3.33
CA GLY A 1585 -25.92 25.24 -3.66
C GLY A 1585 -24.55 25.41 -3.03
N LEU A 1586 -23.77 26.29 -3.61
CA LEU A 1586 -22.46 26.71 -3.18
C LEU A 1586 -22.43 28.21 -3.43
N GLN A 1587 -21.22 28.78 -3.39
CA GLN A 1587 -20.89 30.20 -3.55
C GLN A 1587 -21.57 31.02 -2.46
N PHE A 1588 -21.38 30.57 -1.23
CA PHE A 1588 -21.93 31.21 -0.03
C PHE A 1588 -21.10 30.80 1.18
N LEU A 1589 -21.28 31.54 2.28
CA LEU A 1589 -20.54 31.27 3.51
C LEU A 1589 -21.43 31.28 4.73
N LEU A 1590 -21.47 30.16 5.47
CA LEU A 1590 -22.29 30.04 6.69
C LEU A 1590 -21.50 30.21 7.98
N LEU A 1591 -21.66 31.37 8.63
CA LEU A 1591 -20.99 31.73 9.88
C LEU A 1591 -21.76 31.29 11.13
N LEU A 1592 -21.43 30.13 11.66
CA LEU A 1592 -22.09 29.62 12.85
C LEU A 1592 -21.57 30.35 14.08
N GLN A 1593 -22.48 30.83 14.93
CA GLN A 1593 -22.05 31.55 16.14
C GLN A 1593 -22.76 31.22 17.46
N SER A 1594 -22.97 29.94 17.75
CA SER A 1594 -23.65 29.59 19.00
C SER A 1594 -22.67 29.63 20.17
N PRO A 1595 -23.05 30.23 21.31
CA PRO A 1595 -22.10 30.34 22.44
C PRO A 1595 -21.81 29.12 23.30
N PHE A 1596 -22.85 28.42 23.74
CA PHE A 1596 -22.74 27.29 24.66
C PHE A 1596 -22.72 25.95 23.97
N ILE A 1597 -23.47 25.81 22.90
CA ILE A 1597 -23.62 24.53 22.20
C ILE A 1597 -22.85 24.50 20.89
N THR A 1598 -21.72 25.24 20.83
CA THR A 1598 -20.87 25.36 19.65
C THR A 1598 -20.31 24.05 19.14
N LYS A 1599 -20.00 23.11 20.04
CA LYS A 1599 -19.52 21.81 19.62
C LYS A 1599 -20.68 20.83 19.67
N LEU A 1600 -21.85 21.30 20.15
CA LEU A 1600 -23.04 20.47 20.25
C LEU A 1600 -23.89 20.77 19.01
N LEU A 1601 -23.55 21.81 18.24
CA LEU A 1601 -24.25 22.08 17.00
C LEU A 1601 -23.55 21.39 15.84
N GLY A 1602 -22.48 20.65 16.10
CA GLY A 1602 -21.78 19.95 15.05
C GLY A 1602 -22.34 18.58 14.74
N THR A 1603 -23.40 18.16 15.45
CA THR A 1603 -24.04 16.87 15.18
C THR A 1603 -25.27 17.10 14.29
N ILE A 1604 -25.90 18.26 14.38
CA ILE A 1604 -27.12 18.60 13.64
C ILE A 1604 -26.85 18.83 12.16
N ARG A 1605 -26.03 19.82 11.82
CA ARG A 1605 -25.77 20.10 10.42
C ARG A 1605 -24.27 20.13 10.19
N LEU A 1606 -23.87 19.54 9.06
CA LEU A 1606 -22.49 19.44 8.65
C LEU A 1606 -22.37 19.48 7.13
N LEU A 1607 -21.19 19.06 6.64
CA LEU A 1607 -20.80 18.97 5.23
C LEU A 1607 -20.94 20.29 4.47
N ASN A 1608 -20.59 21.39 5.13
CA ASN A 1608 -20.62 22.71 4.54
C ASN A 1608 -19.45 23.42 5.20
N GLN A 1609 -19.03 24.53 4.63
CA GLN A 1609 -17.93 25.30 5.18
C GLN A 1609 -18.50 26.15 6.33
N MET A 1610 -17.86 26.11 7.49
CA MET A 1610 -18.36 26.85 8.65
C MET A 1610 -17.34 27.36 9.65
N PRO A 1611 -17.29 28.69 9.93
CA PRO A 1611 -16.41 29.16 11.00
C PRO A 1611 -17.05 28.84 12.33
N ILE A 1612 -16.48 27.87 13.04
CA ILE A 1612 -16.99 27.42 14.33
C ILE A 1612 -16.44 28.42 15.33
N VAL A 1613 -17.24 29.42 15.69
CA VAL A 1613 -16.78 30.50 16.56
C VAL A 1613 -17.76 30.94 17.67
N LYS A 1614 -17.27 31.03 18.90
CA LYS A 1614 -18.08 31.53 20.00
C LYS A 1614 -17.83 33.03 20.01
N LEU A 1615 -18.70 33.80 19.34
CA LEU A 1615 -18.50 35.24 19.33
C LEU A 1615 -19.15 35.76 20.60
N SER A 1616 -20.45 35.49 20.74
CA SER A 1616 -21.23 35.86 21.92
C SER A 1616 -20.76 35.04 23.10
N LEU A 1617 -20.62 35.68 24.26
CA LEU A 1617 -20.20 34.96 25.46
C LEU A 1617 -21.35 34.11 25.97
N ASN A 1618 -22.45 34.76 26.33
CA ASN A 1618 -23.70 34.17 26.82
C ASN A 1618 -24.77 35.22 26.59
N GLU A 1619 -26.02 34.78 26.58
CA GLU A 1619 -27.12 35.73 26.46
C GLU A 1619 -27.42 36.19 27.87
N VAL A 1620 -27.53 37.51 28.06
CA VAL A 1620 -27.77 38.07 29.38
C VAL A 1620 -29.16 37.82 29.91
N LEU A 1621 -29.23 37.62 31.24
CA LEU A 1621 -30.48 37.41 31.97
C LEU A 1621 -31.31 38.69 31.91
N LEU A 1622 -32.62 38.53 31.85
CA LEU A 1622 -33.51 39.67 31.76
C LEU A 1622 -34.89 39.36 32.34
N PRO A 1623 -35.50 40.33 33.03
CA PRO A 1623 -36.86 40.10 33.54
C PRO A 1623 -37.84 40.28 32.38
N GLN A 1624 -38.93 39.51 32.43
CA GLN A 1624 -39.94 39.50 31.36
C GLN A 1624 -40.91 40.68 31.30
N LEU A 1625 -40.38 41.89 31.13
CA LEU A 1625 -41.24 43.05 30.97
C LEU A 1625 -40.65 43.98 29.92
N ASN A 1626 -39.57 43.55 29.25
CA ASN A 1626 -38.85 44.27 28.19
C ASN A 1626 -37.94 43.31 27.44
N TRP A 1627 -37.48 43.74 26.27
CA TRP A 1627 -36.56 42.91 25.49
C TRP A 1627 -35.44 43.67 24.81
N GLN A 1628 -35.09 44.84 25.31
CA GLN A 1628 -34.01 45.61 24.70
C GLN A 1628 -32.56 45.09 24.86
N PRO A 1629 -32.11 44.47 25.99
CA PRO A 1629 -30.73 43.93 25.99
C PRO A 1629 -30.53 42.65 25.18
N THR A 1630 -31.60 42.04 24.67
CA THR A 1630 -31.50 40.82 23.87
C THR A 1630 -31.88 41.06 22.42
N LEU A 1631 -32.30 42.28 22.05
CA LEU A 1631 -32.68 42.52 20.66
C LEU A 1631 -32.02 43.73 20.02
N LEU A 1632 -31.74 44.78 20.80
CA LEU A 1632 -31.13 46.00 20.25
C LEU A 1632 -29.67 45.79 19.85
N LYS A 1633 -28.87 45.23 20.76
CA LYS A 1633 -27.47 44.99 20.47
C LYS A 1633 -27.12 43.51 20.31
N LYS A 1634 -28.07 42.59 20.52
CA LYS A 1634 -27.75 41.18 20.42
C LYS A 1634 -28.11 40.59 19.05
N LEU A 1635 -29.21 41.03 18.43
CA LEU A 1635 -29.59 40.46 17.15
C LEU A 1635 -29.19 41.24 15.91
N VAL A 1636 -29.61 42.52 15.80
CA VAL A 1636 -29.28 43.27 14.59
C VAL A 1636 -27.87 43.85 14.58
N ASN A 1637 -27.29 44.09 15.76
CA ASN A 1637 -25.95 44.66 15.84
C ASN A 1637 -24.95 43.56 15.57
N HIS A 1638 -25.32 42.31 15.83
CA HIS A 1638 -24.44 41.19 15.51
C HIS A 1638 -24.34 40.92 14.02
N VAL A 1639 -25.37 41.26 13.22
CA VAL A 1639 -25.24 41.02 11.78
C VAL A 1639 -24.49 42.19 11.15
N LEU A 1640 -24.55 43.39 11.77
CA LEU A 1640 -23.77 44.49 11.19
C LEU A 1640 -22.33 44.36 11.70
N SER A 1641 -22.16 43.71 12.87
CA SER A 1641 -20.85 43.42 13.38
C SER A 1641 -20.27 42.24 12.62
N SER A 1642 -21.14 41.38 12.03
CA SER A 1642 -20.73 40.23 11.24
C SER A 1642 -20.15 40.72 9.92
N GLY A 1643 -20.66 41.84 9.42
CA GLY A 1643 -20.08 42.45 8.22
C GLY A 1643 -18.70 43.05 8.48
N SER A 1644 -18.57 43.76 9.61
CA SER A 1644 -17.26 44.33 9.95
C SER A 1644 -16.32 43.25 10.50
N TRP A 1645 -16.89 42.16 11.02
CA TRP A 1645 -16.19 41.03 11.54
C TRP A 1645 -15.61 40.15 10.44
N ILE A 1646 -16.28 40.04 9.29
CA ILE A 1646 -15.66 39.25 8.21
C ILE A 1646 -14.58 40.08 7.54
N SER A 1647 -14.65 41.44 7.62
CA SER A 1647 -13.53 42.22 7.06
C SER A 1647 -12.33 42.14 8.02
N HIS A 1648 -12.63 42.00 9.32
CA HIS A 1648 -11.62 41.76 10.37
C HIS A 1648 -10.99 40.38 10.17
N LEU A 1649 -11.80 39.39 9.79
CA LEU A 1649 -11.34 38.03 9.53
C LEU A 1649 -10.49 37.91 8.27
N ILE A 1650 -10.81 38.74 7.25
CA ILE A 1650 -10.06 38.80 5.98
C ILE A 1650 -8.65 39.30 6.30
N LYS A 1651 -8.57 40.36 7.14
CA LYS A 1651 -7.25 40.86 7.55
C LYS A 1651 -6.49 39.91 8.49
N LEU A 1652 -7.21 39.22 9.39
CA LEU A 1652 -6.58 38.28 10.31
C LEU A 1652 -6.15 36.98 9.63
N SER A 1653 -6.69 36.65 8.46
CA SER A 1653 -6.26 35.46 7.77
C SER A 1653 -5.36 35.87 6.62
N GLN A 1654 -5.25 37.17 6.34
CA GLN A 1654 -4.29 37.63 5.34
C GLN A 1654 -2.95 37.71 6.03
N TYR A 1655 -2.93 38.06 7.32
CA TYR A 1655 -1.65 38.15 8.01
C TYR A 1655 -1.12 36.80 8.48
N SER A 1656 -1.90 36.10 9.31
CA SER A 1656 -1.47 34.83 9.89
C SER A 1656 -1.40 33.65 8.91
N ASN A 1657 -2.08 33.79 7.75
CA ASN A 1657 -2.17 32.81 6.66
C ASN A 1657 -2.66 31.43 7.07
N ILE A 1658 -3.88 31.39 7.58
CA ILE A 1658 -4.53 30.16 8.01
C ILE A 1658 -5.96 30.32 7.53
N PRO A 1659 -6.64 29.24 7.11
CA PRO A 1659 -8.03 29.38 6.68
C PRO A 1659 -9.02 29.53 7.83
N ILE A 1660 -10.33 29.52 7.56
CA ILE A 1660 -11.28 29.71 8.64
C ILE A 1660 -11.51 28.39 9.36
N CYS A 1661 -10.61 28.12 10.32
CA CYS A 1661 -10.59 26.92 11.16
C CYS A 1661 -10.28 27.38 12.58
N ASN A 1662 -9.94 28.66 12.74
CA ASN A 1662 -9.56 29.29 14.00
C ASN A 1662 -10.75 29.96 14.68
N LEU A 1663 -10.61 30.24 15.99
CA LEU A 1663 -11.67 30.92 16.73
C LEU A 1663 -11.52 32.40 16.44
N ARG A 1664 -10.31 32.92 16.61
CA ARG A 1664 -9.73 34.25 16.36
C ARG A 1664 -10.21 35.37 17.28
N LEU A 1665 -11.20 35.16 18.16
CA LEU A 1665 -11.58 36.21 19.10
C LEU A 1665 -11.67 35.68 20.53
N ASP A 1666 -12.06 34.42 20.70
CA ASP A 1666 -12.12 33.82 22.02
C ASP A 1666 -10.77 33.16 22.30
N SER A 1667 -10.27 32.42 21.32
CA SER A 1667 -8.97 31.80 21.41
C SER A 1667 -8.12 32.31 20.27
N MET A 1668 -7.09 33.09 20.60
CA MET A 1668 -6.17 33.67 19.62
C MET A 1668 -4.85 32.97 19.95
N ASP A 1669 -4.92 31.67 20.17
CA ASP A 1669 -3.75 30.87 20.48
C ASP A 1669 -3.45 29.94 19.32
N TYR A 1670 -4.36 29.91 18.34
CA TYR A 1670 -4.18 29.05 17.17
C TYR A 1670 -3.33 29.72 16.09
N ILE A 1671 -3.50 31.04 15.91
CA ILE A 1671 -2.72 31.77 14.90
C ILE A 1671 -1.28 31.88 15.33
N ILE A 1672 -1.06 31.99 16.65
CA ILE A 1672 0.28 32.04 17.26
C ILE A 1672 0.93 30.68 17.08
N ASP A 1673 0.13 29.61 17.19
CA ASP A 1673 0.61 28.24 17.00
C ASP A 1673 0.98 27.95 15.55
N VAL A 1674 0.21 28.48 14.59
CA VAL A 1674 0.48 28.26 13.15
C VAL A 1674 1.73 29.05 12.76
N LEU A 1675 1.91 30.26 13.32
CA LEU A 1675 3.12 31.04 13.04
C LEU A 1675 4.34 30.48 13.76
N TYR A 1676 4.14 29.86 14.94
CA TYR A 1676 5.23 29.24 15.66
C TYR A 1676 5.64 27.93 15.00
N ALA A 1677 4.68 27.21 14.40
CA ALA A 1677 5.00 25.98 13.68
C ALA A 1677 5.71 26.29 12.37
N ARG A 1678 5.37 27.42 11.73
CA ARG A 1678 6.07 27.83 10.51
C ARG A 1678 7.48 28.33 10.84
N LYS A 1679 7.65 28.94 12.02
CA LYS A 1679 8.97 29.38 12.45
C LYS A 1679 9.83 28.18 12.89
N LEU A 1680 9.19 27.11 13.39
CA LEU A 1680 9.92 25.91 13.76
C LEU A 1680 10.23 25.09 12.51
N LYS A 1681 9.39 25.23 11.46
CA LYS A 1681 9.63 24.53 10.21
C LYS A 1681 10.63 25.29 9.34
N LYS A 1682 10.94 26.54 9.72
CA LYS A 1682 11.96 27.33 9.03
C LYS A 1682 13.33 26.72 9.30
N GLU A 1683 13.51 26.16 10.50
CA GLU A 1683 14.74 25.49 10.88
C GLU A 1683 14.41 23.99 10.91
N ASN A 1684 15.37 23.15 11.34
CA ASN A 1684 15.10 21.71 11.34
C ASN A 1684 15.64 20.95 12.54
N ILE A 1685 16.00 21.61 13.63
CA ILE A 1685 16.56 20.93 14.79
C ILE A 1685 15.43 20.65 15.78
N VAL A 1686 14.63 21.66 16.10
CA VAL A 1686 13.49 21.55 17.02
C VAL A 1686 12.26 21.37 16.14
N LEU A 1687 11.35 20.48 16.55
CA LEU A 1687 10.13 20.22 15.80
C LEU A 1687 8.85 20.47 16.60
N TRP A 1688 7.70 20.10 16.03
CA TRP A 1688 6.39 20.32 16.64
C TRP A 1688 6.08 19.34 17.78
N TRP A 1689 4.84 19.38 18.27
CA TRP A 1689 4.43 18.55 19.40
C TRP A 1689 2.96 18.12 19.26
N ASN A 1690 2.41 17.62 20.38
CA ASN A 1690 1.08 17.05 20.62
C ASN A 1690 -0.11 17.87 20.13
N GLU A 1691 -1.26 17.19 19.95
CA GLU A 1691 -2.48 17.82 19.45
C GLU A 1691 -3.72 17.65 20.32
N LYS A 1692 -3.81 16.57 21.11
CA LYS A 1692 -5.02 16.35 21.92
C LYS A 1692 -4.63 16.08 23.38
N ALA A 1693 -3.35 15.97 23.67
CA ALA A 1693 -2.78 15.77 25.00
C ALA A 1693 -2.64 17.13 25.70
N PRO A 1694 -2.09 17.26 26.98
CA PRO A 1694 -1.88 18.61 27.54
C PRO A 1694 -0.66 19.38 27.02
N LEU A 1695 -0.06 18.93 25.90
CA LEU A 1695 1.04 19.36 25.03
C LEU A 1695 2.47 19.55 25.53
N PRO A 1696 3.18 18.49 25.84
CA PRO A 1696 4.57 18.64 26.29
C PRO A 1696 5.52 18.75 25.12
N ASP A 1697 6.78 19.03 25.45
CA ASP A 1697 7.90 19.12 24.50
C ASP A 1697 9.01 18.28 25.09
N HIS A 1698 8.69 17.07 25.55
CA HIS A 1698 9.69 16.21 26.18
C HIS A 1698 9.93 14.89 25.47
N GLY A 1699 10.93 14.19 26.01
CA GLY A 1699 11.40 12.88 25.63
C GLY A 1699 10.60 11.80 26.32
N GLY A 1700 9.40 11.55 25.84
CA GLY A 1700 8.48 10.59 26.43
C GLY A 1700 7.29 11.41 26.86
N ILE A 1701 6.20 11.27 26.10
CA ILE A 1701 4.99 12.04 26.37
C ILE A 1701 4.26 11.42 27.55
N GLN A 1702 4.22 10.09 27.64
CA GLN A 1702 3.54 9.42 28.76
C GLN A 1702 4.41 9.04 29.96
N ASN A 1703 4.91 10.05 30.69
CA ASN A 1703 5.76 9.82 31.87
C ASN A 1703 5.56 10.75 33.06
N ASP A 1704 6.43 10.59 34.11
CA ASP A 1704 6.59 11.23 35.44
C ASP A 1704 7.36 12.58 35.41
N PHE A 1705 7.68 12.97 34.18
CA PHE A 1705 8.41 14.22 33.91
C PHE A 1705 7.64 15.50 34.25
N ASP A 1706 6.30 15.46 34.18
CA ASP A 1706 5.52 16.68 34.38
C ASP A 1706 5.11 16.99 35.82
N LEU A 1707 5.34 16.06 36.76
CA LEU A 1707 5.10 16.37 38.16
C LEU A 1707 6.18 17.30 38.69
N ASN A 1708 7.39 17.19 38.14
CA ASN A 1708 8.48 18.06 38.53
C ASN A 1708 8.26 19.43 37.89
N THR A 1709 7.57 19.47 36.75
CA THR A 1709 7.27 20.74 36.09
C THR A 1709 5.88 21.24 36.45
N SER A 1710 5.28 20.70 37.52
CA SER A 1710 3.98 21.14 38.00
C SER A 1710 4.07 22.51 38.67
N TRP A 1711 4.97 22.62 39.66
CA TRP A 1711 5.43 23.82 40.37
C TRP A 1711 4.36 24.43 41.28
N ILE A 1712 4.24 23.83 42.47
CA ILE A 1712 3.31 24.12 43.54
C ILE A 1712 3.28 25.57 44.06
N MET A 1713 2.11 26.18 43.89
CA MET A 1713 1.64 27.53 44.27
C MET A 1713 2.24 28.70 43.48
N ASN A 1714 3.23 28.41 42.59
CA ASN A 1714 3.95 29.26 41.63
C ASN A 1714 4.27 30.71 42.02
N ASP A 1715 4.99 30.87 43.15
CA ASP A 1715 5.30 32.18 43.74
C ASP A 1715 6.16 33.10 42.89
N SER A 1716 5.52 34.17 42.38
CA SER A 1716 6.19 35.18 41.59
C SER A 1716 7.11 36.02 42.48
N GLU A 1717 6.52 36.73 43.44
CA GLU A 1717 7.22 37.59 44.39
C GLU A 1717 6.30 37.83 45.57
N PHE A 1718 6.92 38.11 46.72
CA PHE A 1718 6.19 38.39 47.96
C PHE A 1718 7.06 39.25 48.88
N PRO A 1719 7.08 40.59 48.70
CA PRO A 1719 7.93 41.42 49.57
C PRO A 1719 7.26 42.00 50.81
N LYS A 1720 8.01 42.02 51.92
CA LYS A 1720 7.56 42.59 53.18
C LYS A 1720 8.76 43.22 53.88
N ILE A 1721 8.91 44.53 53.70
CA ILE A 1721 10.00 45.34 54.24
C ILE A 1721 9.32 46.16 55.35
N ASN A 1722 8.02 45.89 55.61
CA ASN A 1722 7.14 46.51 56.61
C ASN A 1722 7.08 48.05 56.64
N ASN A 1723 6.52 48.62 55.59
CA ASN A 1723 6.33 50.06 55.47
C ASN A 1723 4.87 50.28 55.09
N SER A 1724 4.05 50.69 56.05
CA SER A 1724 2.63 50.91 55.75
C SER A 1724 2.42 52.39 55.44
N GLY A 1725 2.76 53.25 56.40
CA GLY A 1725 2.64 54.67 56.21
C GLY A 1725 3.84 55.16 55.43
N VAL A 1726 3.63 55.63 54.20
CA VAL A 1726 4.73 56.10 53.37
C VAL A 1726 5.17 57.46 53.90
N TYR A 1727 6.47 57.73 53.79
CA TYR A 1727 7.06 58.94 54.32
C TYR A 1727 6.74 60.23 53.58
N ASP A 1728 6.64 60.19 52.25
CA ASP A 1728 6.37 61.39 51.47
C ASP A 1728 5.14 61.24 50.59
N ASN A 1729 4.68 62.37 50.06
CA ASN A 1729 3.52 62.40 49.18
C ASN A 1729 3.93 61.94 47.78
N VAL A 1730 3.98 60.63 47.61
CA VAL A 1730 4.41 59.98 46.38
C VAL A 1730 3.19 59.52 45.57
N VAL A 1731 3.24 59.63 44.23
CA VAL A 1731 2.18 59.13 43.37
C VAL A 1731 2.79 58.01 42.50
N LEU A 1732 2.02 56.97 42.27
CA LEU A 1732 2.45 55.86 41.45
C LEU A 1732 2.10 56.12 39.99
N ASP A 1733 3.05 55.88 39.09
CA ASP A 1733 2.83 55.92 37.65
C ASP A 1733 3.67 54.75 37.12
N VAL A 1734 3.60 53.62 37.82
CA VAL A 1734 4.41 52.45 37.53
C VAL A 1734 3.53 51.23 37.16
N GLY A 1735 2.35 51.46 36.59
CA GLY A 1735 1.44 50.38 36.25
C GLY A 1735 1.83 49.53 35.06
N VAL A 1736 2.88 48.70 35.27
CA VAL A 1736 3.46 47.81 34.28
C VAL A 1736 2.57 46.70 33.73
N ASP A 1737 2.41 46.68 32.41
CA ASP A 1737 1.69 45.67 31.68
C ASP A 1737 2.79 45.02 30.85
N ASN A 1738 2.40 43.99 30.06
CA ASN A 1738 3.22 43.19 29.14
C ASN A 1738 4.64 42.77 29.58
N LEU A 1739 4.75 42.35 30.85
CA LEU A 1739 6.03 41.93 31.41
C LEU A 1739 6.49 40.59 30.85
N THR A 1740 5.57 39.76 30.37
CA THR A 1740 5.94 38.48 29.78
C THR A 1740 6.41 38.76 28.36
N VAL A 1741 5.92 39.83 27.75
CA VAL A 1741 6.30 40.21 26.39
C VAL A 1741 7.65 40.89 26.49
N ASN A 1742 7.88 41.69 27.55
CA ASN A 1742 9.15 42.40 27.74
C ASN A 1742 10.19 41.58 28.49
N THR A 1743 10.11 40.25 28.41
CA THR A 1743 11.04 39.30 29.01
C THR A 1743 11.70 38.57 27.85
N ILE A 1744 10.89 38.05 26.93
CA ILE A 1744 11.39 37.33 25.75
C ILE A 1744 12.07 38.25 24.74
N LEU A 1745 11.73 39.55 24.72
CA LEU A 1745 12.31 40.48 23.77
C LEU A 1745 13.67 40.99 24.24
N THR A 1746 14.03 40.73 25.49
CA THR A 1746 15.31 41.12 26.06
C THR A 1746 16.27 39.94 26.06
N SER A 1747 15.78 38.76 26.47
CA SER A 1747 16.59 37.55 26.55
C SER A 1747 17.00 36.99 25.20
N SER A 1784 13.27 25.36 25.86
CA SER A 1784 14.66 25.07 25.53
C SER A 1784 15.42 26.34 25.16
N ASN A 1785 16.51 26.18 24.43
CA ASN A 1785 17.34 27.30 24.00
C ASN A 1785 16.98 27.80 22.61
N ASP A 1786 16.87 26.88 21.64
CA ASP A 1786 16.54 27.25 20.27
C ASP A 1786 15.07 27.67 20.14
N ALA A 1787 14.19 27.10 20.99
CA ALA A 1787 12.78 27.48 20.99
C ALA A 1787 12.62 28.88 21.57
N LEU A 1788 13.45 29.23 22.55
CA LEU A 1788 13.40 30.55 23.16
C LEU A 1788 14.00 31.59 22.21
N ASN A 1789 15.07 31.25 21.47
CA ASN A 1789 15.59 32.27 20.56
C ASN A 1789 14.77 32.38 19.27
N VAL A 1790 13.99 31.35 18.90
CA VAL A 1790 13.14 31.50 17.72
C VAL A 1790 11.87 32.26 18.18
N LEU A 1791 11.50 32.16 19.48
CA LEU A 1791 10.39 32.96 19.99
C LEU A 1791 10.79 34.41 20.14
N ARG A 1792 12.06 34.65 20.49
CA ARG A 1792 12.59 36.01 20.59
C ARG A 1792 12.68 36.65 19.21
N GLY A 1793 13.06 35.88 18.19
CA GLY A 1793 13.08 36.38 16.82
C GLY A 1793 11.71 36.60 16.23
N MET A 1794 10.72 35.79 16.63
CA MET A 1794 9.34 35.96 16.18
C MET A 1794 8.73 37.19 16.85
N LEU A 1795 9.03 37.42 18.13
CA LEU A 1795 8.51 38.61 18.80
C LEU A 1795 9.25 39.88 18.37
N LYS A 1796 10.51 39.76 17.92
CA LYS A 1796 11.25 40.91 17.41
C LYS A 1796 10.74 41.25 16.02
N GLU A 1797 10.23 40.26 15.30
CA GLU A 1797 9.66 40.54 14.00
C GLU A 1797 8.22 40.98 14.19
N TRP A 1798 7.57 40.57 15.28
CA TRP A 1798 6.18 40.94 15.57
C TRP A 1798 6.02 42.34 16.09
N TRP A 1799 7.04 42.87 16.78
CA TRP A 1799 6.95 44.22 17.29
C TRP A 1799 7.22 45.22 16.17
N ASP A 1800 7.89 44.77 15.10
CA ASP A 1800 8.18 45.62 13.96
C ASP A 1800 6.94 45.97 13.15
N GLU A 1801 5.92 45.09 13.13
CA GLU A 1801 4.72 45.45 12.38
C GLU A 1801 3.75 46.17 13.31
N ALA A 1802 3.97 46.11 14.62
CA ALA A 1802 3.11 46.85 15.55
C ALA A 1802 3.68 48.24 15.85
N LEU A 1803 4.03 48.97 14.80
CA LEU A 1803 4.61 50.31 14.84
C LEU A 1803 4.36 50.99 13.51
N LYS A 1804 3.49 52.01 13.52
CA LYS A 1804 3.04 52.97 12.48
C LYS A 1804 2.12 52.34 11.40
N GLU A 1805 2.02 51.01 11.32
CA GLU A 1805 1.13 50.38 10.34
C GLU A 1805 0.59 49.03 10.86
N ASN A 1806 -0.59 49.08 11.47
CA ASN A 1806 -1.20 47.87 12.04
C ASN A 1806 -2.71 47.95 12.18
N SER A 1807 -3.39 46.90 11.74
CA SER A 1807 -4.84 46.85 11.91
C SER A 1807 -5.33 45.57 12.59
N THR A 1808 -4.75 44.39 12.28
CA THR A 1808 -5.14 43.12 12.90
C THR A 1808 -3.87 42.31 13.23
N ALA A 1809 -2.86 42.94 13.79
CA ALA A 1809 -1.66 42.21 14.16
C ALA A 1809 -1.12 42.69 15.51
N ASP A 1810 -1.79 43.65 16.13
CA ASP A 1810 -1.39 44.17 17.43
C ASP A 1810 -1.96 43.27 18.51
N LEU A 1811 -2.99 42.47 18.17
CA LEU A 1811 -3.63 41.55 19.10
C LEU A 1811 -2.76 40.31 19.29
N LEU A 1812 -1.83 40.06 18.35
CA LEU A 1812 -0.92 38.92 18.42
C LEU A 1812 0.06 39.04 19.57
N VAL A 1813 0.41 40.27 19.97
CA VAL A 1813 1.34 40.50 21.08
C VAL A 1813 0.71 40.16 22.44
N ASN A 1814 -0.52 40.64 22.68
CA ASN A 1814 -1.22 40.36 23.93
C ASN A 1814 -1.70 38.90 23.97
N SER A 1815 -1.96 38.32 22.79
CA SER A 1815 -2.34 36.92 22.77
C SER A 1815 -1.11 36.05 22.91
N LEU A 1816 0.08 36.57 22.57
CA LEU A 1816 1.32 35.84 22.81
C LEU A 1816 1.68 35.85 24.28
N ALA A 1817 1.22 36.89 24.98
CA ALA A 1817 1.42 36.94 26.43
C ALA A 1817 0.52 35.93 27.11
N SER A 1818 -0.75 35.90 26.70
CA SER A 1818 -1.71 34.94 27.25
C SER A 1818 -1.51 33.50 26.78
N TRP A 1819 -0.86 33.31 25.63
CA TRP A 1819 -0.69 32.01 25.00
C TRP A 1819 0.26 31.02 25.69
N VAL A 1820 1.19 31.52 26.50
CA VAL A 1820 2.17 30.62 27.12
C VAL A 1820 1.60 29.80 28.28
N GLN A 1821 0.83 30.40 29.16
CA GLN A 1821 0.31 29.73 30.35
C GLN A 1821 -0.84 28.75 30.19
N ASN A 1822 -1.42 28.59 28.97
CA ASN A 1822 -2.55 27.66 28.89
C ASN A 1822 -2.33 26.38 28.07
N PRO A 1823 -2.96 25.26 28.48
CA PRO A 1823 -2.79 24.02 27.70
C PRO A 1823 -3.67 23.93 26.46
N ASN A 1824 -4.57 24.89 26.26
CA ASN A 1824 -5.45 24.94 25.09
C ASN A 1824 -4.68 25.49 23.89
N ALA A 1825 -3.56 26.16 24.14
CA ALA A 1825 -2.72 26.69 23.08
C ALA A 1825 -1.97 25.56 22.42
N LYS A 1826 -1.70 25.70 21.13
CA LYS A 1826 -1.00 24.62 20.46
C LYS A 1826 0.48 24.90 20.17
N LEU A 1827 1.20 23.79 19.95
CA LEU A 1827 2.59 23.47 19.62
C LEU A 1827 3.64 23.66 20.71
N PHE A 1828 3.34 24.35 21.83
CA PHE A 1828 4.23 24.48 23.00
C PHE A 1828 3.63 25.08 24.27
N ASP A 1829 3.57 24.35 25.40
CA ASP A 1829 3.27 24.92 26.72
C ASP A 1829 3.98 24.14 27.85
N GLY A 1830 4.84 23.20 27.47
CA GLY A 1830 5.46 22.30 28.44
C GLY A 1830 6.47 22.92 29.40
N LEU A 1831 7.64 23.28 28.89
CA LEU A 1831 8.68 23.82 29.75
C LEU A 1831 8.79 25.30 29.47
N LEU A 1832 7.94 25.80 28.58
CA LEU A 1832 7.96 27.19 28.20
C LEU A 1832 7.38 28.09 29.28
N ARG A 1833 6.36 27.58 30.00
CA ARG A 1833 5.67 28.33 31.05
C ARG A 1833 6.58 28.59 32.24
N TYR A 1834 7.26 27.53 32.74
CA TYR A 1834 8.17 27.65 33.88
C TYR A 1834 9.41 28.47 33.55
N HIS A 1835 9.93 28.32 32.32
CA HIS A 1835 11.11 29.09 31.91
C HIS A 1835 10.80 30.57 31.72
N VAL A 1836 9.61 30.90 31.17
CA VAL A 1836 9.27 32.31 31.00
C VAL A 1836 8.84 32.89 32.34
N HIS A 1837 8.37 32.06 33.30
CA HIS A 1837 8.02 32.56 34.62
C HIS A 1837 9.28 32.88 35.42
N ASN A 1838 10.33 32.05 35.30
CA ASN A 1838 11.59 32.33 35.98
C ASN A 1838 12.31 33.51 35.33
N LEU A 1839 12.21 33.64 34.00
CA LEU A 1839 12.86 34.76 33.34
C LEU A 1839 12.09 36.06 33.57
N THR A 1840 10.76 36.00 33.81
CA THR A 1840 9.99 37.20 34.11
C THR A 1840 10.23 37.57 35.57
N LYS A 1841 10.51 36.55 36.42
CA LYS A 1841 10.84 36.80 37.83
C LYS A 1841 12.22 37.46 37.91
N LYS A 1842 13.14 37.05 37.02
CA LYS A 1842 14.46 37.65 36.91
C LYS A 1842 14.35 39.08 36.38
N ALA A 1843 13.45 39.31 35.43
CA ALA A 1843 13.23 40.66 34.90
C ALA A 1843 12.52 41.57 35.89
N LEU A 1844 11.69 41.00 36.78
CA LEU A 1844 11.01 41.77 37.82
C LEU A 1844 12.03 42.18 38.89
N LEU A 1845 12.94 41.26 39.24
CA LEU A 1845 14.01 41.57 40.19
C LEU A 1845 15.05 42.51 39.57
N GLN A 1846 15.19 42.50 38.24
CA GLN A 1846 16.14 43.42 37.61
C GLN A 1846 15.49 44.80 37.51
N LEU A 1847 14.17 44.87 37.30
CA LEU A 1847 13.48 46.16 37.19
C LEU A 1847 12.95 46.64 38.53
N VAL A 1848 13.28 45.98 39.64
CA VAL A 1848 12.84 46.42 40.95
C VAL A 1848 13.96 47.24 41.58
N ASN A 1849 15.16 47.26 40.98
CA ASN A 1849 16.25 48.05 41.55
C ASN A 1849 16.98 48.90 40.54
N GLU A 1850 16.82 48.66 39.23
CA GLU A 1850 17.53 49.45 38.23
C GLU A 1850 16.85 50.81 38.02
N PHE A 1851 15.58 50.92 38.39
CA PHE A 1851 14.84 52.17 38.26
C PHE A 1851 15.09 53.04 39.49
N SER A 1852 15.74 52.50 40.52
CA SER A 1852 16.03 53.23 41.75
C SER A 1852 17.16 54.25 41.64
N ALA A 1853 16.98 55.28 40.81
CA ALA A 1853 17.98 56.33 40.68
C ALA A 1853 17.86 57.34 41.80
N LEU A 1854 16.69 57.39 42.44
CA LEU A 1854 16.37 58.24 43.57
C LEU A 1854 16.06 57.28 44.72
N GLY A 1855 15.66 57.82 45.87
CA GLY A 1855 15.35 56.98 47.02
C GLY A 1855 14.02 56.27 46.96
N SER A 1856 13.89 55.29 46.07
CA SER A 1856 12.66 54.54 45.87
C SER A 1856 12.74 53.12 46.41
N THR A 1857 11.76 52.75 47.25
CA THR A 1857 11.67 51.43 47.84
C THR A 1857 10.28 50.86 47.56
N ILE A 1858 10.16 49.53 47.64
CA ILE A 1858 8.93 48.82 47.34
C ILE A 1858 8.32 48.14 48.56
N VAL A 1859 7.02 47.83 48.49
CA VAL A 1859 6.31 47.07 49.52
C VAL A 1859 5.49 45.97 48.87
N TYR A 1860 5.30 46.07 47.55
CA TYR A 1860 4.47 45.16 46.79
C TYR A 1860 5.06 44.89 45.42
N ALA A 1861 4.97 43.63 44.97
CA ALA A 1861 5.47 43.24 43.65
C ALA A 1861 4.67 42.03 43.15
N ASP A 1862 3.69 42.27 42.28
CA ASP A 1862 2.89 41.19 41.70
C ASP A 1862 2.61 41.33 40.21
N ARG A 1863 3.65 41.69 39.42
CA ARG A 1863 3.72 41.83 37.97
C ARG A 1863 2.79 42.84 37.29
N ASN A 1864 2.05 43.63 38.05
CA ASN A 1864 1.14 44.63 37.51
C ASN A 1864 1.48 46.04 37.97
N GLN A 1865 1.92 46.19 39.22
CA GLN A 1865 2.32 47.46 39.79
C GLN A 1865 3.25 47.21 40.98
N ILE A 1866 4.09 48.19 41.29
CA ILE A 1866 5.04 48.12 42.39
C ILE A 1866 4.95 49.44 43.16
N LEU A 1867 5.84 49.67 44.11
CA LEU A 1867 5.82 50.92 44.86
C LEU A 1867 7.07 51.75 44.55
N ILE A 1868 6.87 53.05 44.28
CA ILE A 1868 8.02 53.93 44.07
C ILE A 1868 8.01 54.87 45.27
N LYS A 1869 9.12 55.56 45.53
CA LYS A 1869 9.17 56.49 46.66
C LYS A 1869 9.95 57.72 46.25
N THR A 1870 9.33 58.88 46.41
CA THR A 1870 9.93 60.17 46.08
C THR A 1870 10.41 60.89 47.34
N ASN A 1871 11.07 62.03 47.13
CA ASN A 1871 11.58 62.85 48.23
C ASN A 1871 10.49 63.56 49.01
N LYS A 1872 10.85 64.04 50.22
CA LYS A 1872 9.92 64.74 51.10
C LYS A 1872 9.51 66.11 50.56
N TYR A 1873 10.43 66.79 49.87
CA TYR A 1873 10.13 68.07 49.26
C TYR A 1873 9.56 67.72 47.88
N SER A 1874 8.85 68.71 47.26
CA SER A 1874 8.20 68.70 45.95
C SER A 1874 7.10 67.64 45.87
N PRO A 1875 6.00 67.78 46.69
CA PRO A 1875 4.97 66.74 46.73
C PRO A 1875 4.11 66.49 45.48
N GLU A 1876 3.43 67.50 44.91
CA GLU A 1876 2.60 67.19 43.76
C GLU A 1876 2.54 68.09 42.52
N ASN A 1877 3.11 69.28 42.55
CA ASN A 1877 3.04 70.16 41.39
C ASN A 1877 4.08 69.78 40.32
N CYS A 1878 5.09 69.00 40.71
CA CYS A 1878 6.16 68.59 39.83
C CYS A 1878 5.97 67.28 39.08
N TYR A 1879 4.74 66.77 38.98
CA TYR A 1879 4.40 65.49 38.35
C TYR A 1879 4.82 65.26 36.89
N ALA A 1880 4.76 66.31 36.06
CA ALA A 1880 5.08 66.22 34.63
C ALA A 1880 6.56 65.97 34.37
N TYR A 1881 7.45 66.78 34.98
CA TYR A 1881 8.88 66.58 34.75
C TYR A 1881 9.43 65.36 35.47
N SER A 1882 8.85 65.04 36.65
CA SER A 1882 9.22 63.83 37.40
C SER A 1882 8.81 62.58 36.64
N GLN A 1883 7.65 62.63 35.95
CA GLN A 1883 7.16 61.50 35.16
C GLN A 1883 8.00 61.27 33.92
N TYR A 1884 8.36 62.35 33.18
CA TYR A 1884 9.24 62.15 32.01
C TYR A 1884 10.67 61.75 32.40
N MET A 1885 11.18 62.25 33.55
CA MET A 1885 12.52 61.87 33.99
C MET A 1885 12.54 60.43 34.49
N MET A 1886 11.42 59.98 35.11
CA MET A 1886 11.29 58.61 35.59
C MET A 1886 11.20 57.64 34.41
N LYS A 1887 10.47 58.03 33.35
CA LYS A 1887 10.38 57.19 32.15
C LYS A 1887 11.69 57.16 31.37
N ALA A 1888 12.41 58.29 31.32
CA ALA A 1888 13.69 58.34 30.61
C ALA A 1888 14.80 57.60 31.36
N VAL A 1889 14.68 57.48 32.69
CA VAL A 1889 15.72 56.76 33.42
C VAL A 1889 15.25 55.31 33.61
N ARG A 1890 13.99 55.01 33.29
CA ARG A 1890 13.53 53.63 33.37
C ARG A 1890 13.68 52.91 32.03
N THR A 1891 13.79 53.67 30.93
CA THR A 1891 13.92 53.02 29.62
C THR A 1891 15.32 52.50 29.34
N ASN A 1892 16.34 53.14 29.90
CA ASN A 1892 17.72 52.73 29.65
C ASN A 1892 18.23 51.41 30.26
N PRO A 1893 18.03 51.05 31.55
CA PRO A 1893 18.65 49.79 32.02
C PRO A 1893 17.94 48.51 31.64
N MET A 1894 16.73 48.55 31.09
CA MET A 1894 16.05 47.33 30.69
C MET A 1894 16.51 46.85 29.31
N PHE A 1895 17.20 47.74 28.58
CA PHE A 1895 17.88 47.70 27.28
C PHE A 1895 17.01 47.43 26.04
N SER A 1896 15.70 47.25 26.22
CA SER A 1896 14.83 47.09 25.07
C SER A 1896 13.67 48.06 25.23
N TYR A 1897 13.24 48.28 26.49
CA TYR A 1897 12.21 49.23 26.96
C TYR A 1897 10.88 49.14 26.22
N LEU A 1898 10.26 47.97 26.25
CA LEU A 1898 9.01 47.79 25.53
C LEU A 1898 7.76 47.67 26.40
N ASP A 1899 7.83 48.10 27.65
CA ASP A 1899 6.70 48.07 28.59
C ASP A 1899 6.25 49.48 29.00
N LEU A 1900 5.04 49.85 28.60
CA LEU A 1900 4.50 51.17 28.90
C LEU A 1900 3.96 51.28 30.32
N ASN A 1901 3.94 52.51 30.86
CA ASN A 1901 3.42 52.81 32.19
C ASN A 1901 2.44 53.99 32.07
N ILE A 1902 1.17 53.76 32.42
CA ILE A 1902 0.11 54.77 32.31
C ILE A 1902 -0.83 54.79 33.52
N LYS A 1903 -0.95 55.97 34.15
CA LYS A 1903 -1.90 56.35 35.20
C LYS A 1903 -2.18 55.49 36.44
N ARG A 1904 -1.22 55.29 37.34
CA ARG A 1904 -1.53 54.50 38.53
C ARG A 1904 -1.95 55.47 39.65
N TYR A 1905 -2.09 54.98 40.89
CA TYR A 1905 -2.52 55.86 41.98
C TYR A 1905 -1.84 55.62 43.33
N TRP A 1906 -1.57 56.72 44.06
CA TRP A 1906 -0.97 56.70 45.40
C TRP A 1906 -1.08 58.06 46.08
N ASP A 1907 -1.57 58.07 47.33
CA ASP A 1907 -1.60 59.30 48.13
C ASP A 1907 -1.57 58.91 49.61
N LEU A 1908 -0.37 58.91 50.23
CA LEU A 1908 -0.10 58.58 51.64
C LEU A 1908 -0.70 57.26 52.15
N LEU A 1909 -0.22 56.16 51.58
CA LEU A 1909 -0.72 54.82 51.85
C LEU A 1909 -0.61 54.24 53.26
N ILE A 1910 -1.23 53.05 53.41
CA ILE A 1910 -1.27 52.19 54.59
C ILE A 1910 -1.33 50.83 53.90
N TRP A 1911 -0.48 49.89 54.33
CA TRP A 1911 -0.41 48.56 53.72
C TRP A 1911 0.10 47.48 54.67
N MET A 1912 -0.76 46.55 55.10
CA MET A 1912 -0.20 45.50 55.97
C MET A 1912 0.27 44.39 55.04
N ASP A 1913 -0.65 43.66 54.41
CA ASP A 1913 -0.21 42.74 53.36
C ASP A 1913 -1.11 42.75 52.12
N LYS A 1914 -2.42 42.71 52.32
CA LYS A 1914 -3.39 42.78 51.22
C LYS A 1914 -4.65 43.57 51.56
N PHE A 1915 -4.99 43.74 52.84
CA PHE A 1915 -6.25 44.38 53.23
C PHE A 1915 -6.21 45.88 53.48
N ASN A 1916 -5.25 46.59 52.91
CA ASN A 1916 -5.18 48.03 53.13
C ASN A 1916 -4.85 48.84 51.89
N PHE A 1917 -5.82 49.63 51.43
CA PHE A 1917 -5.72 50.51 50.25
C PHE A 1917 -6.17 51.91 50.67
N SER A 1918 -5.25 52.72 51.18
CA SER A 1918 -5.61 54.06 51.62
C SER A 1918 -4.96 55.20 50.84
N GLY A 1919 -5.58 55.60 49.74
CA GLY A 1919 -5.02 56.71 48.99
C GLY A 1919 -5.17 56.72 47.49
N LEU A 1920 -5.58 57.87 46.98
CA LEU A 1920 -5.82 58.17 45.59
C LEU A 1920 -5.36 59.58 45.28
N ALA A 1921 -4.66 59.71 44.16
CA ALA A 1921 -4.22 61.03 43.71
C ALA A 1921 -4.22 60.99 42.20
N CYS A 1922 -5.32 61.43 41.59
CA CYS A 1922 -5.46 61.53 40.15
C CYS A 1922 -6.02 62.92 39.92
N ILE A 1923 -5.12 63.90 39.84
CA ILE A 1923 -5.49 65.30 39.65
C ILE A 1923 -4.66 65.78 38.47
N GLU A 1924 -5.31 66.40 37.48
CA GLU A 1924 -4.61 66.86 36.29
C GLU A 1924 -4.16 68.32 36.39
N ILE A 1925 -4.63 69.07 37.39
CA ILE A 1925 -4.16 70.45 37.54
C ILE A 1925 -2.98 70.38 38.50
N GLU A 1926 -2.84 69.23 39.20
CA GLU A 1926 -1.76 68.87 40.14
C GLU A 1926 -1.47 69.83 41.30
N GLU A 1927 -2.49 70.51 41.80
CA GLU A 1927 -2.24 71.44 42.91
C GLU A 1927 -3.13 71.17 44.12
N LYS A 1928 -4.39 70.83 43.90
CA LYS A 1928 -5.39 70.63 44.96
C LYS A 1928 -6.17 69.32 44.81
N GLU A 1929 -7.28 69.22 45.56
CA GLU A 1929 -8.26 68.10 45.62
C GLU A 1929 -7.78 66.65 45.77
N ASN A 1930 -6.91 66.41 46.75
CA ASN A 1930 -6.41 65.08 47.04
C ASN A 1930 -7.43 64.26 47.83
N GLN A 1931 -8.17 63.38 47.16
CA GLN A 1931 -9.19 62.57 47.81
C GLN A 1931 -8.61 61.37 48.55
N ASP A 1932 -9.44 60.66 49.32
CA ASP A 1932 -9.03 59.49 50.11
C ASP A 1932 -10.17 58.54 50.47
N TYR A 1933 -9.79 57.33 50.89
CA TYR A 1933 -10.64 56.23 51.39
C TYR A 1933 -9.72 55.25 52.09
N THR A 1934 -10.25 54.08 52.45
CA THR A 1934 -9.47 53.01 53.05
C THR A 1934 -10.05 51.66 52.65
N ALA A 1935 -9.60 50.59 53.30
CA ALA A 1935 -10.06 49.24 52.99
C ALA A 1935 -10.47 48.58 54.29
N VAL A 1936 -10.96 47.34 54.19
CA VAL A 1936 -11.43 46.59 55.36
C VAL A 1936 -10.58 45.33 55.47
N SER A 1937 -10.50 44.81 56.70
CA SER A 1937 -9.76 43.60 57.08
C SER A 1937 -10.14 42.30 56.36
N GLN A 1938 -9.26 41.31 56.47
CA GLN A 1938 -9.46 39.98 55.91
C GLN A 1938 -9.88 39.04 57.03
N TRP A 1939 -9.90 39.52 58.27
CA TRP A 1939 -10.24 38.73 59.45
C TRP A 1939 -11.72 38.78 59.82
N GLN A 1940 -12.61 39.04 58.85
CA GLN A 1940 -14.04 39.09 59.14
C GLN A 1940 -14.82 38.14 58.23
N LEU A 1941 -14.14 37.14 57.65
CA LEU A 1941 -14.77 36.15 56.79
C LEU A 1941 -14.59 34.80 57.49
N LYS A 1942 -13.49 34.61 58.22
CA LYS A 1942 -13.30 33.39 58.98
C LYS A 1942 -14.09 33.62 60.26
N LYS A 1943 -14.09 34.87 60.74
CA LYS A 1943 -14.85 35.29 61.90
C LYS A 1943 -16.23 35.67 61.36
N PHE A 1944 -17.23 34.85 61.68
CA PHE A 1944 -18.57 35.04 61.15
C PHE A 1944 -19.39 36.28 61.50
N LEU A 1945 -19.36 36.72 62.77
CA LEU A 1945 -20.15 37.88 63.12
C LEU A 1945 -19.49 38.81 64.13
N SER A 1946 -19.43 40.08 63.77
CA SER A 1946 -18.87 41.13 64.62
C SER A 1946 -19.99 42.13 64.92
N PRO A 1947 -20.45 42.23 66.17
CA PRO A 1947 -21.54 43.18 66.49
C PRO A 1947 -21.13 44.65 66.57
N ILE A 1948 -19.84 44.95 66.55
CA ILE A 1948 -19.34 46.33 66.63
C ILE A 1948 -18.48 46.57 65.39
N TYR A 1949 -18.83 45.90 64.29
CA TYR A 1949 -18.13 46.00 63.02
C TYR A 1949 -18.22 47.38 62.38
N GLN A 1950 -19.34 48.08 62.56
CA GLN A 1950 -19.56 49.42 62.02
C GLN A 1950 -18.68 50.41 62.76
N PRO A 1951 -18.45 50.20 64.07
CA PRO A 1951 -17.58 51.11 64.82
C PRO A 1951 -16.12 50.92 64.48
N GLU A 1952 -15.72 49.69 64.12
CA GLU A 1952 -14.34 49.43 63.71
C GLU A 1952 -14.07 50.04 62.34
N PHE A 1953 -15.08 50.01 61.45
CA PHE A 1953 -14.97 50.62 60.13
C PHE A 1953 -14.96 52.14 60.24
N GLU A 1954 -15.72 52.68 61.21
CA GLU A 1954 -15.72 54.12 61.46
C GLU A 1954 -14.40 54.58 62.07
N ASP A 1955 -13.78 53.75 62.93
CA ASP A 1955 -12.49 54.08 63.50
C ASP A 1955 -11.38 54.01 62.46
N TRP A 1956 -11.48 53.03 61.54
CA TRP A 1956 -10.51 52.92 60.45
C TRP A 1956 -10.66 54.04 59.43
N MET A 1957 -11.88 54.57 59.26
CA MET A 1957 -12.07 55.70 58.35
C MET A 1957 -11.77 57.03 59.03
N MET A 1958 -11.76 57.08 60.36
CA MET A 1958 -11.44 58.30 61.09
C MET A 1958 -9.96 58.44 61.44
N ILE A 1959 -9.22 57.33 61.46
CA ILE A 1959 -7.79 57.39 61.78
C ILE A 1959 -7.01 57.98 60.59
N ILE A 1960 -7.33 57.53 59.37
CA ILE A 1960 -6.63 57.97 58.16
C ILE A 1960 -6.98 59.41 57.77
N LEU A 1961 -8.18 59.90 58.10
CA LEU A 1961 -8.54 61.27 57.73
C LEU A 1961 -7.87 62.30 58.65
N ASP A 1962 -7.74 61.96 59.93
CA ASP A 1962 -7.12 62.86 60.88
C ASP A 1962 -5.61 62.78 60.74
N SER A 1963 -5.10 61.68 60.19
CA SER A 1963 -3.68 61.58 59.95
C SER A 1963 -3.32 62.34 58.69
N MET A 1964 -4.26 62.45 57.74
CA MET A 1964 -4.05 63.24 56.53
C MET A 1964 -4.05 64.74 56.86
N LEU A 1965 -4.95 65.14 57.78
CA LEU A 1965 -4.99 66.53 58.23
C LEU A 1965 -3.77 66.88 59.07
N LYS A 1966 -3.29 65.93 59.90
CA LYS A 1966 -2.09 66.16 60.69
C LYS A 1966 -0.83 66.11 59.83
N THR A 1967 -0.82 65.35 58.73
CA THR A 1967 0.30 65.32 57.81
C THR A 1967 0.39 66.60 57.00
N LYS A 1968 -0.78 67.18 56.65
CA LYS A 1968 -0.82 68.46 55.95
C LYS A 1968 -0.37 69.59 56.88
N GLN A 1969 -0.71 69.48 58.18
CA GLN A 1969 -0.26 70.46 59.17
C GLN A 1969 1.24 70.33 59.43
N SER A 1970 1.77 69.09 59.43
CA SER A 1970 3.21 68.86 59.60
C SER A 1970 4.00 69.31 58.38
N TYR A 1971 3.41 69.19 57.18
CA TYR A 1971 4.07 69.67 55.96
C TYR A 1971 4.05 71.19 55.90
N LEU A 1972 3.00 71.81 56.44
CA LEU A 1972 2.95 73.27 56.45
C LEU A 1972 3.86 73.84 57.54
N LYS A 1973 4.08 73.09 58.63
CA LYS A 1973 4.96 73.53 59.69
C LYS A 1973 6.43 73.18 59.47
N LEU A 1974 6.73 72.23 58.59
CA LEU A 1974 8.12 71.85 58.34
C LEU A 1974 8.85 72.89 57.50
N ASN A 1975 8.14 73.57 56.60
CA ASN A 1975 8.76 74.59 55.76
C ASN A 1975 7.76 75.70 55.47
N GLU A 1993 10.20 61.03 58.31
CA GLU A 1993 10.88 60.84 59.59
C GLU A 1993 10.33 61.78 60.66
N ASP A 1994 10.51 63.08 60.42
CA ASP A 1994 10.02 64.08 61.37
C ASP A 1994 8.51 64.27 61.25
N SER A 1995 8.01 64.33 60.01
CA SER A 1995 6.58 64.53 59.80
C SER A 1995 5.79 63.23 59.98
N VAL A 1996 6.45 62.08 59.98
CA VAL A 1996 5.74 60.81 60.16
C VAL A 1996 5.36 60.62 61.62
N GLU A 1997 6.23 61.03 62.54
CA GLU A 1997 5.93 60.91 63.96
C GLU A 1997 5.02 62.02 64.44
N ASN A 1998 5.01 63.15 63.73
CA ASN A 1998 4.20 64.30 64.10
C ASN A 1998 2.73 64.14 63.74
N SER A 1999 2.38 63.19 62.87
CA SER A 1999 0.99 63.01 62.52
C SER A 1999 0.28 62.05 63.47
N LEU A 2000 1.03 61.11 64.04
CA LEU A 2000 0.44 60.12 64.93
C LEU A 2000 0.17 60.65 66.33
N ASN A 2001 0.65 61.84 66.69
CA ASN A 2001 0.38 62.41 68.00
C ASN A 2001 -1.05 62.95 68.06
N GLY A 2002 -1.40 63.79 67.08
CA GLY A 2002 -2.74 64.33 66.98
C GLY A 2002 -3.74 63.26 66.57
N PHE A 2003 -3.28 62.29 65.75
CA PHE A 2003 -4.11 61.16 65.34
C PHE A 2003 -4.41 60.23 66.52
N SER A 2004 -3.41 59.96 67.37
CA SER A 2004 -3.58 59.14 68.56
C SER A 2004 -4.44 59.83 69.62
N HIS A 2005 -4.35 61.17 69.76
CA HIS A 2005 -5.19 61.88 70.73
C HIS A 2005 -6.67 61.89 70.31
N LEU A 2006 -6.92 62.11 68.98
CA LEU A 2006 -8.27 62.11 68.45
C LEU A 2006 -8.85 60.70 68.45
N PHE A 2007 -8.01 59.67 68.34
CA PHE A 2007 -8.52 58.32 68.43
C PHE A 2007 -8.53 57.83 69.87
N SER A 2008 -7.81 58.50 70.78
CA SER A 2008 -7.79 58.10 72.18
C SER A 2008 -9.07 58.47 72.87
N LYS A 2009 -9.69 59.59 72.46
CA LYS A 2009 -10.98 59.94 73.05
C LYS A 2009 -12.09 59.02 72.53
N PRO A 2010 -12.11 58.69 71.23
CA PRO A 2010 -13.15 57.80 70.70
C PRO A 2010 -12.98 56.34 71.11
N LEU A 2011 -11.75 55.89 71.39
CA LEU A 2011 -11.55 54.50 71.82
C LEU A 2011 -12.06 54.29 73.23
N MET A 2012 -11.91 55.31 74.09
CA MET A 2012 -12.41 55.24 75.46
C MET A 2012 -13.93 55.33 75.47
N LYS A 2013 -14.50 56.11 74.53
CA LYS A 2013 -15.96 56.20 74.39
C LYS A 2013 -16.55 54.90 73.83
N ARG A 2014 -15.84 54.29 72.86
CA ARG A 2014 -16.21 53.03 72.25
C ARG A 2014 -16.10 51.88 73.23
N VAL A 2015 -15.07 51.89 74.09
CA VAL A 2015 -14.90 50.87 75.13
C VAL A 2015 -15.96 50.98 76.21
N LYS A 2016 -16.39 52.20 76.55
CA LYS A 2016 -17.45 52.39 77.54
C LYS A 2016 -18.80 51.93 76.97
N LYS A 2017 -19.04 52.21 75.68
CA LYS A 2017 -20.28 51.78 75.02
C LYS A 2017 -20.30 50.26 74.80
N LEU A 2018 -19.12 49.65 74.62
CA LEU A 2018 -19.07 48.20 74.45
C LEU A 2018 -19.16 47.49 75.79
N PHE A 2019 -18.64 48.10 76.87
CA PHE A 2019 -18.73 47.49 78.19
C PHE A 2019 -20.10 47.70 78.82
N LYS A 2020 -20.88 48.67 78.30
CA LYS A 2020 -22.23 48.90 78.82
C LYS A 2020 -23.20 47.78 78.43
N ASN A 2021 -22.95 47.11 77.30
CA ASN A 2021 -23.79 46.02 76.86
C ASN A 2021 -23.22 44.68 77.37
N GLN A 2022 -24.00 43.62 77.20
CA GLN A 2022 -23.58 42.29 77.64
C GLN A 2022 -23.84 41.29 76.53
N GLN A 2023 -23.03 40.24 76.50
CA GLN A 2023 -23.15 39.18 75.50
C GLN A 2023 -24.13 38.09 75.89
N GLU A 2024 -24.54 38.03 77.15
CA GLU A 2024 -25.47 37.00 77.59
C GLU A 2024 -26.94 37.42 77.47
N PHE A 2025 -27.20 38.65 77.03
CA PHE A 2025 -28.56 39.14 76.89
C PHE A 2025 -29.22 38.54 75.66
N ILE A 2026 -30.53 38.31 75.74
CA ILE A 2026 -31.27 37.74 74.61
C ILE A 2026 -31.53 38.80 73.55
N LEU A 2027 -31.71 40.06 73.99
CA LEU A 2027 -31.95 41.15 73.05
C LEU A 2027 -30.68 41.53 72.32
N ASP A 2028 -29.54 41.48 73.02
CA ASP A 2028 -28.26 41.78 72.39
C ASP A 2028 -27.83 40.66 71.45
N PRO A 2029 -28.14 39.39 71.72
CA PRO A 2029 -27.80 38.34 70.75
C PRO A 2029 -28.82 38.29 69.63
N GLN A 2030 -30.04 38.76 69.90
CA GLN A 2030 -31.08 38.79 68.88
C GLN A 2030 -30.84 39.92 67.89
N TYR A 2031 -30.18 40.99 68.34
CA TYR A 2031 -29.87 42.10 67.45
C TYR A 2031 -28.69 41.74 66.55
N GLU A 2032 -27.65 41.16 67.13
CA GLU A 2032 -26.46 40.75 66.40
C GLU A 2032 -25.84 39.54 67.08
N SER A 2043 -16.58 40.54 70.88
CA SER A 2043 -16.68 41.98 71.02
C SER A 2043 -15.43 42.57 71.68
N HIS A 2044 -14.39 41.76 71.78
CA HIS A 2044 -13.13 42.19 72.38
C HIS A 2044 -11.98 41.83 71.46
N LEU A 2045 -12.27 41.24 70.29
CA LEU A 2045 -11.21 40.88 69.36
C LEU A 2045 -11.01 42.02 68.37
N ASN A 2046 -12.04 42.83 68.15
CA ASN A 2046 -11.98 43.95 67.22
C ASN A 2046 -11.20 45.14 67.75
N VAL A 2047 -10.91 45.17 69.04
CA VAL A 2047 -10.15 46.26 69.64
C VAL A 2047 -8.70 45.81 69.76
N LYS A 2048 -8.45 44.50 69.83
CA LYS A 2048 -7.10 43.98 69.99
C LYS A 2048 -6.43 43.58 68.68
N ASN A 2049 -7.07 42.71 67.90
CA ASN A 2049 -6.48 42.22 66.65
C ASN A 2049 -6.10 43.14 65.48
N PRO A 2050 -6.86 44.20 65.09
CA PRO A 2050 -6.34 45.04 63.99
C PRO A 2050 -5.30 46.04 64.51
N LEU A 2051 -5.33 46.31 65.82
CA LEU A 2051 -4.41 47.23 66.46
C LEU A 2051 -3.09 46.48 66.61
N LEU A 2052 -3.17 45.15 66.79
CA LEU A 2052 -2.01 44.25 66.84
C LEU A 2052 -1.25 44.29 65.52
N GLU A 2053 -1.99 44.35 64.40
CA GLU A 2053 -1.37 44.40 63.09
C GLU A 2053 -0.95 45.81 62.73
N LEU A 2054 -1.41 46.84 63.46
CA LEU A 2054 -0.97 48.19 63.10
C LEU A 2054 0.01 48.83 64.10
N VAL A 2055 0.33 48.18 65.24
CA VAL A 2055 1.34 48.77 66.14
C VAL A 2055 2.75 48.60 65.58
N LYS A 2056 2.98 47.55 64.79
CA LYS A 2056 4.27 47.29 64.18
C LYS A 2056 4.34 47.81 62.76
N SER A 2057 3.35 48.62 62.36
CA SER A 2057 3.31 49.20 61.02
C SER A 2057 4.39 50.24 60.79
N LEU A 2058 4.55 51.18 61.74
CA LEU A 2058 5.52 52.25 61.61
C LEU A 2058 6.61 52.21 62.68
N CYS A 2059 7.83 52.61 62.28
CA CYS A 2059 8.97 52.66 63.20
C CYS A 2059 8.78 53.75 64.25
N HIS A 2060 8.20 54.88 63.85
CA HIS A 2060 7.94 56.01 64.74
C HIS A 2060 6.78 55.67 65.66
N VAL A 2061 7.06 55.58 66.96
CA VAL A 2061 6.09 55.21 67.98
C VAL A 2061 5.10 56.37 68.18
N MET A 2062 3.89 56.05 68.65
CA MET A 2062 2.87 57.05 68.90
C MET A 2062 2.69 57.13 70.41
N LEU A 2063 1.69 57.91 70.84
CA LEU A 2063 1.44 58.11 72.27
C LEU A 2063 0.94 56.90 73.03
N LEU A 2064 -0.21 56.35 72.64
CA LEU A 2064 -0.83 55.21 73.32
C LEU A 2064 -0.60 53.84 72.68
N SER A 2065 0.50 53.71 71.93
CA SER A 2065 0.97 52.51 71.20
C SER A 2065 0.94 51.17 71.91
N LYS A 2066 1.66 51.03 73.02
CA LYS A 2066 1.73 49.77 73.76
C LYS A 2066 0.92 49.83 75.05
N SER A 2067 0.17 50.91 75.27
CA SER A 2067 -0.63 51.10 76.47
C SER A 2067 -2.05 50.55 76.34
N THR A 2068 -2.36 49.85 75.25
CA THR A 2068 -3.70 49.33 75.01
C THR A 2068 -3.86 47.87 75.40
N ILE A 2069 -3.17 47.45 76.47
CA ILE A 2069 -3.30 46.07 76.92
C ILE A 2069 -4.59 45.92 77.72
N LEU A 2070 -4.80 46.80 78.71
CA LEU A 2070 -6.00 46.73 79.52
C LEU A 2070 -6.54 48.16 79.66
N GLU A 2071 -6.58 48.92 78.56
CA GLU A 2071 -7.07 50.29 78.63
C GLU A 2071 -8.59 50.34 78.54
N ILE A 2072 -9.23 49.23 78.17
CA ILE A 2072 -10.68 49.18 78.06
C ILE A 2072 -11.28 49.01 79.45
N SER A 2100 -5.92 31.07 53.46
CA SER A 2100 -5.01 32.20 53.45
C SER A 2100 -3.88 32.01 52.44
N LEU A 2101 -4.06 31.07 51.53
CA LEU A 2101 -3.09 30.76 50.50
C LEU A 2101 -3.45 31.54 49.23
N VAL A 2102 -2.76 31.26 48.11
CA VAL A 2102 -3.00 31.90 46.81
C VAL A 2102 -2.93 30.83 45.73
N VAL A 2103 -3.97 30.71 44.92
CA VAL A 2103 -3.98 29.81 43.77
C VAL A 2103 -3.43 30.72 42.65
N PRO A 2104 -2.40 30.30 41.92
CA PRO A 2104 -1.77 31.20 40.97
C PRO A 2104 -2.25 31.22 39.52
N ASP A 2105 -1.90 32.35 38.90
CA ASP A 2105 -2.10 32.67 37.48
C ASP A 2105 -3.44 32.46 36.78
N PHE A 2106 -4.45 33.19 37.20
CA PHE A 2106 -5.73 33.11 36.52
C PHE A 2106 -5.73 34.11 35.36
N LEU A 2107 -6.14 33.64 34.20
CA LEU A 2107 -6.21 34.49 33.02
C LEU A 2107 -7.67 34.79 32.71
N CYS A 2108 -7.93 36.01 32.27
CA CYS A 2108 -9.29 36.37 31.93
C CYS A 2108 -9.61 35.90 30.50
N GLU A 2109 -10.87 36.11 30.11
CA GLU A 2109 -11.30 35.68 28.79
C GLU A 2109 -10.95 36.58 27.61
N TYR A 2110 -11.13 37.91 27.74
CA TYR A 2110 -10.87 38.78 26.59
C TYR A 2110 -10.06 40.05 26.83
N CYS A 2111 -9.71 40.41 28.06
CA CYS A 2111 -8.92 41.63 28.24
C CYS A 2111 -7.51 41.18 28.54
N PHE A 2112 -7.31 39.87 28.67
CA PHE A 2112 -6.06 39.13 28.89
C PHE A 2112 -5.24 39.56 30.11
N PHE A 2113 -5.89 39.99 31.18
CA PHE A 2113 -5.18 40.41 32.40
C PHE A 2113 -4.81 39.17 33.21
N ILE A 2114 -3.57 38.74 33.09
CA ILE A 2114 -3.11 37.58 33.84
C ILE A 2114 -2.71 38.01 35.26
N SER A 2115 -3.39 37.43 36.25
CA SER A 2115 -3.14 37.74 37.66
C SER A 2115 -3.62 36.66 38.62
N ASP A 2116 -3.03 36.66 39.82
CA ASP A 2116 -3.39 35.69 40.84
C ASP A 2116 -4.58 36.20 41.63
N ILE A 2117 -5.29 35.28 42.29
CA ILE A 2117 -6.44 35.61 43.12
C ILE A 2117 -6.16 35.10 44.51
N ASP A 2118 -7.07 35.37 45.44
CA ASP A 2118 -6.92 34.99 46.84
C ASP A 2118 -8.04 34.07 47.29
N PHE A 2119 -7.92 33.53 48.50
CA PHE A 2119 -8.88 32.64 49.15
C PHE A 2119 -9.69 33.49 50.12
N CYS A 2120 -9.45 34.80 50.14
CA CYS A 2120 -10.08 35.70 51.10
C CYS A 2120 -10.72 36.96 50.51
N LYS A 2121 -12.05 36.95 50.41
CA LYS A 2121 -12.80 38.08 49.89
C LYS A 2121 -14.15 38.17 50.61
N PHE A 2128 -16.58 36.96 42.08
CA PHE A 2128 -15.28 36.93 41.44
C PHE A 2128 -15.29 37.65 40.10
N SER A 2129 -14.35 38.56 39.92
CA SER A 2129 -14.26 39.30 38.66
C SER A 2129 -12.82 39.71 38.39
N CYS A 2130 -12.62 40.54 37.36
CA CYS A 2130 -11.30 40.99 36.96
C CYS A 2130 -10.88 42.22 37.73
N VAL A 2131 -9.62 42.63 37.56
CA VAL A 2131 -9.11 43.81 38.26
C VAL A 2131 -8.75 44.82 37.18
N ARG A 2132 -8.99 44.50 35.90
CA ARG A 2132 -8.76 45.43 34.81
C ARG A 2132 -10.08 45.95 34.26
N CYS A 2133 -10.95 45.02 33.85
CA CYS A 2133 -12.29 45.32 33.39
C CYS A 2133 -13.12 44.77 34.54
N HIS A 2134 -14.45 44.74 34.42
CA HIS A 2134 -15.25 44.19 35.50
C HIS A 2134 -16.38 43.28 35.02
N LYS A 2135 -16.12 41.98 35.03
CA LYS A 2135 -17.08 40.97 34.59
C LYS A 2135 -16.74 39.63 35.25
N ALA A 2136 -17.79 38.89 35.62
CA ALA A 2136 -17.58 37.58 36.21
C ALA A 2136 -17.27 36.57 35.13
N PHE A 2137 -16.38 35.62 35.44
CA PHE A 2137 -16.03 34.62 34.43
C PHE A 2137 -17.00 33.45 34.42
N ASN A 2138 -17.00 32.67 35.52
CA ASN A 2138 -17.78 31.50 35.92
C ASN A 2138 -17.31 31.09 37.30
N GLN A 2139 -18.00 30.13 37.88
CA GLN A 2139 -17.64 29.64 39.20
C GLN A 2139 -17.01 28.26 39.08
N VAL A 2140 -17.34 27.54 38.01
CA VAL A 2140 -16.86 26.18 37.84
C VAL A 2140 -15.38 26.15 37.42
N LEU A 2141 -14.87 27.23 36.81
CA LEU A 2141 -13.45 27.27 36.47
C LEU A 2141 -12.58 27.53 37.70
N LEU A 2142 -13.09 28.34 38.64
CA LEU A 2142 -12.36 28.62 39.88
C LEU A 2142 -12.46 27.37 40.76
N GLN A 2143 -13.59 26.66 40.68
CA GLN A 2143 -13.83 25.39 41.36
C GLN A 2143 -12.86 24.33 40.84
N GLU A 2144 -12.63 24.32 39.52
CA GLU A 2144 -11.76 23.38 38.83
C GLU A 2144 -10.29 23.69 39.17
N HIS A 2145 -9.95 24.98 39.30
CA HIS A 2145 -8.60 25.40 39.68
C HIS A 2145 -8.28 25.00 41.13
N LEU A 2146 -9.29 25.03 42.00
CA LEU A 2146 -9.08 24.62 43.38
C LEU A 2146 -8.88 23.11 43.52
N ILE A 2147 -9.57 22.31 42.68
CA ILE A 2147 -9.34 20.83 42.72
C ILE A 2147 -7.96 20.54 42.08
N GLN A 2148 -7.52 21.38 41.11
CA GLN A 2148 -6.20 21.22 40.51
C GLN A 2148 -5.07 21.54 41.49
N LYS A 2149 -5.29 22.54 42.36
CA LYS A 2149 -4.30 22.88 43.38
C LYS A 2149 -4.28 21.82 44.48
N LEU A 2150 -5.46 21.27 44.81
CA LEU A 2150 -5.60 20.20 45.80
C LEU A 2150 -4.90 18.91 45.34
N ARG A 2151 -5.11 18.53 44.07
CA ARG A 2151 -4.48 17.33 43.54
C ARG A 2151 -2.98 17.51 43.31
N SER A 2152 -2.53 18.75 43.01
CA SER A 2152 -1.11 19.09 42.88
C SER A 2152 -0.40 18.92 44.23
N ASP A 2153 -1.01 19.40 45.31
CA ASP A 2153 -0.43 19.25 46.64
C ASP A 2153 -0.47 17.81 47.13
N ILE A 2154 -1.49 17.04 46.72
CA ILE A 2154 -1.59 15.64 47.12
C ILE A 2154 -0.55 14.78 46.34
N GLU A 2155 -0.31 15.09 45.06
CA GLU A 2155 0.74 14.36 44.32
C GLU A 2155 2.13 14.81 44.75
N SER A 2156 2.26 16.03 45.30
CA SER A 2156 3.58 16.45 45.80
C SER A 2156 3.81 15.83 47.18
N TYR A 2157 2.72 15.48 47.89
CA TYR A 2157 2.85 14.80 49.17
C TYR A 2157 3.19 13.34 48.90
N LEU A 2158 2.71 12.80 47.78
CA LEU A 2158 2.96 11.41 47.39
C LEU A 2158 4.38 11.09 46.93
N ILE A 2159 5.20 12.10 46.67
CA ILE A 2159 6.57 11.89 46.20
C ILE A 2159 7.60 12.30 47.24
N GLN A 2160 7.24 12.16 48.53
CA GLN A 2160 8.10 12.50 49.66
C GLN A 2160 9.32 11.58 49.73
N ASP A 2161 10.43 12.16 50.16
CA ASP A 2161 11.72 11.47 50.22
C ASP A 2161 12.14 10.99 51.61
N LEU A 2162 13.23 10.21 51.62
CA LEU A 2162 13.80 9.67 52.84
C LEU A 2162 14.63 10.74 53.50
N ARG A 2163 14.13 11.30 54.60
CA ARG A 2163 14.82 12.34 55.34
C ARG A 2163 14.54 12.17 56.84
N CYS A 2164 15.52 12.50 57.67
CA CYS A 2164 15.33 12.38 59.12
C CYS A 2164 16.18 13.39 59.88
N SER A 2165 16.36 13.17 61.19
CA SER A 2165 17.08 14.07 62.08
C SER A 2165 18.58 14.20 61.87
N ARG A 2166 19.30 13.08 61.75
CA ARG A 2166 20.74 13.15 61.54
C ARG A 2166 20.99 13.12 60.04
N CYS A 2167 20.40 12.14 59.36
CA CYS A 2167 20.51 11.97 57.93
C CYS A 2167 19.72 13.02 57.14
N HIS A 2168 20.23 14.26 57.09
CA HIS A 2168 19.59 15.35 56.37
C HIS A 2168 20.02 15.46 54.91
N LYS A 2169 20.64 14.42 54.37
CA LYS A 2169 21.09 14.39 52.98
C LYS A 2169 19.93 14.03 52.05
N VAL A 2170 20.18 14.11 50.75
CA VAL A 2170 19.18 13.74 49.75
C VAL A 2170 18.94 12.24 49.73
N LYS A 2171 17.75 11.83 49.34
CA LYS A 2171 17.41 10.41 49.24
C LYS A 2171 17.85 9.91 47.88
N ARG A 2172 18.59 8.79 47.87
CA ARG A 2172 19.08 8.22 46.63
C ARG A 2172 18.80 6.73 46.50
N ASP A 2173 17.93 6.19 47.36
CA ASP A 2173 17.61 4.77 47.29
C ASP A 2173 16.17 4.50 47.72
N TYR A 2174 15.54 3.55 47.03
CA TYR A 2174 14.16 3.15 47.30
C TYR A 2174 14.04 1.91 48.17
N MET A 2175 14.88 0.91 47.91
CA MET A 2175 14.87 -0.35 48.65
C MET A 2175 15.37 -0.18 50.09
N SER A 2176 16.24 0.80 50.32
CA SER A 2176 16.76 1.09 51.65
C SER A 2176 15.70 1.63 52.60
N ALA A 2177 15.60 1.00 53.78
CA ALA A 2177 14.63 1.44 54.79
C ALA A 2177 15.08 2.76 55.42
N HIS A 2178 16.25 2.75 56.04
CA HIS A 2178 16.83 3.94 56.65
C HIS A 2178 18.32 3.94 56.37
N CYS A 2179 18.94 5.10 56.53
CA CYS A 2179 20.39 5.26 56.38
C CYS A 2179 21.18 4.47 57.41
N PRO A 2180 22.44 4.10 57.10
CA PRO A 2180 23.29 3.53 58.14
C PRO A 2180 23.94 4.71 58.86
N CYS A 2181 23.15 5.38 59.70
CA CYS A 2181 23.50 6.61 60.37
C CYS A 2181 22.91 6.51 61.77
N ALA A 2182 22.97 7.59 62.54
CA ALA A 2182 22.50 7.55 63.93
C ALA A 2182 21.34 8.49 64.24
N GLY A 2183 20.32 8.54 63.39
CA GLY A 2183 19.19 9.41 63.68
C GLY A 2183 17.87 8.70 63.81
N ALA A 2184 16.92 9.33 64.51
CA ALA A 2184 15.60 8.77 64.68
C ALA A 2184 14.81 8.91 63.39
N TRP A 2185 14.02 7.89 63.07
CA TRP A 2185 13.26 7.86 61.83
C TRP A 2185 11.99 8.71 61.79
N GLU A 2186 11.93 9.63 60.82
CA GLU A 2186 10.77 10.48 60.57
C GLU A 2186 10.63 10.73 59.07
N GLY A 2187 9.77 11.66 58.68
CA GLY A 2187 9.49 11.91 57.28
C GLY A 2187 9.85 13.31 56.83
N THR A 2188 9.72 13.54 55.51
CA THR A 2188 10.06 14.84 54.93
C THR A 2188 8.92 15.83 55.00
N LEU A 2189 7.78 15.52 54.37
CA LEU A 2189 6.65 16.44 54.37
C LEU A 2189 5.61 15.93 55.37
N PRO A 2190 5.14 16.77 56.30
CA PRO A 2190 4.17 16.32 57.31
C PRO A 2190 2.75 16.27 56.78
N ARG A 2191 1.90 15.49 57.43
CA ARG A 2191 0.51 15.36 57.02
C ARG A 2191 -0.31 16.48 57.62
N GLU A 2192 0.21 17.17 58.64
CA GLU A 2192 -0.54 18.23 59.28
C GLU A 2192 -0.57 19.50 58.45
N SER A 2193 0.47 19.69 57.62
CA SER A 2193 0.55 20.79 56.65
C SER A 2193 -0.53 20.65 55.58
N ILE A 2194 -0.68 19.43 55.04
CA ILE A 2194 -1.71 19.26 54.02
C ILE A 2194 -3.09 19.10 54.64
N VAL A 2195 -3.20 18.77 55.95
CA VAL A 2195 -4.57 18.74 56.51
C VAL A 2195 -4.95 20.17 56.92
N GLN A 2196 -3.98 21.08 57.11
CA GLN A 2196 -4.30 22.49 57.37
C GLN A 2196 -4.69 23.12 56.04
N LYS A 2197 -4.09 22.63 54.95
CA LYS A 2197 -4.46 23.14 53.63
C LYS A 2197 -5.77 22.50 53.20
N LEU A 2198 -6.08 21.29 53.69
CA LEU A 2198 -7.34 20.66 53.34
C LEU A 2198 -8.48 21.29 54.14
N ASN A 2199 -8.23 21.75 55.38
CA ASN A 2199 -9.33 22.40 56.09
C ASN A 2199 -9.49 23.85 55.58
N VAL A 2200 -8.45 24.46 54.99
CA VAL A 2200 -8.68 25.80 54.42
C VAL A 2200 -9.37 25.61 53.05
N PHE A 2201 -9.19 24.44 52.41
CA PHE A 2201 -9.90 24.12 51.16
C PHE A 2201 -11.36 23.84 51.50
N LYS A 2202 -11.61 23.19 52.65
CA LYS A 2202 -12.97 22.92 53.10
C LYS A 2202 -13.67 24.20 53.55
N GLN A 2203 -12.93 25.16 54.11
CA GLN A 2203 -13.51 26.43 54.52
C GLN A 2203 -13.84 27.31 53.31
N VAL A 2204 -13.03 27.23 52.25
CA VAL A 2204 -13.33 28.04 51.05
C VAL A 2204 -14.39 27.28 50.23
N ALA A 2205 -14.57 25.96 50.45
CA ALA A 2205 -15.61 25.24 49.75
C ALA A 2205 -16.96 25.31 50.44
N LYS A 2206 -16.98 25.52 51.76
CA LYS A 2206 -18.25 25.61 52.47
C LYS A 2206 -18.63 27.06 52.72
N TYR A 2207 -17.71 28.01 52.49
CA TYR A 2207 -18.07 29.41 52.61
C TYR A 2207 -18.79 29.79 51.34
N TYR A 2208 -18.32 29.26 50.21
CA TYR A 2208 -18.91 29.44 48.89
C TYR A 2208 -19.75 28.19 48.65
N GLY A 2209 -20.28 28.04 47.43
CA GLY A 2209 -21.07 26.86 47.12
C GLY A 2209 -20.16 25.65 46.95
N PHE A 2210 -19.37 25.68 45.87
CA PHE A 2210 -18.31 24.74 45.46
C PHE A 2210 -18.52 23.23 45.70
N ASP A 2211 -19.63 22.72 45.14
CA ASP A 2211 -20.06 21.33 45.31
C ASP A 2211 -19.11 20.19 44.90
N ILE A 2212 -18.46 20.31 43.74
CA ILE A 2212 -17.57 19.22 43.32
C ILE A 2212 -16.25 19.22 44.10
N LEU A 2213 -15.83 20.37 44.64
CA LEU A 2213 -14.62 20.45 45.45
C LEU A 2213 -14.82 19.75 46.81
N LEU A 2214 -15.97 19.99 47.46
CA LEU A 2214 -16.27 19.33 48.74
C LEU A 2214 -16.59 17.85 48.49
N SER A 2215 -17.13 17.55 47.30
CA SER A 2215 -17.37 16.18 46.86
C SER A 2215 -16.06 15.41 46.74
N CYS A 2216 -15.01 16.05 46.18
CA CYS A 2216 -13.72 15.36 46.04
C CYS A 2216 -12.98 15.29 47.37
N ILE A 2217 -13.31 16.21 48.31
CA ILE A 2217 -12.77 16.19 49.67
C ILE A 2217 -13.35 14.95 50.36
N ALA A 2218 -14.65 14.70 50.15
CA ALA A 2218 -15.29 13.50 50.68
C ALA A 2218 -14.83 12.23 49.94
N ASP A 2219 -14.38 12.38 48.69
CA ASP A 2219 -13.88 11.23 47.92
C ASP A 2219 -12.52 10.77 48.39
N LEU A 2220 -11.69 11.68 48.88
CA LEU A 2220 -10.36 11.29 49.34
C LEU A 2220 -10.31 10.73 50.76
N THR A 2221 -11.44 10.56 51.43
CA THR A 2221 -11.46 10.00 52.78
C THR A 2221 -11.89 8.54 52.72
N PHE B 170 -19.41 -12.83 41.43
CA PHE B 170 -20.66 -12.19 41.78
C PHE B 170 -20.62 -10.67 41.60
N LYS B 171 -20.08 -9.97 42.59
CA LYS B 171 -20.01 -8.52 42.54
C LYS B 171 -18.61 -8.02 42.23
N VAL B 172 -18.54 -6.75 41.83
CA VAL B 172 -17.28 -6.12 41.45
C VAL B 172 -16.48 -5.63 42.64
N ILE B 173 -15.26 -6.13 42.78
CA ILE B 173 -14.37 -5.72 43.86
C ILE B 173 -13.64 -4.48 43.37
N ASN B 174 -13.80 -3.36 44.08
CA ASN B 174 -13.15 -2.12 43.68
C ASN B 174 -11.72 -2.00 44.19
N ALA B 175 -11.13 -0.81 44.06
CA ALA B 175 -9.76 -0.61 44.52
C ALA B 175 -9.68 -0.45 46.03
N SER B 176 -10.69 0.14 46.66
CA SER B 176 -10.69 0.32 48.10
C SER B 176 -11.79 -0.48 48.79
N GLN B 177 -12.65 -1.14 48.03
CA GLN B 177 -13.76 -1.92 48.60
C GLN B 177 -13.44 -3.39 48.84
N GLN B 178 -12.38 -3.62 49.62
CA GLN B 178 -11.91 -4.94 50.02
C GLN B 178 -11.00 -4.80 51.24
N GLN B 179 -10.67 -5.92 51.88
CA GLN B 179 -9.79 -5.87 53.03
C GLN B 179 -8.35 -5.66 52.58
N ARG B 180 -7.53 -5.07 53.45
CA ARG B 180 -6.15 -4.77 53.11
C ARG B 180 -5.23 -5.96 53.41
N PHE B 181 -4.55 -6.45 52.38
CA PHE B 181 -3.67 -7.61 52.47
C PHE B 181 -2.25 -7.30 52.92
N SER B 182 -2.04 -7.19 54.23
CA SER B 182 -0.72 -6.94 54.79
C SER B 182 0.17 -8.17 54.77
N TYR B 183 0.85 -8.40 53.65
CA TYR B 183 1.74 -9.54 53.45
C TYR B 183 2.99 -9.49 54.32
N ASN B 184 3.06 -10.37 55.30
CA ASN B 184 4.16 -10.49 56.24
C ASN B 184 5.31 -11.27 55.62
N PRO B 185 6.56 -11.06 56.06
CA PRO B 185 7.68 -11.83 55.48
C PRO B 185 7.81 -13.27 55.96
N HIS B 186 6.97 -13.74 56.89
CA HIS B 186 7.08 -15.11 57.39
C HIS B 186 5.87 -15.98 57.03
N LYS B 187 4.67 -15.39 56.96
CA LYS B 187 3.48 -16.16 56.66
C LYS B 187 2.67 -15.66 55.47
N MET B 188 2.88 -14.41 55.04
CA MET B 188 2.21 -13.70 53.92
C MET B 188 0.69 -13.65 54.02
N GLN B 189 0.13 -13.63 55.23
CA GLN B 189 -1.30 -13.60 55.48
C GLN B 189 -1.90 -12.19 55.38
N PHE B 190 -3.14 -12.01 55.84
CA PHE B 190 -3.81 -10.72 55.78
C PHE B 190 -4.10 -10.17 57.17
N ILE B 191 -3.49 -9.02 57.49
CA ILE B 191 -3.68 -8.40 58.80
C ILE B 191 -4.71 -7.29 58.70
N PHE B 192 -5.26 -6.91 59.86
CA PHE B 192 -6.27 -5.85 59.97
C PHE B 192 -5.67 -4.46 60.12
N VAL B 193 -5.64 -3.70 59.03
CA VAL B 193 -5.11 -2.34 59.04
C VAL B 193 -6.03 -1.28 59.67
N PRO B 194 -7.35 -1.11 59.26
CA PRO B 194 -8.07 -0.04 59.97
C PRO B 194 -8.70 -0.50 61.28
N PHE B 207 -6.63 7.67 56.77
CA PHE B 207 -7.13 7.91 55.43
C PHE B 207 -5.99 8.38 54.53
N LEU B 208 -4.81 8.52 55.13
CA LEU B 208 -3.62 8.97 54.41
C LEU B 208 -2.44 8.09 54.80
N PRO B 209 -1.57 7.73 53.85
CA PRO B 209 -0.47 6.83 54.18
C PRO B 209 0.70 7.49 54.88
N ASP B 210 1.60 6.63 55.35
CA ASP B 210 2.83 6.95 56.04
C ASP B 210 4.01 6.51 55.18
N ILE B 211 5.22 6.94 55.59
CA ILE B 211 6.47 6.60 54.93
C ILE B 211 6.85 5.15 55.26
N GLU B 212 6.33 4.65 56.40
CA GLU B 212 6.55 3.27 56.85
C GLU B 212 5.84 2.34 55.88
N ASP B 213 4.69 2.78 55.34
CA ASP B 213 3.98 1.99 54.34
C ASP B 213 4.70 2.03 52.99
N LYS B 214 5.48 3.10 52.72
CA LYS B 214 6.28 3.15 51.49
C LYS B 214 7.48 2.22 51.57
N VAL B 215 8.04 2.09 52.79
CA VAL B 215 9.16 1.17 53.01
C VAL B 215 8.64 -0.26 52.96
N GLN B 216 7.41 -0.47 53.49
CA GLN B 216 6.78 -1.78 53.43
C GLN B 216 6.34 -2.12 52.01
N MET B 217 6.01 -1.10 51.20
CA MET B 217 5.66 -1.24 49.78
C MET B 217 6.84 -1.78 48.97
N PHE B 218 8.03 -1.18 49.17
CA PHE B 218 9.21 -1.69 48.46
C PHE B 218 9.68 -3.03 49.02
N LEU B 219 9.43 -3.26 50.32
CA LEU B 219 9.75 -4.55 50.93
C LEU B 219 8.78 -5.64 50.46
N THR B 220 7.54 -5.28 50.12
CA THR B 220 6.57 -6.26 49.65
C THR B 220 6.78 -6.41 48.14
N ARG B 221 7.43 -5.44 47.50
CA ARG B 221 7.76 -5.59 46.09
C ARG B 221 8.96 -6.52 45.90
N TYR B 222 9.85 -6.58 46.88
CA TYR B 222 10.99 -7.50 46.76
C TYR B 222 10.80 -8.81 47.53
N TYR B 223 10.08 -8.81 48.64
CA TYR B 223 9.91 -10.03 49.41
C TYR B 223 8.86 -10.97 48.85
N LEU B 224 7.99 -10.48 47.96
CA LEU B 224 6.96 -11.35 47.40
C LEU B 224 7.36 -11.84 46.02
N THR B 225 8.57 -11.51 45.59
CA THR B 225 9.16 -12.03 44.37
C THR B 225 10.36 -12.82 44.87
N ASN B 226 10.58 -12.81 46.19
CA ASN B 226 11.67 -13.56 46.80
C ASN B 226 11.28 -15.02 46.87
N ASP B 227 9.98 -15.31 47.00
CA ASP B 227 9.49 -16.68 47.05
C ASP B 227 9.16 -17.23 45.66
N ARG B 228 9.59 -16.54 44.61
CA ARG B 228 9.41 -16.99 43.24
C ARG B 228 10.53 -17.92 42.82
N VAL B 229 11.56 -18.05 43.66
CA VAL B 229 12.68 -18.96 43.43
C VAL B 229 12.89 -19.75 44.72
N MET B 230 12.19 -19.40 45.82
CA MET B 230 12.31 -20.15 47.05
C MET B 230 11.32 -21.31 46.98
N ARG B 231 10.14 -21.05 46.43
CA ARG B 231 9.09 -22.05 46.28
C ARG B 231 9.13 -22.67 44.89
N ASN B 232 10.21 -22.45 44.14
CA ASN B 232 10.39 -23.00 42.80
C ASN B 232 11.66 -23.84 42.80
N GLU B 233 12.71 -23.35 43.48
CA GLU B 233 14.06 -23.95 43.65
C GLU B 233 14.78 -24.35 42.36
N MET B 266 19.66 -22.37 44.11
CA MET B 266 19.11 -23.10 45.25
C MET B 266 19.41 -22.41 46.59
N SER B 267 20.66 -21.98 46.79
CA SER B 267 21.07 -21.30 48.00
C SER B 267 20.65 -19.83 47.95
N ILE B 268 19.93 -19.37 48.98
CA ILE B 268 19.47 -18.00 49.07
C ILE B 268 20.19 -17.26 50.20
N THR B 269 20.92 -16.19 49.85
CA THR B 269 21.69 -15.39 50.80
C THR B 269 21.83 -13.96 50.29
N PRO B 270 21.89 -12.94 51.19
CA PRO B 270 22.05 -11.54 50.73
C PRO B 270 23.45 -11.14 50.34
N ILE B 271 23.64 -9.84 50.07
CA ILE B 271 24.93 -9.27 49.64
C ILE B 271 25.94 -9.15 50.80
N LYS B 272 25.49 -9.33 52.06
CA LYS B 272 26.40 -9.26 53.21
C LYS B 272 27.32 -10.47 53.30
N ASN B 273 26.93 -11.59 52.68
CA ASN B 273 27.77 -12.78 52.66
C ASN B 273 28.64 -12.71 51.41
N LEU B 274 28.31 -11.81 50.48
CA LEU B 274 29.04 -11.66 49.22
C LEU B 274 29.67 -10.28 49.02
N LEU B 275 30.30 -9.71 50.05
CA LEU B 275 30.89 -8.39 49.89
C LEU B 275 32.39 -8.41 49.57
N GLY B 276 33.19 -9.06 50.42
CA GLY B 276 34.64 -9.10 50.21
C GLY B 276 35.21 -10.26 49.41
N ARG B 277 34.88 -10.35 48.12
CA ARG B 277 35.39 -11.43 47.28
C ARG B 277 35.55 -10.99 45.82
N ASP B 278 35.96 -11.93 44.96
CA ASP B 278 36.18 -11.56 43.56
C ASP B 278 35.66 -12.60 42.55
N ALA B 279 34.97 -13.65 43.00
CA ALA B 279 34.42 -14.68 42.11
C ALA B 279 33.17 -15.23 42.80
N GLN B 280 32.08 -15.44 42.05
CA GLN B 280 30.86 -15.90 42.70
C GLN B 280 30.02 -16.93 41.92
N ASN B 281 28.97 -17.43 42.59
CA ASN B 281 28.07 -18.46 42.06
C ASN B 281 26.58 -18.20 42.19
N PHE B 282 26.16 -17.26 43.05
CA PHE B 282 24.76 -16.99 43.35
C PHE B 282 24.05 -16.10 42.33
N LEU B 283 22.77 -16.37 42.09
CA LEU B 283 21.98 -15.56 41.17
C LEU B 283 21.45 -14.36 41.96
N LEU B 284 22.04 -13.19 41.73
CA LEU B 284 21.68 -11.99 42.47
C LEU B 284 20.35 -11.37 42.05
N LEU B 285 19.32 -11.56 42.87
CA LEU B 285 17.99 -11.01 42.59
C LEU B 285 17.90 -9.55 43.02
N GLY B 286 17.53 -8.67 42.10
CA GLY B 286 17.41 -7.27 42.44
C GLY B 286 16.75 -6.42 41.38
N LEU B 287 16.24 -5.27 41.82
CA LEU B 287 15.57 -4.29 40.96
C LEU B 287 16.55 -3.26 40.42
N LEU B 288 16.49 -3.04 39.11
CA LEU B 288 17.39 -2.12 38.43
C LEU B 288 17.05 -0.67 38.75
N ASN B 289 18.08 0.16 38.95
CA ASN B 289 17.97 1.58 39.25
C ASN B 289 18.86 2.48 38.40
N LYS B 290 18.84 3.77 38.72
CA LYS B 290 19.66 4.79 38.07
C LYS B 290 19.84 5.95 39.03
N ASN B 291 21.04 6.10 39.58
CA ASN B 291 21.33 7.16 40.54
C ASN B 291 22.06 8.33 39.90
N PHE B 292 23.16 8.05 39.22
CA PHE B 292 23.96 9.04 38.54
C PHE B 292 24.10 8.56 37.10
N LYS B 293 24.84 9.31 36.28
CA LYS B 293 25.02 8.92 34.89
C LYS B 293 26.01 7.78 34.73
N GLY B 294 25.58 6.56 35.05
CA GLY B 294 26.41 5.37 34.98
C GLY B 294 26.37 4.59 36.27
N ASN B 295 25.56 5.06 37.22
CA ASN B 295 25.44 4.41 38.53
C ASN B 295 24.22 3.49 38.54
N TRP B 296 24.33 2.40 37.78
CA TRP B 296 23.27 1.39 37.66
C TRP B 296 23.29 0.56 38.94
N SER B 297 22.40 0.91 39.87
CA SER B 297 22.35 0.21 41.14
C SER B 297 21.35 -0.93 41.16
N LEU B 298 21.65 -1.98 41.94
CA LEU B 298 20.87 -3.18 42.15
C LEU B 298 20.75 -3.35 43.66
N GLU B 299 19.67 -3.96 44.12
CA GLU B 299 19.49 -4.11 45.56
C GLU B 299 18.96 -5.44 46.06
N ASP B 300 18.65 -5.47 47.36
CA ASP B 300 18.13 -6.48 48.27
C ASP B 300 17.94 -5.70 49.57
N PRO B 301 17.19 -6.20 50.63
CA PRO B 301 17.07 -5.37 51.84
C PRO B 301 18.20 -5.49 52.86
N SER B 302 19.45 -5.48 52.40
CA SER B 302 20.68 -5.54 53.17
C SER B 302 21.58 -4.39 52.74
N GLY B 303 21.60 -4.08 51.44
CA GLY B 303 22.45 -3.04 50.90
C GLY B 303 22.29 -2.86 49.41
N SER B 304 23.39 -2.60 48.70
CA SER B 304 23.31 -2.36 47.27
C SER B 304 24.51 -2.91 46.48
N VAL B 305 24.27 -3.21 45.20
CA VAL B 305 25.28 -3.75 44.29
C VAL B 305 25.27 -2.77 43.12
N GLU B 306 26.34 -2.73 42.31
CA GLU B 306 26.38 -1.89 41.11
C GLU B 306 26.71 -2.74 39.90
N ILE B 307 26.06 -2.45 38.77
CA ILE B 307 26.19 -3.20 37.52
C ILE B 307 26.83 -2.36 36.41
N ASP B 308 27.79 -2.96 35.68
CA ASP B 308 28.49 -2.34 34.56
C ASP B 308 27.64 -2.23 33.29
N ILE B 309 28.24 -1.81 32.18
CA ILE B 309 27.51 -1.64 30.93
C ILE B 309 27.91 -2.58 29.79
N SER B 310 28.95 -3.39 29.96
CA SER B 310 29.36 -4.27 28.87
C SER B 310 29.05 -5.75 29.11
N GLN B 311 29.47 -6.58 28.12
CA GLN B 311 29.26 -8.04 28.03
C GLN B 311 27.80 -8.45 28.15
N THR B 312 26.91 -7.65 27.57
CA THR B 312 25.48 -7.87 27.65
C THR B 312 24.90 -8.95 26.75
N ILE B 313 24.62 -10.12 27.33
CA ILE B 313 23.97 -11.18 26.56
C ILE B 313 22.85 -11.73 27.47
N PRO B 314 21.63 -11.14 27.39
CA PRO B 314 20.52 -11.60 28.20
C PRO B 314 19.62 -12.59 27.50
N THR B 315 18.59 -13.05 28.21
CA THR B 315 17.60 -13.95 27.65
C THR B 315 16.66 -13.12 26.79
N GLN B 316 16.58 -13.44 25.50
CA GLN B 316 15.72 -12.71 24.56
C GLN B 316 14.31 -13.32 24.50
N GLY B 317 13.69 -13.50 25.66
CA GLY B 317 12.36 -14.05 25.78
C GLY B 317 11.65 -13.30 26.89
N HIS B 318 12.10 -12.08 27.15
CA HIS B 318 11.56 -11.24 28.21
C HIS B 318 11.86 -9.77 27.90
N TYR B 319 11.44 -8.89 28.81
CA TYR B 319 11.64 -7.45 28.68
C TYR B 319 12.22 -6.91 29.99
N TYR B 320 13.35 -6.22 29.88
CA TYR B 320 14.04 -5.64 31.04
C TYR B 320 13.71 -4.16 31.13
N VAL B 321 13.49 -3.68 32.35
CA VAL B 321 13.10 -2.29 32.55
C VAL B 321 13.59 -1.85 33.95
N PRO B 322 13.64 -0.53 34.27
CA PRO B 322 14.10 -0.11 35.60
C PRO B 322 13.14 -0.34 36.76
N GLY B 323 13.20 -1.54 37.33
CA GLY B 323 12.34 -1.87 38.46
C GLY B 323 11.88 -3.31 38.49
N CYS B 324 12.08 -4.04 37.40
CA CYS B 324 11.76 -5.46 37.37
C CYS B 324 12.89 -6.15 38.11
N MET B 325 12.55 -7.10 39.00
CA MET B 325 13.57 -7.83 39.75
C MET B 325 14.21 -8.91 38.89
N VAL B 326 15.49 -8.72 38.56
CA VAL B 326 16.25 -9.62 37.69
C VAL B 326 17.38 -10.35 38.41
N LEU B 327 17.43 -11.69 38.24
CA LEU B 327 18.53 -12.48 38.77
C LEU B 327 19.72 -12.23 37.86
N VAL B 328 20.91 -12.03 38.42
CA VAL B 328 22.09 -11.78 37.60
C VAL B 328 23.27 -12.55 38.18
N GLU B 329 24.28 -12.80 37.35
CA GLU B 329 25.47 -13.53 37.73
C GLU B 329 26.68 -12.91 37.03
N GLY B 330 27.84 -13.02 37.67
CA GLY B 330 29.07 -12.47 37.12
C GLY B 330 30.25 -12.53 38.07
N ILE B 331 31.13 -11.53 38.02
CA ILE B 331 32.28 -11.46 38.92
C ILE B 331 32.01 -10.29 39.85
N TYR B 332 32.80 -10.19 40.92
CA TYR B 332 32.55 -9.11 41.88
C TYR B 332 33.32 -7.83 41.56
N TYR B 333 34.57 -7.96 41.10
CA TYR B 333 35.52 -6.86 40.76
C TYR B 333 35.76 -5.94 41.96
N SER B 334 36.40 -6.52 42.98
CA SER B 334 36.70 -6.07 44.33
C SER B 334 37.53 -4.76 44.44
N VAL B 335 37.97 -4.04 43.40
CA VAL B 335 38.67 -2.75 43.58
C VAL B 335 37.65 -1.77 44.17
N GLY B 336 36.42 -1.80 43.68
CA GLY B 336 35.29 -1.03 44.14
C GLY B 336 34.25 -2.12 44.16
N ASN B 337 33.01 -1.83 43.85
CA ASN B 337 31.99 -2.87 43.79
C ASN B 337 31.27 -2.73 42.45
N LYS B 338 31.83 -3.37 41.43
CA LYS B 338 31.28 -3.34 40.09
C LYS B 338 30.99 -4.74 39.58
N PHE B 339 29.78 -5.24 39.84
CA PHE B 339 29.34 -6.56 39.43
C PHE B 339 29.13 -6.62 37.92
N HIS B 340 29.45 -7.76 37.31
CA HIS B 340 29.34 -7.92 35.86
C HIS B 340 28.18 -8.80 35.42
N VAL B 341 27.81 -8.67 34.14
CA VAL B 341 26.68 -9.42 33.59
C VAL B 341 27.07 -10.59 32.70
N THR B 342 26.98 -11.82 33.23
CA THR B 342 27.21 -13.00 32.41
C THR B 342 25.83 -13.40 31.91
N SER B 343 24.91 -13.70 32.83
CA SER B 343 23.55 -14.12 32.53
C SER B 343 22.56 -13.16 33.16
N MET B 344 21.67 -12.60 32.34
CA MET B 344 20.64 -11.67 32.80
C MET B 344 19.25 -12.22 32.48
N THR B 345 18.64 -12.88 33.46
CA THR B 345 17.30 -13.45 33.32
C THR B 345 16.50 -13.26 34.60
N LEU B 346 15.34 -12.61 34.48
CA LEU B 346 14.50 -12.36 35.63
C LEU B 346 13.68 -13.64 35.90
N PRO B 347 13.34 -13.93 37.17
CA PRO B 347 12.64 -15.19 37.49
C PRO B 347 11.19 -15.22 37.04
N PRO B 348 10.67 -16.39 36.70
CA PRO B 348 9.26 -16.49 36.29
C PRO B 348 8.34 -16.82 37.46
N GLY B 349 7.04 -16.75 37.16
CA GLY B 349 6.02 -17.03 38.14
C GLY B 349 5.71 -18.50 38.27
N GLU B 350 4.49 -18.78 38.72
CA GLU B 350 4.06 -20.15 38.91
C GLU B 350 2.60 -20.37 38.56
N ARG B 351 2.09 -21.56 38.92
CA ARG B 351 0.73 -21.94 38.62
C ARG B 351 -0.22 -21.82 39.82
N ARG B 352 -1.47 -22.26 39.60
CA ARG B 352 -2.53 -22.18 40.59
C ARG B 352 -2.35 -23.02 41.85
N GLU B 353 -1.93 -24.29 41.69
CA GLU B 353 -1.70 -25.28 42.74
C GLU B 353 -0.69 -24.91 43.83
N ILE B 354 0.25 -24.00 43.55
CA ILE B 354 1.29 -23.64 44.50
C ILE B 354 1.11 -22.19 44.98
N THR B 355 0.49 -21.33 44.15
CA THR B 355 0.25 -19.94 44.57
C THR B 355 -0.75 -19.71 45.71
N LEU B 356 -1.60 -20.69 46.00
CA LEU B 356 -2.62 -20.55 47.02
C LEU B 356 -2.55 -21.61 48.13
N GLU B 357 -1.42 -22.32 48.23
CA GLU B 357 -1.34 -23.33 49.28
C GLU B 357 -0.71 -22.74 50.54
N THR B 358 0.14 -21.72 50.39
CA THR B 358 0.77 -21.07 51.52
C THR B 358 -0.11 -19.98 52.12
N ILE B 359 -1.22 -19.65 51.46
CA ILE B 359 -2.11 -18.60 51.94
C ILE B 359 -3.04 -19.09 53.05
N GLY B 360 -3.16 -20.40 53.24
CA GLY B 360 -4.03 -20.91 54.29
C GLY B 360 -5.46 -21.08 53.81
N ASN B 361 -6.41 -20.56 54.59
CA ASN B 361 -7.84 -20.65 54.25
C ASN B 361 -8.57 -19.33 54.45
N LEU B 362 -7.98 -18.23 53.99
CA LEU B 362 -8.59 -16.92 54.07
C LEU B 362 -9.00 -16.48 52.68
N ASP B 363 -9.97 -15.58 52.59
CA ASP B 363 -10.49 -15.15 51.30
C ASP B 363 -9.92 -13.84 50.72
N LEU B 364 -10.41 -13.49 49.54
CA LEU B 364 -10.05 -12.29 48.80
C LEU B 364 -11.12 -11.24 49.00
N LEU B 365 -12.38 -11.62 48.81
CA LEU B 365 -13.52 -10.72 48.96
C LEU B 365 -14.46 -11.29 50.00
N GLY B 366 -14.41 -12.59 50.24
CA GLY B 366 -15.33 -13.26 51.14
C GLY B 366 -16.33 -13.97 50.26
N ILE B 367 -16.21 -15.29 50.17
CA ILE B 367 -17.06 -16.12 49.33
C ILE B 367 -18.48 -16.23 49.88
N ARG B 378 -14.45 -16.99 54.93
CA ARG B 378 -13.07 -17.46 54.77
C ARG B 378 -13.08 -18.98 54.87
N LEU B 379 -13.57 -19.64 53.83
CA LEU B 379 -13.68 -21.09 53.82
C LEU B 379 -13.07 -21.65 52.54
N ASP B 380 -12.68 -22.92 52.57
CA ASP B 380 -12.09 -23.58 51.42
C ASP B 380 -13.15 -24.33 50.62
N LYS B 381 -14.14 -23.60 50.15
CA LYS B 381 -15.25 -24.13 49.39
C LYS B 381 -14.93 -24.00 47.89
N ASP B 382 -13.83 -23.32 47.54
CA ASP B 382 -13.48 -23.14 46.13
C ASP B 382 -12.59 -24.24 45.54
N LEU B 383 -12.62 -25.45 46.09
CA LEU B 383 -11.88 -26.58 45.58
C LEU B 383 -12.86 -27.54 44.93
N LYS B 384 -14.00 -27.02 44.48
CA LYS B 384 -15.04 -27.83 43.87
C LYS B 384 -14.97 -27.77 42.36
N ILE B 385 -15.50 -28.82 41.73
CA ILE B 385 -15.51 -28.90 40.27
C ILE B 385 -16.97 -28.59 39.92
N ARG B 386 -17.85 -28.43 40.93
CA ARG B 386 -19.22 -28.06 40.64
C ARG B 386 -19.26 -26.54 40.46
N LEU B 387 -18.24 -25.84 40.97
CA LEU B 387 -18.12 -24.39 40.77
C LEU B 387 -17.63 -24.19 39.33
N HIS B 388 -16.85 -25.15 38.82
CA HIS B 388 -16.39 -25.09 37.43
C HIS B 388 -17.56 -25.52 36.55
N LEU B 389 -18.51 -26.33 37.06
CA LEU B 389 -19.63 -26.69 36.19
C LEU B 389 -20.70 -25.60 36.33
N LEU B 390 -20.59 -24.74 37.35
CA LEU B 390 -21.46 -23.59 37.49
C LEU B 390 -21.00 -22.55 36.49
N GLU B 391 -19.69 -22.48 36.21
CA GLU B 391 -19.25 -21.51 35.21
C GLU B 391 -19.33 -22.12 33.80
N LYS B 392 -19.39 -23.46 33.67
CA LYS B 392 -19.55 -24.08 32.36
C LYS B 392 -21.02 -24.34 32.02
N GLU B 393 -21.94 -24.16 32.98
CA GLU B 393 -23.34 -24.45 32.74
C GLU B 393 -24.05 -23.36 31.94
N LEU B 394 -24.06 -22.13 32.45
CA LEU B 394 -24.72 -21.04 31.74
C LEU B 394 -23.78 -20.55 30.65
N THR B 395 -23.99 -21.04 29.42
CA THR B 395 -23.15 -20.68 28.30
C THR B 395 -23.65 -19.46 27.54
N ASP B 396 -24.65 -18.76 28.07
CA ASP B 396 -25.15 -17.54 27.46
C ASP B 396 -24.54 -16.32 28.15
N HIS B 397 -23.44 -16.51 28.87
CA HIS B 397 -22.76 -15.41 29.54
C HIS B 397 -21.91 -14.72 28.48
N LYS B 398 -21.82 -13.39 28.57
CA LYS B 398 -21.06 -12.62 27.59
C LYS B 398 -20.28 -11.50 28.25
N PHE B 399 -18.96 -11.48 28.06
CA PHE B 399 -18.10 -10.43 28.60
C PHE B 399 -17.46 -9.70 27.42
N VAL B 400 -18.15 -8.68 26.92
CA VAL B 400 -17.70 -7.85 25.80
C VAL B 400 -16.69 -6.90 26.44
N ILE B 401 -15.49 -6.77 25.85
CA ILE B 401 -14.44 -5.90 26.40
C ILE B 401 -14.54 -4.47 25.85
N LEU B 402 -15.06 -4.35 24.62
CA LEU B 402 -15.38 -3.14 23.86
C LEU B 402 -14.28 -2.19 23.39
N GLY B 403 -13.03 -2.34 23.85
CA GLY B 403 -12.00 -1.51 23.26
C GLY B 403 -11.40 -0.15 23.63
N ALA B 404 -10.16 -0.13 24.10
CA ALA B 404 -9.07 0.85 24.13
C ALA B 404 -9.44 2.34 24.17
N ASN B 405 -10.26 2.78 25.14
CA ASN B 405 -10.58 4.21 25.42
C ASN B 405 -11.15 5.12 24.32
N LEU B 406 -12.39 4.84 23.87
CA LEU B 406 -13.09 5.67 22.86
C LEU B 406 -13.26 7.14 23.19
N PHE B 407 -13.21 7.99 22.19
CA PHE B 407 -13.34 9.43 22.34
C PHE B 407 -14.74 9.90 21.96
N LEU B 408 -15.46 10.52 22.89
CA LEU B 408 -16.83 10.97 22.67
C LEU B 408 -17.02 12.36 22.10
N ASP B 409 -16.04 12.89 21.37
CA ASP B 409 -16.22 14.23 20.79
C ASP B 409 -16.61 14.25 19.31
N ASP B 410 -16.11 13.30 18.52
CA ASP B 410 -16.44 13.31 17.10
C ASP B 410 -17.68 12.43 16.87
N LEU B 411 -18.46 12.80 15.85
CA LEU B 411 -19.71 12.13 15.51
C LEU B 411 -19.57 10.70 14.99
N LYS B 412 -18.39 10.35 14.43
CA LYS B 412 -18.14 9.02 13.86
C LYS B 412 -18.08 7.93 14.92
N ILE B 413 -17.39 8.20 16.05
CA ILE B 413 -17.24 7.26 17.16
C ILE B 413 -18.60 7.13 17.86
N MET B 414 -19.39 8.22 17.86
CA MET B 414 -20.73 8.22 18.43
C MET B 414 -21.71 7.35 17.64
N THR B 415 -21.67 7.45 16.30
CA THR B 415 -22.53 6.65 15.43
C THR B 415 -22.08 5.19 15.45
N ALA B 416 -20.78 4.94 15.60
CA ALA B 416 -20.26 3.59 15.71
C ALA B 416 -20.65 2.95 17.03
N LEU B 417 -20.68 3.71 18.12
CA LEU B 417 -21.07 3.12 19.40
C LEU B 417 -22.58 2.94 19.46
N SER B 418 -23.33 3.74 18.68
CA SER B 418 -24.78 3.55 18.53
C SER B 418 -25.10 2.24 17.81
N LYS B 419 -24.34 1.94 16.74
CA LYS B 419 -24.51 0.68 16.01
C LYS B 419 -24.10 -0.55 16.82
N ILE B 420 -23.03 -0.41 17.62
CA ILE B 420 -22.57 -1.51 18.50
C ILE B 420 -23.58 -1.71 19.63
N LEU B 421 -24.20 -0.62 20.13
CA LEU B 421 -25.23 -0.78 21.15
C LEU B 421 -26.54 -1.32 20.59
N GLN B 422 -26.79 -1.14 19.28
CA GLN B 422 -27.96 -1.73 18.60
C GLN B 422 -27.78 -3.25 18.53
N LYS B 423 -26.57 -3.68 18.13
CA LYS B 423 -26.26 -5.11 18.07
C LYS B 423 -26.06 -5.73 19.45
N LEU B 424 -25.85 -4.92 20.48
CA LEU B 424 -25.76 -5.45 21.84
C LEU B 424 -27.07 -5.23 22.57
N ASN B 425 -28.04 -4.55 21.94
CA ASN B 425 -29.36 -4.34 22.50
C ASN B 425 -30.32 -5.44 22.10
N ASP B 426 -30.21 -5.94 20.86
CA ASP B 426 -31.14 -7.01 20.48
C ASP B 426 -30.82 -8.38 21.08
N ASP B 427 -29.62 -8.57 21.63
CA ASP B 427 -29.17 -9.77 22.33
C ASP B 427 -28.56 -9.29 23.64
N PRO B 428 -29.11 -9.68 24.79
CA PRO B 428 -28.61 -9.16 26.07
C PRO B 428 -27.41 -9.91 26.63
N PRO B 429 -26.31 -9.19 26.97
CA PRO B 429 -25.16 -9.85 27.62
C PRO B 429 -25.38 -9.94 29.13
N THR B 430 -24.39 -10.41 29.89
CA THR B 430 -24.57 -10.54 31.33
C THR B 430 -23.76 -9.51 32.10
N LEU B 431 -22.51 -9.30 31.74
CA LEU B 431 -21.67 -8.30 32.40
C LEU B 431 -20.79 -7.78 31.27
N LEU B 432 -21.22 -6.68 30.67
CA LEU B 432 -20.49 -6.10 29.58
C LEU B 432 -19.46 -5.15 30.15
N ILE B 433 -18.19 -5.42 29.88
CA ILE B 433 -17.10 -4.59 30.33
C ILE B 433 -17.06 -3.48 29.28
N TRP B 434 -17.74 -2.36 29.54
CA TRP B 434 -17.80 -1.23 28.63
C TRP B 434 -16.48 -0.46 28.56
N GLN B 435 -16.55 0.80 28.13
CA GLN B 435 -15.36 1.67 28.16
C GLN B 435 -15.59 3.08 28.76
N GLY B 436 -15.37 3.20 30.08
CA GLY B 436 -15.54 4.43 30.84
C GLY B 436 -14.45 5.49 30.70
N SER B 437 -14.70 6.71 31.20
CA SER B 437 -13.77 7.86 31.14
C SER B 437 -13.43 8.03 29.69
N PHE B 438 -14.43 8.49 28.95
CA PHE B 438 -14.29 8.46 27.49
C PHE B 438 -14.18 9.81 26.79
N THR B 439 -13.89 10.87 27.53
CA THR B 439 -13.61 12.18 26.97
C THR B 439 -12.29 12.15 26.19
N SER B 440 -12.23 12.91 25.10
CA SER B 440 -11.03 12.94 24.27
C SER B 440 -9.88 13.71 24.89
N VAL B 441 -10.08 14.97 25.21
CA VAL B 441 -9.06 15.83 25.80
C VAL B 441 -8.98 15.53 27.31
N PRO B 442 -7.81 15.63 27.95
CA PRO B 442 -7.76 15.44 29.39
C PRO B 442 -8.21 16.72 30.08
N VAL B 443 -8.64 16.58 31.33
CA VAL B 443 -9.08 17.76 32.07
C VAL B 443 -7.87 18.50 32.64
N PHE B 444 -7.73 19.78 32.29
CA PHE B 444 -6.64 20.58 32.82
C PHE B 444 -7.22 21.85 33.42
N ALA B 445 -6.33 22.73 33.90
CA ALA B 445 -6.71 23.97 34.58
C ALA B 445 -6.97 25.11 33.60
N SER B 446 -7.96 24.90 32.73
CA SER B 446 -8.42 25.83 31.70
C SER B 446 -9.74 25.29 31.16
N MET B 447 -10.47 26.16 30.46
CA MET B 447 -11.74 25.77 29.86
C MET B 447 -11.43 25.01 28.57
N SER B 448 -11.82 23.73 28.53
CA SER B 448 -11.60 22.83 27.40
C SER B 448 -12.37 23.25 26.16
N SER B 449 -13.65 23.55 26.32
CA SER B 449 -14.46 23.98 25.18
C SER B 449 -14.34 25.48 24.99
N ARG B 450 -15.20 26.04 24.13
CA ARG B 450 -15.20 27.47 23.83
C ARG B 450 -15.64 28.33 25.01
N ASN B 451 -16.87 28.15 25.46
CA ASN B 451 -17.37 28.92 26.60
C ASN B 451 -17.58 27.96 27.75
N ILE B 452 -17.69 26.66 27.47
CA ILE B 452 -17.86 25.69 28.53
C ILE B 452 -16.49 25.38 29.11
N SER B 453 -16.47 24.95 30.37
CA SER B 453 -15.26 24.60 31.08
C SER B 453 -14.82 23.17 30.76
N SER B 454 -13.88 22.64 31.53
CA SER B 454 -13.45 21.27 31.29
C SER B 454 -14.23 20.34 32.19
N SER B 455 -15.04 20.89 33.09
CA SER B 455 -15.90 20.09 33.95
C SER B 455 -17.31 20.12 33.37
N THR B 456 -17.71 21.25 32.77
CA THR B 456 -19.05 21.35 32.21
C THR B 456 -19.15 20.66 30.86
N GLN B 457 -18.03 20.52 30.13
CA GLN B 457 -18.08 19.84 28.84
C GLN B 457 -18.16 18.34 29.02
N PHE B 458 -17.61 17.82 30.12
CA PHE B 458 -17.70 16.39 30.35
C PHE B 458 -19.02 16.02 30.98
N LYS B 459 -19.77 17.00 31.50
CA LYS B 459 -21.07 16.82 32.12
C LYS B 459 -22.04 16.68 30.96
N ASN B 460 -21.80 17.51 29.93
CA ASN B 460 -22.55 17.47 28.68
C ASN B 460 -22.29 16.15 27.96
N ASN B 461 -21.05 15.65 28.03
CA ASN B 461 -20.73 14.37 27.41
C ASN B 461 -21.30 13.15 28.13
N PHE B 462 -21.36 13.14 29.49
CA PHE B 462 -22.01 11.95 30.09
C PHE B 462 -23.53 12.10 30.05
N ASP B 463 -24.08 13.31 29.85
CA ASP B 463 -25.53 13.44 29.70
C ASP B 463 -25.92 13.00 28.29
N ALA B 464 -25.04 13.23 27.31
CA ALA B 464 -25.26 12.74 25.95
C ALA B 464 -25.11 11.23 25.89
N LEU B 465 -24.19 10.66 26.68
CA LEU B 465 -24.04 9.22 26.75
C LEU B 465 -25.17 8.56 27.53
N ALA B 466 -25.76 9.26 28.51
CA ALA B 466 -26.91 8.74 29.25
C ALA B 466 -28.16 8.75 28.39
N THR B 467 -28.33 9.77 27.54
CA THR B 467 -29.48 9.82 26.64
C THR B 467 -29.31 8.80 25.51
N LEU B 468 -28.05 8.48 25.14
CA LEU B 468 -27.84 7.48 24.11
C LEU B 468 -28.00 6.10 24.74
N LEU B 469 -27.69 5.95 26.03
CA LEU B 469 -27.83 4.67 26.71
C LEU B 469 -29.29 4.38 27.02
N SER B 470 -30.12 5.42 27.15
CA SER B 470 -31.54 5.23 27.43
C SER B 470 -32.39 4.99 26.18
N ARG B 471 -31.77 4.81 25.01
CA ARG B 471 -32.44 4.54 23.76
C ARG B 471 -32.39 3.04 23.52
N PHE B 472 -31.77 2.31 24.45
CA PHE B 472 -31.63 0.86 24.44
C PHE B 472 -32.05 0.35 25.82
N ASP B 473 -33.21 -0.29 25.89
CA ASP B 473 -33.79 -0.75 27.15
C ASP B 473 -33.67 -2.25 27.41
N ASN B 474 -32.54 -2.85 27.06
CA ASN B 474 -32.30 -4.26 27.34
C ASN B 474 -31.02 -4.34 28.14
N LEU B 475 -30.18 -3.31 28.06
CA LEU B 475 -28.92 -3.30 28.82
C LEU B 475 -29.18 -2.77 30.22
N THR B 476 -30.26 -2.03 30.38
CA THR B 476 -30.74 -1.35 31.56
C THR B 476 -31.10 -2.30 32.73
N GLU B 477 -31.45 -3.55 32.44
CA GLU B 477 -31.89 -4.46 33.51
C GLU B 477 -30.92 -5.54 33.98
N ASN B 478 -30.34 -6.33 33.08
CA ASN B 478 -29.48 -7.41 33.52
C ASN B 478 -27.99 -7.21 33.34
N THR B 479 -27.57 -6.37 32.39
CA THR B 479 -26.15 -6.16 32.15
C THR B 479 -25.47 -5.29 33.19
N THR B 480 -24.51 -5.88 33.90
CA THR B 480 -23.74 -5.15 34.91
C THR B 480 -22.66 -4.35 34.20
N MET B 481 -22.99 -3.09 33.90
CA MET B 481 -22.06 -2.21 33.23
C MET B 481 -21.00 -1.76 34.22
N ILE B 482 -19.74 -1.89 33.85
CA ILE B 482 -18.63 -1.54 34.72
C ILE B 482 -17.77 -0.44 34.11
N PHE B 483 -17.61 0.65 34.87
CA PHE B 483 -16.88 1.83 34.46
C PHE B 483 -15.50 1.90 35.13
N ILE B 484 -14.45 1.97 34.32
CA ILE B 484 -13.04 2.03 34.70
C ILE B 484 -12.37 3.19 33.97
N PRO B 485 -11.51 3.97 34.60
CA PRO B 485 -10.89 5.10 33.90
C PRO B 485 -9.67 4.66 33.11
N GLY B 486 -9.00 5.66 32.57
CA GLY B 486 -7.77 5.46 31.86
C GLY B 486 -6.85 6.58 32.33
N PRO B 487 -6.09 7.20 31.44
CA PRO B 487 -5.24 8.32 31.85
C PRO B 487 -5.90 9.67 31.66
N ASN B 488 -7.15 9.67 31.18
CA ASN B 488 -7.96 10.83 30.91
C ASN B 488 -9.19 10.82 31.80
N ASP B 489 -9.00 10.63 33.11
CA ASP B 489 -10.11 10.60 34.08
C ASP B 489 -10.75 11.99 34.27
N LEU B 490 -11.83 12.08 35.04
CA LEU B 490 -12.58 13.31 35.28
C LEU B 490 -11.88 14.31 36.20
N TRP B 491 -12.66 15.31 36.64
CA TRP B 491 -12.19 16.40 37.50
C TRP B 491 -11.66 15.97 38.86
N GLY B 492 -12.00 14.78 39.35
CA GLY B 492 -11.44 14.35 40.61
C GLY B 492 -9.99 13.92 40.57
N SER B 493 -9.69 12.82 39.87
CA SER B 493 -8.35 12.24 39.82
C SER B 493 -7.34 12.57 38.73
N MET B 494 -7.67 13.41 37.73
CA MET B 494 -6.69 13.64 36.66
C MET B 494 -6.46 15.08 36.22
N VAL B 495 -6.45 16.05 37.12
CA VAL B 495 -6.20 17.43 36.69
C VAL B 495 -4.74 17.76 37.07
N SER B 496 -4.10 16.93 37.91
CA SER B 496 -2.70 17.12 38.25
C SER B 496 -1.81 16.65 37.11
N LEU B 497 -2.01 15.40 36.74
CA LEU B 497 -1.31 14.73 35.68
C LEU B 497 -1.90 15.01 34.31
N GLY B 498 -1.14 14.68 33.28
CA GLY B 498 -1.64 14.74 31.94
C GLY B 498 -1.12 13.53 31.19
N ALA B 499 -0.24 12.75 31.84
CA ALA B 499 0.32 11.59 31.15
C ALA B 499 0.01 10.23 31.73
N SER B 500 0.40 9.95 32.98
CA SER B 500 0.09 8.65 33.57
C SER B 500 -0.47 8.68 34.98
N GLY B 501 0.04 9.62 35.79
CA GLY B 501 -0.37 9.80 37.17
C GLY B 501 -0.10 8.63 38.08
N THR B 502 -0.86 8.60 39.18
CA THR B 502 -0.75 7.48 40.11
C THR B 502 -1.55 6.34 39.48
N LEU B 503 -1.00 5.14 39.55
CA LEU B 503 -1.71 4.02 38.93
C LEU B 503 -2.88 3.47 39.76
N PRO B 504 -2.78 3.21 41.15
CA PRO B 504 -4.00 2.80 41.83
C PRO B 504 -4.82 4.05 42.12
N GLN B 505 -5.89 4.20 41.36
CA GLN B 505 -6.72 5.38 41.49
C GLN B 505 -7.98 5.11 42.30
N ASP B 506 -8.76 6.15 42.48
CA ASP B 506 -10.03 6.02 43.14
C ASP B 506 -11.04 6.10 42.02
N PRO B 507 -12.21 5.46 42.14
CA PRO B 507 -13.19 5.56 41.05
C PRO B 507 -13.91 6.88 41.16
N ILE B 508 -14.41 7.36 40.03
CA ILE B 508 -15.18 8.60 40.03
C ILE B 508 -16.60 8.25 40.48
N PRO B 509 -17.00 8.64 41.69
CA PRO B 509 -18.31 8.21 42.20
C PRO B 509 -19.49 9.04 41.76
N SER B 510 -20.63 8.72 42.37
CA SER B 510 -21.96 9.31 42.20
C SER B 510 -22.08 10.80 42.55
N ALA B 511 -21.10 11.39 43.24
CA ALA B 511 -21.13 12.79 43.61
C ALA B 511 -20.93 13.70 42.39
N PHE B 512 -20.10 13.29 41.44
CA PHE B 512 -19.88 14.09 40.23
C PHE B 512 -20.85 13.63 39.15
N THR B 513 -20.91 12.32 38.90
CA THR B 513 -21.81 11.78 37.88
C THR B 513 -23.16 11.42 38.48
N LYS B 514 -24.22 12.08 38.00
CA LYS B 514 -25.53 11.85 38.55
C LYS B 514 -26.52 11.34 37.50
N LYS B 515 -26.44 11.89 36.28
CA LYS B 515 -27.37 11.52 35.23
C LYS B 515 -27.26 10.12 34.64
N ILE B 516 -26.05 9.56 34.58
CA ILE B 516 -25.90 8.23 34.00
C ILE B 516 -26.18 7.16 35.05
N ASN B 517 -26.26 7.53 36.34
CA ASN B 517 -26.54 6.53 37.36
C ASN B 517 -28.03 6.24 37.52
N LYS B 518 -28.89 7.20 37.18
CA LYS B 518 -30.32 6.99 37.31
C LYS B 518 -30.92 6.19 36.17
N VAL B 519 -30.22 6.10 35.04
CA VAL B 519 -30.74 5.39 33.88
C VAL B 519 -30.59 3.87 33.97
N CYS B 520 -29.86 3.38 34.97
CA CYS B 520 -29.65 1.95 35.13
C CYS B 520 -29.63 1.58 36.61
N LYS B 521 -29.64 0.28 36.91
CA LYS B 521 -29.56 -0.19 38.28
C LYS B 521 -28.35 -1.09 38.48
N ASN B 522 -27.57 -1.32 37.43
CA ASN B 522 -26.39 -2.17 37.48
C ASN B 522 -25.12 -1.48 36.99
N VAL B 523 -24.90 -0.23 37.38
CA VAL B 523 -23.71 0.52 37.01
C VAL B 523 -22.84 0.61 38.25
N VAL B 524 -21.62 0.07 38.15
CA VAL B 524 -20.63 0.04 39.22
C VAL B 524 -19.37 0.72 38.68
N TRP B 525 -18.84 1.66 39.46
CA TRP B 525 -17.65 2.42 39.11
C TRP B 525 -16.45 1.78 39.81
N SER B 526 -15.35 1.62 39.09
CA SER B 526 -14.17 0.99 39.68
C SER B 526 -12.90 1.53 39.05
N SER B 527 -11.75 1.27 39.69
CA SER B 527 -10.46 1.76 39.22
C SER B 527 -9.72 0.84 38.25
N ASN B 528 -8.46 1.17 37.93
CA ASN B 528 -7.66 0.36 36.99
C ASN B 528 -7.25 -1.04 37.44
N PRO B 529 -6.50 -1.26 38.59
CA PRO B 529 -6.16 -2.68 38.86
C PRO B 529 -7.24 -3.30 39.74
N THR B 530 -8.41 -3.54 39.17
CA THR B 530 -9.55 -4.06 39.92
C THR B 530 -10.12 -5.38 39.42
N ARG B 531 -10.04 -6.40 40.28
CA ARG B 531 -10.55 -7.72 39.96
C ARG B 531 -12.07 -7.80 40.11
N ILE B 532 -12.67 -8.73 39.38
CA ILE B 532 -14.10 -8.96 39.45
C ILE B 532 -14.23 -10.43 39.81
N ALA B 533 -15.15 -10.74 40.72
CA ALA B 533 -15.31 -12.10 41.20
C ALA B 533 -16.32 -12.88 40.36
N TYR B 534 -16.05 -14.17 40.22
CA TYR B 534 -16.90 -15.07 39.47
C TYR B 534 -16.95 -16.36 40.29
N LEU B 535 -16.41 -16.30 41.52
CA LEU B 535 -16.20 -17.25 42.63
C LEU B 535 -15.12 -18.29 42.37
N SER B 536 -14.62 -18.36 41.14
CA SER B 536 -13.57 -19.29 40.74
C SER B 536 -12.59 -18.52 39.86
N GLN B 537 -12.91 -17.28 39.52
CA GLN B 537 -12.08 -16.54 38.59
C GLN B 537 -12.00 -15.05 38.90
N GLU B 538 -10.77 -14.52 38.81
CA GLU B 538 -10.47 -13.10 39.03
C GLU B 538 -9.97 -12.47 37.74
N ILE B 539 -10.54 -11.31 37.37
CA ILE B 539 -10.16 -10.63 36.13
C ILE B 539 -9.80 -9.18 36.40
N VAL B 540 -8.51 -8.83 36.33
CA VAL B 540 -8.12 -7.44 36.52
C VAL B 540 -8.13 -6.82 35.13
N ILE B 541 -8.83 -5.69 34.98
CA ILE B 541 -8.94 -5.05 33.68
C ILE B 541 -8.10 -3.77 33.71
N PHE B 542 -6.85 -3.88 33.32
CA PHE B 542 -5.93 -2.76 33.34
C PHE B 542 -6.01 -1.94 32.07
N ARG B 543 -5.65 -0.66 32.18
CA ARG B 543 -5.70 0.25 31.03
C ARG B 543 -4.65 1.34 31.11
N ASP B 544 -3.61 1.22 30.27
CA ASP B 544 -2.49 2.13 30.11
C ASP B 544 -1.69 1.77 28.86
N ASP B 545 -0.66 2.56 28.58
CA ASP B 545 0.22 2.32 27.44
C ASP B 545 1.47 1.57 27.92
N LEU B 546 1.28 0.28 28.25
CA LEU B 546 2.38 -0.56 28.74
C LEU B 546 3.38 -0.92 27.66
N SER B 547 2.93 -1.01 26.40
CA SER B 547 3.84 -1.36 25.33
C SER B 547 4.63 -0.14 24.86
N GLY B 548 4.22 1.06 25.27
CA GLY B 548 4.94 2.27 24.92
C GLY B 548 5.90 2.62 26.05
N ARG B 549 5.59 2.12 27.24
CA ARG B 549 6.42 2.38 28.41
C ARG B 549 7.55 1.36 28.51
N PHE B 550 7.29 0.11 28.10
CA PHE B 550 8.34 -0.91 28.16
C PHE B 550 9.33 -0.72 27.00
N LYS B 551 8.87 -0.12 25.90
CA LYS B 551 9.72 0.11 24.73
C LYS B 551 10.63 1.30 24.99
N ARG B 552 10.21 2.23 25.83
CA ARG B 552 10.97 3.44 26.15
C ARG B 552 12.22 3.18 26.99
N HIS B 553 12.28 2.05 27.68
CA HIS B 553 13.45 1.70 28.49
C HIS B 553 13.97 0.30 28.17
N ARG B 554 14.98 0.23 27.33
CA ARG B 554 15.59 -1.03 26.92
C ARG B 554 16.92 -1.27 27.65
N LEU B 555 17.61 -2.34 27.26
CA LEU B 555 18.89 -2.68 27.89
C LEU B 555 20.01 -1.78 27.40
N GLU B 556 20.26 -1.77 26.09
CA GLU B 556 21.32 -0.96 25.51
C GLU B 556 20.97 -0.47 24.11
N GLU B 598 4.47 -5.27 18.70
CA GLU B 598 3.01 -5.32 18.59
C GLU B 598 2.47 -6.64 19.15
N THR B 599 3.14 -7.74 18.81
CA THR B 599 2.73 -9.05 19.28
C THR B 599 3.73 -9.59 20.30
N ARG B 600 5.02 -9.58 19.98
CA ARG B 600 6.05 -10.08 20.89
C ARG B 600 6.68 -8.98 21.75
N LYS B 601 5.85 -8.28 22.53
CA LYS B 601 6.40 -7.27 23.41
C LYS B 601 5.82 -7.37 24.81
N LEU B 602 4.61 -7.91 24.94
CA LEU B 602 3.97 -8.10 26.24
C LEU B 602 3.48 -9.53 26.44
N VAL B 603 4.00 -10.48 25.68
CA VAL B 603 3.67 -11.88 25.81
C VAL B 603 4.87 -12.54 26.48
N LYS B 604 5.78 -11.74 26.99
CA LYS B 604 7.01 -12.21 27.59
C LYS B 604 7.28 -11.70 29.00
N THR B 605 6.28 -11.11 29.68
CA THR B 605 6.53 -10.58 31.02
C THR B 605 5.39 -10.82 32.01
N ILE B 606 4.47 -11.73 31.72
CA ILE B 606 3.36 -11.98 32.65
C ILE B 606 3.89 -12.90 33.74
N LEU B 607 4.56 -13.99 33.34
CA LEU B 607 5.09 -14.94 34.30
C LEU B 607 6.34 -14.35 34.92
N ASP B 608 7.16 -13.68 34.10
CA ASP B 608 8.41 -13.08 34.53
C ASP B 608 8.25 -11.91 35.49
N GLN B 609 7.11 -11.24 35.48
CA GLN B 609 6.90 -10.14 36.41
C GLN B 609 5.56 -10.24 37.13
N GLY B 610 5.60 -10.35 38.44
CA GLY B 610 4.41 -10.44 39.27
C GLY B 610 3.84 -9.11 39.71
N HIS B 611 4.29 -8.01 39.12
CA HIS B 611 3.77 -6.70 39.43
C HIS B 611 3.21 -6.12 38.14
N LEU B 612 2.06 -5.46 38.25
CA LEU B 612 1.36 -4.93 37.08
C LEU B 612 2.04 -3.70 36.49
N SER B 613 2.83 -2.97 37.27
CA SER B 613 3.55 -1.81 36.77
C SER B 613 4.93 -1.79 37.42
N PRO B 614 5.90 -2.57 36.85
CA PRO B 614 7.24 -2.67 37.45
C PRO B 614 8.19 -1.52 37.18
N PHE B 615 7.90 -0.39 37.83
CA PHE B 615 8.74 0.78 37.70
C PHE B 615 8.98 1.37 39.07
N LEU B 616 9.90 2.31 39.13
CA LEU B 616 10.18 2.99 40.38
C LEU B 616 9.17 4.11 40.53
N ASP B 617 9.13 4.74 41.71
CA ASP B 617 8.20 5.83 41.93
C ASP B 617 8.64 7.15 41.29
N SER B 618 9.89 7.22 40.82
CA SER B 618 10.44 8.37 40.13
C SER B 618 10.14 8.28 38.64
N LEU B 619 9.57 7.16 38.17
CA LEU B 619 9.26 7.02 36.75
C LEU B 619 7.79 6.65 36.54
N ARG B 620 7.12 6.12 37.57
CA ARG B 620 5.70 5.77 37.57
C ARG B 620 5.23 5.73 39.02
N PRO B 621 4.58 6.77 39.54
CA PRO B 621 4.17 6.77 40.95
C PRO B 621 3.00 5.85 41.27
N ILE B 622 3.11 5.21 42.43
CA ILE B 622 2.07 4.32 42.96
C ILE B 622 1.80 4.96 44.31
N SER B 623 0.52 5.02 44.72
CA SER B 623 0.15 5.55 46.02
C SER B 623 0.58 4.54 47.08
N TRP B 624 1.03 5.04 48.22
CA TRP B 624 1.52 4.17 49.29
C TRP B 624 0.44 3.40 50.03
N ASP B 625 -0.83 3.80 49.90
CA ASP B 625 -1.94 3.08 50.52
C ASP B 625 -2.20 1.74 49.86
N LEU B 626 -2.55 1.76 48.58
CA LEU B 626 -2.89 0.59 47.80
C LEU B 626 -1.77 0.06 46.93
N ASP B 627 -1.27 -1.14 47.24
CA ASP B 627 -0.27 -1.74 46.38
C ASP B 627 -0.63 -3.21 46.25
N HIS B 628 -1.67 -3.67 46.94
CA HIS B 628 -2.08 -5.05 46.81
C HIS B 628 -3.28 -5.14 45.88
N THR B 629 -3.49 -4.11 45.05
CA THR B 629 -4.55 -4.08 44.07
C THR B 629 -3.92 -4.43 42.73
N LEU B 630 -2.63 -4.11 42.56
CA LEU B 630 -1.90 -4.34 41.32
C LEU B 630 -0.85 -5.42 41.49
N THR B 631 -0.86 -6.13 42.61
CA THR B 631 0.09 -7.21 42.80
C THR B 631 -0.56 -8.42 42.13
N LEU B 632 0.27 -9.38 41.73
CA LEU B 632 -0.28 -10.55 41.06
C LEU B 632 0.08 -11.84 41.77
N CYS B 633 -0.03 -11.87 43.11
CA CYS B 633 0.28 -13.11 43.82
C CYS B 633 -0.85 -14.14 43.67
N PRO B 634 -2.22 -13.78 43.78
CA PRO B 634 -3.18 -14.80 43.36
C PRO B 634 -3.17 -14.63 41.86
N ILE B 635 -2.57 -15.57 41.13
CA ILE B 635 -2.44 -15.38 39.68
C ILE B 635 -3.76 -15.63 38.93
N PRO B 636 -4.20 -14.69 38.10
CA PRO B 636 -5.45 -14.90 37.36
C PRO B 636 -5.20 -15.77 36.14
N SER B 637 -6.15 -16.66 35.85
CA SER B 637 -6.02 -17.53 34.69
C SER B 637 -6.65 -16.88 33.46
N THR B 638 -7.31 -15.75 33.66
CA THR B 638 -7.93 -14.93 32.62
C THR B 638 -7.48 -13.52 33.00
N MET B 639 -6.95 -12.79 32.02
CA MET B 639 -6.40 -11.46 32.27
C MET B 639 -6.68 -10.55 31.09
N VAL B 640 -6.92 -9.26 31.37
CA VAL B 640 -7.17 -8.26 30.33
C VAL B 640 -6.14 -7.15 30.43
N LEU B 641 -5.41 -6.92 29.33
CA LEU B 641 -4.43 -5.83 29.23
C LEU B 641 -4.87 -4.92 28.11
N CYS B 642 -5.66 -3.91 28.44
CA CYS B 642 -6.14 -3.02 27.41
C CYS B 642 -5.10 -1.95 27.14
N ASP B 643 -4.56 -1.96 25.94
CA ASP B 643 -3.53 -1.03 25.52
C ASP B 643 -3.94 -0.21 24.30
N THR B 644 -3.06 0.68 23.87
CA THR B 644 -3.31 1.49 22.70
C THR B 644 -2.11 1.44 21.76
N THR B 645 -1.08 0.68 22.12
CA THR B 645 0.16 0.53 21.37
C THR B 645 0.43 -0.93 21.05
N SER B 646 -0.59 -1.77 21.09
CA SER B 646 -0.44 -3.20 20.85
C SER B 646 -1.50 -3.72 19.89
N ALA B 647 -1.51 -5.04 19.70
CA ALA B 647 -2.46 -5.71 18.83
C ALA B 647 -3.44 -6.53 19.64
N GLN B 648 -4.30 -7.28 18.95
CA GLN B 648 -5.30 -8.12 19.60
C GLN B 648 -4.75 -9.52 19.83
N PHE B 649 -3.84 -9.61 20.80
CA PHE B 649 -3.23 -10.91 21.09
C PHE B 649 -3.99 -11.70 22.15
N ASP B 650 -3.87 -13.02 22.07
CA ASP B 650 -4.44 -13.95 23.03
C ASP B 650 -3.51 -15.16 23.08
N LEU B 651 -2.61 -15.16 24.07
CA LEU B 651 -1.65 -16.24 24.24
C LEU B 651 -1.83 -16.94 25.59
N THR B 652 -2.03 -18.25 25.53
CA THR B 652 -2.17 -19.11 26.72
C THR B 652 -1.31 -20.35 26.52
N TYR B 653 -0.05 -20.27 26.95
CA TYR B 653 0.89 -21.38 26.86
C TYR B 653 1.42 -21.59 28.26
N ASN B 654 0.90 -20.82 29.22
CA ASN B 654 1.25 -20.86 30.63
C ASN B 654 0.04 -21.33 31.42
N GLY B 655 -1.14 -20.80 31.11
CA GLY B 655 -2.38 -21.14 31.76
C GLY B 655 -3.21 -19.88 31.90
N CYS B 656 -2.54 -18.73 31.87
CA CYS B 656 -3.22 -17.45 31.97
C CYS B 656 -3.66 -16.97 30.58
N LYS B 657 -4.94 -16.63 30.46
CA LYS B 657 -5.46 -16.12 29.19
C LYS B 657 -5.34 -14.60 29.21
N VAL B 658 -4.53 -14.04 28.30
CA VAL B 658 -4.32 -12.59 28.24
C VAL B 658 -4.85 -11.98 26.95
N ILE B 659 -5.94 -11.22 27.05
CA ILE B 659 -6.56 -10.56 25.90
C ILE B 659 -6.29 -9.07 25.90
N ASN B 660 -6.12 -8.50 24.70
CA ASN B 660 -5.82 -7.08 24.53
C ASN B 660 -6.73 -6.42 23.50
N PRO B 661 -7.69 -5.60 23.91
CA PRO B 661 -8.53 -4.88 22.93
C PRO B 661 -7.75 -3.70 22.37
N GLY B 662 -7.36 -3.82 21.09
CA GLY B 662 -6.51 -2.86 20.40
C GLY B 662 -6.67 -1.36 20.25
N SER B 663 -7.64 -0.88 19.46
CA SER B 663 -7.96 0.54 19.17
C SER B 663 -9.26 0.72 18.39
N PHE B 664 -9.49 1.93 17.88
CA PHE B 664 -10.64 2.24 17.04
C PHE B 664 -10.25 2.90 15.73
N ILE B 665 -9.00 3.31 15.59
CA ILE B 665 -8.55 3.96 14.36
C ILE B 665 -7.32 3.23 13.80
N HIS B 666 -7.57 2.50 12.73
CA HIS B 666 -6.62 1.70 11.98
C HIS B 666 -7.30 1.70 10.63
N ASN B 667 -6.92 0.77 9.73
CA ASN B 667 -7.44 0.66 8.37
C ASN B 667 -8.96 0.40 8.37
N ARG B 668 -9.39 -0.68 9.02
CA ARG B 668 -10.81 -0.94 9.20
C ARG B 668 -11.11 -0.24 10.52
N ARG B 669 -12.31 0.31 10.74
CA ARG B 669 -12.51 0.97 12.02
C ARG B 669 -13.48 0.14 12.89
N ALA B 670 -13.62 0.58 14.16
CA ALA B 670 -14.48 0.03 15.23
C ALA B 670 -14.17 -1.40 15.70
N ARG B 671 -12.95 -1.60 16.18
CA ARG B 671 -12.54 -2.89 16.75
C ARG B 671 -13.03 -3.00 18.19
N TYR B 672 -13.60 -4.17 18.53
CA TYR B 672 -14.07 -4.47 19.87
C TYR B 672 -14.10 -5.98 20.02
N MET B 673 -13.80 -6.46 21.22
CA MET B 673 -13.76 -7.89 21.49
C MET B 673 -14.96 -8.44 22.26
N GLU B 674 -15.17 -9.75 22.12
CA GLU B 674 -16.24 -10.48 22.81
C GLU B 674 -15.68 -11.74 23.46
N TYR B 675 -15.37 -11.67 24.74
CA TYR B 675 -14.85 -12.82 25.45
C TYR B 675 -15.98 -13.62 26.10
N VAL B 676 -16.17 -14.88 25.68
CA VAL B 676 -17.18 -15.70 26.32
C VAL B 676 -16.54 -16.24 27.60
N PRO B 677 -17.13 -16.00 28.77
CA PRO B 677 -16.49 -16.50 30.00
C PRO B 677 -16.83 -17.93 30.33
N SER B 678 -17.80 -18.50 29.64
CA SER B 678 -18.16 -19.89 29.91
C SER B 678 -17.33 -20.80 29.02
N SER B 679 -17.28 -20.50 27.73
CA SER B 679 -16.51 -21.30 26.77
C SER B 679 -15.01 -20.98 26.79
N LYS B 680 -14.62 -19.91 27.49
CA LYS B 680 -13.24 -19.38 27.66
C LYS B 680 -12.51 -19.02 26.36
N LYS B 681 -13.26 -18.55 25.36
CA LYS B 681 -12.73 -18.10 24.08
C LYS B 681 -12.93 -16.60 23.89
N THR B 682 -12.27 -16.03 22.88
CA THR B 682 -12.42 -14.62 22.56
C THR B 682 -12.44 -14.46 21.03
N ILE B 683 -13.19 -13.47 20.54
CA ILE B 683 -13.35 -13.12 19.12
C ILE B 683 -13.42 -11.61 19.04
N GLN B 684 -13.31 -11.06 17.84
CA GLN B 684 -13.38 -9.62 17.57
C GLN B 684 -14.39 -9.34 16.46
N GLU B 685 -14.85 -8.09 16.36
CA GLU B 685 -15.85 -7.75 15.33
C GLU B 685 -15.82 -6.31 14.81
N GLU B 686 -15.61 -6.17 13.51
CA GLU B 686 -15.68 -4.87 12.87
C GLU B 686 -17.09 -4.75 12.30
N ILE B 687 -17.49 -3.53 11.92
CA ILE B 687 -18.84 -3.38 11.37
C ILE B 687 -18.91 -2.71 10.02
N TYR B 688 -17.86 -2.05 9.51
CA TYR B 688 -17.93 -1.48 8.16
C TYR B 688 -16.95 -2.18 7.24
N ALA C 9 -30.87 27.88 -16.60
CA ALA C 9 -31.75 28.27 -17.68
C ALA C 9 -33.02 27.43 -17.71
N PRO C 10 -34.19 28.06 -18.02
CA PRO C 10 -35.43 27.26 -18.09
C PRO C 10 -35.52 26.45 -19.38
N VAL C 11 -34.80 25.32 -19.42
CA VAL C 11 -34.77 24.44 -20.57
C VAL C 11 -35.54 23.14 -20.36
N PHE C 12 -35.56 22.62 -19.13
CA PHE C 12 -36.29 21.38 -18.83
C PHE C 12 -37.39 21.76 -17.85
N PRO C 13 -38.68 21.81 -18.30
CA PRO C 13 -39.78 22.22 -17.40
C PRO C 13 -40.18 21.24 -16.31
N ILE C 14 -41.21 21.63 -15.55
CA ILE C 14 -41.73 20.87 -14.41
C ILE C 14 -42.61 19.70 -14.82
N SER C 15 -42.97 19.61 -16.11
CA SER C 15 -43.75 18.49 -16.66
C SER C 15 -42.99 17.17 -16.61
N LYS C 16 -41.75 17.19 -17.12
CA LYS C 16 -40.92 15.98 -17.09
C LYS C 16 -40.34 15.75 -15.70
N VAL C 17 -40.34 16.77 -14.84
CA VAL C 17 -39.88 16.67 -13.46
C VAL C 17 -40.98 15.90 -12.71
N LYS C 18 -42.24 16.15 -13.05
CA LYS C 18 -43.34 15.43 -12.39
C LYS C 18 -43.51 14.06 -13.06
N LYS C 19 -42.96 13.89 -14.27
CA LYS C 19 -43.00 12.58 -14.92
C LYS C 19 -41.98 11.65 -14.26
N ILE C 20 -40.85 12.19 -13.79
CA ILE C 20 -39.83 11.38 -13.15
C ILE C 20 -39.99 11.34 -11.63
N ALA C 21 -41.11 11.86 -11.14
CA ALA C 21 -41.40 11.85 -9.71
C ALA C 21 -42.47 10.82 -9.35
N LYS C 22 -43.39 10.52 -10.26
CA LYS C 22 -44.46 9.55 -10.04
C LYS C 22 -44.02 8.15 -10.45
N CYS C 23 -42.90 8.05 -11.18
CA CYS C 23 -42.33 6.80 -11.66
C CYS C 23 -41.82 5.88 -10.54
N ASP C 24 -41.35 6.45 -9.43
CA ASP C 24 -40.80 5.70 -8.31
C ASP C 24 -41.87 4.96 -7.50
N PRO C 25 -41.68 3.65 -7.27
CA PRO C 25 -42.69 2.87 -6.51
C PRO C 25 -42.71 3.13 -5.01
N GLU C 26 -41.54 3.18 -4.37
CA GLU C 26 -41.41 3.39 -2.93
C GLU C 26 -40.40 4.51 -2.70
N TYR C 27 -40.89 5.74 -2.66
CA TYR C 27 -40.02 6.89 -2.49
C TYR C 27 -40.49 7.79 -1.36
N VAL C 28 -39.51 8.36 -0.68
CA VAL C 28 -39.72 9.29 0.43
C VAL C 28 -39.95 10.66 -0.17
N ILE C 29 -40.42 11.61 0.65
CA ILE C 29 -40.73 12.96 0.19
C ILE C 29 -39.45 13.74 -0.13
N THR C 30 -39.17 13.88 -1.42
CA THR C 30 -38.00 14.61 -1.89
C THR C 30 -38.38 16.07 -2.13
N SER C 31 -37.37 16.92 -2.20
CA SER C 31 -37.60 18.34 -2.43
C SER C 31 -37.86 18.61 -3.90
N ASN C 32 -38.33 19.83 -4.19
CA ASN C 32 -38.66 20.22 -5.55
C ASN C 32 -37.42 20.59 -6.37
N VAL C 33 -36.26 20.72 -5.75
CA VAL C 33 -35.05 21.09 -6.46
C VAL C 33 -34.13 19.86 -6.52
N ALA C 34 -34.39 18.81 -5.73
CA ALA C 34 -33.57 17.60 -5.80
C ALA C 34 -33.92 16.78 -7.03
N ILE C 35 -35.19 16.87 -7.47
CA ILE C 35 -35.66 16.18 -8.66
C ILE C 35 -35.11 16.95 -9.88
N SER C 36 -34.92 18.28 -9.73
CA SER C 36 -34.34 19.13 -10.76
C SER C 36 -32.86 18.80 -10.89
N ALA C 37 -32.21 18.44 -9.76
CA ALA C 37 -30.82 18.03 -9.76
C ALA C 37 -30.67 16.65 -10.40
N THR C 38 -31.66 15.77 -10.20
CA THR C 38 -31.65 14.44 -10.79
C THR C 38 -31.89 14.54 -12.29
N ALA C 39 -32.72 15.50 -12.72
CA ALA C 39 -32.96 15.69 -14.15
C ALA C 39 -31.75 16.31 -14.85
N PHE C 40 -30.99 17.16 -14.13
CA PHE C 40 -29.80 17.76 -14.70
C PHE C 40 -28.69 16.72 -14.74
N ALA C 41 -28.67 15.80 -13.75
CA ALA C 41 -27.69 14.72 -13.73
C ALA C 41 -28.01 13.68 -14.79
N ALA C 42 -29.30 13.50 -15.09
CA ALA C 42 -29.73 12.57 -16.13
C ALA C 42 -29.35 13.06 -17.52
N GLU C 43 -29.47 14.38 -17.79
CA GLU C 43 -29.04 14.89 -19.10
C GLU C 43 -27.50 14.87 -19.19
N LEU C 44 -26.80 14.98 -18.05
CA LEU C 44 -25.35 14.91 -18.10
C LEU C 44 -24.90 13.46 -18.20
N PHE C 45 -25.72 12.53 -17.70
CA PHE C 45 -25.43 11.09 -17.81
C PHE C 45 -25.59 10.61 -19.24
N VAL C 46 -26.62 11.13 -19.93
CA VAL C 46 -26.90 10.77 -21.33
C VAL C 46 -25.81 11.40 -22.19
N GLN C 47 -25.30 12.59 -21.80
CA GLN C 47 -24.21 13.23 -22.54
C GLN C 47 -22.88 12.53 -22.28
N ASN C 48 -22.67 11.99 -21.06
CA ASN C 48 -21.45 11.26 -20.72
C ASN C 48 -21.43 9.90 -21.40
N LEU C 49 -22.59 9.24 -21.50
CA LEU C 49 -22.68 7.94 -22.17
C LEU C 49 -22.51 8.08 -23.68
N VAL C 50 -22.97 9.20 -24.26
CA VAL C 50 -22.80 9.47 -25.69
C VAL C 50 -21.32 9.77 -25.97
N GLU C 51 -20.66 10.58 -25.13
CA GLU C 51 -19.25 10.91 -25.35
C GLU C 51 -18.31 9.76 -25.01
N GLU C 52 -18.68 8.88 -24.07
CA GLU C 52 -17.81 7.77 -23.71
C GLU C 52 -18.13 6.54 -24.57
N SER C 53 -19.26 6.53 -25.29
CA SER C 53 -19.57 5.39 -26.13
C SER C 53 -19.00 5.53 -27.52
N LEU C 54 -18.39 6.68 -27.84
CA LEU C 54 -17.77 6.88 -29.14
C LEU C 54 -16.28 6.66 -28.96
N VAL C 55 -15.87 6.29 -27.75
CA VAL C 55 -14.49 6.01 -27.40
C VAL C 55 -14.40 4.51 -27.69
N LEU C 56 -15.51 3.79 -27.58
CA LEU C 56 -15.49 2.35 -27.86
C LEU C 56 -16.07 2.12 -29.24
N ALA C 57 -16.68 3.14 -29.87
CA ALA C 57 -17.15 2.99 -31.24
C ALA C 57 -16.04 3.29 -32.21
N GLN C 58 -14.94 3.87 -31.72
CA GLN C 58 -13.76 4.18 -32.51
C GLN C 58 -12.87 2.96 -32.64
N LEU C 59 -13.15 1.90 -31.86
CA LEU C 59 -12.41 0.64 -31.89
C LEU C 59 -12.71 -0.11 -33.17
N ASN C 60 -13.90 0.08 -33.74
CA ASN C 60 -14.34 -0.52 -34.99
C ASN C 60 -14.64 0.63 -35.94
N SER C 61 -13.60 1.10 -36.64
CA SER C 61 -13.73 2.21 -37.58
C SER C 61 -13.29 1.81 -38.98
N LYS C 62 -13.76 0.65 -39.44
CA LYS C 62 -13.42 0.16 -40.77
C LYS C 62 -14.46 0.60 -41.80
N GLY C 63 -15.65 0.97 -41.34
CA GLY C 63 -16.70 1.37 -42.27
C GLY C 63 -17.19 2.80 -42.12
N LYS C 64 -18.36 3.07 -42.70
CA LYS C 64 -18.95 4.41 -42.64
C LYS C 64 -19.56 4.75 -41.30
N THR C 65 -19.85 3.75 -40.47
CA THR C 65 -20.44 4.00 -39.16
C THR C 65 -19.34 4.00 -38.09
N SER C 66 -18.54 5.08 -38.08
CA SER C 66 -17.47 5.28 -37.12
C SER C 66 -17.80 6.53 -36.34
N LEU C 67 -18.55 7.45 -36.97
CA LEU C 67 -18.99 8.68 -36.36
C LEU C 67 -20.40 8.45 -35.86
N ARG C 68 -20.97 7.29 -36.19
CA ARG C 68 -22.30 6.90 -35.77
C ARG C 68 -22.13 5.73 -34.81
N LEU C 69 -22.71 5.85 -33.63
CA LEU C 69 -22.63 4.82 -32.59
C LEU C 69 -23.83 3.90 -32.70
N SER C 70 -23.67 2.68 -32.20
CA SER C 70 -24.74 1.69 -32.24
C SER C 70 -24.84 0.85 -30.97
N LEU C 71 -25.78 -0.10 -30.96
CA LEU C 71 -26.08 -0.96 -29.81
C LEU C 71 -24.95 -1.89 -29.39
N ASN C 72 -24.07 -2.28 -30.32
CA ASN C 72 -22.94 -3.15 -29.97
C ASN C 72 -21.90 -2.37 -29.18
N SER C 73 -21.70 -1.10 -29.54
CA SER C 73 -20.75 -0.22 -28.84
C SER C 73 -21.32 0.17 -27.48
N ILE C 74 -22.64 0.40 -27.42
CA ILE C 74 -23.37 0.75 -26.20
C ILE C 74 -23.32 -0.43 -25.22
N GLU C 75 -23.54 -1.66 -25.74
CA GLU C 75 -23.50 -2.89 -24.95
C GLU C 75 -22.11 -3.18 -24.39
N GLU C 76 -21.05 -2.98 -25.20
CA GLU C 76 -19.72 -3.20 -24.66
C GLU C 76 -19.24 -2.05 -23.78
N CYS C 77 -19.78 -0.83 -23.96
CA CYS C 77 -19.39 0.30 -23.12
C CYS C 77 -20.11 0.21 -21.78
N VAL C 78 -21.24 -0.50 -21.75
CA VAL C 78 -21.97 -0.74 -20.52
C VAL C 78 -21.34 -1.92 -19.77
N GLU C 79 -20.90 -2.96 -20.47
CA GLU C 79 -20.34 -4.08 -19.72
C GLU C 79 -18.86 -3.91 -19.35
N LYS C 80 -18.10 -3.05 -20.03
CA LYS C 80 -16.70 -2.88 -19.63
C LYS C 80 -16.54 -1.94 -18.44
N ARG C 81 -17.15 -0.77 -18.51
CA ARG C 81 -17.06 0.25 -17.45
C ARG C 81 -17.75 -0.10 -16.14
N ASP C 82 -17.17 0.35 -15.04
CA ASP C 82 -17.69 0.09 -13.70
C ASP C 82 -18.79 1.05 -13.28
N ASN C 83 -18.84 2.23 -13.88
CA ASN C 83 -19.88 3.20 -13.54
C ASN C 83 -21.13 2.99 -14.38
N PHE C 84 -21.11 2.03 -15.30
CA PHE C 84 -22.24 1.71 -16.16
C PHE C 84 -22.59 0.24 -16.01
N ARG C 85 -22.26 -0.36 -14.87
CA ARG C 85 -22.54 -1.77 -14.61
C ARG C 85 -23.96 -2.03 -14.10
N PHE C 86 -24.77 -0.99 -13.97
CA PHE C 86 -26.14 -1.06 -13.51
C PHE C 86 -27.06 -1.05 -14.72
N LEU C 87 -26.49 -1.01 -15.92
CA LEU C 87 -27.27 -0.93 -17.14
C LEU C 87 -27.27 -2.22 -17.97
N GLU C 88 -26.42 -3.19 -17.63
CA GLU C 88 -26.38 -4.44 -18.42
C GLU C 88 -27.52 -5.38 -18.10
N ASP C 89 -28.21 -5.15 -16.97
CA ASP C 89 -29.34 -5.98 -16.62
C ASP C 89 -30.60 -5.41 -17.26
N ALA C 90 -30.52 -4.18 -17.77
CA ALA C 90 -31.63 -3.50 -18.42
C ALA C 90 -31.40 -3.29 -19.90
N ILE C 91 -30.33 -3.86 -20.45
CA ILE C 91 -30.02 -3.72 -21.87
C ILE C 91 -30.51 -5.00 -22.54
N LYS C 92 -30.95 -5.98 -21.76
CA LYS C 92 -31.43 -7.23 -22.31
C LYS C 92 -32.87 -7.10 -22.81
N GLN C 93 -33.07 -7.29 -24.12
CA GLN C 93 -34.40 -7.25 -24.74
C GLN C 93 -34.51 -8.32 -25.82
N SER D 18 -30.83 -10.44 -2.24
CA SER D 18 -30.47 -11.60 -3.04
C SER D 18 -31.42 -11.78 -4.22
N TYR D 19 -31.32 -12.91 -4.90
CA TYR D 19 -32.16 -13.19 -6.05
C TYR D 19 -33.60 -13.48 -5.64
N ILE D 20 -34.54 -12.83 -6.31
CA ILE D 20 -35.95 -13.02 -6.04
C ILE D 20 -36.66 -13.58 -7.28
N LYS D 21 -36.44 -12.95 -8.45
CA LYS D 21 -37.07 -13.32 -9.71
C LYS D 21 -36.20 -12.74 -10.83
N GLU D 22 -36.35 -13.26 -12.05
CA GLU D 22 -35.57 -12.78 -13.19
C GLU D 22 -36.13 -11.47 -13.79
N GLN D 23 -35.60 -11.06 -14.93
CA GLN D 23 -36.03 -9.83 -15.59
C GLN D 23 -37.44 -9.90 -16.18
N GLU D 24 -38.08 -8.74 -16.32
CA GLU D 24 -39.43 -8.62 -16.86
C GLU D 24 -39.62 -7.49 -17.86
N ASN D 25 -39.83 -7.84 -19.13
CA ASN D 25 -40.11 -6.83 -20.14
C ASN D 25 -41.60 -6.49 -20.05
N ILE D 26 -41.94 -5.60 -19.12
CA ILE D 26 -43.29 -5.18 -18.81
C ILE D 26 -43.46 -3.74 -19.25
N THR D 27 -42.83 -3.38 -20.36
CA THR D 27 -42.85 -2.01 -20.85
C THR D 27 -44.16 -1.51 -21.44
N ILE D 28 -45.16 -1.31 -20.57
CA ILE D 28 -46.45 -0.76 -20.94
C ILE D 28 -46.41 0.65 -20.37
N GLN D 29 -45.90 0.80 -19.14
CA GLN D 29 -45.75 2.07 -18.48
C GLN D 29 -44.26 2.41 -18.49
N ASP D 30 -43.39 1.42 -18.68
CA ASP D 30 -41.96 1.65 -18.76
C ASP D 30 -41.48 1.90 -20.18
N LEU D 31 -42.15 2.79 -20.90
CA LEU D 31 -41.82 3.19 -22.26
C LEU D 31 -42.05 4.69 -22.38
N LEU D 32 -41.72 5.45 -21.33
CA LEU D 32 -42.01 6.88 -21.34
C LEU D 32 -40.84 7.84 -21.08
N PHE D 33 -40.39 8.49 -22.15
CA PHE D 33 -39.39 9.54 -22.31
C PHE D 33 -39.43 9.99 -23.77
N PRO D 34 -39.15 11.25 -24.08
CA PRO D 34 -39.16 11.68 -25.49
C PRO D 34 -37.94 11.19 -26.27
N LYS D 35 -38.05 11.27 -27.59
CA LYS D 35 -37.00 10.84 -28.50
C LYS D 35 -36.28 12.04 -29.06
N SER D 36 -36.92 13.21 -29.03
CA SER D 36 -36.28 14.41 -29.56
C SER D 36 -35.26 14.95 -28.56
N THR D 37 -35.48 14.69 -27.27
CA THR D 37 -34.56 15.15 -26.24
C THR D 37 -33.29 14.31 -26.22
N ILE D 38 -33.41 13.02 -26.59
CA ILE D 38 -32.30 12.09 -26.62
C ILE D 38 -31.37 12.45 -27.80
N VAL D 39 -31.96 12.82 -28.94
CA VAL D 39 -31.16 13.20 -30.09
C VAL D 39 -30.77 14.68 -29.95
N ASN D 40 -31.39 15.42 -29.03
CA ASN D 40 -30.98 16.80 -28.80
C ASN D 40 -29.81 16.81 -27.83
N LEU D 41 -29.66 15.75 -27.04
CA LEU D 41 -28.57 15.66 -26.06
C LEU D 41 -27.40 14.87 -26.60
N ALA D 42 -27.15 14.95 -27.89
CA ALA D 42 -26.05 14.27 -28.54
C ALA D 42 -25.38 15.18 -29.55
N ARG D 43 -25.13 16.44 -29.15
CA ARG D 43 -24.47 17.41 -30.04
C ARG D 43 -23.00 17.05 -30.22
N GLU D 44 -22.22 17.11 -29.12
CA GLU D 44 -20.81 16.70 -29.06
C GLU D 44 -19.76 17.11 -30.10
N VAL D 45 -19.41 18.39 -30.15
CA VAL D 45 -18.42 18.87 -31.14
C VAL D 45 -17.00 18.70 -30.61
N PRO D 46 -16.20 17.70 -31.11
CA PRO D 46 -14.85 17.46 -30.58
C PRO D 46 -13.73 18.16 -31.35
N GLN D 47 -13.89 19.48 -31.57
CA GLN D 47 -12.97 20.38 -32.31
C GLN D 47 -12.51 19.89 -33.70
N GLN D 48 -13.50 19.71 -34.60
CA GLN D 48 -13.36 19.28 -36.01
C GLN D 48 -12.65 17.93 -36.17
N SER D 49 -13.23 16.88 -35.60
CA SER D 49 -12.70 15.53 -35.74
C SER D 49 -13.78 14.62 -36.31
N GLY D 50 -14.98 15.15 -36.55
CA GLY D 50 -16.07 14.33 -37.05
C GLY D 50 -17.23 15.16 -37.54
N LYS D 51 -18.09 14.48 -38.33
CA LYS D 51 -19.25 15.03 -39.00
C LYS D 51 -20.54 15.03 -38.18
N LYS D 52 -20.71 14.04 -37.28
CA LYS D 52 -21.86 13.76 -36.36
C LYS D 52 -23.23 13.79 -37.05
N LEU D 53 -23.38 12.91 -38.04
CA LEU D 53 -24.62 12.88 -38.82
C LEU D 53 -25.84 12.23 -38.17
N LEU D 54 -25.74 10.97 -37.73
CA LEU D 54 -26.90 10.29 -37.14
C LEU D 54 -26.54 9.22 -36.11
N ILE D 55 -27.57 8.76 -35.38
CA ILE D 55 -27.52 7.72 -34.37
C ILE D 55 -28.69 6.83 -34.77
N ASN D 56 -28.51 5.51 -34.73
CA ASN D 56 -29.62 4.64 -35.10
C ASN D 56 -30.58 4.49 -33.92
N LYS D 57 -31.82 4.12 -34.24
CA LYS D 57 -32.93 4.01 -33.28
C LYS D 57 -32.82 2.98 -32.16
N ASP D 58 -31.96 1.96 -32.29
CA ASP D 58 -31.84 0.98 -31.21
C ASP D 58 -30.99 1.56 -30.11
N ALA D 59 -30.05 2.45 -30.50
CA ALA D 59 -29.25 3.17 -29.53
C ALA D 59 -30.07 4.22 -28.83
N SER D 60 -31.07 4.79 -29.54
CA SER D 60 -31.94 5.79 -28.94
C SER D 60 -32.91 5.15 -27.96
N LEU D 61 -33.34 3.89 -28.24
CA LEU D 61 -34.19 3.15 -27.30
C LEU D 61 -33.39 2.74 -26.07
N ALA D 62 -32.10 2.39 -26.27
CA ALA D 62 -31.22 2.07 -25.16
C ALA D 62 -30.90 3.29 -24.30
N LEU D 63 -30.78 4.47 -24.92
CA LEU D 63 -30.53 5.71 -24.20
C LEU D 63 -31.76 6.16 -23.40
N GLN D 64 -32.97 5.93 -23.95
CA GLN D 64 -34.22 6.27 -23.24
C GLN D 64 -34.41 5.37 -22.02
N ARG D 65 -34.09 4.08 -22.17
CA ARG D 65 -34.22 3.13 -21.07
C ARG D 65 -33.09 3.36 -20.07
N GLY D 66 -31.94 3.88 -20.52
CA GLY D 66 -30.83 4.19 -19.65
C GLY D 66 -31.10 5.41 -18.79
N ALA D 67 -31.74 6.43 -19.37
CA ALA D 67 -32.08 7.65 -18.64
C ALA D 67 -33.13 7.37 -17.56
N THR D 68 -34.16 6.55 -17.90
CA THR D 68 -35.20 6.13 -16.95
C THR D 68 -34.62 5.29 -15.79
N VAL D 69 -33.72 4.35 -16.12
CA VAL D 69 -33.10 3.48 -15.13
C VAL D 69 -32.10 4.29 -14.27
N PHE D 70 -31.44 5.31 -14.84
CA PHE D 70 -30.52 6.17 -14.08
C PHE D 70 -31.24 7.08 -13.09
N VAL D 71 -32.46 7.53 -13.44
CA VAL D 71 -33.25 8.39 -12.54
C VAL D 71 -33.73 7.54 -11.36
N ASN D 72 -34.09 6.27 -11.65
CA ASN D 72 -34.44 5.34 -10.57
C ASN D 72 -33.22 4.94 -9.73
N HIS D 73 -32.04 4.89 -10.37
CA HIS D 73 -30.77 4.55 -9.71
C HIS D 73 -30.35 5.61 -8.71
N LEU D 74 -30.41 6.89 -9.13
CA LEU D 74 -30.08 8.01 -8.25
C LEU D 74 -31.08 8.17 -7.12
N LEU D 75 -32.37 7.88 -7.39
CA LEU D 75 -33.38 8.00 -6.33
C LEU D 75 -33.22 6.90 -5.26
N LEU D 76 -32.89 5.65 -5.66
CA LEU D 76 -32.64 4.65 -4.62
C LEU D 76 -31.32 4.88 -3.89
N PHE D 77 -30.30 5.46 -4.56
CA PHE D 77 -29.04 5.69 -3.87
C PHE D 77 -29.14 6.89 -2.92
N ALA D 78 -29.99 7.88 -3.25
CA ALA D 78 -30.22 9.01 -2.34
C ALA D 78 -31.05 8.56 -1.15
N ARG D 79 -32.03 7.67 -1.37
CA ARG D 79 -32.80 7.15 -0.25
C ARG D 79 -32.05 6.11 0.56
N GLU D 80 -31.04 5.47 -0.01
CA GLU D 80 -30.28 4.48 0.74
C GLU D 80 -29.20 5.15 1.57
N ILE D 81 -28.79 6.37 1.21
CA ILE D 81 -27.81 7.08 2.04
C ILE D 81 -28.59 8.03 2.92
N ALA D 82 -29.89 8.20 2.68
CA ALA D 82 -30.70 9.07 3.54
C ALA D 82 -31.05 8.37 4.84
N LYS D 83 -31.17 7.05 4.83
CA LYS D 83 -31.52 6.31 6.04
C LYS D 83 -30.34 6.16 6.99
N SER D 84 -29.11 6.37 6.52
CA SER D 84 -27.95 6.28 7.39
C SER D 84 -27.84 7.50 8.28
N GLN D 85 -28.39 8.64 7.82
CA GLN D 85 -28.39 9.88 8.57
C GLN D 85 -29.71 10.04 9.30
N ASP D 86 -30.58 9.03 9.23
CA ASP D 86 -31.92 8.88 9.80
C ASP D 86 -32.88 9.98 9.35
N LYS D 87 -32.69 10.50 8.14
CA LYS D 87 -33.54 11.54 7.59
C LYS D 87 -34.52 10.89 6.63
N LYS D 88 -35.81 11.18 6.81
CA LYS D 88 -36.86 10.61 5.98
C LYS D 88 -37.19 11.50 4.78
N SER D 89 -36.35 12.47 4.49
CA SER D 89 -36.47 13.40 3.38
C SER D 89 -35.33 13.17 2.39
N CYS D 90 -35.24 14.06 1.40
CA CYS D 90 -34.18 14.00 0.42
C CYS D 90 -33.84 15.43 0.03
N SER D 91 -32.63 15.62 -0.49
CA SER D 91 -32.17 16.96 -0.89
C SER D 91 -31.07 16.91 -1.93
N VAL D 92 -30.51 18.09 -2.24
CA VAL D 92 -29.45 18.27 -3.23
C VAL D 92 -28.17 17.76 -2.54
N ASP D 93 -28.08 17.84 -1.22
CA ASP D 93 -26.93 17.34 -0.50
C ASP D 93 -27.12 15.88 -0.08
N ASP D 94 -28.11 15.19 -0.66
CA ASP D 94 -28.43 13.81 -0.42
C ASP D 94 -28.41 13.12 -1.78
N VAL D 95 -28.61 13.88 -2.85
CA VAL D 95 -28.60 13.32 -4.21
C VAL D 95 -27.16 13.39 -4.69
N LEU D 96 -26.51 14.55 -4.53
CA LEU D 96 -25.12 14.72 -4.95
C LEU D 96 -24.11 14.07 -4.03
N SER D 97 -24.55 13.59 -2.86
CA SER D 97 -23.69 12.89 -1.92
C SER D 97 -23.86 11.39 -2.16
N ALA D 98 -24.65 11.02 -3.18
CA ALA D 98 -24.86 9.67 -3.63
C ALA D 98 -24.29 9.45 -5.02
N LEU D 99 -23.80 10.51 -5.66
CA LEU D 99 -23.20 10.48 -6.99
C LEU D 99 -21.77 9.95 -6.93
N ASP D 100 -21.15 9.93 -5.75
CA ASP D 100 -19.80 9.41 -5.61
C ASP D 100 -19.90 7.95 -5.26
N HIS D 101 -21.09 7.49 -4.85
CA HIS D 101 -21.29 6.09 -4.50
C HIS D 101 -21.47 5.26 -5.75
N ILE D 102 -21.87 5.89 -6.85
CA ILE D 102 -22.04 5.18 -8.11
C ILE D 102 -20.85 5.48 -9.03
N GLY D 103 -19.89 6.26 -8.54
CA GLY D 103 -18.70 6.58 -9.30
C GLY D 103 -18.86 7.65 -10.36
N HIS D 104 -19.77 8.61 -10.18
CA HIS D 104 -20.02 9.64 -11.17
C HIS D 104 -19.74 11.10 -10.76
N SER D 105 -18.56 11.38 -10.15
CA SER D 105 -18.15 12.73 -9.74
C SER D 105 -17.94 13.71 -10.89
N ALA D 106 -17.70 13.18 -12.10
CA ALA D 106 -17.60 13.92 -13.35
C ALA D 106 -18.92 14.57 -13.70
N LEU D 107 -20.03 13.96 -13.31
CA LEU D 107 -21.37 14.49 -13.47
C LEU D 107 -21.63 15.47 -12.35
N LYS D 108 -21.04 15.23 -11.16
CA LYS D 108 -21.25 16.08 -9.97
C LYS D 108 -20.74 17.51 -10.11
N GLY D 109 -19.64 17.72 -10.83
CA GLY D 109 -19.18 19.10 -11.01
C GLY D 109 -20.00 20.01 -11.96
N PRO D 110 -20.39 19.51 -13.13
CA PRO D 110 -21.25 20.31 -14.01
C PRO D 110 -22.72 20.33 -13.62
N VAL D 111 -23.15 19.46 -12.68
CA VAL D 111 -24.55 19.54 -12.25
C VAL D 111 -24.59 20.67 -11.23
N ARG D 112 -23.46 20.97 -10.56
CA ARG D 112 -23.36 22.05 -9.61
C ARG D 112 -23.33 23.38 -10.34
N ASP D 113 -22.58 23.48 -11.45
CA ASP D 113 -22.61 24.77 -12.15
C ASP D 113 -23.89 25.00 -12.97
N LYS D 114 -24.62 23.93 -13.38
CA LYS D 114 -25.86 24.22 -14.08
C LYS D 114 -26.99 24.38 -13.07
N LEU D 115 -26.83 23.86 -11.83
CA LEU D 115 -27.82 24.10 -10.79
C LEU D 115 -27.68 25.52 -10.30
N ASP D 116 -26.45 26.07 -10.31
CA ASP D 116 -26.32 27.45 -9.91
C ASP D 116 -26.66 28.40 -11.06
N GLU D 117 -26.74 27.89 -12.30
CA GLU D 117 -27.17 28.76 -13.39
C GLU D 117 -28.68 28.71 -13.42
N TYR D 118 -29.29 27.60 -12.98
CA TYR D 118 -30.74 27.50 -12.90
C TYR D 118 -31.24 28.33 -11.73
N GLN D 119 -30.47 28.37 -10.63
CA GLN D 119 -30.85 29.20 -9.50
C GLN D 119 -30.57 30.67 -9.77
N ALA D 120 -29.63 31.01 -10.66
CA ALA D 120 -29.37 32.40 -10.98
C ALA D 120 -30.29 32.92 -12.08
N ALA D 121 -30.98 32.02 -12.77
CA ALA D 121 -31.92 32.47 -13.81
C ALA D 121 -33.37 32.14 -13.48
N VAL D 122 -33.67 31.41 -12.41
CA VAL D 122 -35.06 31.10 -12.07
C VAL D 122 -35.68 32.22 -11.25
N GLU D 123 -34.87 33.17 -10.79
CA GLU D 123 -35.39 34.27 -9.99
C GLU D 123 -36.14 35.30 -10.83
N GLN D 124 -35.73 35.46 -12.09
CA GLN D 124 -36.37 36.43 -12.97
C GLN D 124 -37.57 35.80 -13.70
ZN ZN E . -10.46 41.48 32.87
#